data_8SEX
#
_entry.id   8SEX
#
loop_
_entity.id
_entity.type
_entity.pdbx_description
1 polymer 'Ryanodine receptor 1'
2 non-polymer 'ADENOSINE MONOPHOSPHATE'
3 non-polymer 'ZINC ION'
#
_entity_poly.entity_id   1
_entity_poly.type   'polypeptide(L)'
_entity_poly.pdbx_seq_one_letter_code
;MGDGGEGEDEVQFLRTDDEVVLQCSATVLKEQLKLCLAAEGFGNRLCFLEPTSNAQNVPPDLAICCFTLEQSLSVRALQE
MLANTVEAGVESSQGGGHRTLLYGHAILLRHAHSRMYLSCLTTSRSMTDKLAFDVGLQEDATGEACWWTMHPASKQRSEG
EKVRVGDDLILVSVSSERYLHLSTASGELQVDASFMQTLWNMNPICSCCEEGYVTGGHVLRLFHGHMDECLTISAADSDD
QRRLVYYEGGAVCTHARSLWRLEPLRISWSGSHLRWGQPLRIRHVTTGRYLALTEDQGLVVVDACKAHTKATSFCFRVSK
EKLDTAPKRDVEGMGPPEIKYGESLCFVQHVASGLWLTYAAPDPKALRLGVLKKKAILHQEGHMDDALFLTRCQQEESQA
ARMIHSTAGLYNQFIKGLDSFSGKPRGSGPPAGPALPIEAVILSLQDLIGYFEPPSEELQHEEKQSKLRSLRNRQSLFQE
EGMLSLVLNCIDRLNVYTTAAHFAEYAGEEAAESWKEIVNLLYELLASLIRGNRANCALFSTNLDWVVSKLDRLEASSGI
LEVLYCVLIESPEVLNIIQENHIKSIISLLDKHGRNHKVLDVLCSLCVCNGVAVRSNQDLITENLLPGRELLLQTNLINY
VTSIRPNIFVGRAEGSTQYGKWYFEVMVDEVVPFLTAQATHLRVGWALTEGYSPYPGGGEGWGGNGVGDDLYSYGFDGLH
LWTGHVARPVTSPGQHLLAPEDVVSCCLDLSVPSISFRINGCPVQGVFEAFNLDGLFFPVVSFSAGVKVRFLLGGRHGEF
KFLPPPGYAPCHEAVLPRERLRLEPIKEYRREGPRGPHLVGPSRCLSHTDFVPCPVDTVQIVLPPHLERIREKLAENIHE
LWALTRIEQGWTYGPVRDDNKRLHPCLVNFHSLPEPERNYNLQMSGETLKTLLALGCHVGMADEKAEDNLKKTKLPKTYM
MSNGYKPAPLDLSHVRLTPAQTTLVDRLAENGHNVWARDRVAQGWSYSAVQDIPARRNPRLVPYRLLDEATKRSNRDSLC
QAVRTLLGYGYNIEPPDQEPSQVENQSRWDRVRIFRAEKSYTVQSGRWYFEFEAVTTGEMRVGWARPELRPDVELGADEL
AYVFNGHRGQRWHLGSEPFGRPWQSGDVVGCMIDLTENTIIFTLNGEVLMSDSGSETAFREIEIGDGFLPVCSLGPGQVG
HLNLGQDVSSLRFFAICGLQEGFEPFAINMQRPVTTWFSKSLPQFEPVPPEHPHYEVARMDGTVDTPPCLRLAHRTWGSQ
NSLVEMLFLRLSLPVQFHQHFRCTAGATPLAPPGLQPPAEDEARAAEPDPDYENLRRSAGGWGEAEGGKEGTAKEGTPGG
TPQPGVEAQPVRAENEKDATTEKNKKRGFLFKAKKAAMMTQPPATPALPRLPHDVVPADNRDDPEIILNTTTYYYSVRVF
AGQEPSCVWVGWVTPDYHQHDMNFDLSKVRAVTVTMGDEQGNVHSSLKCSNCYMVWGGDFVSPGQQGRISHTDLVIGCLV
DLATGLMTFTANGKESNTFFQVEPNTKLFPAVFVLPTHQNVIQFELGKQKNIMPLSAAMFLSERKNPAPQCPPRLEVQML
MPVSWSRMPNHFLQVETRRAGERLGWAVQCQDPLTMMALHIPEENRCMDILELSERLDLQRFHSHTLRLYRAVCALGNNR
VAHALCSHVDQAQLLHALEDAHLPGPLRAGYYDLLISIHLESACRSRRSMLSEYIVPLTPETRAITLFPPGRKGGNARRH
GLPGVGVTTSLRPPHHFSPPCFVAALPAAGVAEAPARLSPAIPLEALRDKALRMLGEAVRDGGQHARDPVGGSVEFQFVP
VLKLVSTLLVMGIFGDEDVKQILKMIEPEVFTEEEEEEEEEEEEEEEEEEDEEEKEEDEEEEEKEDAEKEEEEAPEGEKE
DLEEGLLQMKLPESVKLQMCNLLEYFCDQELQHRVESLAAFAERYVDKLQANQRSRYALLMRAFTMSAAETARRTREFRS
PPQEQINMLLHFKDEADEEDCPLPEDIRQDLQDFHQDLLAHCGIQLEGEEEEPEEETSLSSRLRSLLETVRLVKKKEEKP
EEELPAEEKKPQSLQELVSHMVVRWAQEDYVQSPELVRAMFSLLHRQYDGLGELLRALPRAYTISPSSVEDTMSLLECLG
QIRSLLIVQMGPQEENLMIQSIGNIMNNKVFYQHPNLMRALGMHETVMEVMVNVLGGGETKEIRFPKMVTSCCRFLCYFC
RISRQNQRSMFDHLSYLLENSGIGLGMQGSTPLDVAAASVIDNNELALALQEQDLEKVVSYLAGCGLQSCPMLLAKGYPD
IGWNPCGGERYLDFLRFAVFVNGESVEENANVVVRLLIRKPECFGPALRGEGGSGLLAAIEEAIRISEDPARDGPGVRRD
RRREHFGEEPPEENRVHLGHAIMSFYAALIDLLGRCAPEMHLIQAGKGEALRIRAILRSLVPLDDLVGIISLPLQIPTLG
KDGALVQPKMSASFVPDHKASMVLFLDRVYGIENQDFLLHVLDVGFLPDMRAAASLDTATFSTTEMALALNRYLCLAVLP
LITKCAPLFAGTEHRAIMVDSMLHTVYRLSRGRSLTKAQRDVIEDCLMALCRYIRPSMLQHLLRRLVFDVPILNEFAKMP
LKLLTNHYERCWKYYCLPTGWANFGVTSEEELHLTRKLFWGIFDSLAHKKYDQELYRMAMPCLCAIAGALPPDYVDASYS
SKAEKKATVDAEGNFDPRPVETLNVIIPEKLDSFINKFAEYTHEKWAFDKIQNNWSYGENVDEELKTHPMLRPYKTFSEK
DKEIYRWPIKESLKAMIAWEWTIEKAREGEEERTEKKKTRKISQTAQTYDPREGYNPQPPDLSGVTLSRELQAMAEQLAE
NYHNTWGRKKKQELEAKGGGTHPLLVPYDTLTAKEKARDREKAQELLKFLQMNGYAVTRGLKDMELDTSSIEKRFAFGFL
QQLLRWMDISQEFIAHLEAVVSSGRVEKSPHEQEIKFFAKILLPLINQYFTNHCLYFLSTPAKVLGSGGHASNKEKEMIT
SLFCKLAALVRHRVSLFGTDAPAVVNCLHILARSLDARTVMKSGPEIVKAGLRSFFESASEDIEKMVENLRLGKVSQART
QVKGVGQNLTYTTVALLPVLTTLFQHIAQHQFGDDVILDDVQVSCYRTLCSIYSLGTTKNTYVEKLRPALGECLARLAAA
MPVAFLEPQLNEYNACSVYTTKSPRERAILGLPNSVEEMCPDIPVLDRLMADIGGLAESGARYTEMPHVIEITLPMLCSY
LPRWWERGPEAPPPALPAGAPPPCTAVTSDHLNSLLGNILRIIVNNLGIDEATWMKRLAVFAQPIVSRARPELLHSHFIP
TIGRLRKRAGKVVAEEEQLRLEAKAEAEEGELLVRDEFSVLCRDLYALYPLLIRYVDNNRAHWLTEPNANAEELFRMVGE
IFIYWSKSHNFKREEQNFVVQNEINNMSFLTADSKSKMAKAGDAQSGGSDQERTKKKRRGDRYSVQTSLIVATLKKMLPI
GLNMCAPTDQDLIMLAKTRYALKDTDEEVREFLQNNLHLQGKVEGSPSLRWQMALYRGLPGREEDADDPEKIVRRVQEVS
AVLYHLEQTEHPYKSKKAVWHKLLSKQRRRAVVACFRMTPLYNLPTHRACNMFLESYKAAWILTEDHSFEDRMIDDLSKA
GEQEEEEEEVEEKKPDPLHQLVLHFSRTALTEKSKLDEDYLYMAYADIMAKSCHLEEGGENGEAEEEEVEVSFEEKEMEK
QRLLYQQSRLHTRGAAEMVLQMISACKGETGAMVSSTLKLGISILNGGNAEVQQKMLDYLKDKKEVGFFQSIQALMQTCS
VLDLNAFERQNKAEGLGMVNEDGTVINRQNGEKVMADDEFTQDLFRFLQLLCEGHNNDFQNYLRTQTGNTTTINIIICTV
DYLLRLQESISDFYWYYSGKDVIEEQGKRNFSKAMSVAKQVFNSLTEYIQGPCTGNQQSLAHSRLWDAVVGFLHVFAHMM
MKLAQDSSQIELLKELLDLQKDMVVMLLSLLEGNVVNGMIARQMVDMLVESSSNVEMILKFFDMFLKLKDIVGSEAFQDY
VTDPRGLISKKDFQKAMDSQKQFTGPEIQFLLSCSEADENEMINFEEFANRFQEPARDIGFNVAVLLTNLSEHVPHDPRL
RNFLELAESILEYFRPYLGRIEIMGASRRIERIYFEISETNRAQWEMPQVKESKRQFIFDVVNEGGEAEKMELFVSFCED
TIFEMQIAAQISEPEGEPEADEDEGMGEAAAEGAEEGAAGAEGAAGTVAAGATARLAAAAARALRGLSYRSLRRRVRRLR
RLTAREAATALAALLWAVVARAGAAGAGAAAGALRLLWGSLFGGGLVEGAKKVTVTELLAGMPDPTSDEVHGEQPAGPGG
DADGAGEGEGEGDAAEGDGDEEVAGHEAGPGGAEGVVAVADGGPFRPEGAGGLGDMGDTTPAEPPTPEGSPILKRKLGVD
GEEEELVPEPEPEPEPEPEKADEENGEKEEVPEAPPEPPKKAPPSPPAKKEEAGGAGMEFWGELEVQRVKFLNYLSRNFY
TLRFLALFLAFAINFILLFYKVSDSPPGEDDMEGSAAGDLAGAGSGGGSGWGSGAGEEAEGDEDENMVYYFLEESTGYME
PALWCLSLLHTLVAFLCIIGYNCLKVPLVIFKREKELARKLEFDGLYITEQPGDDDVKGQWDRLVLNTPSFPSNYWDKFV
KRKVLDKHGDIFGRERIAELLGMDLASLEITAHNERKPDPPPGLLTWLMSIDVKYQIWKFGVIFTDNSFLYLGWYMVMSL
LGHYNNFFFAAHLLDIAMGVKTLRTILSSVTHNGKQLVMTVGLLAVVVYLYTVVAFNFFRKFYNKSEDEDEPDMKCDDMM
TCYLFHMYVGVRAGGGIGDEIEDPAGDEYELYRVVFDITFFFFVIVILLAIIQGLIIDAFGELRDQQEQVKEDMETKCFI
CGIGSDYFDTTPHGFETHTLEEHNLANYMFFLMYLINKDETEHTGQESYVWKMYQERCWDFFPAGDCFRKQYEDQLS
;
_entity_poly.pdbx_strand_id   A,B,C,D
#
loop_
_chem_comp.id
_chem_comp.type
_chem_comp.name
_chem_comp.formula
AMP non-polymer 'ADENOSINE MONOPHOSPHATE' 'C10 H14 N5 O7 P'
ZN non-polymer 'ZINC ION' 'Zn 2'
#
# COMPACT_ATOMS: atom_id res chain seq x y z
N ASN A 3950 47.05 48.28 -39.81
CA ASN A 3950 48.12 47.37 -39.41
C ASN A 3950 47.68 46.51 -38.23
N PHE A 3951 46.43 46.69 -37.82
CA PHE A 3951 45.90 45.92 -36.70
C PHE A 3951 45.74 44.44 -37.04
N SER A 3952 45.68 44.09 -38.32
CA SER A 3952 45.52 42.70 -38.71
C SER A 3952 46.72 41.86 -38.27
N LYS A 3953 47.93 42.42 -38.39
CA LYS A 3953 49.12 41.68 -38.01
C LYS A 3953 49.15 41.41 -36.50
N ALA A 3954 48.80 42.42 -35.70
CA ALA A 3954 48.82 42.25 -34.24
C ALA A 3954 47.76 41.25 -33.79
N MET A 3955 46.56 41.34 -34.35
CA MET A 3955 45.48 40.44 -33.95
C MET A 3955 45.78 38.99 -34.33
N SER A 3956 46.40 38.78 -35.50
CA SER A 3956 46.73 37.42 -35.91
C SER A 3956 47.71 36.78 -34.93
N VAL A 3957 48.72 37.53 -34.51
CA VAL A 3957 49.65 37.02 -33.51
C VAL A 3957 48.97 36.89 -32.15
N ALA A 3958 48.08 37.84 -31.82
CA ALA A 3958 47.39 37.81 -30.54
C ALA A 3958 46.51 36.58 -30.40
N LYS A 3959 45.90 36.13 -31.49
CA LYS A 3959 45.13 34.88 -31.45
C LYS A 3959 46.03 33.70 -31.11
N GLN A 3960 47.21 33.62 -31.72
CA GLN A 3960 48.10 32.50 -31.48
C GLN A 3960 48.58 32.48 -30.04
N VAL A 3961 48.84 33.65 -29.46
CA VAL A 3961 49.26 33.71 -28.06
C VAL A 3961 48.16 33.19 -27.15
N PHE A 3962 46.93 33.63 -27.38
CA PHE A 3962 45.81 33.16 -26.55
C PHE A 3962 45.53 31.69 -26.79
N ASN A 3963 45.55 31.25 -28.05
CA ASN A 3963 45.32 29.84 -28.35
C ASN A 3963 46.39 28.96 -27.74
N SER A 3964 47.65 29.40 -27.80
CA SER A 3964 48.72 28.66 -27.13
C SER A 3964 48.54 28.68 -25.62
N LEU A 3965 48.10 29.81 -25.06
CA LEU A 3965 47.83 29.87 -23.63
C LEU A 3965 46.70 28.91 -23.25
N THR A 3966 45.69 28.78 -24.10
CA THR A 3966 44.59 27.87 -23.82
C THR A 3966 45.10 26.43 -23.70
N GLU A 3967 45.98 26.03 -24.61
CA GLU A 3967 46.50 24.65 -24.58
C GLU A 3967 47.31 24.38 -23.33
N TYR A 3968 47.90 25.43 -22.74
CA TYR A 3968 48.66 25.25 -21.52
C TYR A 3968 47.76 24.85 -20.35
N ILE A 3969 46.55 25.41 -20.30
CA ILE A 3969 45.66 25.20 -19.16
C ILE A 3969 44.48 24.29 -19.50
N GLN A 3970 44.38 23.81 -20.73
CA GLN A 3970 43.29 22.91 -21.13
C GLN A 3970 43.72 21.49 -20.81
N GLY A 3971 42.91 20.79 -20.03
CA GLY A 3971 43.27 19.48 -19.55
C GLY A 3971 43.43 19.44 -18.05
N PRO A 3972 42.58 20.21 -17.34
CA PRO A 3972 42.84 20.55 -15.93
C PRO A 3972 44.29 20.50 -15.49
N CYS A 3973 45.17 21.24 -16.16
CA CYS A 3973 46.56 21.37 -15.73
C CYS A 3973 46.59 22.36 -14.57
N THR A 3974 46.57 21.81 -13.35
CA THR A 3974 46.44 22.64 -12.16
C THR A 3974 47.61 23.60 -12.01
N GLY A 3975 48.83 23.13 -12.27
CA GLY A 3975 50.00 23.98 -12.11
C GLY A 3975 49.96 25.19 -13.02
N ASN A 3976 49.64 24.99 -14.29
CA ASN A 3976 49.59 26.12 -15.22
C ASN A 3976 48.42 27.04 -14.91
N GLN A 3977 47.30 26.48 -14.45
CA GLN A 3977 46.16 27.31 -14.06
C GLN A 3977 46.52 28.20 -12.88
N GLN A 3978 47.23 27.65 -11.89
CA GLN A 3978 47.58 28.44 -10.70
C GLN A 3978 48.69 29.43 -11.01
N SER A 3979 49.70 29.01 -11.78
CA SER A 3979 50.82 29.90 -12.08
C SER A 3979 50.36 31.12 -12.88
N LEU A 3980 49.50 30.90 -13.87
CA LEU A 3980 48.99 32.03 -14.66
C LEU A 3980 48.11 32.94 -13.81
N ALA A 3981 47.41 32.36 -12.83
CA ALA A 3981 46.60 33.16 -11.92
C ALA A 3981 47.47 34.10 -11.09
N HIS A 3982 48.62 33.59 -10.61
CA HIS A 3982 49.54 34.39 -9.83
C HIS A 3982 50.34 35.38 -10.66
N SER A 3983 50.33 35.25 -11.99
CA SER A 3983 51.07 36.15 -12.85
C SER A 3983 50.26 37.41 -13.10
N ARG A 3984 50.74 38.27 -13.99
CA ARG A 3984 50.10 39.52 -14.33
C ARG A 3984 49.22 39.42 -15.57
N LEU A 3985 48.64 38.24 -15.82
CA LEU A 3985 47.78 38.07 -16.98
C LEU A 3985 46.54 38.93 -16.88
N TRP A 3986 46.04 39.16 -15.67
CA TRP A 3986 44.81 39.93 -15.49
C TRP A 3986 44.97 41.35 -16.02
N ASP A 3987 46.12 41.98 -15.78
CA ASP A 3987 46.36 43.33 -16.28
C ASP A 3987 46.36 43.36 -17.80
N ALA A 3988 46.89 42.31 -18.43
CA ALA A 3988 46.88 42.24 -19.89
C ALA A 3988 45.45 42.18 -20.44
N VAL A 3989 44.58 41.41 -19.78
CA VAL A 3989 43.20 41.30 -20.24
C VAL A 3989 42.47 42.62 -20.06
N VAL A 3990 42.79 43.37 -19.00
CA VAL A 3990 42.13 44.65 -18.76
C VAL A 3990 42.39 45.60 -19.91
N GLY A 3991 43.63 45.68 -20.38
CA GLY A 3991 43.93 46.50 -21.53
C GLY A 3991 43.24 46.01 -22.79
N PHE A 3992 43.24 44.69 -23.00
CA PHE A 3992 42.61 44.13 -24.19
C PHE A 3992 41.10 44.37 -24.18
N LEU A 3993 40.46 44.22 -23.02
CA LEU A 3993 39.02 44.50 -22.93
C LEU A 3993 38.74 45.96 -23.23
N HIS A 3994 39.59 46.86 -22.75
CA HIS A 3994 39.44 48.28 -23.07
C HIS A 3994 39.61 48.52 -24.56
N VAL A 3995 40.58 47.85 -25.19
CA VAL A 3995 40.75 47.95 -26.63
C VAL A 3995 39.57 47.33 -27.35
N PHE A 3996 39.11 46.17 -26.88
CA PHE A 3996 37.96 45.51 -27.50
C PHE A 3996 36.72 46.39 -27.42
N ALA A 3997 36.49 47.02 -26.26
CA ALA A 3997 35.26 47.77 -26.05
C ALA A 3997 35.17 48.97 -26.99
N HIS A 3998 36.24 49.75 -27.08
CA HIS A 3998 36.20 50.98 -27.87
C HIS A 3998 36.25 50.69 -29.36
N MET A 3999 37.11 49.76 -29.78
CA MET A 3999 37.19 49.42 -31.19
C MET A 3999 35.93 48.72 -31.68
N MET A 4000 35.17 48.08 -30.79
CA MET A 4000 33.91 47.46 -31.19
C MET A 4000 32.92 48.49 -31.70
N MET A 4001 32.78 49.60 -30.98
CA MET A 4001 31.86 50.66 -31.39
C MET A 4001 32.43 51.46 -32.56
N LYS A 4002 33.74 51.75 -32.52
CA LYS A 4002 34.33 52.61 -33.55
C LYS A 4002 34.28 51.94 -34.91
N LEU A 4003 34.71 50.68 -35.00
CA LEU A 4003 34.73 49.99 -36.29
C LEU A 4003 33.32 49.65 -36.76
N ALA A 4004 32.37 49.49 -35.84
CA ALA A 4004 30.99 49.23 -36.24
C ALA A 4004 30.39 50.42 -36.98
N GLN A 4005 30.71 51.65 -36.55
CA GLN A 4005 30.15 52.84 -37.18
C GLN A 4005 30.62 52.98 -38.62
N ASP A 4006 31.88 52.66 -38.89
CA ASP A 4006 32.42 52.80 -40.24
C ASP A 4006 32.05 51.58 -41.08
N SER A 4007 31.51 51.84 -42.27
CA SER A 4007 31.08 50.77 -43.15
C SER A 4007 32.23 50.07 -43.86
N SER A 4008 33.41 50.71 -43.92
CA SER A 4008 34.56 50.13 -44.58
C SER A 4008 35.40 49.26 -43.65
N GLN A 4009 35.00 49.12 -42.38
CA GLN A 4009 35.76 48.36 -41.41
C GLN A 4009 35.13 47.00 -41.12
N ILE A 4010 34.32 46.48 -42.04
CA ILE A 4010 33.68 45.18 -41.82
C ILE A 4010 34.73 44.08 -41.75
N GLU A 4011 35.72 44.12 -42.65
CA GLU A 4011 36.76 43.09 -42.65
C GLU A 4011 37.57 43.13 -41.35
N LEU A 4012 37.92 44.33 -40.89
CA LEU A 4012 38.67 44.45 -39.64
C LEU A 4012 37.80 44.10 -38.44
N LEU A 4013 36.50 44.40 -38.50
CA LEU A 4013 35.62 44.09 -37.37
C LEU A 4013 35.52 42.58 -37.17
N LYS A 4014 35.48 41.81 -38.25
CA LYS A 4014 35.51 40.35 -38.12
C LYS A 4014 36.81 39.88 -37.49
N GLU A 4015 37.93 40.48 -37.89
CA GLU A 4015 39.22 40.13 -37.29
C GLU A 4015 39.27 40.50 -35.82
N LEU A 4016 38.46 41.48 -35.39
CA LEU A 4016 38.44 41.83 -33.97
C LEU A 4016 37.63 40.82 -33.16
N LEU A 4017 36.55 40.31 -33.74
CA LEU A 4017 35.66 39.41 -33.00
C LEU A 4017 36.34 38.08 -32.69
N ASP A 4018 37.00 37.49 -33.69
CA ASP A 4018 37.59 36.17 -33.50
C ASP A 4018 38.67 36.20 -32.42
N LEU A 4019 39.45 37.28 -32.38
CA LEU A 4019 40.41 37.44 -31.29
C LEU A 4019 39.71 37.53 -29.94
N GLN A 4020 38.60 38.26 -29.89
CA GLN A 4020 37.87 38.41 -28.62
C GLN A 4020 37.30 37.09 -28.15
N LYS A 4021 36.79 36.26 -29.07
CA LYS A 4021 36.26 34.96 -28.68
C LYS A 4021 37.36 34.06 -28.13
N ASP A 4022 38.54 34.10 -28.75
CA ASP A 4022 39.65 33.29 -28.26
C ASP A 4022 40.09 33.69 -26.86
N MET A 4023 39.82 34.92 -26.45
CA MET A 4023 40.15 35.33 -25.09
C MET A 4023 39.26 34.63 -24.07
N VAL A 4024 37.94 34.65 -24.30
CA VAL A 4024 37.02 34.09 -23.30
C VAL A 4024 37.19 32.58 -23.20
N VAL A 4025 37.61 31.92 -24.29
CA VAL A 4025 37.95 30.51 -24.20
C VAL A 4025 39.13 30.30 -23.25
N MET A 4026 40.12 31.19 -23.33
CA MET A 4026 41.21 31.15 -22.37
C MET A 4026 40.72 31.41 -20.96
N LEU A 4027 39.78 32.35 -20.80
CA LEU A 4027 39.17 32.57 -19.49
C LEU A 4027 38.36 31.35 -19.04
N LEU A 4028 37.59 30.75 -19.95
CA LEU A 4028 36.86 29.54 -19.61
C LEU A 4028 37.79 28.36 -19.32
N SER A 4029 38.99 28.36 -19.91
CA SER A 4029 39.95 27.31 -19.63
C SER A 4029 40.55 27.43 -18.24
N LEU A 4030 40.57 28.64 -17.66
CA LEU A 4030 41.03 28.83 -16.31
C LEU A 4030 40.01 28.39 -15.26
N LEU A 4031 38.75 28.23 -15.65
CA LEU A 4031 37.68 27.83 -14.76
C LEU A 4031 37.38 26.34 -14.84
N GLU A 4032 38.22 25.57 -15.53
CA GLU A 4032 38.05 24.13 -15.55
C GLU A 4032 38.50 23.54 -14.22
N GLY A 4033 37.64 22.75 -13.60
CA GLY A 4033 37.95 22.20 -12.29
C GLY A 4033 38.00 23.23 -11.18
N ASN A 4034 37.41 24.40 -11.40
CA ASN A 4034 37.44 25.45 -10.39
C ASN A 4034 36.52 25.09 -9.23
N VAL A 4035 36.82 25.66 -8.07
CA VAL A 4035 36.02 25.44 -6.87
C VAL A 4035 35.36 26.74 -6.48
N VAL A 4036 34.36 26.64 -5.60
CA VAL A 4036 33.73 27.84 -5.07
C VAL A 4036 34.71 28.58 -4.18
N ASN A 4037 34.71 29.91 -4.27
CA ASN A 4037 35.64 30.77 -3.55
C ASN A 4037 37.08 30.40 -3.86
N GLY A 4038 37.34 29.91 -5.08
CA GLY A 4038 38.68 29.54 -5.45
C GLY A 4038 39.56 30.75 -5.71
N MET A 4039 40.88 30.53 -5.55
CA MET A 4039 41.83 31.61 -5.75
C MET A 4039 41.78 32.12 -7.19
N ILE A 4040 41.76 31.20 -8.15
CA ILE A 4040 41.70 31.60 -9.55
C ILE A 4040 40.36 32.27 -9.86
N ALA A 4041 39.27 31.76 -9.28
CA ALA A 4041 37.95 32.34 -9.53
C ALA A 4041 37.83 33.74 -8.94
N ARG A 4042 38.30 33.93 -7.71
CA ARG A 4042 38.19 35.24 -7.08
C ARG A 4042 38.99 36.30 -7.84
N GLN A 4043 40.20 35.94 -8.27
CA GLN A 4043 41.01 36.89 -9.03
C GLN A 4043 40.35 37.24 -10.35
N MET A 4044 39.69 36.28 -10.98
CA MET A 4044 38.95 36.56 -12.21
C MET A 4044 37.79 37.50 -11.94
N VAL A 4045 37.09 37.31 -10.82
CA VAL A 4045 35.98 38.20 -10.46
C VAL A 4045 36.51 39.61 -10.19
N ASP A 4046 37.62 39.71 -9.46
CA ASP A 4046 38.19 41.02 -9.15
C ASP A 4046 38.61 41.75 -10.42
N MET A 4047 39.15 41.03 -11.39
CA MET A 4047 39.47 41.64 -12.68
C MET A 4047 38.20 42.10 -13.40
N LEU A 4048 37.11 41.36 -13.24
CA LEU A 4048 35.84 41.75 -13.86
C LEU A 4048 35.31 43.05 -13.27
N VAL A 4049 35.46 43.24 -11.95
CA VAL A 4049 34.95 44.44 -11.30
C VAL A 4049 35.69 45.68 -11.81
N GLU A 4050 37.01 45.58 -11.94
CA GLU A 4050 37.81 46.73 -12.31
C GLU A 4050 37.47 47.21 -13.72
N SER A 4051 37.26 46.29 -14.66
CA SER A 4051 36.93 46.63 -16.03
C SER A 4051 35.42 46.62 -16.28
N SER A 4052 34.62 46.87 -15.24
CA SER A 4052 33.17 46.78 -15.37
C SER A 4052 32.64 47.77 -16.41
N SER A 4053 33.25 48.95 -16.49
CA SER A 4053 32.84 49.92 -17.49
C SER A 4053 33.08 49.40 -18.90
N ASN A 4054 34.24 48.77 -19.14
CA ASN A 4054 34.53 48.23 -20.45
C ASN A 4054 33.78 46.92 -20.70
N VAL A 4055 33.60 46.13 -19.65
CA VAL A 4055 32.86 44.86 -19.79
C VAL A 4055 31.42 45.13 -20.21
N GLU A 4056 30.77 46.11 -19.56
CA GLU A 4056 29.38 46.42 -19.89
C GLU A 4056 29.28 47.35 -21.10
N MET A 4057 29.98 47.02 -22.19
CA MET A 4057 29.75 47.62 -23.49
C MET A 4057 29.78 46.62 -24.62
N ILE A 4058 30.47 45.48 -24.46
CA ILE A 4058 30.41 44.42 -25.46
C ILE A 4058 29.03 43.79 -25.47
N LEU A 4059 28.42 43.65 -24.29
CA LEU A 4059 27.10 43.06 -24.20
C LEU A 4059 26.08 43.87 -24.96
N LYS A 4060 26.17 45.19 -24.89
CA LYS A 4060 25.31 46.07 -25.67
C LYS A 4060 25.86 46.23 -27.09
N PRO A 4176 18.40 29.60 -21.11
CA PRO A 4176 17.68 28.91 -22.19
C PRO A 4176 18.57 27.97 -22.99
N TYR A 4177 19.81 28.40 -23.25
CA TYR A 4177 20.78 27.56 -23.94
C TYR A 4177 21.93 27.11 -23.05
N LEU A 4178 22.15 27.77 -21.93
CA LEU A 4178 23.21 27.39 -21.00
C LEU A 4178 22.82 26.06 -20.35
N GLY A 4179 23.34 24.97 -20.89
CA GLY A 4179 23.13 23.66 -20.33
C GLY A 4179 24.27 23.28 -19.42
N ARG A 4180 23.95 22.94 -18.18
CA ARG A 4180 24.94 22.62 -17.18
C ARG A 4180 24.69 21.22 -16.64
N ILE A 4181 25.78 20.49 -16.41
CA ILE A 4181 25.73 19.18 -15.78
C ILE A 4181 26.76 19.16 -14.67
N GLU A 4182 26.73 18.10 -13.88
CA GLU A 4182 27.75 17.84 -12.88
C GLU A 4182 28.29 16.44 -13.10
N ILE A 4183 29.61 16.33 -13.25
CA ILE A 4183 30.26 15.04 -13.46
C ILE A 4183 31.35 14.88 -12.41
N MET A 4184 31.48 13.66 -11.89
CA MET A 4184 32.62 13.35 -11.04
C MET A 4184 33.89 13.40 -11.88
N GLY A 4185 34.71 14.44 -11.68
CA GLY A 4185 35.83 14.74 -12.53
C GLY A 4185 37.07 13.93 -12.20
N ALA A 4186 38.14 14.23 -12.95
CA ALA A 4186 39.41 13.55 -12.74
C ALA A 4186 40.00 13.86 -11.38
N SER A 4187 39.72 15.04 -10.84
CA SER A 4187 40.25 15.49 -9.56
C SER A 4187 39.55 14.86 -8.37
N ARG A 4188 38.77 13.80 -8.58
CA ARG A 4188 38.03 13.10 -7.54
C ARG A 4188 36.98 13.98 -6.87
N ARG A 4189 36.54 15.04 -7.55
CA ARG A 4189 35.55 15.95 -7.00
C ARG A 4189 34.47 16.23 -8.03
N ILE A 4190 33.25 16.44 -7.55
CA ILE A 4190 32.16 16.81 -8.44
C ILE A 4190 32.41 18.21 -8.98
N GLU A 4191 32.31 18.35 -10.30
CA GLU A 4191 32.53 19.65 -10.94
C GLU A 4191 31.44 19.88 -11.98
N ARG A 4192 31.24 21.15 -12.31
CA ARG A 4192 30.14 21.57 -13.17
C ARG A 4192 30.66 21.96 -14.55
N ILE A 4193 30.04 21.40 -15.58
CA ILE A 4193 30.40 21.64 -16.97
C ILE A 4193 29.29 22.44 -17.64
N TYR A 4194 29.67 23.43 -18.44
CA TYR A 4194 28.73 24.27 -19.16
C TYR A 4194 28.90 24.07 -20.67
N PHE A 4195 27.78 23.97 -21.38
CA PHE A 4195 27.79 23.79 -22.83
C PHE A 4195 26.53 24.43 -23.39
N GLU A 4196 26.55 24.68 -24.70
CA GLU A 4196 25.41 25.31 -25.36
C GLU A 4196 24.51 24.25 -25.95
N ILE A 4197 23.21 24.39 -25.72
CA ILE A 4197 22.20 23.49 -26.27
C ILE A 4197 21.57 24.14 -27.49
N SER A 4198 21.53 23.43 -28.60
CA SER A 4198 20.98 23.98 -29.83
C SER A 4198 19.45 24.06 -29.74
N GLU A 4199 18.89 25.09 -30.38
CA GLU A 4199 17.45 25.30 -30.32
C GLU A 4199 16.69 24.16 -30.98
N THR A 4200 17.20 23.65 -32.10
CA THR A 4200 16.56 22.52 -32.76
C THR A 4200 16.56 21.29 -31.86
N ASN A 4201 17.67 21.04 -31.18
CA ASN A 4201 17.72 19.92 -30.23
C ASN A 4201 16.73 20.13 -29.10
N ARG A 4202 16.62 21.36 -28.59
CA ARG A 4202 15.68 21.63 -27.51
C ARG A 4202 14.23 21.40 -27.96
N ALA A 4203 13.88 21.88 -29.15
CA ALA A 4203 12.52 21.67 -29.65
C ALA A 4203 12.26 20.19 -29.90
N GLN A 4204 13.23 19.48 -30.48
CA GLN A 4204 13.04 18.06 -30.75
C GLN A 4204 12.94 17.25 -29.48
N TRP A 4205 13.57 17.72 -28.39
CA TRP A 4205 13.37 17.09 -27.09
C TRP A 4205 11.98 17.39 -26.56
N GLU A 4206 11.51 18.62 -26.73
CA GLU A 4206 10.16 18.96 -26.25
C GLU A 4206 9.06 18.33 -27.09
N MET A 4207 9.40 17.74 -28.23
CA MET A 4207 8.39 17.08 -29.05
C MET A 4207 7.65 16.01 -28.26
N PRO A 4208 6.34 15.87 -28.46
CA PRO A 4208 5.57 14.93 -27.62
C PRO A 4208 5.91 13.47 -27.82
N GLN A 4209 6.29 13.06 -29.04
CA GLN A 4209 6.70 11.67 -29.24
C GLN A 4209 7.97 11.37 -28.45
N VAL A 4210 8.92 12.31 -28.44
CA VAL A 4210 10.13 12.13 -27.66
C VAL A 4210 9.82 12.16 -26.17
N LYS A 4211 8.86 13.00 -25.76
CA LYS A 4211 8.45 13.00 -24.36
C LYS A 4211 7.88 11.63 -23.96
N GLU A 4212 7.06 11.04 -24.82
CA GLU A 4212 6.52 9.72 -24.53
C GLU A 4212 7.61 8.66 -24.50
N SER A 4213 8.59 8.75 -25.40
CA SER A 4213 9.71 7.82 -25.36
C SER A 4213 10.45 7.92 -24.04
N LYS A 4214 10.70 9.15 -23.56
CA LYS A 4214 11.34 9.34 -22.28
C LYS A 4214 10.50 8.76 -21.15
N ARG A 4215 9.18 8.98 -21.19
CA ARG A 4215 8.31 8.46 -20.13
C ARG A 4215 8.33 6.94 -20.10
N GLN A 4216 8.29 6.30 -21.26
CA GLN A 4216 8.35 4.84 -21.31
C GLN A 4216 9.70 4.33 -20.81
N PHE A 4217 10.78 5.03 -21.17
CA PHE A 4217 12.09 4.63 -20.65
C PHE A 4217 12.14 4.73 -19.13
N ILE A 4218 11.61 5.81 -18.57
CA ILE A 4218 11.64 5.99 -17.12
C ILE A 4218 10.84 4.90 -16.44
N PHE A 4219 9.65 4.60 -16.96
CA PHE A 4219 8.85 3.52 -16.39
C PHE A 4219 9.59 2.19 -16.46
N ASP A 4220 10.18 1.88 -17.62
CA ASP A 4220 10.88 0.62 -17.78
C ASP A 4220 12.00 0.49 -16.75
N VAL A 4221 12.83 1.53 -16.63
CA VAL A 4221 13.97 1.47 -15.72
C VAL A 4221 13.49 1.33 -14.28
N VAL A 4222 12.56 2.18 -13.85
CA VAL A 4222 12.15 2.17 -12.45
C VAL A 4222 11.44 0.87 -12.10
N ASN A 4223 10.67 0.31 -13.04
CA ASN A 4223 9.95 -0.92 -12.74
C ASN A 4223 10.88 -2.12 -12.75
N GLU A 4224 11.56 -2.38 -13.88
CA GLU A 4224 12.50 -3.49 -13.97
C GLU A 4224 13.86 -2.91 -14.36
N GLY A 4225 14.61 -2.42 -13.37
CA GLY A 4225 15.96 -1.99 -13.58
C GLY A 4225 16.81 -2.23 -12.36
N GLY A 4226 18.12 -2.04 -12.52
CA GLY A 4226 19.06 -2.21 -11.44
C GLY A 4226 19.89 -0.97 -11.18
N GLU A 4227 20.50 -0.89 -9.99
CA GLU A 4227 21.32 0.26 -9.67
C GLU A 4227 22.58 0.33 -10.52
N ALA A 4228 23.22 -0.82 -10.78
CA ALA A 4228 24.43 -0.83 -11.58
C ALA A 4228 24.11 -0.69 -13.07
N GLU A 4229 22.98 -1.24 -13.51
CA GLU A 4229 22.62 -1.20 -14.91
C GLU A 4229 21.96 0.12 -15.31
N LYS A 4230 21.55 0.94 -14.33
CA LYS A 4230 20.73 2.10 -14.64
C LYS A 4230 21.45 3.08 -15.55
N MET A 4231 22.72 3.38 -15.26
CA MET A 4231 23.45 4.35 -16.08
C MET A 4231 23.72 3.83 -17.48
N GLU A 4232 24.02 2.53 -17.62
CA GLU A 4232 24.19 1.96 -18.95
C GLU A 4232 22.91 2.09 -19.76
N LEU A 4233 21.77 1.76 -19.13
CA LEU A 4233 20.49 1.88 -19.80
C LEU A 4233 20.17 3.33 -20.14
N PHE A 4234 20.51 4.25 -19.25
CA PHE A 4234 20.25 5.66 -19.50
C PHE A 4234 21.07 6.18 -20.66
N VAL A 4235 22.34 5.78 -20.74
CA VAL A 4235 23.17 6.22 -21.86
C VAL A 4235 22.68 5.60 -23.17
N SER A 4236 22.24 4.34 -23.13
CA SER A 4236 21.66 3.75 -24.33
C SER A 4236 20.42 4.50 -24.78
N PHE A 4237 19.57 4.87 -23.83
CA PHE A 4237 18.37 5.66 -24.15
C PHE A 4237 18.75 7.02 -24.73
N CYS A 4238 19.77 7.66 -24.17
CA CYS A 4238 20.22 8.93 -24.72
C CYS A 4238 20.71 8.78 -26.15
N GLU A 4239 21.46 7.71 -26.43
CA GLU A 4239 21.95 7.49 -27.79
C GLU A 4239 20.82 7.24 -28.77
N ASP A 4240 19.83 6.42 -28.37
CA ASP A 4240 18.67 6.20 -29.22
C ASP A 4240 17.94 7.50 -29.49
N THR A 4241 17.77 8.32 -28.46
CA THR A 4241 17.10 9.61 -28.63
C THR A 4241 17.88 10.51 -29.57
N ILE A 4242 19.20 10.53 -29.46
CA ILE A 4242 20.02 11.37 -30.34
C ILE A 4242 19.86 10.93 -31.78
N PHE A 4243 19.88 9.62 -32.03
CA PHE A 4243 19.70 9.15 -33.40
C PHE A 4243 18.31 9.51 -33.92
N GLU A 4244 17.28 9.36 -33.09
CA GLU A 4244 15.92 9.73 -33.51
C GLU A 4244 15.84 11.21 -33.83
N MET A 4245 16.51 12.06 -33.04
CA MET A 4245 16.54 13.49 -33.32
C MET A 4245 17.22 13.77 -34.65
N GLN A 4246 18.30 13.07 -34.95
CA GLN A 4246 18.96 13.26 -36.23
C GLN A 4246 18.07 12.84 -37.39
N ILE A 4247 17.35 11.73 -37.23
CA ILE A 4247 16.41 11.29 -38.28
C ILE A 4247 15.31 12.33 -38.46
N ALA A 4248 14.77 12.86 -37.36
CA ALA A 4248 13.73 13.87 -37.46
C ALA A 4248 14.24 15.13 -38.14
N ALA A 4249 15.48 15.53 -37.85
CA ALA A 4249 16.06 16.68 -38.53
C ALA A 4249 16.24 16.41 -40.02
N GLN A 4250 16.64 15.18 -40.36
CA GLN A 4250 16.76 14.83 -41.78
C GLN A 4250 15.43 14.92 -42.51
N ILE A 4251 14.36 14.41 -41.88
CA ILE A 4251 13.05 14.39 -42.53
C ILE A 4251 12.28 15.69 -42.36
N SER A 4252 12.80 16.65 -41.61
CA SER A 4252 12.09 17.91 -41.42
C SER A 4252 11.94 18.65 -42.74
N GLU A 4253 11.03 19.62 -42.75
CA GLU A 4253 10.72 20.35 -43.97
C GLU A 4253 11.95 21.11 -44.45
N PRO A 4254 12.25 21.09 -45.76
CA PRO A 4254 13.37 21.85 -46.32
C PRO A 4254 13.13 23.36 -46.29
N GLY A 4542 18.12 13.15 -61.78
CA GLY A 4542 18.01 14.57 -61.48
C GLY A 4542 16.72 14.93 -60.75
N GLU A 4543 15.67 15.21 -61.53
CA GLU A 4543 14.37 15.48 -60.93
C GLU A 4543 13.80 14.22 -60.28
N LEU A 4544 14.18 13.04 -60.78
CA LEU A 4544 13.72 11.79 -60.19
C LEU A 4544 14.21 11.63 -58.77
N GLU A 4545 15.48 11.97 -58.51
CA GLU A 4545 16.03 11.80 -57.17
C GLU A 4545 15.54 12.87 -56.21
N VAL A 4546 15.43 14.11 -56.68
CA VAL A 4546 14.94 15.19 -55.81
C VAL A 4546 13.49 14.94 -55.41
N GLN A 4547 12.66 14.52 -56.35
CA GLN A 4547 11.27 14.22 -56.02
C GLN A 4547 11.15 13.01 -55.11
N ARG A 4548 12.01 12.00 -55.30
CA ARG A 4548 11.96 10.81 -54.46
C ARG A 4548 12.28 11.15 -53.01
N VAL A 4549 13.29 12.00 -52.78
CA VAL A 4549 13.67 12.34 -51.42
C VAL A 4549 12.53 13.10 -50.73
N LYS A 4550 11.92 14.04 -51.43
CA LYS A 4550 10.83 14.81 -50.84
C LYS A 4550 9.64 13.91 -50.51
N PHE A 4551 9.29 13.00 -51.42
CA PHE A 4551 8.16 12.11 -51.17
C PHE A 4551 8.43 11.17 -50.00
N LEU A 4552 9.64 10.60 -49.95
CA LEU A 4552 9.98 9.68 -48.87
C LEU A 4552 10.02 10.39 -47.52
N ASN A 4553 10.52 11.63 -47.50
CA ASN A 4553 10.51 12.40 -46.25
C ASN A 4553 9.10 12.79 -45.86
N TYR A 4554 8.24 13.08 -46.84
CA TYR A 4554 6.86 13.44 -46.54
C TYR A 4554 6.14 12.29 -45.84
N LEU A 4555 6.37 11.06 -46.30
CA LEU A 4555 5.75 9.91 -45.67
C LEU A 4555 6.23 9.72 -44.24
N SER A 4556 7.52 9.96 -43.99
CA SER A 4556 8.05 9.79 -42.64
C SER A 4556 7.48 10.81 -41.67
N ARG A 4557 7.37 12.08 -42.10
CA ARG A 4557 6.76 13.08 -41.25
C ARG A 4557 5.29 12.80 -41.00
N ASN A 4558 4.63 12.10 -41.93
CA ASN A 4558 3.21 11.82 -41.85
C ASN A 4558 2.93 10.33 -41.63
N PHE A 4559 3.84 9.62 -40.99
CA PHE A 4559 3.62 8.20 -40.77
C PHE A 4559 2.42 7.95 -39.86
N TYR A 4560 2.30 8.69 -38.77
CA TYR A 4560 1.22 8.47 -37.83
C TYR A 4560 -0.12 9.00 -38.32
N THR A 4561 -0.09 10.02 -39.18
CA THR A 4561 -1.32 10.46 -39.81
C THR A 4561 -1.87 9.38 -40.74
N LEU A 4562 -0.99 8.74 -41.52
CA LEU A 4562 -1.40 7.63 -42.37
C LEU A 4562 -1.89 6.45 -41.53
N ARG A 4563 -1.22 6.19 -40.41
CA ARG A 4563 -1.66 5.12 -39.53
C ARG A 4563 -3.04 5.40 -38.96
N PHE A 4564 -3.34 6.65 -38.62
CA PHE A 4564 -4.68 7.04 -38.23
C PHE A 4564 -5.63 7.10 -39.43
N LEU A 4565 -5.11 7.45 -40.61
CA LEU A 4565 -5.95 7.46 -41.80
C LEU A 4565 -6.40 6.06 -42.15
N ALA A 4566 -5.53 5.07 -41.98
CA ALA A 4566 -5.93 3.69 -42.25
C ALA A 4566 -6.93 3.17 -41.24
N LEU A 4567 -6.88 3.69 -40.01
CA LEU A 4567 -7.86 3.30 -39.01
C LEU A 4567 -9.24 3.88 -39.33
N PHE A 4568 -9.28 5.10 -39.85
CA PHE A 4568 -10.54 5.66 -40.32
C PHE A 4568 -11.05 4.92 -41.54
N LEU A 4569 -10.16 4.43 -42.40
CA LEU A 4569 -10.60 3.70 -43.58
C LEU A 4569 -11.08 2.30 -43.21
N ALA A 4570 -10.57 1.73 -42.13
CA ALA A 4570 -11.07 0.45 -41.66
C ALA A 4570 -12.50 0.58 -41.12
N PHE A 4571 -12.76 1.64 -40.35
CA PHE A 4571 -14.10 1.85 -39.83
C PHE A 4571 -15.07 2.27 -40.92
N ALA A 4572 -14.60 3.07 -41.89
CA ALA A 4572 -15.47 3.46 -43.00
C ALA A 4572 -15.85 2.25 -43.84
N ILE A 4573 -14.90 1.37 -44.11
CA ILE A 4573 -15.18 0.19 -44.94
C ILE A 4573 -16.11 -0.77 -44.22
N ASN A 4574 -15.86 -0.98 -42.92
CA ASN A 4574 -16.67 -1.93 -42.17
C ASN A 4574 -18.05 -1.38 -41.88
N PHE A 4575 -18.22 -0.05 -41.98
CA PHE A 4575 -19.57 0.51 -41.91
C PHE A 4575 -20.34 0.19 -43.18
N ILE A 4576 -19.66 0.14 -44.33
CA ILE A 4576 -20.34 -0.25 -45.55
C ILE A 4576 -20.73 -1.73 -45.48
N LEU A 4577 -19.86 -2.55 -44.89
CA LEU A 4577 -20.09 -3.99 -44.88
C LEU A 4577 -21.30 -4.39 -44.06
N LEU A 4578 -21.76 -3.53 -43.15
CA LEU A 4578 -23.00 -3.79 -42.42
C LEU A 4578 -24.24 -3.71 -43.29
N PHE A 4579 -24.10 -3.20 -44.52
CA PHE A 4579 -25.20 -3.16 -45.48
C PHE A 4579 -25.15 -4.33 -46.44
N TYR A 4580 -24.36 -5.35 -46.14
CA TYR A 4580 -24.29 -6.53 -46.99
C TYR A 4580 -25.53 -7.39 -46.83
N LYS A 4581 -25.77 -8.22 -47.84
CA LYS A 4581 -26.87 -9.16 -47.84
C LYS A 4581 -26.40 -10.42 -48.54
N VAL A 4582 -27.11 -11.52 -48.29
CA VAL A 4582 -26.88 -12.77 -49.00
C VAL A 4582 -28.20 -13.21 -49.59
N SER A 4583 -28.18 -13.60 -50.86
CA SER A 4583 -29.36 -14.11 -51.54
C SER A 4583 -28.97 -15.28 -52.42
N ASP A 4584 -29.79 -16.32 -52.43
CA ASP A 4584 -29.59 -17.40 -53.39
C ASP A 4584 -29.81 -16.91 -54.82
N SER A 4585 -30.82 -16.09 -55.04
CA SER A 4585 -31.05 -15.51 -56.34
C SER A 4585 -30.09 -14.34 -56.58
N PRO A 4586 -29.64 -14.15 -57.81
CA PRO A 4586 -28.73 -13.04 -58.12
C PRO A 4586 -29.42 -11.70 -57.90
N PRO A 4587 -28.66 -10.66 -57.52
CA PRO A 4587 -29.23 -9.33 -57.31
C PRO A 4587 -29.64 -8.65 -58.61
N ASN A 4626 -26.24 -24.89 -54.76
CA ASN A 4626 -26.59 -23.56 -55.25
C ASN A 4626 -25.67 -22.49 -54.67
N MET A 4627 -25.05 -21.71 -55.54
CA MET A 4627 -24.18 -20.63 -55.08
C MET A 4627 -25.01 -19.46 -54.58
N VAL A 4628 -24.62 -18.94 -53.42
CA VAL A 4628 -25.28 -17.78 -52.82
C VAL A 4628 -24.60 -16.52 -53.31
N TYR A 4629 -25.36 -15.44 -53.40
CA TYR A 4629 -24.86 -14.16 -53.87
C TYR A 4629 -24.79 -13.17 -52.72
N TYR A 4630 -23.71 -12.39 -52.70
CA TYR A 4630 -23.51 -11.34 -51.71
C TYR A 4630 -23.56 -9.99 -52.40
N PHE A 4631 -24.29 -9.05 -51.82
CA PHE A 4631 -24.40 -7.72 -52.39
C PHE A 4631 -24.69 -6.70 -51.30
N LEU A 4632 -24.38 -5.45 -51.60
CA LEU A 4632 -24.80 -4.34 -50.75
C LEU A 4632 -26.22 -3.95 -51.10
N GLU A 4633 -27.04 -3.74 -50.07
CA GLU A 4633 -28.42 -3.28 -50.25
C GLU A 4633 -28.55 -1.89 -49.66
N GLU A 4634 -28.53 -0.88 -50.51
CA GLU A 4634 -28.76 0.49 -50.06
C GLU A 4634 -29.46 1.27 -51.16
N SER A 4635 -30.46 2.07 -50.75
CA SER A 4635 -31.21 2.87 -51.70
C SER A 4635 -30.43 4.09 -52.18
N THR A 4636 -29.45 4.54 -51.39
CA THR A 4636 -28.66 5.71 -51.80
C THR A 4636 -27.88 5.43 -53.07
N GLY A 4637 -27.28 4.25 -53.17
CA GLY A 4637 -26.51 3.88 -54.33
C GLY A 4637 -25.07 4.31 -54.30
N TYR A 4638 -24.69 5.21 -53.38
CA TYR A 4638 -23.32 5.67 -53.27
C TYR A 4638 -22.45 4.73 -52.44
N MET A 4639 -23.05 3.79 -51.71
CA MET A 4639 -22.28 2.94 -50.81
C MET A 4639 -21.33 2.04 -51.58
N GLU A 4640 -21.77 1.46 -52.70
CA GLU A 4640 -20.89 0.57 -53.45
C GLU A 4640 -19.71 1.30 -54.09
N PRO A 4641 -19.90 2.42 -54.81
CA PRO A 4641 -18.72 3.16 -55.28
C PRO A 4641 -17.83 3.66 -54.17
N ALA A 4642 -18.44 4.09 -53.05
CA ALA A 4642 -17.63 4.49 -51.90
C ALA A 4642 -16.79 3.32 -51.41
N LEU A 4643 -17.38 2.13 -51.35
CA LEU A 4643 -16.65 0.95 -50.89
C LEU A 4643 -15.49 0.64 -51.82
N TRP A 4644 -15.72 0.69 -53.13
CA TRP A 4644 -14.64 0.41 -54.07
C TRP A 4644 -13.50 1.39 -53.92
N CYS A 4645 -13.81 2.70 -53.96
CA CYS A 4645 -12.76 3.70 -53.88
C CYS A 4645 -12.07 3.65 -52.51
N LEU A 4646 -12.82 3.34 -51.46
CA LEU A 4646 -12.24 3.28 -50.12
C LEU A 4646 -11.33 2.07 -49.96
N SER A 4647 -11.65 0.94 -50.58
CA SER A 4647 -10.76 -0.20 -50.51
C SER A 4647 -9.47 0.06 -51.29
N LEU A 4648 -9.57 0.66 -52.47
CA LEU A 4648 -8.35 1.03 -53.20
C LEU A 4648 -7.53 2.02 -52.39
N LEU A 4649 -8.18 3.04 -51.84
CA LEU A 4649 -7.49 4.03 -51.03
C LEU A 4649 -6.85 3.39 -49.81
N HIS A 4650 -7.52 2.42 -49.20
CA HIS A 4650 -6.97 1.78 -48.01
C HIS A 4650 -5.74 0.96 -48.33
N THR A 4651 -5.76 0.22 -49.44
CA THR A 4651 -4.55 -0.53 -49.80
C THR A 4651 -3.40 0.42 -50.10
N LEU A 4652 -3.70 1.52 -50.79
CA LEU A 4652 -2.68 2.53 -51.05
C LEU A 4652 -2.11 3.08 -49.75
N VAL A 4653 -2.96 3.37 -48.78
CA VAL A 4653 -2.50 3.95 -47.52
C VAL A 4653 -1.70 2.95 -46.71
N ALA A 4654 -2.08 1.67 -46.76
CA ALA A 4654 -1.29 0.65 -46.07
C ALA A 4654 0.11 0.54 -46.67
N PHE A 4655 0.21 0.58 -48.00
CA PHE A 4655 1.52 0.58 -48.64
C PHE A 4655 2.33 1.81 -48.24
N LEU A 4656 1.69 2.99 -48.23
CA LEU A 4656 2.39 4.19 -47.82
C LEU A 4656 2.83 4.12 -46.37
N CYS A 4657 2.04 3.47 -45.52
CA CYS A 4657 2.43 3.25 -44.13
C CYS A 4657 3.68 2.40 -44.05
N ILE A 4658 3.75 1.33 -44.86
CA ILE A 4658 4.94 0.48 -44.86
C ILE A 4658 6.17 1.29 -45.27
N ILE A 4659 6.05 2.09 -46.33
CA ILE A 4659 7.19 2.86 -46.81
C ILE A 4659 7.61 3.90 -45.76
N GLY A 4660 6.65 4.60 -45.18
CA GLY A 4660 6.97 5.58 -44.16
C GLY A 4660 7.63 4.96 -42.94
N TYR A 4661 7.17 3.77 -42.54
CA TYR A 4661 7.84 3.06 -41.45
C TYR A 4661 9.27 2.72 -41.84
N ASN A 4662 9.49 2.21 -43.05
CA ASN A 4662 10.83 1.85 -43.46
C ASN A 4662 11.75 3.06 -43.50
N CYS A 4663 11.20 4.23 -43.78
CA CYS A 4663 12.01 5.45 -43.82
C CYS A 4663 12.15 6.13 -42.46
N LEU A 4664 11.28 5.81 -41.50
CA LEU A 4664 11.29 6.50 -40.22
C LEU A 4664 11.82 5.63 -39.08
N LYS A 4665 11.25 4.44 -38.88
CA LYS A 4665 11.53 3.63 -37.70
C LYS A 4665 12.56 2.55 -37.93
N VAL A 4666 12.76 2.10 -39.16
CA VAL A 4666 13.77 1.09 -39.48
C VAL A 4666 15.18 1.61 -39.18
N PRO A 4667 15.51 2.87 -39.48
CA PRO A 4667 16.85 3.36 -39.10
C PRO A 4667 17.18 3.16 -37.62
N LEU A 4668 16.23 3.36 -36.72
CA LEU A 4668 16.53 3.14 -35.31
C LEU A 4668 16.78 1.67 -35.01
N VAL A 4669 16.02 0.77 -35.66
CA VAL A 4669 16.26 -0.66 -35.47
C VAL A 4669 17.66 -1.04 -35.92
N ILE A 4670 18.08 -0.54 -37.09
CA ILE A 4670 19.41 -0.85 -37.60
C ILE A 4670 20.48 -0.22 -36.73
N PHE A 4671 20.25 1.00 -36.24
CA PHE A 4671 21.22 1.65 -35.36
C PHE A 4671 21.40 0.87 -34.07
N LYS A 4672 20.30 0.43 -33.47
CA LYS A 4672 20.38 -0.37 -32.26
C LYS A 4672 21.14 -1.67 -32.52
N ARG A 4673 20.81 -2.34 -33.62
CA ARG A 4673 21.46 -3.61 -33.94
C ARG A 4673 22.96 -3.43 -34.15
N GLU A 4674 23.35 -2.42 -34.93
CA GLU A 4674 24.76 -2.18 -35.18
C GLU A 4674 25.51 -1.80 -33.92
N LYS A 4675 24.92 -0.96 -33.07
CA LYS A 4675 25.66 -0.55 -31.87
C LYS A 4675 25.78 -1.71 -30.89
N GLU A 4676 24.74 -2.54 -30.77
CA GLU A 4676 24.86 -3.70 -29.90
C GLU A 4676 25.90 -4.68 -30.42
N LEU A 4677 25.94 -4.89 -31.74
CA LEU A 4677 26.94 -5.78 -32.31
C LEU A 4677 28.35 -5.23 -32.10
N ALA A 4678 28.52 -3.93 -32.27
CA ALA A 4678 29.83 -3.32 -32.06
C ALA A 4678 30.28 -3.45 -30.62
N ARG A 4679 29.37 -3.23 -29.67
CA ARG A 4679 29.72 -3.38 -28.27
C ARG A 4679 30.07 -4.82 -27.93
N LYS A 4680 29.31 -5.78 -28.47
CA LYS A 4680 29.63 -7.18 -28.22
C LYS A 4680 30.96 -7.57 -28.85
N LEU A 4681 31.27 -7.02 -30.02
CA LEU A 4681 32.57 -7.28 -30.65
C LEU A 4681 33.71 -6.74 -29.80
N GLU A 4682 33.57 -5.51 -29.30
CA GLU A 4682 34.70 -4.85 -28.66
C GLU A 4682 34.84 -5.25 -27.19
N PHE A 4683 33.81 -5.01 -26.40
CA PHE A 4683 33.89 -5.17 -24.95
C PHE A 4683 33.55 -6.58 -24.48
N ASP A 4684 33.24 -7.49 -25.39
CA ASP A 4684 32.93 -8.87 -25.04
C ASP A 4684 33.66 -9.91 -25.88
N GLY A 4685 34.13 -9.56 -27.07
CA GLY A 4685 34.78 -10.53 -27.93
C GLY A 4685 33.88 -11.67 -28.32
N LEU A 4686 32.67 -11.34 -28.77
CA LEU A 4686 31.64 -12.35 -29.00
C LEU A 4686 32.04 -13.31 -30.12
N TYR A 4687 32.42 -12.77 -31.28
CA TYR A 4687 32.76 -13.61 -32.42
C TYR A 4687 34.25 -13.92 -32.47
N ILE A 4688 35.02 -13.46 -31.51
CA ILE A 4688 36.44 -13.73 -31.43
C ILE A 4688 36.76 -14.74 -30.35
N THR A 4689 36.20 -14.58 -29.16
CA THR A 4689 36.46 -15.47 -28.04
C THR A 4689 35.25 -16.30 -27.65
N GLU A 4690 34.03 -15.83 -27.90
CA GLU A 4690 32.85 -16.48 -27.35
C GLU A 4690 32.13 -17.36 -28.35
N GLN A 4691 31.98 -16.93 -29.61
CA GLN A 4691 31.38 -17.75 -30.66
C GLN A 4691 30.00 -18.27 -30.28
N PRO A 4692 28.95 -17.45 -30.39
CA PRO A 4692 27.64 -17.84 -29.86
C PRO A 4692 27.12 -19.11 -30.51
N GLY A 4693 26.32 -19.86 -29.74
CA GLY A 4693 25.77 -21.11 -30.20
C GLY A 4693 24.66 -20.91 -31.22
N ASP A 4694 24.14 -22.04 -31.71
CA ASP A 4694 23.09 -22.01 -32.72
C ASP A 4694 21.76 -21.55 -32.16
N ASP A 4695 21.60 -21.60 -30.83
CA ASP A 4695 20.35 -21.13 -30.22
C ASP A 4695 20.16 -19.63 -30.37
N ASP A 4696 21.23 -18.87 -30.55
CA ASP A 4696 21.15 -17.42 -30.74
C ASP A 4696 21.02 -17.15 -32.23
N VAL A 4697 19.78 -17.08 -32.70
CA VAL A 4697 19.53 -16.81 -34.12
C VAL A 4697 20.02 -15.43 -34.49
N LYS A 4698 19.84 -14.45 -33.59
CA LYS A 4698 20.33 -13.10 -33.85
C LYS A 4698 21.85 -13.07 -33.95
N GLY A 4699 22.53 -13.74 -33.01
CA GLY A 4699 23.99 -13.78 -33.05
C GLY A 4699 24.52 -14.50 -34.28
N GLN A 4700 23.86 -15.58 -34.68
CA GLN A 4700 24.27 -16.29 -35.89
C GLN A 4700 24.04 -15.45 -37.13
N TRP A 4701 22.92 -14.72 -37.19
CA TRP A 4701 22.65 -13.90 -38.36
C TRP A 4701 23.61 -12.73 -38.46
N ASP A 4702 24.02 -12.16 -37.33
CA ASP A 4702 24.89 -11.00 -37.34
C ASP A 4702 26.28 -11.31 -37.88
N ARG A 4703 26.62 -12.58 -38.05
CA ARG A 4703 27.90 -12.95 -38.64
C ARG A 4703 28.04 -12.49 -40.09
N LEU A 4704 26.93 -12.26 -40.78
CA LEU A 4704 26.99 -11.84 -42.18
C LEU A 4704 27.63 -10.46 -42.32
N VAL A 4705 27.34 -9.57 -41.37
CA VAL A 4705 27.70 -8.17 -41.54
C VAL A 4705 29.13 -7.85 -41.10
N LEU A 4706 29.80 -8.77 -40.40
CA LEU A 4706 31.13 -8.47 -39.88
C LEU A 4706 32.12 -8.19 -40.99
N ASN A 4707 32.07 -8.98 -42.07
CA ASN A 4707 33.02 -8.85 -43.16
C ASN A 4707 32.70 -7.72 -44.12
N THR A 4708 31.54 -7.08 -43.99
CA THR A 4708 31.10 -6.12 -44.99
C THR A 4708 31.83 -4.80 -44.83
N PRO A 4709 32.10 -4.12 -45.95
CA PRO A 4709 32.77 -2.81 -45.87
C PRO A 4709 32.01 -1.80 -45.03
N SER A 4710 30.71 -1.67 -45.26
CA SER A 4710 29.88 -0.71 -44.52
C SER A 4710 29.12 -1.40 -43.39
N PHE A 4711 29.86 -2.08 -42.52
CA PHE A 4711 29.21 -2.69 -41.36
C PHE A 4711 28.59 -1.65 -40.44
N PRO A 4712 29.28 -0.58 -40.00
CA PRO A 4712 28.56 0.53 -39.38
C PRO A 4712 28.09 1.52 -40.43
N SER A 4713 26.78 1.69 -40.56
CA SER A 4713 26.26 2.63 -41.55
C SER A 4713 25.28 3.60 -40.90
N ASN A 4714 24.64 3.17 -39.82
CA ASN A 4714 23.78 4.04 -39.03
C ASN A 4714 24.42 4.45 -37.70
N TYR A 4715 25.09 3.52 -37.03
CA TYR A 4715 25.79 3.86 -35.79
C TYR A 4715 26.95 4.78 -36.09
N TRP A 4716 27.14 5.80 -35.25
CA TRP A 4716 28.08 6.87 -35.57
C TRP A 4716 29.52 6.44 -35.49
N ASP A 4717 29.82 5.36 -34.76
CA ASP A 4717 31.20 4.96 -34.52
C ASP A 4717 31.76 4.32 -35.77
N LYS A 4718 32.60 5.07 -36.50
CA LYS A 4718 33.24 4.57 -37.71
C LYS A 4718 34.58 3.92 -37.43
N PHE A 4719 35.02 3.87 -36.17
CA PHE A 4719 36.29 3.26 -35.80
C PHE A 4719 36.10 1.97 -35.01
N VAL A 4720 34.93 1.34 -35.14
CA VAL A 4720 34.65 0.12 -34.39
C VAL A 4720 35.60 -0.99 -34.81
N LYS A 4721 35.80 -1.16 -36.12
CA LYS A 4721 36.69 -2.21 -36.59
C LYS A 4721 38.12 -1.97 -36.14
N ARG A 4722 38.57 -0.71 -36.20
CA ARG A 4722 39.90 -0.39 -35.69
C ARG A 4722 40.03 -0.70 -34.21
N LYS A 4723 39.00 -0.36 -33.43
CA LYS A 4723 39.08 -0.60 -31.98
C LYS A 4723 39.07 -2.09 -31.66
N VAL A 4724 38.25 -2.86 -32.36
CA VAL A 4724 38.22 -4.31 -32.14
C VAL A 4724 39.56 -4.92 -32.52
N LEU A 4725 40.13 -4.50 -33.65
CA LEU A 4725 41.45 -4.96 -34.04
C LEU A 4725 42.50 -4.61 -32.98
N ASP A 4726 42.50 -3.36 -32.52
CA ASP A 4726 43.51 -2.93 -31.55
C ASP A 4726 43.38 -3.70 -30.24
N LYS A 4727 42.16 -3.99 -29.82
CA LYS A 4727 42.00 -4.71 -28.56
C LYS A 4727 42.35 -6.19 -28.68
N HIS A 4728 41.96 -6.85 -29.77
CA HIS A 4728 42.04 -8.30 -29.82
C HIS A 4728 43.12 -8.85 -30.76
N GLY A 4729 43.89 -7.99 -31.43
CA GLY A 4729 44.89 -8.50 -32.36
C GLY A 4729 46.00 -9.26 -31.66
N ASP A 4730 46.60 -8.66 -30.64
CA ASP A 4730 47.74 -9.27 -29.99
C ASP A 4730 47.38 -10.57 -29.27
N ILE A 4731 46.09 -10.85 -29.10
CA ILE A 4731 45.67 -12.03 -28.35
C ILE A 4731 45.07 -13.09 -29.27
N PHE A 4732 44.53 -12.67 -30.42
CA PHE A 4732 43.87 -13.63 -31.30
C PHE A 4732 44.31 -13.54 -32.75
N GLY A 4733 45.46 -12.92 -33.04
CA GLY A 4733 45.93 -12.90 -34.41
C GLY A 4733 45.41 -11.69 -35.16
N ARG A 4734 46.30 -10.76 -35.52
CA ARG A 4734 45.88 -9.60 -36.28
C ARG A 4734 45.34 -10.00 -37.64
N GLU A 4735 46.01 -10.93 -38.32
CA GLU A 4735 45.51 -11.37 -39.62
C GLU A 4735 44.16 -12.08 -39.50
N ARG A 4736 43.99 -12.89 -38.45
CA ARG A 4736 42.71 -13.57 -38.25
C ARG A 4736 41.59 -12.57 -38.00
N ILE A 4737 41.85 -11.56 -37.15
CA ILE A 4737 40.82 -10.57 -36.87
C ILE A 4737 40.51 -9.74 -38.10
N ALA A 4738 41.53 -9.40 -38.88
CA ALA A 4738 41.31 -8.64 -40.11
C ALA A 4738 40.49 -9.44 -41.11
N GLU A 4739 40.77 -10.74 -41.23
CA GLU A 4739 39.96 -11.58 -42.11
C GLU A 4739 38.53 -11.69 -41.62
N LEU A 4740 38.34 -11.79 -40.30
CA LEU A 4740 36.99 -11.87 -39.76
C LEU A 4740 36.20 -10.59 -40.02
N LEU A 4741 36.84 -9.44 -39.84
CA LEU A 4741 36.14 -8.17 -39.96
C LEU A 4741 36.22 -7.57 -41.35
N GLY A 4742 36.83 -8.26 -42.31
CA GLY A 4742 36.89 -7.75 -43.67
C GLY A 4742 37.64 -6.45 -43.79
N MET A 4743 38.77 -6.33 -43.09
CA MET A 4743 39.56 -5.11 -43.04
C MET A 4743 40.97 -5.41 -43.51
N ASP A 4744 41.49 -4.55 -44.41
CA ASP A 4744 42.80 -4.77 -45.01
C ASP A 4744 43.87 -4.12 -44.13
N LEU A 4745 44.60 -4.95 -43.38
CA LEU A 4745 45.65 -4.43 -42.51
C LEU A 4745 46.82 -3.87 -43.30
N ALA A 4746 47.04 -4.37 -44.51
CA ALA A 4746 48.10 -3.83 -45.36
C ALA A 4746 47.79 -2.40 -45.79
N SER A 4747 46.52 -2.11 -46.09
CA SER A 4747 46.14 -0.76 -46.48
C SER A 4747 46.22 0.23 -45.32
N LEU A 4748 46.29 -0.28 -44.08
CA LEU A 4748 46.40 0.61 -42.93
C LEU A 4748 47.73 1.35 -42.93
N GLU A 4749 48.80 0.69 -43.36
CA GLU A 4749 50.11 1.33 -43.50
C GLU A 4749 50.07 2.45 -44.53
N ASP A 4772 27.18 -3.54 -51.56
CA ASP A 4772 27.20 -4.36 -50.37
C ASP A 4772 26.00 -5.30 -50.32
N VAL A 4773 26.01 -6.32 -51.17
CA VAL A 4773 24.89 -7.25 -51.22
C VAL A 4773 24.77 -8.02 -49.91
N LYS A 4774 25.91 -8.40 -49.31
CA LYS A 4774 25.85 -9.11 -48.05
C LYS A 4774 25.26 -8.23 -46.94
N TYR A 4775 25.68 -6.97 -46.89
CA TYR A 4775 25.12 -6.04 -45.92
C TYR A 4775 23.63 -5.83 -46.15
N GLN A 4776 23.22 -5.70 -47.41
CA GLN A 4776 21.81 -5.48 -47.71
C GLN A 4776 20.97 -6.70 -47.34
N ILE A 4777 21.47 -7.91 -47.59
CA ILE A 4777 20.75 -9.10 -47.17
C ILE A 4777 20.66 -9.17 -45.66
N TRP A 4778 21.73 -8.79 -44.96
CA TRP A 4778 21.68 -8.75 -43.51
C TRP A 4778 20.62 -7.77 -43.03
N LYS A 4779 20.59 -6.58 -43.62
CA LYS A 4779 19.62 -5.57 -43.21
C LYS A 4779 18.20 -6.05 -43.49
N PHE A 4780 18.00 -6.73 -44.62
CA PHE A 4780 16.67 -7.26 -44.92
C PHE A 4780 16.25 -8.32 -43.91
N GLY A 4781 17.16 -9.19 -43.50
CA GLY A 4781 16.83 -10.14 -42.46
C GLY A 4781 16.47 -9.46 -41.15
N VAL A 4782 17.23 -8.43 -40.77
CA VAL A 4782 16.96 -7.70 -39.53
C VAL A 4782 15.60 -7.03 -39.60
N ILE A 4783 15.27 -6.42 -40.74
CA ILE A 4783 13.97 -5.76 -40.89
C ILE A 4783 12.84 -6.78 -40.85
N PHE A 4784 12.99 -7.88 -41.58
CA PHE A 4784 11.94 -8.89 -41.68
C PHE A 4784 11.77 -9.68 -40.40
N THR A 4785 12.70 -9.60 -39.46
CA THR A 4785 12.47 -10.15 -38.13
C THR A 4785 11.94 -9.12 -37.13
N ASP A 4786 11.54 -7.94 -37.60
CA ASP A 4786 11.04 -6.88 -36.73
C ASP A 4786 9.53 -7.00 -36.58
N ASN A 4787 9.06 -6.93 -35.33
CA ASN A 4787 7.65 -7.16 -35.05
C ASN A 4787 6.76 -6.08 -35.66
N SER A 4788 7.15 -4.81 -35.56
CA SER A 4788 6.31 -3.74 -36.10
C SER A 4788 6.24 -3.82 -37.62
N PHE A 4789 7.37 -4.09 -38.27
CA PHE A 4789 7.35 -4.24 -39.72
C PHE A 4789 6.52 -5.45 -40.13
N LEU A 4790 6.59 -6.54 -39.35
CA LEU A 4790 5.77 -7.70 -39.66
C LEU A 4790 4.29 -7.39 -39.52
N TYR A 4791 3.93 -6.61 -38.49
CA TYR A 4791 2.54 -6.22 -38.32
C TYR A 4791 2.07 -5.35 -39.48
N LEU A 4792 2.91 -4.43 -39.94
CA LEU A 4792 2.52 -3.59 -41.06
C LEU A 4792 2.42 -4.39 -42.37
N GLY A 4793 3.30 -5.38 -42.53
CA GLY A 4793 3.18 -6.26 -43.67
C GLY A 4793 1.92 -7.11 -43.62
N TRP A 4794 1.55 -7.57 -42.44
CA TRP A 4794 0.28 -8.29 -42.28
C TRP A 4794 -0.90 -7.38 -42.60
N TYR A 4795 -0.83 -6.12 -42.17
CA TYR A 4795 -1.87 -5.15 -42.51
C TYR A 4795 -2.00 -5.00 -44.01
N MET A 4796 -0.86 -4.88 -44.70
CA MET A 4796 -0.87 -4.73 -46.15
C MET A 4796 -1.40 -6.00 -46.83
N VAL A 4797 -1.04 -7.17 -46.32
CA VAL A 4797 -1.51 -8.41 -46.91
C VAL A 4797 -3.03 -8.54 -46.77
N MET A 4798 -3.56 -8.27 -45.58
CA MET A 4798 -5.01 -8.35 -45.41
C MET A 4798 -5.72 -7.28 -46.21
N SER A 4799 -5.11 -6.12 -46.38
CA SER A 4799 -5.69 -5.10 -47.24
C SER A 4799 -5.70 -5.56 -48.70
N LEU A 4800 -4.68 -6.31 -49.12
CA LEU A 4800 -4.67 -6.88 -50.47
C LEU A 4800 -5.75 -7.94 -50.63
N LEU A 4801 -5.95 -8.76 -49.60
CA LEU A 4801 -7.00 -9.77 -49.64
C LEU A 4801 -8.40 -9.17 -49.52
N GLY A 4802 -8.52 -7.95 -49.01
CA GLY A 4802 -9.80 -7.28 -48.99
C GLY A 4802 -10.37 -7.00 -50.36
N HIS A 4803 -9.54 -7.10 -51.40
CA HIS A 4803 -10.02 -7.00 -52.77
C HIS A 4803 -10.46 -8.34 -53.33
N TYR A 4804 -9.94 -9.44 -52.80
CA TYR A 4804 -10.47 -10.75 -53.13
C TYR A 4804 -11.80 -10.99 -52.42
N ASN A 4805 -11.89 -10.62 -51.15
CA ASN A 4805 -13.11 -10.70 -50.37
C ASN A 4805 -13.20 -9.48 -49.49
N ASN A 4806 -14.31 -8.75 -49.60
CA ASN A 4806 -14.43 -7.48 -48.87
C ASN A 4806 -14.38 -7.66 -47.36
N PHE A 4807 -14.76 -8.83 -46.85
CA PHE A 4807 -14.85 -8.99 -45.40
C PHE A 4807 -13.51 -9.23 -44.74
N PHE A 4808 -12.44 -9.42 -45.52
CA PHE A 4808 -11.10 -9.45 -44.95
C PHE A 4808 -10.70 -8.10 -44.37
N PHE A 4809 -11.41 -7.03 -44.71
CA PHE A 4809 -11.17 -5.72 -44.13
C PHE A 4809 -11.63 -5.64 -42.69
N ALA A 4810 -12.31 -6.67 -42.18
CA ALA A 4810 -12.71 -6.69 -40.77
C ALA A 4810 -11.54 -6.99 -39.86
N ALA A 4811 -10.46 -7.57 -40.38
CA ALA A 4811 -9.29 -7.83 -39.56
C ALA A 4811 -8.53 -6.55 -39.23
N HIS A 4812 -8.83 -5.46 -39.94
CA HIS A 4812 -8.19 -4.20 -39.64
C HIS A 4812 -8.83 -3.48 -38.47
N LEU A 4813 -10.04 -3.91 -38.06
CA LEU A 4813 -10.62 -3.39 -36.83
C LEU A 4813 -9.79 -3.77 -35.62
N LEU A 4814 -9.05 -4.87 -35.70
CA LEU A 4814 -8.18 -5.28 -34.62
C LEU A 4814 -7.06 -4.28 -34.38
N ASP A 4815 -6.81 -3.38 -35.33
CA ASP A 4815 -5.78 -2.37 -35.18
C ASP A 4815 -6.11 -1.34 -34.10
N ILE A 4816 -7.36 -1.32 -33.60
CA ILE A 4816 -7.69 -0.38 -32.54
C ILE A 4816 -6.87 -0.65 -31.29
N ALA A 4817 -6.54 -1.92 -31.04
CA ALA A 4817 -5.71 -2.27 -29.90
C ALA A 4817 -4.29 -1.74 -30.07
N MET A 4818 -3.68 -1.96 -31.23
CA MET A 4818 -2.35 -1.45 -31.50
C MET A 4818 -2.33 0.06 -31.70
N GLY A 4819 -3.49 0.69 -31.78
CA GLY A 4819 -3.66 2.11 -31.94
C GLY A 4819 -3.97 2.75 -30.60
N VAL A 4820 -5.26 2.89 -30.28
CA VAL A 4820 -5.69 3.66 -29.12
C VAL A 4820 -4.94 3.22 -27.87
N LYS A 4821 -4.30 4.19 -27.22
CA LYS A 4821 -3.55 3.91 -25.99
C LYS A 4821 -4.47 3.51 -24.85
N THR A 4822 -5.69 4.07 -24.81
CA THR A 4822 -6.65 3.65 -23.79
C THR A 4822 -7.00 2.19 -23.94
N LEU A 4823 -7.26 1.74 -25.18
CA LEU A 4823 -7.59 0.35 -25.41
C LEU A 4823 -6.38 -0.54 -25.10
N ARG A 4824 -5.18 -0.10 -25.46
CA ARG A 4824 -4.00 -0.90 -25.15
C ARG A 4824 -3.81 -1.03 -23.64
N THR A 4825 -4.07 0.03 -22.89
CA THR A 4825 -3.97 -0.04 -21.43
C THR A 4825 -5.05 -0.96 -20.85
N ILE A 4826 -6.26 -0.91 -21.39
CA ILE A 4826 -7.32 -1.79 -20.91
C ILE A 4826 -6.95 -3.25 -21.18
N LEU A 4827 -6.40 -3.53 -22.37
CA LEU A 4827 -6.03 -4.90 -22.71
C LEU A 4827 -4.77 -5.37 -22.00
N SER A 4828 -3.96 -4.44 -21.49
CA SER A 4828 -2.84 -4.86 -20.67
C SER A 4828 -3.31 -5.56 -19.40
N SER A 4829 -4.50 -5.24 -18.91
CA SER A 4829 -5.03 -5.97 -17.76
C SER A 4829 -5.29 -7.43 -18.11
N VAL A 4830 -5.76 -7.69 -19.33
CA VAL A 4830 -5.96 -9.07 -19.75
C VAL A 4830 -4.62 -9.77 -19.99
N THR A 4831 -3.67 -9.08 -20.62
CA THR A 4831 -2.42 -9.73 -20.99
C THR A 4831 -1.40 -9.78 -19.87
N HIS A 4832 -1.59 -9.04 -18.78
CA HIS A 4832 -0.60 -9.02 -17.70
C HIS A 4832 -0.50 -10.37 -17.02
N ASN A 4833 -1.64 -10.99 -16.73
CA ASN A 4833 -1.70 -12.34 -16.17
C ASN A 4833 -2.12 -13.35 -17.23
N GLY A 4834 -1.65 -13.19 -18.47
CA GLY A 4834 -2.08 -14.08 -19.53
C GLY A 4834 -1.63 -15.51 -19.33
N LYS A 4835 -0.42 -15.69 -18.81
CA LYS A 4835 0.07 -17.04 -18.52
C LYS A 4835 -0.81 -17.70 -17.47
N GLN A 4836 -1.17 -16.97 -16.42
CA GLN A 4836 -2.05 -17.51 -15.40
C GLN A 4836 -3.45 -17.77 -15.94
N LEU A 4837 -3.91 -16.93 -16.87
CA LEU A 4837 -5.24 -17.15 -17.46
C LEU A 4837 -5.26 -18.42 -18.29
N VAL A 4838 -4.24 -18.64 -19.13
CA VAL A 4838 -4.25 -19.86 -19.93
C VAL A 4838 -4.03 -21.08 -19.05
N MET A 4839 -3.24 -20.94 -17.98
CA MET A 4839 -3.08 -22.05 -17.05
C MET A 4839 -4.39 -22.37 -16.34
N THR A 4840 -5.17 -21.35 -15.98
CA THR A 4840 -6.46 -21.57 -15.36
C THR A 4840 -7.45 -22.20 -16.33
N VAL A 4841 -7.38 -21.84 -17.62
CA VAL A 4841 -8.21 -22.50 -18.62
C VAL A 4841 -7.84 -23.98 -18.74
N GLY A 4842 -6.53 -24.28 -18.73
CA GLY A 4842 -6.11 -25.67 -18.76
C GLY A 4842 -6.55 -26.43 -17.52
N LEU A 4843 -6.51 -25.77 -16.37
CA LEU A 4843 -7.02 -26.38 -15.14
C LEU A 4843 -8.51 -26.66 -15.24
N LEU A 4844 -9.27 -25.72 -15.80
CA LEU A 4844 -10.69 -25.97 -16.02
C LEU A 4844 -10.90 -27.17 -16.94
N ALA A 4845 -10.11 -27.25 -18.00
CA ALA A 4845 -10.20 -28.40 -18.91
C ALA A 4845 -9.90 -29.72 -18.21
N VAL A 4846 -8.89 -29.74 -17.34
CA VAL A 4846 -8.57 -30.96 -16.59
C VAL A 4846 -9.70 -31.34 -15.64
N VAL A 4847 -10.22 -30.38 -14.87
CA VAL A 4847 -11.23 -30.73 -13.88
C VAL A 4847 -12.53 -31.15 -14.56
N VAL A 4848 -12.86 -30.52 -15.69
CA VAL A 4848 -14.02 -30.97 -16.45
C VAL A 4848 -13.77 -32.35 -17.05
N TYR A 4849 -12.52 -32.69 -17.38
CA TYR A 4849 -12.23 -34.05 -17.78
C TYR A 4849 -12.49 -35.03 -16.65
N LEU A 4850 -12.15 -34.65 -15.42
CA LEU A 4850 -12.38 -35.54 -14.28
C LEU A 4850 -13.88 -35.75 -14.06
N TYR A 4851 -14.66 -34.67 -14.11
CA TYR A 4851 -16.12 -34.82 -14.02
C TYR A 4851 -16.65 -35.67 -15.17
N THR A 4852 -16.04 -35.55 -16.35
CA THR A 4852 -16.46 -36.37 -17.48
C THR A 4852 -16.19 -37.85 -17.22
N VAL A 4853 -15.04 -38.16 -16.61
CA VAL A 4853 -14.74 -39.55 -16.25
C VAL A 4853 -15.81 -40.09 -15.32
N VAL A 4854 -16.12 -39.31 -14.28
CA VAL A 4854 -17.10 -39.76 -13.30
C VAL A 4854 -18.47 -39.95 -13.94
N ALA A 4855 -18.87 -39.01 -14.81
CA ALA A 4855 -20.14 -39.14 -15.50
C ALA A 4855 -20.16 -40.34 -16.42
N PHE A 4856 -19.15 -40.48 -17.27
CA PHE A 4856 -19.12 -41.59 -18.22
C PHE A 4856 -19.13 -42.94 -17.52
N ASN A 4857 -18.64 -43.00 -16.28
CA ASN A 4857 -18.64 -44.29 -15.60
C ASN A 4857 -19.86 -44.52 -14.72
N PHE A 4858 -20.56 -43.48 -14.25
CA PHE A 4858 -21.65 -43.71 -13.31
C PHE A 4858 -22.98 -43.05 -13.66
N PHE A 4859 -23.03 -42.08 -14.57
CA PHE A 4859 -24.21 -41.26 -14.79
C PHE A 4859 -24.58 -41.22 -16.27
N ARG A 4860 -24.33 -42.29 -17.00
CA ARG A 4860 -24.52 -42.29 -18.45
C ARG A 4860 -25.98 -42.13 -18.85
N LYS A 4861 -26.91 -42.55 -17.99
CA LYS A 4861 -28.33 -42.58 -18.34
C LYS A 4861 -28.99 -41.23 -18.30
N PHE A 4862 -28.36 -40.24 -17.68
CA PHE A 4862 -28.96 -38.92 -17.52
C PHE A 4862 -28.61 -37.97 -18.66
N TYR A 4863 -27.90 -38.46 -19.67
CA TYR A 4863 -27.35 -37.61 -20.72
C TYR A 4863 -28.07 -37.83 -22.04
N ASN A 4864 -29.36 -38.11 -21.99
CA ASN A 4864 -30.17 -38.24 -23.19
C ASN A 4864 -30.75 -36.87 -23.53
N LYS A 4865 -30.30 -36.30 -24.64
CA LYS A 4865 -30.72 -34.96 -25.05
C LYS A 4865 -31.79 -34.98 -26.12
N SER A 4866 -32.40 -36.12 -26.38
CA SER A 4866 -33.49 -36.23 -27.35
C SER A 4866 -34.81 -36.37 -26.62
N GLU A 4867 -35.76 -35.48 -26.92
CA GLU A 4867 -37.08 -35.58 -26.34
C GLU A 4867 -37.86 -36.76 -26.91
N ASP A 4868 -37.55 -37.17 -28.14
CA ASP A 4868 -38.23 -38.30 -28.76
C ASP A 4868 -37.94 -39.58 -27.99
N GLU A 4869 -38.94 -40.46 -27.95
CA GLU A 4869 -38.82 -41.72 -27.22
C GLU A 4869 -38.30 -42.86 -28.09
N ASP A 4870 -38.02 -42.61 -29.36
CA ASP A 4870 -37.57 -43.66 -30.28
C ASP A 4870 -36.10 -43.56 -30.66
N GLU A 4871 -35.52 -42.36 -30.65
CA GLU A 4871 -34.12 -42.17 -31.03
C GLU A 4871 -33.38 -41.44 -29.91
N PRO A 4872 -32.79 -42.17 -28.95
CA PRO A 4872 -32.08 -41.53 -27.85
C PRO A 4872 -30.77 -40.92 -28.32
N ASP A 4873 -30.60 -39.62 -28.04
CA ASP A 4873 -29.38 -38.91 -28.43
C ASP A 4873 -28.46 -38.77 -27.21
N MET A 4874 -27.93 -39.93 -26.80
CA MET A 4874 -27.06 -39.97 -25.62
C MET A 4874 -25.81 -39.14 -25.86
N LYS A 4875 -25.47 -38.32 -24.87
CA LYS A 4875 -24.29 -37.47 -24.94
C LYS A 4875 -23.15 -37.95 -24.05
N CYS A 4876 -23.26 -39.13 -23.47
CA CYS A 4876 -22.19 -39.61 -22.60
C CYS A 4876 -21.94 -41.11 -22.75
N ASP A 4877 -22.41 -41.73 -23.83
CA ASP A 4877 -22.04 -43.10 -24.12
C ASP A 4877 -20.67 -43.21 -24.75
N ASP A 4878 -20.03 -42.06 -25.01
CA ASP A 4878 -18.70 -42.00 -25.58
C ASP A 4878 -17.89 -41.01 -24.74
N MET A 4879 -16.61 -41.30 -24.55
CA MET A 4879 -15.79 -40.46 -23.70
C MET A 4879 -15.52 -39.12 -24.37
N MET A 4880 -15.22 -39.14 -25.67
CA MET A 4880 -14.99 -37.90 -26.41
C MET A 4880 -16.25 -37.06 -26.47
N THR A 4881 -17.39 -37.69 -26.74
CA THR A 4881 -18.64 -36.94 -26.81
C THR A 4881 -19.03 -36.38 -25.46
N CYS A 4882 -18.80 -37.13 -24.37
CA CYS A 4882 -19.14 -36.63 -23.05
C CYS A 4882 -18.21 -35.50 -22.62
N TYR A 4883 -16.93 -35.57 -23.00
CA TYR A 4883 -16.04 -34.47 -22.71
C TYR A 4883 -16.43 -33.22 -23.49
N LEU A 4884 -16.78 -33.37 -24.77
CA LEU A 4884 -17.25 -32.24 -25.54
C LEU A 4884 -18.51 -31.65 -24.94
N PHE A 4885 -19.46 -32.50 -24.55
CA PHE A 4885 -20.70 -32.03 -23.96
C PHE A 4885 -20.45 -31.28 -22.67
N HIS A 4886 -19.61 -31.83 -21.79
CA HIS A 4886 -19.29 -31.15 -20.55
C HIS A 4886 -18.63 -29.80 -20.82
N MET A 4887 -17.50 -29.80 -21.53
CA MET A 4887 -16.75 -28.57 -21.78
C MET A 4887 -17.61 -27.52 -22.45
N TYR A 4888 -18.56 -27.91 -23.29
CA TYR A 4888 -19.39 -26.94 -23.98
C TYR A 4888 -20.53 -26.47 -23.07
N VAL A 4889 -21.47 -27.35 -22.77
CA VAL A 4889 -22.71 -26.91 -22.17
C VAL A 4889 -22.60 -26.76 -20.66
N GLY A 4890 -21.83 -27.60 -19.97
CA GLY A 4890 -21.77 -27.45 -18.53
C GLY A 4890 -20.94 -26.27 -18.09
N VAL A 4891 -20.04 -25.81 -18.95
CA VAL A 4891 -19.27 -24.62 -18.63
C VAL A 4891 -19.94 -23.35 -19.14
N ARG A 4892 -20.72 -23.44 -20.21
CA ARG A 4892 -21.49 -22.26 -20.61
C ARG A 4892 -22.82 -22.15 -19.90
N ALA A 4893 -23.19 -23.12 -19.07
CA ALA A 4893 -24.44 -23.08 -18.33
C ALA A 4893 -24.24 -22.39 -16.99
N GLY A 4894 -25.27 -21.68 -16.54
CA GLY A 4894 -25.20 -20.95 -15.29
C GLY A 4894 -25.17 -21.83 -14.06
N GLY A 4895 -25.95 -22.90 -14.07
CA GLY A 4895 -25.99 -23.85 -12.97
C GLY A 4895 -25.10 -25.06 -13.12
N GLY A 4896 -24.31 -25.13 -14.19
CA GLY A 4896 -23.45 -26.26 -14.40
C GLY A 4896 -24.05 -27.29 -15.33
N ILE A 4897 -23.63 -28.55 -15.18
CA ILE A 4897 -24.14 -29.60 -16.05
C ILE A 4897 -25.50 -30.12 -15.58
N GLY A 4898 -25.84 -29.91 -14.31
CA GLY A 4898 -27.15 -30.30 -13.81
C GLY A 4898 -28.28 -29.47 -14.36
N ASP A 4899 -27.99 -28.28 -14.88
CA ASP A 4899 -28.97 -27.48 -15.60
C ASP A 4899 -29.08 -27.89 -17.05
N GLU A 4900 -28.36 -28.93 -17.47
CA GLU A 4900 -28.38 -29.39 -18.84
C GLU A 4900 -28.62 -30.89 -18.98
N ILE A 4901 -28.61 -31.65 -17.90
CA ILE A 4901 -28.86 -33.09 -18.01
C ILE A 4901 -30.15 -33.46 -17.29
N GLU A 4902 -30.47 -34.75 -17.29
CA GLU A 4902 -31.74 -35.24 -16.77
C GLU A 4902 -31.84 -35.02 -15.27
N ASP A 4903 -33.06 -34.79 -14.81
CA ASP A 4903 -33.32 -34.57 -13.40
C ASP A 4903 -32.99 -35.83 -12.60
N PRO A 4904 -32.25 -35.73 -11.50
CA PRO A 4904 -31.83 -36.93 -10.77
C PRO A 4904 -32.83 -37.45 -9.75
N ALA A 4905 -33.90 -36.71 -9.47
CA ALA A 4905 -34.81 -37.08 -8.40
C ALA A 4905 -35.49 -38.41 -8.69
N GLY A 4906 -35.53 -39.27 -7.68
CA GLY A 4906 -36.20 -40.54 -7.75
C GLY A 4906 -35.31 -41.73 -8.04
N ASP A 4907 -34.11 -41.49 -8.57
CA ASP A 4907 -33.18 -42.57 -8.87
C ASP A 4907 -32.38 -42.94 -7.63
N GLU A 4908 -31.76 -44.12 -7.68
CA GLU A 4908 -30.90 -44.54 -6.59
C GLU A 4908 -29.68 -43.66 -6.45
N TYR A 4909 -29.20 -43.10 -7.57
CA TYR A 4909 -28.05 -42.20 -7.57
C TYR A 4909 -28.43 -40.75 -7.41
N GLU A 4910 -29.54 -40.45 -6.75
CA GLU A 4910 -29.99 -39.06 -6.64
C GLU A 4910 -29.01 -38.22 -5.83
N LEU A 4911 -28.60 -38.71 -4.67
CA LEU A 4911 -27.68 -37.93 -3.84
C LEU A 4911 -26.31 -37.83 -4.50
N TYR A 4912 -25.86 -38.88 -5.17
CA TYR A 4912 -24.59 -38.82 -5.89
C TYR A 4912 -24.66 -37.79 -7.01
N ARG A 4913 -25.77 -37.76 -7.74
CA ARG A 4913 -25.94 -36.78 -8.81
C ARG A 4913 -26.03 -35.36 -8.25
N VAL A 4914 -26.66 -35.19 -7.09
CA VAL A 4914 -26.71 -33.86 -6.48
C VAL A 4914 -25.30 -33.40 -6.10
N VAL A 4915 -24.52 -34.29 -5.48
CA VAL A 4915 -23.15 -33.94 -5.14
C VAL A 4915 -22.35 -33.63 -6.40
N PHE A 4916 -22.55 -34.43 -7.45
CA PHE A 4916 -21.90 -34.20 -8.74
C PHE A 4916 -22.19 -32.81 -9.28
N ASP A 4917 -23.47 -32.46 -9.37
CA ASP A 4917 -23.86 -31.17 -9.96
C ASP A 4917 -23.41 -30.01 -9.09
N ILE A 4918 -23.57 -30.11 -7.78
CA ILE A 4918 -23.24 -28.97 -6.92
C ILE A 4918 -21.74 -28.77 -6.85
N THR A 4919 -20.96 -29.84 -6.84
CA THR A 4919 -19.51 -29.67 -6.91
C THR A 4919 -19.09 -29.07 -8.24
N PHE A 4920 -19.73 -29.48 -9.33
CA PHE A 4920 -19.44 -28.85 -10.63
C PHE A 4920 -19.74 -27.35 -10.58
N PHE A 4921 -20.90 -26.99 -10.03
CA PHE A 4921 -21.30 -25.59 -9.96
C PHE A 4921 -20.34 -24.78 -9.09
N PHE A 4922 -19.92 -25.34 -7.95
CA PHE A 4922 -19.05 -24.60 -7.05
C PHE A 4922 -17.64 -24.50 -7.60
N PHE A 4923 -17.09 -25.60 -8.13
CA PHE A 4923 -15.69 -25.61 -8.49
C PHE A 4923 -15.44 -25.00 -9.86
N VAL A 4924 -16.29 -25.31 -10.84
CA VAL A 4924 -16.08 -24.80 -12.18
C VAL A 4924 -16.77 -23.47 -12.38
N ILE A 4925 -18.07 -23.40 -12.09
CA ILE A 4925 -18.82 -22.19 -12.38
C ILE A 4925 -18.42 -21.05 -11.44
N VAL A 4926 -18.23 -21.35 -10.17
CA VAL A 4926 -17.96 -20.30 -9.18
C VAL A 4926 -16.46 -20.10 -9.00
N ILE A 4927 -15.76 -21.15 -8.57
CA ILE A 4927 -14.36 -20.98 -8.16
C ILE A 4927 -13.48 -20.61 -9.34
N LEU A 4928 -13.59 -21.33 -10.47
CA LEU A 4928 -12.63 -21.12 -11.55
C LEU A 4928 -12.90 -19.82 -12.31
N LEU A 4929 -14.17 -19.51 -12.56
CA LEU A 4929 -14.47 -18.21 -13.17
C LEU A 4929 -14.13 -17.07 -12.23
N ALA A 4930 -14.28 -17.29 -10.92
CA ALA A 4930 -13.80 -16.31 -9.95
C ALA A 4930 -12.29 -16.14 -10.01
N ILE A 4931 -11.56 -17.23 -10.25
CA ILE A 4931 -10.11 -17.14 -10.40
C ILE A 4931 -9.77 -16.29 -11.62
N ILE A 4932 -10.46 -16.50 -12.73
CA ILE A 4932 -10.20 -15.71 -13.94
C ILE A 4932 -10.48 -14.24 -13.70
N GLN A 4933 -11.64 -13.93 -13.12
CA GLN A 4933 -11.99 -12.53 -12.88
C GLN A 4933 -11.08 -11.89 -11.86
N GLY A 4934 -10.66 -12.64 -10.83
CA GLY A 4934 -9.71 -12.13 -9.87
C GLY A 4934 -8.34 -11.90 -10.47
N LEU A 4935 -7.93 -12.73 -11.43
CA LEU A 4935 -6.69 -12.47 -12.16
C LEU A 4935 -6.77 -11.14 -12.89
N ILE A 4936 -7.90 -10.86 -13.54
CA ILE A 4936 -8.04 -9.59 -14.26
C ILE A 4936 -8.03 -8.41 -13.28
N ILE A 4937 -8.79 -8.52 -12.19
CA ILE A 4937 -8.85 -7.42 -11.22
C ILE A 4937 -7.50 -7.18 -10.56
N ASP A 4938 -6.81 -8.25 -10.19
CA ASP A 4938 -5.46 -8.11 -9.65
C ASP A 4938 -4.52 -7.49 -10.67
N ALA A 4939 -4.71 -7.76 -11.96
CA ALA A 4939 -3.90 -7.09 -12.97
C ALA A 4939 -4.14 -5.59 -12.96
N PHE A 4940 -5.41 -5.18 -12.89
CA PHE A 4940 -5.71 -3.75 -12.78
C PHE A 4940 -4.98 -3.11 -11.59
N GLY A 4941 -5.12 -3.72 -10.43
CA GLY A 4941 -4.48 -3.17 -9.23
C GLY A 4941 -2.96 -3.14 -9.32
N GLU A 4942 -2.37 -4.21 -9.87
CA GLU A 4942 -0.93 -4.30 -9.98
C GLU A 4942 -0.38 -3.24 -10.92
N LEU A 4943 -1.03 -3.04 -12.07
CA LEU A 4943 -0.57 -2.00 -12.99
C LEU A 4943 -0.71 -0.61 -12.37
N ARG A 4944 -1.80 -0.37 -11.65
CA ARG A 4944 -1.96 0.91 -10.98
C ARG A 4944 -0.83 1.15 -9.99
N ASP A 4945 -0.51 0.15 -9.17
CA ASP A 4945 0.52 0.38 -8.16
C ASP A 4945 1.92 0.46 -8.79
N GLN A 4946 2.14 -0.20 -9.93
CA GLN A 4946 3.39 -0.01 -10.63
C GLN A 4946 3.55 1.43 -11.08
N GLN A 4947 2.51 2.01 -11.68
CA GLN A 4947 2.56 3.41 -12.08
C GLN A 4947 2.80 4.31 -10.86
N GLU A 4948 2.09 4.04 -9.76
CA GLU A 4948 2.23 4.86 -8.56
C GLU A 4948 3.64 4.77 -8.00
N GLN A 4949 4.25 3.58 -8.00
CA GLN A 4949 5.58 3.42 -7.46
C GLN A 4949 6.62 4.13 -8.33
N VAL A 4950 6.46 4.06 -9.66
CA VAL A 4950 7.37 4.80 -10.53
C VAL A 4950 7.27 6.30 -10.26
N LYS A 4951 6.05 6.81 -10.15
CA LYS A 4951 5.87 8.24 -9.88
C LYS A 4951 6.47 8.62 -8.53
N GLU A 4952 6.26 7.78 -7.52
CA GLU A 4952 6.79 8.07 -6.19
C GLU A 4952 8.31 8.10 -6.18
N ASP A 4953 8.94 7.12 -6.83
CA ASP A 4953 10.40 7.13 -6.91
C ASP A 4953 10.92 8.36 -7.62
N MET A 4954 10.31 8.71 -8.75
CA MET A 4954 10.78 9.88 -9.49
C MET A 4954 10.59 11.17 -8.71
N GLU A 4955 9.50 11.30 -7.95
CA GLU A 4955 9.24 12.54 -7.24
C GLU A 4955 9.89 12.61 -5.87
N THR A 4956 10.41 11.50 -5.34
CA THR A 4956 11.09 11.54 -4.05
C THR A 4956 12.59 11.29 -4.15
N LYS A 4957 13.12 10.97 -5.32
CA LYS A 4957 14.54 10.70 -5.44
C LYS A 4957 15.05 11.29 -6.74
N CYS A 4958 16.35 11.57 -6.79
CA CYS A 4958 16.98 12.07 -7.99
C CYS A 4958 17.38 10.92 -8.89
N PHE A 4959 17.18 11.11 -10.20
CA PHE A 4959 17.49 10.05 -11.15
C PHE A 4959 18.98 9.79 -11.25
N ILE A 4960 19.79 10.85 -11.25
CA ILE A 4960 21.21 10.70 -11.54
C ILE A 4960 21.99 10.27 -10.30
N CYS A 4961 21.79 10.95 -9.18
CA CYS A 4961 22.61 10.70 -7.99
C CYS A 4961 21.91 9.88 -6.92
N GLY A 4962 20.58 9.82 -6.93
CA GLY A 4962 19.87 9.00 -5.98
C GLY A 4962 19.68 9.61 -4.60
N ILE A 4963 20.14 10.84 -4.39
CA ILE A 4963 19.93 11.50 -3.11
C ILE A 4963 18.47 11.93 -3.00
N GLY A 4964 17.84 11.59 -1.88
CA GLY A 4964 16.42 11.82 -1.74
C GLY A 4964 16.06 13.30 -1.72
N SER A 4965 14.79 13.58 -1.98
CA SER A 4965 14.31 14.95 -1.99
C SER A 4965 14.33 15.58 -0.61
N ASP A 4966 14.40 14.77 0.46
CA ASP A 4966 14.44 15.32 1.80
C ASP A 4966 15.68 16.18 2.00
N TYR A 4967 16.82 15.76 1.44
CA TYR A 4967 18.04 16.54 1.57
C TYR A 4967 17.90 17.88 0.86
N PHE A 4968 17.41 17.86 -0.38
CA PHE A 4968 17.37 19.10 -1.15
C PHE A 4968 16.28 20.04 -0.67
N ASP A 4969 15.22 19.50 -0.05
CA ASP A 4969 14.09 20.32 0.36
C ASP A 4969 14.41 21.24 1.53
N THR A 4970 15.58 21.10 2.15
CA THR A 4970 15.96 22.02 3.22
C THR A 4970 16.01 23.45 2.69
N THR A 4971 16.58 23.65 1.52
CA THR A 4971 16.39 24.89 0.78
C THR A 4971 15.05 24.84 0.07
N PRO A 4972 14.21 25.88 0.19
CA PRO A 4972 12.90 25.83 -0.45
C PRO A 4972 13.02 25.63 -1.95
N HIS A 4973 12.15 24.76 -2.48
CA HIS A 4973 12.19 24.33 -3.88
C HIS A 4973 13.55 23.74 -4.26
N GLY A 4974 14.23 23.16 -3.26
CA GLY A 4974 15.55 22.64 -3.50
C GLY A 4974 15.58 21.46 -4.44
N PHE A 4975 14.63 20.53 -4.27
CA PHE A 4975 14.62 19.35 -5.15
C PHE A 4975 14.26 19.73 -6.58
N GLU A 4976 13.30 20.64 -6.75
CA GLU A 4976 12.95 21.10 -8.10
C GLU A 4976 14.13 21.81 -8.74
N THR A 4977 14.84 22.65 -7.98
CA THR A 4977 16.02 23.32 -8.52
C THR A 4977 17.09 22.31 -8.89
N HIS A 4978 17.30 21.29 -8.05
CA HIS A 4978 18.30 20.28 -8.34
C HIS A 4978 17.99 19.51 -9.60
N THR A 4979 16.74 19.05 -9.75
CA THR A 4979 16.39 18.24 -10.91
C THR A 4979 16.25 19.06 -12.18
N LEU A 4980 15.90 20.33 -12.09
CA LEU A 4980 15.72 21.15 -13.28
C LEU A 4980 17.01 21.83 -13.72
N GLU A 4981 17.94 22.08 -12.81
CA GLU A 4981 19.19 22.77 -13.12
C GLU A 4981 20.40 21.86 -13.04
N GLU A 4982 20.59 21.20 -11.90
CA GLU A 4982 21.88 20.57 -11.61
C GLU A 4982 22.00 19.20 -12.24
N HIS A 4983 21.03 18.31 -11.98
CA HIS A 4983 21.11 16.94 -12.44
C HIS A 4983 19.98 16.61 -13.40
N ASN A 4984 19.74 17.48 -14.38
CA ASN A 4984 18.69 17.24 -15.36
C ASN A 4984 19.15 16.17 -16.35
N LEU A 4985 18.46 15.03 -16.36
CA LEU A 4985 18.81 13.96 -17.29
C LEU A 4985 18.70 14.43 -18.74
N ALA A 4986 17.79 15.36 -19.01
CA ALA A 4986 17.75 15.98 -20.33
C ALA A 4986 19.05 16.71 -20.62
N ASN A 4987 19.62 17.38 -19.62
CA ASN A 4987 20.90 18.05 -19.81
C ASN A 4987 22.02 17.06 -20.08
N TYR A 4988 21.98 15.89 -19.43
CA TYR A 4988 22.96 14.86 -19.73
C TYR A 4988 22.83 14.36 -21.18
N MET A 4989 21.59 14.18 -21.64
CA MET A 4989 21.37 13.79 -23.03
C MET A 4989 21.90 14.85 -23.99
N PHE A 4990 21.63 16.12 -23.69
CA PHE A 4990 22.11 17.21 -24.53
C PHE A 4990 23.63 17.29 -24.52
N PHE A 4991 24.25 16.97 -23.38
CA PHE A 4991 25.70 16.95 -23.33
C PHE A 4991 26.27 15.83 -24.18
N LEU A 4992 25.61 14.66 -24.19
CA LEU A 4992 26.05 13.60 -25.09
C LEU A 4992 25.92 14.01 -26.55
N MET A 4993 24.82 14.68 -26.91
CA MET A 4993 24.72 15.24 -28.26
C MET A 4993 25.89 16.18 -28.55
N TYR A 4994 26.18 17.06 -27.60
CA TYR A 4994 27.27 18.03 -27.75
C TYR A 4994 28.59 17.34 -27.99
N LEU A 4995 28.92 16.35 -27.16
CA LEU A 4995 30.18 15.65 -27.28
C LEU A 4995 30.29 14.91 -28.61
N ILE A 4996 29.22 14.23 -29.02
CA ILE A 4996 29.25 13.47 -30.27
C ILE A 4996 29.43 14.40 -31.46
N ASN A 4997 28.70 15.53 -31.46
CA ASN A 4997 28.79 16.44 -32.60
C ASN A 4997 30.12 17.17 -32.63
N LYS A 4998 30.68 17.49 -31.47
CA LYS A 4998 31.91 18.26 -31.41
C LYS A 4998 33.10 17.39 -31.76
N ASP A 4999 33.89 17.82 -32.75
CA ASP A 4999 35.09 17.09 -33.12
C ASP A 4999 36.11 17.12 -32.00
N GLU A 5000 36.85 16.02 -31.85
CA GLU A 5000 37.73 15.85 -30.70
C GLU A 5000 38.84 16.90 -30.64
N THR A 5001 39.16 17.54 -31.76
CA THR A 5001 40.23 18.53 -31.74
C THR A 5001 39.85 19.73 -30.86
N GLU A 5002 38.58 20.10 -30.85
CA GLU A 5002 38.11 21.24 -30.07
C GLU A 5002 37.65 20.87 -28.67
N HIS A 5003 37.80 19.61 -28.27
CA HIS A 5003 37.38 19.19 -26.93
C HIS A 5003 38.22 19.89 -25.87
N THR A 5004 37.56 20.31 -24.80
CA THR A 5004 38.26 20.86 -23.64
C THR A 5004 38.70 19.72 -22.74
N GLY A 5005 39.29 20.05 -21.60
CA GLY A 5005 39.84 19.01 -20.75
C GLY A 5005 38.78 18.08 -20.18
N GLN A 5006 37.74 18.67 -19.56
CA GLN A 5006 36.68 17.85 -19.00
C GLN A 5006 35.87 17.16 -20.08
N GLU A 5007 35.70 17.82 -21.22
CA GLU A 5007 35.02 17.19 -22.34
C GLU A 5007 35.77 15.97 -22.83
N SER A 5008 37.09 16.05 -22.92
CA SER A 5008 37.87 14.90 -23.36
C SER A 5008 37.89 13.80 -22.30
N TYR A 5009 37.89 14.17 -21.02
CA TYR A 5009 37.79 13.18 -19.97
C TYR A 5009 36.49 12.38 -20.09
N VAL A 5010 35.37 13.09 -20.22
CA VAL A 5010 34.08 12.42 -20.36
C VAL A 5010 34.00 11.66 -21.68
N TRP A 5011 34.63 12.19 -22.73
CA TRP A 5011 34.62 11.50 -24.02
C TRP A 5011 35.34 10.16 -23.93
N LYS A 5012 36.50 10.13 -23.28
CA LYS A 5012 37.21 8.87 -23.11
C LYS A 5012 36.43 7.91 -22.23
N MET A 5013 35.82 8.42 -21.16
CA MET A 5013 35.03 7.54 -20.30
C MET A 5013 33.80 6.99 -21.04
N TYR A 5014 33.27 7.75 -22.00
CA TYR A 5014 32.15 7.28 -22.80
C TYR A 5014 32.58 6.29 -23.86
N GLN A 5015 33.76 6.50 -24.46
CA GLN A 5015 34.29 5.54 -25.42
C GLN A 5015 34.65 4.21 -24.75
N GLU A 5016 35.09 4.25 -23.50
CA GLU A 5016 35.38 3.02 -22.77
C GLU A 5016 34.15 2.43 -22.10
N ARG A 5017 32.98 3.06 -22.25
CA ARG A 5017 31.73 2.60 -21.63
C ARG A 5017 31.86 2.49 -20.12
N CYS A 5018 32.57 3.43 -19.51
CA CYS A 5018 32.67 3.53 -18.06
C CYS A 5018 31.88 4.75 -17.60
N TRP A 5019 30.91 4.52 -16.72
CA TRP A 5019 29.96 5.55 -16.31
C TRP A 5019 30.23 6.00 -14.88
N ASP A 5020 31.49 6.14 -14.52
CA ASP A 5020 31.88 6.66 -13.22
C ASP A 5020 31.89 8.19 -13.19
N PHE A 5021 31.77 8.85 -14.34
CA PHE A 5021 31.67 10.29 -14.35
C PHE A 5021 30.29 10.80 -13.95
N PHE A 5022 29.29 9.94 -13.95
CA PHE A 5022 27.99 10.32 -13.42
C PHE A 5022 28.09 10.46 -11.90
N PRO A 5023 27.58 11.54 -11.33
CA PRO A 5023 27.66 11.69 -9.87
C PRO A 5023 26.78 10.70 -9.15
N ALA A 5024 27.38 9.74 -8.45
CA ALA A 5024 26.64 8.68 -7.77
C ALA A 5024 26.63 8.98 -6.27
N GLY A 5025 25.47 9.42 -5.77
CA GLY A 5025 25.34 9.68 -4.35
C GLY A 5025 26.00 10.95 -3.87
N ASP A 5026 26.49 11.79 -4.78
CA ASP A 5026 27.14 13.04 -4.41
C ASP A 5026 26.68 14.12 -5.38
N CYS A 5027 26.60 15.35 -4.89
CA CYS A 5027 26.18 16.48 -5.70
C CYS A 5027 27.01 17.70 -5.33
N PHE A 5028 26.83 18.76 -6.11
CA PHE A 5028 27.60 19.99 -5.87
C PHE A 5028 27.26 20.61 -4.54
N ARG A 5029 25.97 20.66 -4.18
CA ARG A 5029 25.58 21.18 -2.88
C ARG A 5029 26.17 20.33 -1.76
N LYS A 5030 26.08 19.01 -1.89
CA LYS A 5030 26.61 18.15 -0.83
C LYS A 5030 28.10 18.31 -0.69
N GLN A 5031 28.81 18.54 -1.79
CA GLN A 5031 30.26 18.67 -1.72
C GLN A 5031 30.68 20.01 -1.13
N TYR A 5032 30.03 21.09 -1.55
CA TYR A 5032 30.47 22.43 -1.15
C TYR A 5032 29.51 23.13 -0.20
N GLU A 5033 28.75 22.35 0.58
CA GLU A 5033 27.87 22.96 1.58
C GLU A 5033 28.65 23.79 2.59
N ASP A 5034 29.89 23.41 2.88
CA ASP A 5034 30.71 24.18 3.82
C ASP A 5034 30.93 25.60 3.32
N GLN A 5035 31.27 25.75 2.04
CA GLN A 5035 31.48 27.08 1.48
C GLN A 5035 30.17 27.79 1.17
N LEU A 5036 29.11 27.02 0.84
CA LEU A 5036 27.83 27.65 0.55
C LEU A 5036 27.10 28.10 1.81
N SER A 5037 27.53 27.64 2.98
CA SER A 5037 26.94 28.06 4.24
C SER A 5037 27.16 29.55 4.47
N ASN B 3950 -8.36 70.46 33.08
CA ASN B 3950 -7.34 70.90 32.13
C ASN B 3950 -6.58 69.70 31.58
N PHE B 3951 -6.99 68.50 32.01
CA PHE B 3951 -6.35 67.28 31.54
C PHE B 3951 -6.59 67.02 30.06
N SER B 3952 -7.63 67.62 29.48
CA SER B 3952 -7.92 67.40 28.07
C SER B 3952 -6.79 67.93 27.18
N LYS B 3953 -6.23 69.08 27.54
CA LYS B 3953 -5.16 69.66 26.75
C LYS B 3953 -3.91 68.78 26.78
N ALA B 3954 -3.55 68.27 27.96
CA ALA B 3954 -2.35 67.43 28.07
C ALA B 3954 -2.53 66.12 27.32
N MET B 3955 -3.69 65.50 27.46
CA MET B 3955 -3.93 64.20 26.81
C MET B 3955 -3.95 64.34 25.28
N SER B 3956 -4.50 65.44 24.77
CA SER B 3956 -4.53 65.64 23.32
C SER B 3956 -3.11 65.73 22.76
N VAL B 3957 -2.24 66.47 23.44
CA VAL B 3957 -0.84 66.55 23.02
C VAL B 3957 -0.15 65.21 23.24
N ALA B 3958 -0.48 64.53 24.35
CA ALA B 3958 0.15 63.25 24.66
C ALA B 3958 -0.15 62.19 23.60
N LYS B 3959 -1.35 62.22 23.03
CA LYS B 3959 -1.67 61.31 21.93
C LYS B 3959 -0.77 61.57 20.73
N GLN B 3960 -0.57 62.85 20.38
CA GLN B 3960 0.25 63.18 19.22
C GLN B 3960 1.69 62.75 19.41
N VAL B 3961 2.21 62.88 20.64
CA VAL B 3961 3.59 62.45 20.91
C VAL B 3961 3.72 60.95 20.72
N PHE B 3962 2.77 60.19 21.26
CA PHE B 3962 2.82 58.73 21.12
C PHE B 3962 2.58 58.32 19.68
N ASN B 3963 1.61 58.95 19.00
CA ASN B 3963 1.35 58.62 17.61
C ASN B 3963 2.55 58.94 16.73
N SER B 3964 3.20 60.08 16.98
CA SER B 3964 4.43 60.39 16.25
C SER B 3964 5.53 59.41 16.58
N LEU B 3965 5.63 58.99 17.85
CA LEU B 3965 6.62 57.99 18.21
C LEU B 3965 6.35 56.66 17.50
N THR B 3966 5.08 56.31 17.35
CA THR B 3966 4.73 55.07 16.66
C THR B 3966 5.24 55.09 15.22
N GLU B 3967 5.06 56.22 14.53
CA GLU B 3967 5.50 56.30 13.14
C GLU B 3967 7.01 56.20 13.01
N TYR B 3968 7.75 56.57 14.06
CA TYR B 3968 9.19 56.46 14.02
C TYR B 3968 9.63 54.99 13.98
N ILE B 3969 8.92 54.12 14.69
CA ILE B 3969 9.33 52.73 14.82
C ILE B 3969 8.43 51.77 14.04
N GLN B 3970 7.43 52.28 13.33
CA GLN B 3970 6.54 51.43 12.53
C GLN B 3970 7.16 51.29 11.15
N GLY B 3971 7.37 50.05 10.73
CA GLY B 3971 8.08 49.78 9.50
C GLY B 3971 9.39 49.06 9.73
N PRO B 3972 9.40 48.15 10.73
CA PRO B 3972 10.65 47.65 11.30
C PRO B 3972 11.87 48.55 11.14
N CYS B 3973 11.78 49.79 11.62
CA CYS B 3973 12.93 50.69 11.65
C CYS B 3973 13.81 50.28 12.84
N THR B 3974 14.82 49.46 12.53
CA THR B 3974 15.63 48.86 13.59
C THR B 3974 16.37 49.93 14.40
N GLY B 3975 16.90 50.94 13.73
CA GLY B 3975 17.66 51.97 14.44
C GLY B 3975 16.80 52.72 15.45
N ASN B 3976 15.61 53.13 15.05
CA ASN B 3976 14.74 53.86 15.97
C ASN B 3976 14.22 52.95 17.08
N GLN B 3977 13.98 51.68 16.77
CA GLN B 3977 13.56 50.73 17.80
C GLN B 3977 14.65 50.55 18.85
N GLN B 3978 15.90 50.43 18.42
CA GLN B 3978 17.00 50.23 19.36
C GLN B 3978 17.33 51.50 20.12
N SER B 3979 17.33 52.65 19.43
CA SER B 3979 17.68 53.91 20.09
C SER B 3979 16.67 54.26 21.18
N LEU B 3980 15.38 54.08 20.89
CA LEU B 3980 14.35 54.36 21.90
C LEU B 3980 14.45 53.38 23.07
N ALA B 3981 14.87 52.14 22.78
CA ALA B 3981 15.06 51.17 23.85
C ALA B 3981 16.17 51.60 24.81
N HIS B 3982 17.27 52.13 24.26
CA HIS B 3982 18.38 52.61 25.07
C HIS B 3982 18.09 53.93 25.76
N SER B 3983 17.03 54.64 25.38
CA SER B 3983 16.69 55.91 25.99
C SER B 3983 15.91 55.68 27.28
N ARG B 3984 15.41 56.76 27.87
CA ARG B 3984 14.65 56.69 29.12
C ARG B 3984 13.15 56.67 28.88
N LEU B 3985 12.71 56.09 27.76
CA LEU B 3985 11.28 56.02 27.48
C LEU B 3985 10.56 55.16 28.50
N TRP B 3986 11.23 54.13 29.03
CA TRP B 3986 10.58 53.22 29.97
C TRP B 3986 10.13 53.95 31.23
N ASP B 3987 10.96 54.88 31.74
CA ASP B 3987 10.58 55.64 32.92
C ASP B 3987 9.35 56.51 32.66
N ALA B 3988 9.24 57.05 31.44
CA ALA B 3988 8.07 57.85 31.09
C ALA B 3988 6.80 56.99 31.12
N VAL B 3989 6.88 55.76 30.61
CA VAL B 3989 5.71 54.89 30.59
C VAL B 3989 5.31 54.50 32.01
N VAL B 3990 6.30 54.32 32.89
CA VAL B 3990 6.00 53.94 34.27
C VAL B 3990 5.14 55.00 34.95
N GLY B 3991 5.48 56.27 34.76
CA GLY B 3991 4.66 57.34 35.31
C GLY B 3991 3.29 57.39 34.67
N PHE B 3992 3.23 57.21 33.35
CA PHE B 3992 1.94 57.25 32.66
C PHE B 3992 1.04 56.10 33.09
N LEU B 3993 1.62 54.90 33.25
CA LEU B 3993 0.82 53.76 33.73
C LEU B 3993 0.29 54.03 35.13
N HIS B 3994 1.11 54.63 35.99
CA HIS B 3994 0.64 55.00 37.32
C HIS B 3994 -0.48 56.02 37.24
N VAL B 3995 -0.35 57.01 36.35
CA VAL B 3995 -1.42 57.97 36.14
C VAL B 3995 -2.64 57.30 35.55
N PHE B 3996 -2.44 56.41 34.57
CA PHE B 3996 -3.56 55.70 33.97
C PHE B 3996 -4.30 54.85 35.00
N ALA B 3997 -3.55 54.16 35.87
CA ALA B 3997 -4.17 53.22 36.80
C ALA B 3997 -5.08 53.94 37.79
N HIS B 3998 -4.58 55.02 38.39
CA HIS B 3998 -5.34 55.69 39.44
C HIS B 3998 -6.49 56.51 38.87
N MET B 3999 -6.24 57.23 37.76
CA MET B 3999 -7.31 58.01 37.16
C MET B 3999 -8.39 57.12 36.54
N MET B 4000 -8.07 55.87 36.19
CA MET B 4000 -9.07 54.96 35.67
C MET B 4000 -10.15 54.68 36.71
N MET B 4001 -9.74 54.40 37.94
CA MET B 4001 -10.70 54.14 39.01
C MET B 4001 -11.37 55.42 39.49
N LYS B 4002 -10.60 56.50 39.61
CA LYS B 4002 -11.15 57.74 40.17
C LYS B 4002 -12.22 58.32 39.26
N LEU B 4003 -11.94 58.43 37.96
CA LEU B 4003 -12.91 59.02 37.04
C LEU B 4003 -14.09 58.09 36.80
N ALA B 4004 -13.89 56.78 36.95
CA ALA B 4004 -15.00 55.85 36.80
C ALA B 4004 -16.05 56.04 37.89
N GLN B 4005 -15.61 56.32 39.13
CA GLN B 4005 -16.54 56.49 40.23
C GLN B 4005 -17.44 57.69 40.04
N ASP B 4006 -16.89 58.78 39.51
CA ASP B 4006 -17.67 60.01 39.31
C ASP B 4006 -18.47 59.91 38.01
N SER B 4007 -19.76 60.20 38.10
CA SER B 4007 -20.64 60.12 36.94
C SER B 4007 -20.47 61.29 35.97
N SER B 4008 -19.88 62.39 36.44
CA SER B 4008 -19.69 63.56 35.59
C SER B 4008 -18.38 63.52 34.82
N GLN B 4009 -17.58 62.46 34.98
CA GLN B 4009 -16.29 62.35 34.33
C GLN B 4009 -16.31 61.39 33.15
N ILE B 4010 -17.49 61.15 32.57
CA ILE B 4010 -17.58 60.23 31.43
C ILE B 4010 -16.82 60.79 30.23
N GLU B 4011 -16.97 62.10 29.97
CA GLU B 4011 -16.27 62.70 28.84
C GLU B 4011 -14.75 62.63 29.02
N LEU B 4012 -14.28 62.91 30.23
CA LEU B 4012 -12.84 62.84 30.49
C LEU B 4012 -12.35 61.39 30.49
N LEU B 4013 -13.19 60.45 30.95
CA LEU B 4013 -12.77 59.05 30.97
C LEU B 4013 -12.54 58.52 29.56
N LYS B 4014 -13.38 58.93 28.60
CA LYS B 4014 -13.13 58.56 27.21
C LYS B 4014 -11.83 59.14 26.71
N GLU B 4015 -11.54 60.39 27.07
CA GLU B 4015 -10.27 61.01 26.67
C GLU B 4015 -9.09 60.31 27.31
N LEU B 4016 -9.30 59.65 28.44
CA LEU B 4016 -8.20 58.90 29.07
C LEU B 4016 -7.93 57.58 28.35
N LEU B 4017 -9.00 56.93 27.88
CA LEU B 4017 -8.84 55.61 27.27
C LEU B 4017 -8.09 55.68 25.95
N ASP B 4018 -8.46 56.64 25.09
CA ASP B 4018 -7.85 56.72 23.76
C ASP B 4018 -6.35 57.00 23.86
N LEU B 4019 -5.95 57.82 24.83
CA LEU B 4019 -4.52 58.01 25.06
C LEU B 4019 -3.85 56.72 25.50
N GLN B 4020 -4.53 55.96 26.37
CA GLN B 4020 -3.94 54.70 26.86
C GLN B 4020 -3.79 53.69 25.74
N LYS B 4021 -4.76 53.62 24.82
CA LYS B 4021 -4.65 52.69 23.70
C LYS B 4021 -3.49 53.07 22.79
N ASP B 4022 -3.30 54.36 22.55
CA ASP B 4022 -2.18 54.80 21.71
C ASP B 4022 -0.83 54.46 22.31
N MET B 4023 -0.76 54.27 23.63
CA MET B 4023 0.49 53.87 24.25
C MET B 4023 0.85 52.43 23.88
N VAL B 4024 -0.11 51.51 24.03
CA VAL B 4024 0.19 50.10 23.80
C VAL B 4024 0.51 49.84 22.32
N VAL B 4025 -0.08 50.64 21.42
CA VAL B 4025 0.31 50.56 20.01
C VAL B 4025 1.79 50.92 19.85
N MET B 4026 2.23 51.95 20.57
CA MET B 4026 3.65 52.27 20.57
C MET B 4026 4.47 51.14 21.16
N LEU B 4027 3.97 50.51 22.23
CA LEU B 4027 4.65 49.34 22.78
C LEU B 4027 4.64 48.18 21.78
N LEU B 4028 3.51 47.94 21.12
CA LEU B 4028 3.44 46.90 20.11
C LEU B 4028 4.32 47.22 18.90
N SER B 4029 4.55 48.51 18.63
CA SER B 4029 5.43 48.89 17.54
C SER B 4029 6.89 48.62 17.84
N LEU B 4030 7.27 48.58 19.12
CA LEU B 4030 8.61 48.22 19.52
C LEU B 4030 8.89 46.73 19.42
N LEU B 4031 7.85 45.91 19.35
CA LEU B 4031 7.98 44.46 19.28
C LEU B 4031 7.85 43.94 17.85
N GLU B 4032 7.85 44.83 16.86
CA GLU B 4032 7.86 44.39 15.48
C GLU B 4032 9.24 43.88 15.11
N GLY B 4033 9.30 42.67 14.57
CA GLY B 4033 10.57 42.06 14.24
C GLY B 4033 11.42 41.70 15.45
N ASN B 4034 10.80 41.61 16.63
CA ASN B 4034 11.55 41.30 17.84
C ASN B 4034 11.97 39.84 17.84
N VAL B 4035 13.03 39.55 18.57
CA VAL B 4035 13.55 38.19 18.70
C VAL B 4035 13.36 37.73 20.13
N VAL B 4036 13.50 36.42 20.33
CA VAL B 4036 13.46 35.88 21.68
C VAL B 4036 14.69 36.33 22.44
N ASN B 4037 14.50 36.66 23.73
CA ASN B 4037 15.56 37.19 24.58
C ASN B 4037 16.19 38.44 23.97
N GLY B 4038 15.40 39.21 23.23
CA GLY B 4038 15.91 40.42 22.62
C GLY B 4038 16.13 41.53 23.62
N MET B 4039 17.04 42.45 23.27
CA MET B 4039 17.35 43.56 24.16
C MET B 4039 16.13 44.44 24.38
N ILE B 4040 15.41 44.76 23.30
CA ILE B 4040 14.22 45.58 23.43
C ILE B 4040 13.13 44.83 24.19
N ALA B 4041 13.00 43.52 23.95
CA ALA B 4041 11.98 42.74 24.64
C ALA B 4041 12.27 42.62 26.13
N ARG B 4042 13.52 42.34 26.50
CA ARG B 4042 13.86 42.19 27.91
C ARG B 4042 13.63 43.48 28.68
N GLN B 4043 14.02 44.62 28.09
CA GLN B 4043 13.80 45.91 28.75
C GLN B 4043 12.33 46.19 28.94
N MET B 4044 11.50 45.80 27.96
CA MET B 4044 10.06 45.96 28.10
C MET B 4044 9.52 45.08 29.21
N VAL B 4045 10.02 43.86 29.34
CA VAL B 4045 9.59 42.97 30.42
C VAL B 4045 10.00 43.55 31.77
N ASP B 4046 11.23 44.05 31.87
CA ASP B 4046 11.72 44.62 33.12
C ASP B 4046 10.88 45.82 33.53
N MET B 4047 10.47 46.64 32.57
CA MET B 4047 9.57 47.75 32.87
C MET B 4047 8.21 47.24 33.35
N LEU B 4048 7.76 46.12 32.80
CA LEU B 4048 6.48 45.54 33.23
C LEU B 4048 6.54 45.07 34.68
N VAL B 4049 7.67 44.49 35.10
CA VAL B 4049 7.80 43.98 36.46
C VAL B 4049 7.72 45.13 37.46
N GLU B 4050 8.40 46.24 37.17
CA GLU B 4050 8.48 47.34 38.12
C GLU B 4050 7.10 47.96 38.35
N SER B 4051 6.30 48.11 37.30
CA SER B 4051 4.97 48.70 37.41
C SER B 4051 3.89 47.63 37.55
N SER B 4052 4.23 46.46 38.10
CA SER B 4052 3.29 45.36 38.17
C SER B 4052 2.06 45.73 39.00
N SER B 4053 2.26 46.52 40.06
CA SER B 4053 1.12 46.97 40.86
C SER B 4053 0.18 47.83 40.05
N ASN B 4054 0.72 48.75 39.24
CA ASN B 4054 -0.13 49.61 38.41
C ASN B 4054 -0.66 48.86 37.20
N VAL B 4055 0.15 47.95 36.65
CA VAL B 4055 -0.30 47.16 35.50
C VAL B 4055 -1.50 46.30 35.87
N GLU B 4056 -1.44 45.64 37.02
CA GLU B 4056 -2.55 44.79 37.44
C GLU B 4056 -3.66 45.58 38.12
N MET B 4057 -4.10 46.67 37.50
CA MET B 4057 -5.33 47.35 37.87
C MET B 4057 -6.14 47.79 36.67
N ILE B 4058 -5.52 48.00 35.51
CA ILE B 4058 -6.27 48.28 34.29
C ILE B 4058 -7.03 47.05 33.85
N LEU B 4059 -6.43 45.87 34.02
CA LEU B 4059 -7.08 44.63 33.64
C LEU B 4059 -8.37 44.43 34.41
N LYS B 4060 -8.36 44.74 35.70
CA LYS B 4060 -9.57 44.69 36.52
C LYS B 4060 -10.40 45.96 36.32
N PRO B 4176 -8.61 33.02 22.28
CA PRO B 4176 -9.85 32.89 21.50
C PRO B 4176 -9.89 33.84 20.32
N TYR B 4177 -9.41 35.07 20.52
CA TYR B 4177 -9.32 36.05 19.45
C TYR B 4177 -7.89 36.37 19.03
N LEU B 4178 -6.92 36.06 19.86
CA LEU B 4178 -5.52 36.30 19.53
C LEU B 4178 -5.11 35.33 18.42
N GLY B 4179 -5.15 35.82 17.18
CA GLY B 4179 -4.72 35.05 16.04
C GLY B 4179 -3.28 35.37 15.70
N ARG B 4180 -2.45 34.34 15.66
CA ARG B 4180 -1.03 34.50 15.40
C ARG B 4180 -0.63 33.70 14.18
N ILE B 4181 0.25 34.27 13.37
CA ILE B 4181 0.84 33.60 12.23
C ILE B 4181 2.34 33.80 12.29
N GLU B 4182 3.05 33.09 11.42
CA GLU B 4182 4.47 33.29 11.23
C GLU B 4182 4.72 33.54 9.75
N ILE B 4183 5.38 34.65 9.44
CA ILE B 4183 5.70 35.01 8.07
C ILE B 4183 7.20 35.25 7.97
N MET B 4184 7.80 34.80 6.87
CA MET B 4184 9.18 35.17 6.58
C MET B 4184 9.24 36.66 6.31
N GLY B 4185 9.80 37.43 7.25
CA GLY B 4185 9.74 38.87 7.22
C GLY B 4185 10.81 39.50 6.34
N ALA B 4186 10.81 40.83 6.34
CA ALA B 4186 11.78 41.59 5.56
C ALA B 4186 13.20 41.36 6.05
N SER B 4187 13.37 41.09 7.34
CA SER B 4187 14.68 40.90 7.95
C SER B 4187 15.27 39.53 7.66
N ARG B 4188 14.73 38.80 6.69
CA ARG B 4188 15.19 37.48 6.30
C ARG B 4188 15.05 36.45 7.43
N ARG B 4189 14.15 36.71 8.38
CA ARG B 4189 13.94 35.81 9.51
C ARG B 4189 12.45 35.59 9.72
N ILE B 4190 12.10 34.39 10.18
CA ILE B 4190 10.71 34.10 10.51
C ILE B 4190 10.31 34.91 11.73
N GLU B 4191 9.18 35.60 11.63
CA GLU B 4191 8.69 36.42 12.73
C GLU B 4191 7.20 36.18 12.90
N ARG B 4192 6.71 36.48 14.10
CA ARG B 4192 5.34 36.18 14.49
C ARG B 4192 4.50 37.44 14.53
N ILE B 4193 3.35 37.41 13.87
CA ILE B 4193 2.42 38.54 13.78
C ILE B 4193 1.16 38.20 14.58
N TYR B 4194 0.66 39.17 15.34
CA TYR B 4194 -0.54 39.00 16.13
C TYR B 4194 -1.63 39.94 15.63
N PHE B 4195 -2.86 39.42 15.53
CA PHE B 4195 -4.00 40.20 15.08
C PHE B 4195 -5.25 39.65 15.76
N GLU B 4196 -6.31 40.44 15.75
CA GLU B 4196 -7.56 40.05 16.38
C GLU B 4196 -8.48 39.43 15.35
N ILE B 4197 -9.08 38.29 15.70
CA ILE B 4197 -10.03 37.60 14.85
C ILE B 4197 -11.44 37.92 15.33
N SER B 4198 -12.30 38.36 14.43
CA SER B 4198 -13.66 38.72 14.79
C SER B 4198 -14.48 37.47 15.09
N GLU B 4199 -15.41 37.61 16.04
CA GLU B 4199 -16.23 36.47 16.44
C GLU B 4199 -17.12 35.98 15.31
N THR B 4200 -17.68 36.91 14.52
CA THR B 4200 -18.49 36.51 13.38
C THR B 4200 -17.67 35.74 12.36
N ASN B 4201 -16.44 36.19 12.11
CA ASN B 4201 -15.56 35.45 11.20
C ASN B 4201 -15.25 34.07 11.75
N ARG B 4202 -15.00 33.97 13.06
CA ARG B 4202 -14.71 32.67 13.65
C ARG B 4202 -15.90 31.72 13.53
N ALA B 4203 -17.11 32.21 13.82
CA ALA B 4203 -18.29 31.36 13.69
C ALA B 4203 -18.53 30.97 12.24
N GLN B 4204 -18.37 31.91 11.31
CA GLN B 4204 -18.58 31.60 9.90
C GLN B 4204 -17.54 30.63 9.37
N TRP B 4205 -16.34 30.63 9.96
CA TRP B 4205 -15.36 29.60 9.62
C TRP B 4205 -15.77 28.26 10.19
N GLU B 4206 -16.28 28.24 11.42
CA GLU B 4206 -16.72 26.98 12.03
C GLU B 4206 -17.99 26.43 11.39
N MET B 4207 -18.66 27.21 10.55
CA MET B 4207 -19.86 26.72 9.88
C MET B 4207 -19.57 25.45 9.09
N PRO B 4208 -20.49 24.48 9.09
CA PRO B 4208 -20.19 23.19 8.44
C PRO B 4208 -20.04 23.26 6.94
N GLN B 4209 -20.76 24.15 6.25
CA GLN B 4209 -20.57 24.29 4.81
C GLN B 4209 -19.16 24.80 4.50
N VAL B 4210 -18.67 25.76 5.29
CA VAL B 4210 -17.31 26.25 5.11
C VAL B 4210 -16.30 25.17 5.47
N LYS B 4211 -16.60 24.37 6.48
CA LYS B 4211 -15.71 23.25 6.82
C LYS B 4211 -15.62 22.27 5.64
N GLU B 4212 -16.75 21.96 5.00
CA GLU B 4212 -16.72 21.08 3.84
C GLU B 4212 -15.97 21.70 2.68
N SER B 4213 -16.13 23.01 2.47
CA SER B 4213 -15.36 23.68 1.42
C SER B 4213 -13.86 23.56 1.68
N LYS B 4214 -13.44 23.75 2.93
CA LYS B 4214 -12.04 23.58 3.29
C LYS B 4214 -11.58 22.15 3.05
N ARG B 4215 -12.41 21.17 3.42
CA ARG B 4215 -12.02 19.77 3.24
C ARG B 4215 -11.86 19.44 1.76
N GLN B 4216 -12.77 19.91 0.92
CA GLN B 4216 -12.65 19.68 -0.51
C GLN B 4216 -11.42 20.36 -1.09
N PHE B 4217 -11.13 21.58 -0.62
CA PHE B 4217 -9.91 22.25 -1.08
C PHE B 4217 -8.66 21.45 -0.70
N ILE B 4218 -8.61 20.95 0.54
CA ILE B 4218 -7.44 20.20 0.99
C ILE B 4218 -7.27 18.94 0.16
N PHE B 4219 -8.37 18.22 -0.08
CA PHE B 4219 -8.28 17.02 -0.91
C PHE B 4219 -7.80 17.36 -2.31
N ASP B 4220 -8.36 18.41 -2.91
CA ASP B 4220 -7.98 18.79 -4.26
C ASP B 4220 -6.48 19.08 -4.33
N VAL B 4221 -5.98 19.90 -3.41
CA VAL B 4221 -4.57 20.29 -3.44
C VAL B 4221 -3.68 19.07 -3.24
N VAL B 4222 -3.96 18.27 -2.20
CA VAL B 4222 -3.07 17.16 -1.88
C VAL B 4222 -3.10 16.11 -2.99
N ASN B 4223 -4.26 15.90 -3.62
CA ASN B 4223 -4.34 14.89 -4.66
C ASN B 4223 -3.71 15.38 -5.95
N GLU B 4224 -4.20 16.49 -6.51
CA GLU B 4224 -3.63 17.05 -7.73
C GLU B 4224 -3.19 18.48 -7.43
N GLY B 4225 -1.99 18.63 -6.85
CA GLY B 4225 -1.40 19.93 -6.65
C GLY B 4225 0.10 19.86 -6.76
N GLY B 4226 0.72 21.04 -6.78
CA GLY B 4226 2.16 21.15 -6.86
C GLY B 4226 2.76 21.94 -5.71
N GLU B 4227 4.06 21.78 -5.48
CA GLU B 4227 4.71 22.50 -4.40
C GLU B 4227 4.76 24.00 -4.67
N ALA B 4228 5.02 24.40 -5.92
CA ALA B 4228 5.09 25.83 -6.25
C ALA B 4228 3.69 26.43 -6.35
N GLU B 4229 2.72 25.66 -6.83
CA GLU B 4229 1.37 26.16 -7.01
C GLU B 4229 0.56 26.14 -5.72
N LYS B 4230 1.04 25.45 -4.68
CA LYS B 4230 0.21 25.22 -3.50
C LYS B 4230 -0.18 26.52 -2.82
N MET B 4231 0.78 27.44 -2.64
CA MET B 4231 0.47 28.69 -1.95
C MET B 4231 -0.46 29.58 -2.76
N GLU B 4232 -0.29 29.61 -4.09
CA GLU B 4232 -1.21 30.38 -4.93
C GLU B 4232 -2.63 29.82 -4.79
N LEU B 4233 -2.76 28.49 -4.84
CA LEU B 4233 -4.07 27.87 -4.68
C LEU B 4233 -4.65 28.12 -3.30
N PHE B 4234 -3.80 28.10 -2.27
CA PHE B 4234 -4.27 28.34 -0.92
C PHE B 4234 -4.77 29.76 -0.75
N VAL B 4235 -4.06 30.74 -1.32
CA VAL B 4235 -4.50 32.12 -1.21
C VAL B 4235 -5.79 32.33 -2.00
N SER B 4236 -5.92 31.68 -3.16
CA SER B 4236 -7.18 31.76 -3.90
C SER B 4236 -8.33 31.18 -3.10
N PHE B 4237 -8.10 30.05 -2.43
CA PHE B 4237 -9.12 29.45 -1.58
C PHE B 4237 -9.48 30.38 -0.42
N CYS B 4238 -8.48 31.01 0.18
CA CYS B 4238 -8.76 31.96 1.26
C CYS B 4238 -9.61 33.12 0.76
N GLU B 4239 -9.31 33.64 -0.43
CA GLU B 4239 -10.10 34.74 -0.96
C GLU B 4239 -11.53 34.33 -1.26
N ASP B 4240 -11.72 33.14 -1.84
CA ASP B 4240 -13.07 32.64 -2.08
C ASP B 4240 -13.82 32.49 -0.76
N THR B 4241 -13.16 31.96 0.26
CA THR B 4241 -13.80 31.81 1.56
C THR B 4241 -14.17 33.15 2.16
N ILE B 4242 -13.30 34.15 2.02
CA ILE B 4242 -13.60 35.48 2.56
C ILE B 4242 -14.82 36.07 1.88
N PHE B 4243 -14.90 35.93 0.56
CA PHE B 4243 -16.08 36.45 -0.14
C PHE B 4243 -17.34 35.71 0.28
N GLU B 4244 -17.26 34.39 0.43
CA GLU B 4244 -18.43 33.63 0.89
C GLU B 4244 -18.85 34.06 2.28
N MET B 4245 -17.89 34.34 3.16
CA MET B 4245 -18.22 34.83 4.50
C MET B 4245 -18.92 36.18 4.43
N GLN B 4246 -18.46 37.07 3.55
CA GLN B 4246 -19.13 38.36 3.39
C GLN B 4246 -20.55 38.19 2.88
N ILE B 4247 -20.75 37.29 1.92
CA ILE B 4247 -22.11 37.03 1.42
C ILE B 4247 -22.99 36.48 2.53
N ALA B 4248 -22.46 35.55 3.34
CA ALA B 4248 -23.23 34.99 4.44
C ALA B 4248 -23.58 36.06 5.46
N ALA B 4249 -22.66 36.98 5.74
CA ALA B 4249 -22.95 38.07 6.65
C ALA B 4249 -24.03 38.99 6.08
N GLN B 4250 -23.97 39.23 4.77
CA GLN B 4250 -25.01 40.05 4.13
C GLN B 4250 -26.39 39.41 4.26
N ILE B 4251 -26.47 38.10 4.02
CA ILE B 4251 -27.76 37.41 4.05
C ILE B 4251 -28.18 36.99 5.44
N SER B 4252 -27.35 37.19 6.45
CA SER B 4252 -27.71 36.79 7.80
C SER B 4252 -28.92 37.57 8.29
N GLU B 4253 -29.55 37.06 9.35
CA GLU B 4253 -30.77 37.66 9.87
C GLU B 4253 -30.50 39.08 10.36
N PRO B 4254 -31.37 40.04 10.04
CA PRO B 4254 -31.23 41.42 10.52
C PRO B 4254 -31.47 41.54 12.02
N GLY B 4542 -40.18 51.97 -1.55
CA GLY B 4542 -40.12 52.03 -0.09
C GLY B 4542 -40.32 50.67 0.56
N GLU B 4543 -41.58 50.33 0.82
CA GLU B 4543 -41.89 49.01 1.37
C GLU B 4543 -41.60 47.92 0.35
N LEU B 4544 -41.68 48.25 -0.95
CA LEU B 4544 -41.38 47.27 -1.99
C LEU B 4544 -39.93 46.83 -1.93
N GLU B 4545 -39.01 47.77 -1.72
CA GLU B 4545 -37.59 47.42 -1.70
C GLU B 4545 -37.19 46.72 -0.41
N VAL B 4546 -37.73 47.17 0.72
CA VAL B 4546 -37.40 46.54 2.00
C VAL B 4546 -37.91 45.10 2.03
N GLN B 4547 -39.12 44.87 1.54
CA GLN B 4547 -39.66 43.51 1.49
C GLN B 4547 -38.89 42.63 0.51
N ARG B 4548 -38.46 43.21 -0.62
CA ARG B 4548 -37.71 42.44 -1.60
C ARG B 4548 -36.38 41.96 -1.04
N VAL B 4549 -35.68 42.82 -0.30
CA VAL B 4549 -34.39 42.43 0.25
C VAL B 4549 -34.56 41.32 1.27
N LYS B 4550 -35.56 41.42 2.13
CA LYS B 4550 -35.79 40.38 3.13
C LYS B 4550 -36.15 39.05 2.48
N PHE B 4551 -37.01 39.07 1.46
CA PHE B 4551 -37.40 37.85 0.80
C PHE B 4551 -36.23 37.20 0.07
N LEU B 4552 -35.43 38.01 -0.63
CA LEU B 4552 -34.28 37.48 -1.36
C LEU B 4552 -33.23 36.91 -0.41
N ASN B 4553 -33.02 37.57 0.73
CA ASN B 4553 -32.09 37.03 1.72
C ASN B 4553 -32.63 35.77 2.37
N TYR B 4554 -33.95 35.70 2.56
CA TYR B 4554 -34.55 34.50 3.15
C TYR B 4554 -34.32 33.28 2.27
N LEU B 4555 -34.45 33.46 0.94
CA LEU B 4555 -34.21 32.35 0.03
C LEU B 4555 -32.76 31.89 0.06
N SER B 4556 -31.82 32.83 0.18
CA SER B 4556 -30.41 32.46 0.20
C SER B 4556 -30.05 31.69 1.46
N ARG B 4557 -30.56 32.12 2.62
CA ARG B 4557 -30.31 31.38 3.84
C ARG B 4557 -30.95 30.00 3.81
N ASN B 4558 -32.03 29.84 3.04
CA ASN B 4558 -32.78 28.60 2.96
C ASN B 4558 -32.65 27.93 1.60
N PHE B 4559 -31.54 28.15 0.91
CA PHE B 4559 -31.37 27.54 -0.40
C PHE B 4559 -31.33 26.01 -0.31
N TYR B 4560 -30.58 25.47 0.64
CA TYR B 4560 -30.43 24.02 0.74
C TYR B 4560 -31.66 23.36 1.33
N THR B 4561 -32.42 24.07 2.17
CA THR B 4561 -33.69 23.54 2.62
C THR B 4561 -34.67 23.39 1.47
N LEU B 4562 -34.73 24.39 0.58
CA LEU B 4562 -35.56 24.29 -0.61
C LEU B 4562 -35.07 23.18 -1.52
N ARG B 4563 -33.76 23.02 -1.65
CA ARG B 4563 -33.22 21.94 -2.47
C ARG B 4563 -33.60 20.58 -1.90
N PHE B 4564 -33.60 20.43 -0.58
CA PHE B 4564 -34.11 19.22 0.05
C PHE B 4564 -35.63 19.15 0.00
N LEU B 4565 -36.31 20.30 0.04
CA LEU B 4565 -37.76 20.31 -0.07
C LEU B 4565 -38.20 19.83 -1.43
N ALA B 4566 -37.47 20.22 -2.48
CA ALA B 4566 -37.81 19.75 -3.82
C ALA B 4566 -37.53 18.27 -4.00
N LEU B 4567 -36.56 17.73 -3.27
CA LEU B 4567 -36.30 16.30 -3.32
C LEU B 4567 -37.41 15.51 -2.64
N PHE B 4568 -37.96 16.04 -1.55
CA PHE B 4568 -39.12 15.42 -0.93
C PHE B 4568 -40.35 15.53 -1.82
N LEU B 4569 -40.47 16.61 -2.58
CA LEU B 4569 -41.62 16.76 -3.46
C LEU B 4569 -41.49 15.87 -4.69
N ALA B 4570 -40.27 15.54 -5.10
CA ALA B 4570 -40.09 14.60 -6.19
C ALA B 4570 -40.50 13.18 -5.77
N PHE B 4571 -40.12 12.77 -4.55
CA PHE B 4571 -40.51 11.46 -4.08
C PHE B 4571 -41.99 11.39 -3.75
N ALA B 4572 -42.56 12.48 -3.23
CA ALA B 4572 -43.99 12.49 -2.95
C ALA B 4572 -44.80 12.39 -4.24
N ILE B 4573 -44.38 13.12 -5.27
CA ILE B 4573 -45.12 13.10 -6.54
C ILE B 4573 -45.00 11.74 -7.21
N ASN B 4574 -43.79 11.17 -7.20
CA ASN B 4574 -43.59 9.89 -7.87
C ASN B 4574 -44.21 8.74 -7.10
N PHE B 4575 -44.50 8.96 -5.81
CA PHE B 4575 -45.28 7.97 -5.07
C PHE B 4575 -46.73 7.99 -5.52
N ILE B 4576 -47.25 9.16 -5.88
CA ILE B 4576 -48.60 9.22 -6.41
C ILE B 4576 -48.66 8.55 -7.78
N LEU B 4577 -47.60 8.73 -8.58
CA LEU B 4577 -47.61 8.23 -9.95
C LEU B 4577 -47.63 6.71 -10.03
N LEU B 4578 -47.24 6.02 -8.95
CA LEU B 4578 -47.35 4.57 -8.90
C LEU B 4578 -48.79 4.09 -8.83
N PHE B 4579 -49.74 5.00 -8.60
CA PHE B 4579 -51.16 4.66 -8.59
C PHE B 4579 -51.82 4.98 -9.92
N TYR B 4580 -51.02 5.22 -10.96
CA TYR B 4580 -51.57 5.50 -12.28
C TYR B 4580 -52.10 4.23 -12.93
N LYS B 4581 -52.99 4.42 -13.90
CA LYS B 4581 -53.55 3.34 -14.67
C LYS B 4581 -53.74 3.83 -16.09
N VAL B 4582 -53.87 2.88 -17.02
CA VAL B 4582 -54.20 3.19 -18.40
C VAL B 4582 -55.42 2.36 -18.77
N SER B 4583 -56.40 3.01 -19.40
CA SER B 4583 -57.60 2.34 -19.87
C SER B 4583 -57.98 2.89 -21.23
N ASP B 4584 -58.38 2.01 -22.14
CA ASP B 4584 -58.95 2.47 -23.40
C ASP B 4584 -60.27 3.21 -23.17
N SER B 4585 -61.11 2.70 -22.28
CA SER B 4585 -62.34 3.37 -21.94
C SER B 4585 -62.07 4.53 -20.97
N PRO B 4586 -62.81 5.62 -21.09
CA PRO B 4586 -62.61 6.76 -20.19
C PRO B 4586 -62.94 6.38 -18.76
N PRO B 4587 -62.28 7.00 -17.77
CA PRO B 4587 -62.56 6.72 -16.36
C PRO B 4587 -63.90 7.27 -15.90
N ASN B 4626 -57.47 4.28 -31.38
CA ASN B 4626 -58.19 4.56 -30.14
C ASN B 4626 -57.27 5.20 -29.11
N MET B 4627 -57.67 6.36 -28.60
CA MET B 4627 -56.87 7.03 -27.58
C MET B 4627 -57.05 6.35 -26.23
N VAL B 4628 -55.93 6.12 -25.55
CA VAL B 4628 -55.93 5.51 -24.22
C VAL B 4628 -56.03 6.61 -23.18
N TYR B 4629 -56.63 6.28 -22.05
CA TYR B 4629 -56.83 7.23 -20.96
C TYR B 4629 -55.93 6.86 -19.79
N TYR B 4630 -55.35 7.88 -19.16
CA TYR B 4630 -54.52 7.71 -17.98
C TYR B 4630 -55.22 8.36 -16.79
N PHE B 4631 -55.25 7.65 -15.67
CA PHE B 4631 -55.89 8.18 -14.47
C PHE B 4631 -55.26 7.56 -13.23
N LEU B 4632 -55.43 8.25 -12.11
CA LEU B 4632 -55.07 7.68 -10.82
C LEU B 4632 -56.23 6.82 -10.31
N GLU B 4633 -55.90 5.64 -9.81
CA GLU B 4633 -56.89 4.75 -9.22
C GLU B 4633 -56.60 4.60 -7.73
N GLU B 4634 -57.35 5.31 -6.91
CA GLU B 4634 -57.24 5.19 -5.46
C GLU B 4634 -58.61 5.41 -4.83
N SER B 4635 -58.93 4.56 -3.85
CA SER B 4635 -60.20 4.66 -3.15
C SER B 4635 -60.22 5.83 -2.16
N THR B 4636 -59.05 6.27 -1.69
CA THR B 4636 -59.01 7.38 -0.74
C THR B 4636 -59.55 8.66 -1.36
N GLY B 4637 -59.18 8.93 -2.61
CA GLY B 4637 -59.64 10.12 -3.29
C GLY B 4637 -58.80 11.35 -3.06
N TYR B 4638 -57.91 11.33 -2.06
CA TYR B 4638 -57.05 12.47 -1.77
C TYR B 4638 -55.80 12.49 -2.63
N MET B 4639 -55.49 11.39 -3.32
CA MET B 4639 -54.24 11.32 -4.08
C MET B 4639 -54.23 12.31 -5.23
N GLU B 4640 -55.34 12.46 -5.95
CA GLU B 4640 -55.36 13.39 -7.08
C GLU B 4640 -55.24 14.85 -6.63
N PRO B 4641 -56.02 15.34 -5.66
CA PRO B 4641 -55.77 16.72 -5.20
C PRO B 4641 -54.39 16.92 -4.61
N ALA B 4642 -53.88 15.90 -3.89
CA ALA B 4642 -52.51 15.98 -3.39
C ALA B 4642 -51.54 16.12 -4.54
N LEU B 4643 -51.73 15.36 -5.61
CA LEU B 4643 -50.84 15.43 -6.76
C LEU B 4643 -50.88 16.81 -7.40
N TRP B 4644 -52.07 17.37 -7.57
CA TRP B 4644 -52.18 18.69 -8.17
C TRP B 4644 -51.46 19.74 -7.33
N CYS B 4645 -51.79 19.80 -6.03
CA CYS B 4645 -51.18 20.81 -5.18
C CYS B 4645 -49.67 20.59 -5.05
N LEU B 4646 -49.24 19.33 -5.05
CA LEU B 4646 -47.81 19.03 -4.92
C LEU B 4646 -47.05 19.40 -6.19
N SER B 4647 -47.65 19.24 -7.36
CA SER B 4647 -46.98 19.67 -8.58
C SER B 4647 -46.87 21.19 -8.64
N LEU B 4648 -47.93 21.90 -8.27
CA LEU B 4648 -47.83 23.36 -8.21
C LEU B 4648 -46.77 23.79 -7.21
N LEU B 4649 -46.80 23.18 -6.02
CA LEU B 4649 -45.82 23.50 -4.99
C LEU B 4649 -44.41 23.18 -5.46
N HIS B 4650 -44.23 22.09 -6.20
CA HIS B 4650 -42.90 21.73 -6.66
C HIS B 4650 -42.37 22.71 -7.68
N THR B 4651 -43.21 23.15 -8.62
CA THR B 4651 -42.73 24.16 -9.57
C THR B 4651 -42.37 25.45 -8.86
N LEU B 4652 -43.20 25.84 -7.88
CA LEU B 4652 -42.89 27.02 -7.08
C LEU B 4652 -41.55 26.87 -6.37
N VAL B 4653 -41.30 25.71 -5.78
CA VAL B 4653 -40.06 25.50 -5.04
C VAL B 4653 -38.86 25.47 -5.96
N ALA B 4654 -39.01 24.90 -7.17
CA ALA B 4654 -37.91 24.93 -8.13
C ALA B 4654 -37.56 26.36 -8.53
N PHE B 4655 -38.58 27.19 -8.76
CA PHE B 4655 -38.32 28.59 -9.06
C PHE B 4655 -37.63 29.29 -7.89
N LEU B 4656 -38.09 29.03 -6.66
CA LEU B 4656 -37.45 29.63 -5.50
C LEU B 4656 -36.01 29.15 -5.35
N CYS B 4657 -35.74 27.89 -5.71
CA CYS B 4657 -34.38 27.38 -5.71
C CYS B 4657 -33.50 28.15 -6.69
N ILE B 4658 -34.02 28.43 -7.89
CA ILE B 4658 -33.26 29.19 -8.87
C ILE B 4658 -32.93 30.58 -8.32
N ILE B 4659 -33.93 31.25 -7.74
CA ILE B 4659 -33.70 32.60 -7.23
C ILE B 4659 -32.69 32.57 -6.07
N GLY B 4660 -32.86 31.63 -5.14
CA GLY B 4660 -31.92 31.53 -4.04
C GLY B 4660 -30.50 31.24 -4.49
N TYR B 4661 -30.35 30.39 -5.52
CA TYR B 4661 -29.03 30.16 -6.08
C TYR B 4661 -28.47 31.45 -6.67
N ASN B 4662 -29.27 32.18 -7.43
CA ASN B 4662 -28.79 33.41 -8.04
C ASN B 4662 -28.38 34.43 -6.99
N CYS B 4663 -29.02 34.41 -5.83
CA CYS B 4663 -28.68 35.34 -4.76
C CYS B 4663 -27.56 34.84 -3.86
N LEU B 4664 -27.27 33.54 -3.86
CA LEU B 4664 -26.29 32.96 -2.94
C LEU B 4664 -24.99 32.57 -3.64
N LYS B 4665 -25.07 31.75 -4.69
CA LYS B 4665 -23.89 31.13 -5.28
C LYS B 4665 -23.38 31.85 -6.51
N VAL B 4666 -24.21 32.60 -7.21
CA VAL B 4666 -23.79 33.36 -8.39
C VAL B 4666 -22.77 34.43 -8.01
N PRO B 4667 -22.92 35.14 -6.88
CA PRO B 4667 -21.86 36.11 -6.52
C PRO B 4667 -20.47 35.50 -6.46
N LEU B 4668 -20.31 34.27 -5.97
CA LEU B 4668 -18.98 33.68 -5.95
C LEU B 4668 -18.48 33.38 -7.35
N VAL B 4669 -19.37 32.95 -8.25
CA VAL B 4669 -18.96 32.72 -9.64
C VAL B 4669 -18.47 34.01 -10.28
N ILE B 4670 -19.21 35.10 -10.07
CA ILE B 4670 -18.81 36.38 -10.64
C ILE B 4670 -17.53 36.90 -10.01
N PHE B 4671 -17.37 36.70 -8.70
CA PHE B 4671 -16.15 37.13 -8.02
C PHE B 4671 -14.94 36.38 -8.55
N LYS B 4672 -15.06 35.06 -8.72
CA LYS B 4672 -13.97 34.27 -9.28
C LYS B 4672 -13.63 34.74 -10.68
N ARG B 4673 -14.66 34.95 -11.51
CA ARG B 4673 -14.43 35.37 -12.89
C ARG B 4673 -13.74 36.72 -12.95
N GLU B 4674 -14.22 37.69 -12.17
CA GLU B 4674 -13.62 39.01 -12.17
C GLU B 4674 -12.19 39.00 -11.66
N LYS B 4675 -11.91 38.23 -10.60
CA LYS B 4675 -10.55 38.23 -10.06
C LYS B 4675 -9.59 37.51 -11.01
N GLU B 4676 -10.04 36.44 -11.66
CA GLU B 4676 -9.18 35.80 -12.64
C GLU B 4676 -8.91 36.71 -13.83
N LEU B 4677 -9.93 37.43 -14.29
CA LEU B 4677 -9.73 38.36 -15.40
C LEU B 4677 -8.77 39.49 -15.01
N ALA B 4678 -8.91 40.01 -13.80
CA ALA B 4678 -8.03 41.08 -13.34
C ALA B 4678 -6.59 40.59 -13.24
N ARG B 4679 -6.38 39.38 -12.73
CA ARG B 4679 -5.03 38.84 -12.64
C ARG B 4679 -4.44 38.62 -14.03
N LYS B 4680 -5.24 38.10 -14.97
CA LYS B 4680 -4.74 37.91 -16.32
C LYS B 4680 -4.43 39.24 -17.00
N LEU B 4681 -5.24 40.27 -16.73
CA LEU B 4681 -4.95 41.60 -17.27
C LEU B 4681 -3.65 42.15 -16.73
N GLU B 4682 -3.43 42.03 -15.42
CA GLU B 4682 -2.30 42.72 -14.80
C GLU B 4682 -1.01 41.92 -14.92
N PHE B 4683 -0.99 40.70 -14.40
CA PHE B 4683 0.23 39.93 -14.30
C PHE B 4683 0.52 39.07 -15.52
N ASP B 4684 -0.32 39.14 -16.55
CA ASP B 4684 -0.10 38.39 -17.78
C ASP B 4684 -0.27 39.22 -19.04
N GLY B 4685 -0.98 40.34 -19.00
CA GLY B 4685 -1.20 41.13 -20.19
C GLY B 4685 -1.96 40.37 -21.26
N LEU B 4686 -3.06 39.73 -20.86
CA LEU B 4686 -3.76 38.83 -21.77
C LEU B 4686 -4.35 39.56 -22.96
N TYR B 4687 -5.11 40.62 -22.71
CA TYR B 4687 -5.76 41.36 -23.79
C TYR B 4687 -4.90 42.50 -24.30
N ILE B 4688 -3.71 42.68 -23.77
CA ILE B 4688 -2.79 43.72 -24.20
C ILE B 4688 -1.65 43.14 -25.02
N THR B 4689 -1.03 42.06 -24.55
CA THR B 4689 0.09 41.45 -25.23
C THR B 4689 -0.23 40.08 -25.81
N GLU B 4690 -1.19 39.35 -25.24
CA GLU B 4690 -1.38 37.96 -25.62
C GLU B 4690 -2.55 37.75 -26.57
N GLN B 4691 -3.68 38.44 -26.37
CA GLN B 4691 -4.81 38.36 -27.30
C GLN B 4691 -5.27 36.92 -27.55
N PRO B 4692 -6.04 36.33 -26.64
CA PRO B 4692 -6.36 34.90 -26.74
C PRO B 4692 -7.09 34.57 -28.04
N GLY B 4693 -6.87 33.34 -28.51
CA GLY B 4693 -7.47 32.89 -29.74
C GLY B 4693 -8.96 32.61 -29.60
N ASP B 4694 -9.56 32.22 -30.73
CA ASP B 4694 -10.99 31.96 -30.76
C ASP B 4694 -11.36 30.68 -30.03
N ASP B 4695 -10.38 29.79 -29.79
CA ASP B 4695 -10.66 28.56 -29.06
C ASP B 4695 -11.02 28.82 -27.60
N ASP B 4696 -10.59 29.95 -27.04
CA ASP B 4696 -10.91 30.30 -25.66
C ASP B 4696 -12.21 31.10 -25.67
N VAL B 4697 -13.32 30.38 -25.52
CA VAL B 4697 -14.63 31.04 -25.51
C VAL B 4697 -14.75 31.94 -24.30
N LYS B 4698 -14.22 31.51 -23.15
CA LYS B 4698 -14.24 32.33 -21.94
C LYS B 4698 -13.44 33.62 -22.14
N GLY B 4699 -12.23 33.49 -22.70
CA GLY B 4699 -11.41 34.67 -22.93
C GLY B 4699 -12.02 35.62 -23.94
N GLN B 4700 -12.65 35.08 -24.99
CA GLN B 4700 -13.32 35.93 -25.96
C GLN B 4700 -14.53 36.63 -25.35
N TRP B 4701 -15.29 35.92 -24.51
CA TRP B 4701 -16.45 36.54 -23.91
C TRP B 4701 -16.07 37.62 -22.91
N ASP B 4702 -14.96 37.44 -22.19
CA ASP B 4702 -14.56 38.39 -21.18
C ASP B 4702 -14.14 39.74 -21.77
N ARG B 4703 -13.98 39.83 -23.08
CA ARG B 4703 -13.67 41.10 -23.72
C ARG B 4703 -14.80 42.13 -23.57
N LEU B 4704 -16.03 41.67 -23.34
CA LEU B 4704 -17.15 42.60 -23.21
C LEU B 4704 -17.00 43.48 -21.97
N VAL B 4705 -16.48 42.93 -20.89
CA VAL B 4705 -16.51 43.62 -19.61
C VAL B 4705 -15.35 44.58 -19.41
N LEU B 4706 -14.32 44.52 -20.25
CA LEU B 4706 -13.14 45.35 -20.03
C LEU B 4706 -13.48 46.83 -20.10
N ASN B 4707 -14.31 47.22 -21.07
CA ASN B 4707 -14.64 48.62 -21.28
C ASN B 4707 -15.69 49.15 -20.33
N THR B 4708 -16.32 48.29 -19.53
CA THR B 4708 -17.46 48.71 -18.73
C THR B 4708 -17.02 49.50 -17.51
N PRO B 4709 -17.82 50.49 -17.10
CA PRO B 4709 -17.46 51.26 -15.90
C PRO B 4709 -17.32 50.40 -14.65
N SER B 4710 -18.28 49.52 -14.40
CA SER B 4710 -18.25 48.66 -13.22
C SER B 4710 -17.73 47.27 -13.57
N PHE B 4711 -16.53 47.22 -14.16
CA PHE B 4711 -15.93 45.92 -14.44
C PHE B 4711 -15.64 45.14 -13.17
N PRO B 4712 -14.97 45.68 -12.14
CA PRO B 4712 -14.98 44.99 -10.85
C PRO B 4712 -16.19 45.42 -10.03
N SER B 4713 -17.08 44.49 -9.71
CA SER B 4713 -18.25 44.83 -8.92
C SER B 4713 -18.38 43.91 -7.73
N ASN B 4714 -17.85 42.69 -7.86
CA ASN B 4714 -17.79 41.75 -6.74
C ASN B 4714 -16.38 41.60 -6.17
N TYR B 4715 -15.37 41.56 -7.02
CA TYR B 4715 -13.99 41.50 -6.55
C TYR B 4715 -13.63 42.80 -5.86
N TRP B 4716 -12.92 42.70 -4.73
CA TRP B 4716 -12.71 43.86 -3.88
C TRP B 4716 -11.76 44.87 -4.47
N ASP B 4717 -10.92 44.47 -5.42
CA ASP B 4717 -9.88 45.35 -5.94
C ASP B 4717 -10.51 46.36 -6.88
N LYS B 4718 -10.66 47.60 -6.40
CA LYS B 4718 -11.22 48.69 -7.20
C LYS B 4718 -10.15 49.45 -7.96
N PHE B 4719 -8.88 49.09 -7.82
CA PHE B 4719 -7.79 49.76 -8.50
C PHE B 4719 -7.16 48.88 -9.58
N VAL B 4720 -7.90 47.89 -10.07
CA VAL B 4720 -7.35 46.98 -11.07
C VAL B 4720 -7.04 47.73 -12.36
N LYS B 4721 -7.96 48.58 -12.80
CA LYS B 4721 -7.74 49.33 -14.04
C LYS B 4721 -6.55 50.27 -13.89
N ARG B 4722 -6.44 50.94 -12.74
CA ARG B 4722 -5.28 51.79 -12.50
C ARG B 4722 -3.99 50.99 -12.54
N LYS B 4723 -3.98 49.81 -11.93
CA LYS B 4723 -2.76 49.00 -11.88
C LYS B 4723 -2.38 48.49 -13.27
N VAL B 4724 -3.36 48.06 -14.05
CA VAL B 4724 -3.09 47.60 -15.41
C VAL B 4724 -2.55 48.74 -16.25
N LEU B 4725 -3.16 49.92 -16.13
CA LEU B 4725 -2.66 51.10 -16.83
C LEU B 4725 -1.22 51.41 -16.42
N ASP B 4726 -0.95 51.43 -15.12
CA ASP B 4726 0.39 51.79 -14.65
C ASP B 4726 1.43 50.79 -15.12
N LYS B 4727 1.07 49.51 -15.17
CA LYS B 4727 2.05 48.52 -15.60
C LYS B 4727 2.28 48.55 -17.11
N HIS B 4728 1.23 48.70 -17.91
CA HIS B 4728 1.35 48.48 -19.34
C HIS B 4728 1.28 49.74 -20.19
N GLY B 4729 1.11 50.92 -19.59
CA GLY B 4729 0.99 52.13 -20.40
C GLY B 4729 2.28 52.46 -21.14
N ASP B 4730 3.40 52.49 -20.44
CA ASP B 4730 4.65 52.91 -21.06
C ASP B 4730 5.11 51.93 -22.14
N ILE B 4731 4.52 50.75 -22.21
CA ILE B 4731 4.98 49.73 -23.15
C ILE B 4731 3.97 49.54 -24.28
N PHE B 4732 2.69 49.84 -24.03
CA PHE B 4732 1.67 49.60 -25.05
C PHE B 4732 0.75 50.78 -25.30
N GLY B 4733 1.14 52.00 -24.90
CA GLY B 4733 0.32 53.14 -25.20
C GLY B 4733 -0.69 53.42 -24.11
N ARG B 4734 -0.53 54.53 -23.39
CA ARG B 4734 -1.49 54.87 -22.36
C ARG B 4734 -2.87 55.12 -22.94
N GLU B 4735 -2.95 55.83 -24.06
CA GLU B 4735 -4.25 56.07 -24.68
C GLU B 4735 -4.88 54.76 -25.17
N ARG B 4736 -4.07 53.86 -25.73
CA ARG B 4736 -4.61 52.58 -26.18
C ARG B 4736 -5.15 51.76 -25.02
N ILE B 4737 -4.40 51.71 -23.90
CA ILE B 4737 -4.85 50.95 -22.75
C ILE B 4737 -6.10 51.58 -22.14
N ALA B 4738 -6.15 52.91 -22.10
CA ALA B 4738 -7.34 53.58 -21.57
C ALA B 4738 -8.56 53.31 -22.43
N GLU B 4739 -8.38 53.32 -23.76
CA GLU B 4739 -9.50 52.98 -24.64
C GLU B 4739 -9.94 51.54 -24.46
N LEU B 4740 -8.98 50.63 -24.28
CA LEU B 4740 -9.32 49.23 -24.08
C LEU B 4740 -10.10 49.03 -22.79
N LEU B 4741 -9.68 49.68 -21.71
CA LEU B 4741 -10.29 49.48 -20.40
C LEU B 4741 -11.41 50.44 -20.11
N GLY B 4742 -11.77 51.32 -21.04
CA GLY B 4742 -12.86 52.24 -20.82
C GLY B 4742 -12.63 53.20 -19.67
N MET B 4743 -11.41 53.73 -19.56
CA MET B 4743 -11.02 54.60 -18.47
C MET B 4743 -10.54 55.93 -19.04
N ASP B 4744 -11.02 57.03 -18.45
CA ASP B 4744 -10.72 58.36 -18.94
C ASP B 4744 -9.44 58.86 -18.28
N LEU B 4745 -8.34 58.85 -19.05
CA LEU B 4745 -7.06 59.31 -18.51
C LEU B 4745 -7.06 60.81 -18.27
N ALA B 4746 -7.87 61.56 -19.02
CA ALA B 4746 -7.96 63.00 -18.80
C ALA B 4746 -8.61 63.31 -17.45
N SER B 4747 -9.62 62.53 -17.06
CA SER B 4747 -10.27 62.73 -15.77
C SER B 4747 -9.37 62.36 -14.60
N LEU B 4748 -8.29 61.61 -14.86
CA LEU B 4748 -7.37 61.25 -13.79
C LEU B 4748 -6.65 62.48 -13.24
N GLU B 4749 -6.31 63.43 -14.10
CA GLU B 4749 -5.71 64.69 -13.68
C GLU B 4749 -6.65 65.48 -12.79
N ASP B 4772 -25.27 49.83 -16.98
CA ASP B 4772 -24.23 49.00 -17.55
C ASP B 4772 -24.82 47.81 -18.30
N VAL B 4773 -25.41 48.07 -19.46
CA VAL B 4773 -26.03 46.99 -20.23
C VAL B 4773 -24.99 46.00 -20.70
N LYS B 4774 -23.81 46.49 -21.11
CA LYS B 4774 -22.77 45.57 -21.55
C LYS B 4774 -22.29 44.68 -20.40
N TYR B 4775 -22.11 45.26 -19.21
CA TYR B 4775 -21.73 44.47 -18.05
C TYR B 4775 -22.81 43.46 -17.69
N GLN B 4776 -24.08 43.87 -17.77
CA GLN B 4776 -25.16 42.95 -17.42
C GLN B 4776 -25.26 41.81 -18.42
N ILE B 4777 -25.07 42.08 -19.71
CA ILE B 4777 -25.06 41.01 -20.70
C ILE B 4777 -23.89 40.08 -20.46
N TRP B 4778 -22.73 40.63 -20.10
CA TRP B 4778 -21.59 39.78 -19.77
C TRP B 4778 -21.91 38.88 -18.58
N LYS B 4779 -22.50 39.44 -17.54
CA LYS B 4779 -22.82 38.66 -16.35
C LYS B 4779 -23.84 37.58 -16.68
N PHE B 4780 -24.81 37.91 -17.54
CA PHE B 4780 -25.79 36.90 -17.94
C PHE B 4780 -25.13 35.77 -18.72
N GLY B 4781 -24.20 36.07 -19.60
CA GLY B 4781 -23.48 35.02 -20.29
C GLY B 4781 -22.69 34.14 -19.32
N VAL B 4782 -22.02 34.77 -18.35
CA VAL B 4782 -21.25 34.03 -17.37
C VAL B 4782 -22.15 33.11 -16.55
N ILE B 4783 -23.31 33.62 -16.13
CA ILE B 4783 -24.25 32.81 -15.35
C ILE B 4783 -24.80 31.66 -16.18
N PHE B 4784 -25.21 31.96 -17.42
CA PHE B 4784 -25.82 30.94 -18.27
C PHE B 4784 -24.83 29.91 -18.78
N THR B 4785 -23.53 30.15 -18.63
CA THR B 4785 -22.55 29.11 -18.89
C THR B 4785 -22.15 28.35 -17.63
N ASP B 4786 -22.86 28.55 -16.51
CA ASP B 4786 -22.53 27.90 -15.25
C ASP B 4786 -23.29 26.58 -15.14
N ASN B 4787 -22.56 25.51 -14.77
CA ASN B 4787 -23.15 24.18 -14.75
C ASN B 4787 -24.25 24.05 -13.71
N SER B 4788 -24.05 24.59 -12.50
CA SER B 4788 -25.06 24.45 -11.46
C SER B 4788 -26.32 25.23 -11.82
N PHE B 4789 -26.16 26.44 -12.36
CA PHE B 4789 -27.32 27.20 -12.78
C PHE B 4789 -28.04 26.50 -13.92
N LEU B 4790 -27.29 25.88 -14.84
CA LEU B 4790 -27.93 25.14 -15.93
C LEU B 4790 -28.70 23.95 -15.40
N TYR B 4791 -28.15 23.26 -14.40
CA TYR B 4791 -28.86 22.14 -13.80
C TYR B 4791 -30.14 22.61 -13.12
N LEU B 4792 -30.09 23.75 -12.43
CA LEU B 4792 -31.30 24.24 -11.77
C LEU B 4792 -32.34 24.72 -12.79
N GLY B 4793 -31.87 25.29 -13.90
CA GLY B 4793 -32.79 25.64 -14.97
C GLY B 4793 -33.42 24.42 -15.62
N TRP B 4794 -32.64 23.36 -15.79
CA TRP B 4794 -33.21 22.11 -16.29
C TRP B 4794 -34.23 21.54 -15.31
N TYR B 4795 -33.95 21.62 -14.01
CA TYR B 4795 -34.91 21.20 -13.00
C TYR B 4795 -36.20 21.97 -13.13
N MET B 4796 -36.10 23.29 -13.29
CA MET B 4796 -37.29 24.13 -13.43
C MET B 4796 -38.05 23.81 -14.72
N VAL B 4797 -37.33 23.55 -15.81
CA VAL B 4797 -37.98 23.24 -17.07
C VAL B 4797 -38.74 21.92 -16.98
N MET B 4798 -38.12 20.89 -16.41
CA MET B 4798 -38.83 19.62 -16.27
C MET B 4798 -39.98 19.73 -15.29
N SER B 4799 -39.85 20.57 -14.27
CA SER B 4799 -40.97 20.81 -13.37
C SER B 4799 -42.11 21.52 -14.10
N LEU B 4800 -41.79 22.40 -15.04
CA LEU B 4800 -42.82 23.04 -15.85
C LEU B 4800 -43.49 22.04 -16.78
N LEU B 4801 -42.72 21.12 -17.35
CA LEU B 4801 -43.28 20.08 -18.20
C LEU B 4801 -44.06 19.03 -17.41
N GLY B 4802 -43.83 18.92 -16.11
CA GLY B 4802 -44.61 18.03 -15.29
C GLY B 4802 -46.08 18.40 -15.21
N HIS B 4803 -46.41 19.63 -15.61
CA HIS B 4803 -47.81 20.03 -15.72
C HIS B 4803 -48.41 19.70 -17.07
N TYR B 4804 -47.58 19.58 -18.11
CA TYR B 4804 -48.06 19.06 -19.38
C TYR B 4804 -48.25 17.54 -19.31
N ASN B 4805 -47.31 16.84 -18.68
CA ASN B 4805 -47.38 15.41 -18.46
C ASN B 4805 -46.83 15.11 -17.08
N ASN B 4806 -47.63 14.44 -16.25
CA ASN B 4806 -47.22 14.22 -14.86
C ASN B 4806 -45.96 13.38 -14.75
N PHE B 4807 -45.67 12.53 -15.73
CA PHE B 4807 -44.54 11.61 -15.59
C PHE B 4807 -43.21 12.26 -15.88
N PHE B 4808 -43.20 13.51 -16.36
CA PHE B 4808 -41.94 14.25 -16.45
C PHE B 4808 -41.36 14.54 -15.08
N PHE B 4809 -42.13 14.40 -14.01
CA PHE B 4809 -41.63 14.55 -12.66
C PHE B 4809 -40.74 13.39 -12.24
N ALA B 4810 -40.65 12.34 -13.05
CA ALA B 4810 -39.75 11.23 -12.74
C ALA B 4810 -38.31 11.58 -13.02
N ALA B 4811 -38.04 12.61 -13.82
CA ALA B 4811 -36.67 13.04 -14.07
C ALA B 4811 -36.07 13.73 -12.85
N HIS B 4812 -36.90 14.13 -11.89
CA HIS B 4812 -36.38 14.75 -10.69
C HIS B 4812 -35.88 13.74 -9.69
N LEU B 4813 -36.22 12.45 -9.87
CA LEU B 4813 -35.62 11.42 -9.04
C LEU B 4813 -34.13 11.32 -9.29
N LEU B 4814 -33.67 11.71 -10.48
CA LEU B 4814 -32.25 11.71 -10.78
C LEU B 4814 -31.48 12.69 -9.90
N ASP B 4815 -32.17 13.61 -9.24
CA ASP B 4815 -31.53 14.57 -8.36
C ASP B 4815 -30.94 13.93 -7.11
N ILE B 4816 -31.27 12.66 -6.83
CA ILE B 4816 -30.69 12.01 -5.67
C ILE B 4816 -29.18 11.91 -5.80
N ALA B 4817 -28.68 11.74 -7.02
CA ALA B 4817 -27.24 11.70 -7.26
C ALA B 4817 -26.59 13.04 -6.95
N MET B 4818 -27.15 14.13 -7.48
CA MET B 4818 -26.63 15.46 -7.21
C MET B 4818 -26.90 15.92 -5.78
N GLY B 4819 -27.70 15.17 -5.04
CA GLY B 4819 -28.04 15.44 -3.66
C GLY B 4819 -27.19 14.58 -2.74
N VAL B 4820 -27.71 13.40 -2.37
CA VAL B 4820 -27.09 12.57 -1.34
C VAL B 4820 -25.61 12.38 -1.62
N LYS B 4821 -24.79 12.74 -0.64
CA LYS B 4821 -23.34 12.59 -0.77
C LYS B 4821 -22.93 11.12 -0.82
N THR B 4822 -23.65 10.25 -0.11
CA THR B 4822 -23.36 8.82 -0.19
C THR B 4822 -23.57 8.30 -1.60
N LEU B 4823 -24.68 8.69 -2.24
CA LEU B 4823 -24.94 8.26 -3.60
C LEU B 4823 -23.92 8.85 -4.56
N ARG B 4824 -23.54 10.10 -4.35
CA ARG B 4824 -22.53 10.70 -5.22
C ARG B 4824 -21.19 9.98 -5.09
N THR B 4825 -20.82 9.58 -3.87
CA THR B 4825 -19.59 8.82 -3.67
C THR B 4825 -19.68 7.44 -4.31
N ILE B 4826 -20.83 6.79 -4.21
CA ILE B 4826 -20.99 5.48 -4.84
C ILE B 4826 -20.88 5.60 -6.36
N LEU B 4827 -21.48 6.64 -6.93
CA LEU B 4827 -21.43 6.83 -8.38
C LEU B 4827 -20.08 7.34 -8.86
N SER B 4828 -19.27 7.91 -7.97
CA SER B 4828 -17.91 8.25 -8.36
C SER B 4828 -17.11 7.01 -8.73
N SER B 4829 -17.45 5.86 -8.17
CA SER B 4829 -16.77 4.63 -8.59
C SER B 4829 -17.08 4.29 -10.04
N VAL B 4830 -18.32 4.54 -10.47
CA VAL B 4830 -18.66 4.32 -11.87
C VAL B 4830 -18.02 5.37 -12.77
N THR B 4831 -18.02 6.63 -12.35
CA THR B 4831 -17.53 7.70 -13.21
C THR B 4831 -16.02 7.87 -13.18
N HIS B 4832 -15.32 7.27 -12.22
CA HIS B 4832 -13.88 7.46 -12.12
C HIS B 4832 -13.15 6.87 -13.31
N ASN B 4833 -13.54 5.66 -13.72
CA ASN B 4833 -13.01 5.00 -14.91
C ASN B 4833 -14.03 5.04 -16.04
N GLY B 4834 -14.76 6.14 -16.19
CA GLY B 4834 -15.80 6.20 -17.20
C GLY B 4834 -15.26 6.13 -18.61
N LYS B 4835 -14.12 6.77 -18.84
CA LYS B 4835 -13.49 6.70 -20.16
C LYS B 4835 -13.10 5.26 -20.49
N GLN B 4836 -12.53 4.55 -19.53
CA GLN B 4836 -12.18 3.15 -19.74
C GLN B 4836 -13.41 2.29 -19.91
N LEU B 4837 -14.50 2.62 -19.22
CA LEU B 4837 -15.74 1.85 -19.37
C LEU B 4837 -16.32 2.01 -20.76
N VAL B 4838 -16.38 3.25 -21.27
CA VAL B 4838 -16.93 3.42 -22.61
C VAL B 4838 -15.99 2.84 -23.66
N MET B 4839 -14.67 2.90 -23.42
CA MET B 4839 -13.74 2.26 -24.34
C MET B 4839 -13.91 0.76 -24.35
N THR B 4840 -14.16 0.16 -23.18
CA THR B 4840 -14.40 -1.28 -23.11
C THR B 4840 -15.71 -1.66 -23.77
N VAL B 4841 -16.74 -0.80 -23.68
CA VAL B 4841 -17.98 -1.05 -24.41
C VAL B 4841 -17.74 -1.01 -25.92
N GLY B 4842 -16.94 -0.04 -26.38
CA GLY B 4842 -16.60 0.01 -27.80
C GLY B 4842 -15.79 -1.20 -28.24
N LEU B 4843 -14.91 -1.67 -27.37
CA LEU B 4843 -14.16 -2.90 -27.67
C LEU B 4843 -15.10 -4.10 -27.76
N LEU B 4844 -16.07 -4.18 -26.86
CA LEU B 4844 -17.06 -5.25 -26.96
C LEU B 4844 -17.83 -5.17 -28.27
N ALA B 4845 -18.21 -3.96 -28.66
CA ALA B 4845 -18.90 -3.77 -29.94
C ALA B 4845 -18.05 -4.21 -31.13
N VAL B 4846 -16.76 -3.90 -31.12
CA VAL B 4846 -15.87 -4.32 -32.20
C VAL B 4846 -15.73 -5.84 -32.24
N VAL B 4847 -15.50 -6.48 -31.08
CA VAL B 4847 -15.26 -7.92 -31.11
C VAL B 4847 -16.54 -8.66 -31.47
N VAL B 4848 -17.70 -8.16 -31.04
CA VAL B 4848 -18.95 -8.76 -31.47
C VAL B 4848 -19.18 -8.53 -32.96
N TYR B 4849 -18.69 -7.42 -33.52
CA TYR B 4849 -18.72 -7.26 -34.96
C TYR B 4849 -17.89 -8.32 -35.66
N LEU B 4850 -16.73 -8.65 -35.10
CA LEU B 4850 -15.87 -9.67 -35.70
C LEU B 4850 -16.56 -11.04 -35.67
N TYR B 4851 -17.14 -11.39 -34.53
CA TYR B 4851 -17.92 -12.64 -34.46
C TYR B 4851 -19.08 -12.60 -35.44
N THR B 4852 -19.69 -11.43 -35.64
CA THR B 4852 -20.77 -11.31 -36.60
C THR B 4852 -20.28 -11.57 -38.02
N VAL B 4853 -19.10 -11.06 -38.36
CA VAL B 4853 -18.52 -11.32 -39.68
C VAL B 4853 -18.35 -12.82 -39.88
N VAL B 4854 -17.76 -13.49 -38.88
CA VAL B 4854 -17.51 -14.92 -39.01
C VAL B 4854 -18.81 -15.69 -39.13
N ALA B 4855 -19.82 -15.32 -38.34
CA ALA B 4855 -21.12 -15.97 -38.43
C ALA B 4855 -21.77 -15.73 -39.77
N PHE B 4856 -21.85 -14.49 -40.21
CA PHE B 4856 -22.51 -14.17 -41.47
C PHE B 4856 -21.84 -14.86 -42.64
N ASN B 4857 -20.55 -15.18 -42.53
CA ASN B 4857 -19.89 -15.85 -43.65
C ASN B 4857 -19.89 -17.37 -43.55
N PHE B 4858 -20.00 -17.96 -42.36
CA PHE B 4858 -19.87 -19.41 -42.25
C PHE B 4858 -20.99 -20.13 -41.51
N PHE B 4859 -21.83 -19.45 -40.73
CA PHE B 4859 -22.76 -20.09 -39.82
C PHE B 4859 -24.17 -19.55 -40.02
N ARG B 4860 -24.52 -19.16 -41.25
CA ARG B 4860 -25.81 -18.52 -41.49
C ARG B 4860 -26.99 -19.41 -41.22
N LYS B 4861 -26.82 -20.73 -41.35
CA LYS B 4861 -27.93 -21.68 -41.26
C LYS B 4861 -28.40 -21.94 -39.84
N PHE B 4862 -27.61 -21.56 -38.84
CA PHE B 4862 -27.94 -21.84 -37.46
C PHE B 4862 -28.73 -20.71 -36.80
N TYR B 4863 -29.08 -19.69 -37.56
CA TYR B 4863 -29.67 -18.47 -37.01
C TYR B 4863 -31.15 -18.35 -37.39
N ASN B 4864 -31.84 -19.48 -37.48
CA ASN B 4864 -33.27 -19.48 -37.74
C ASN B 4864 -34.00 -19.45 -36.40
N LYS B 4865 -34.68 -18.34 -36.11
CA LYS B 4865 -35.36 -18.16 -34.84
C LYS B 4865 -36.85 -18.41 -34.92
N SER B 4866 -37.33 -19.01 -36.00
CA SER B 4866 -38.73 -19.36 -36.15
C SER B 4866 -38.91 -20.85 -35.98
N GLU B 4867 -39.78 -21.25 -35.05
CA GLU B 4867 -40.08 -22.66 -34.86
C GLU B 4867 -40.91 -23.22 -36.01
N ASP B 4868 -41.68 -22.36 -36.69
CA ASP B 4868 -42.49 -22.80 -37.82
C ASP B 4868 -41.59 -23.29 -38.95
N GLU B 4869 -42.07 -24.30 -39.67
CA GLU B 4869 -41.31 -24.89 -40.77
C GLU B 4869 -41.62 -24.24 -42.11
N ASP B 4870 -42.50 -23.25 -42.16
CA ASP B 4870 -42.88 -22.60 -43.41
C ASP B 4870 -42.33 -21.20 -43.58
N GLU B 4871 -42.09 -20.47 -42.48
CA GLU B 4871 -41.58 -19.10 -42.55
C GLU B 4871 -40.30 -18.98 -41.73
N PRO B 4872 -39.13 -19.20 -42.33
CA PRO B 4872 -37.87 -19.12 -41.59
C PRO B 4872 -37.54 -17.67 -41.25
N ASP B 4873 -37.32 -17.41 -39.96
CA ASP B 4873 -36.97 -16.06 -39.50
C ASP B 4873 -35.47 -15.98 -39.26
N MET B 4874 -34.73 -16.04 -40.36
CA MET B 4874 -33.27 -16.01 -40.30
C MET B 4874 -32.79 -14.70 -39.69
N LYS B 4875 -31.85 -14.80 -38.75
CA LYS B 4875 -31.29 -13.63 -38.09
C LYS B 4875 -29.87 -13.32 -38.53
N CYS B 4876 -29.36 -13.99 -39.56
CA CYS B 4876 -28.00 -13.74 -39.99
C CYS B 4876 -27.85 -13.78 -41.51
N ASP B 4877 -28.94 -13.68 -42.26
CA ASP B 4877 -28.85 -13.53 -43.70
C ASP B 4877 -28.54 -12.11 -44.11
N ASP B 4878 -28.47 -11.20 -43.13
CA ASP B 4878 -28.15 -9.80 -43.35
C ASP B 4878 -27.09 -9.41 -42.33
N MET B 4879 -26.15 -8.56 -42.75
CA MET B 4879 -25.06 -8.19 -41.87
C MET B 4879 -25.55 -7.30 -40.73
N MET B 4880 -26.42 -6.34 -41.04
CA MET B 4880 -26.97 -5.47 -40.01
C MET B 4880 -27.84 -6.26 -39.04
N THR B 4881 -28.67 -7.16 -39.55
CA THR B 4881 -29.52 -7.96 -38.68
C THR B 4881 -28.71 -8.90 -37.82
N CYS B 4882 -27.64 -9.49 -38.37
CA CYS B 4882 -26.82 -10.40 -37.58
C CYS B 4882 -26.01 -9.65 -36.52
N TYR B 4883 -25.56 -8.43 -36.83
CA TYR B 4883 -24.90 -7.63 -35.82
C TYR B 4883 -25.85 -7.23 -34.71
N LEU B 4884 -27.07 -6.83 -35.06
CA LEU B 4884 -28.06 -6.53 -34.04
C LEU B 4884 -28.37 -7.74 -33.19
N PHE B 4885 -28.54 -8.90 -33.82
CA PHE B 4885 -28.84 -10.12 -33.09
C PHE B 4885 -27.71 -10.48 -32.14
N HIS B 4886 -26.47 -10.42 -32.61
CA HIS B 4886 -25.33 -10.72 -31.75
C HIS B 4886 -25.27 -9.74 -30.58
N MET B 4887 -25.18 -8.44 -30.86
CA MET B 4887 -25.05 -7.43 -29.81
C MET B 4887 -26.18 -7.51 -28.80
N TYR B 4888 -27.38 -7.88 -29.23
CA TYR B 4888 -28.50 -7.95 -28.31
C TYR B 4888 -28.48 -9.26 -27.53
N VAL B 4889 -28.71 -10.38 -28.20
CA VAL B 4889 -29.00 -11.61 -27.49
C VAL B 4889 -27.72 -12.34 -27.07
N GLY B 4890 -26.65 -12.29 -27.86
CA GLY B 4890 -25.46 -13.02 -27.44
C GLY B 4890 -24.72 -12.34 -26.31
N VAL B 4891 -24.92 -11.04 -26.15
CA VAL B 4891 -24.30 -10.34 -25.03
C VAL B 4891 -25.22 -10.32 -23.81
N ARG B 4892 -26.53 -10.36 -24.00
CA ARG B 4892 -27.40 -10.49 -22.83
C ARG B 4892 -27.62 -11.92 -22.41
N ALA B 4893 -27.09 -12.90 -23.15
CA ALA B 4893 -27.23 -14.30 -22.80
C ALA B 4893 -26.09 -14.75 -21.90
N GLY B 4894 -26.40 -15.67 -20.98
CA GLY B 4894 -25.40 -16.14 -20.05
C GLY B 4894 -24.33 -17.01 -20.66
N GLY B 4895 -24.70 -17.86 -21.60
CA GLY B 4895 -23.76 -18.71 -22.31
C GLY B 4895 -23.26 -18.18 -23.63
N GLY B 4896 -23.65 -16.97 -24.01
CA GLY B 4896 -23.22 -16.41 -25.26
C GLY B 4896 -24.24 -16.60 -26.37
N ILE B 4897 -23.78 -16.62 -27.62
CA ILE B 4897 -24.68 -16.77 -28.74
C ILE B 4897 -25.06 -18.23 -28.98
N GLY B 4898 -24.26 -19.17 -28.47
CA GLY B 4898 -24.59 -20.59 -28.59
C GLY B 4898 -25.77 -21.00 -27.74
N ASP B 4899 -26.11 -20.22 -26.72
CA ASP B 4899 -27.33 -20.42 -25.96
C ASP B 4899 -28.53 -19.78 -26.63
N GLU B 4900 -28.37 -19.20 -27.81
CA GLU B 4900 -29.44 -18.54 -28.52
C GLU B 4900 -29.58 -18.99 -29.97
N ILE B 4901 -28.63 -19.76 -30.51
CA ILE B 4901 -28.75 -20.21 -31.90
C ILE B 4901 -28.90 -21.72 -31.95
N GLU B 4902 -28.99 -22.26 -33.16
CA GLU B 4902 -29.27 -23.67 -33.36
C GLU B 4902 -28.14 -24.55 -32.85
N ASP B 4903 -28.50 -25.73 -32.38
CA ASP B 4903 -27.53 -26.68 -31.86
C ASP B 4903 -26.60 -27.13 -32.98
N PRO B 4904 -25.28 -27.14 -32.75
CA PRO B 4904 -24.35 -27.48 -33.84
C PRO B 4904 -24.08 -28.96 -34.01
N ALA B 4905 -24.54 -29.81 -33.10
CA ALA B 4905 -24.18 -31.22 -33.13
C ALA B 4905 -24.70 -31.89 -34.39
N GLY B 4906 -23.84 -32.68 -35.03
CA GLY B 4906 -24.19 -33.45 -36.20
C GLY B 4906 -23.81 -32.84 -37.52
N ASP B 4907 -23.54 -31.53 -37.55
CA ASP B 4907 -23.16 -30.85 -38.77
C ASP B 4907 -21.66 -30.99 -39.00
N GLU B 4908 -21.24 -30.73 -40.24
CA GLU B 4908 -19.82 -30.75 -40.55
C GLU B 4908 -19.07 -29.65 -39.82
N TYR B 4909 -19.72 -28.52 -39.56
CA TYR B 4909 -19.13 -27.40 -38.84
C TYR B 4909 -19.34 -27.48 -37.34
N GLU B 4910 -19.48 -28.67 -36.78
CA GLU B 4910 -19.77 -28.78 -35.35
C GLU B 4910 -18.62 -28.27 -34.50
N LEU B 4911 -17.40 -28.71 -34.80
CA LEU B 4911 -16.25 -28.27 -34.01
C LEU B 4911 -15.99 -26.78 -34.21
N TYR B 4912 -16.18 -26.27 -35.43
CA TYR B 4912 -16.02 -24.84 -35.67
C TYR B 4912 -17.04 -24.04 -34.88
N ARG B 4913 -18.29 -24.51 -34.85
CA ARG B 4913 -19.32 -23.84 -34.08
C ARG B 4913 -19.05 -23.91 -32.58
N VAL B 4914 -18.49 -25.02 -32.11
CA VAL B 4914 -18.14 -25.12 -30.69
C VAL B 4914 -17.05 -24.11 -30.35
N VAL B 4915 -16.01 -24.03 -31.20
CA VAL B 4915 -14.97 -23.04 -30.97
C VAL B 4915 -15.54 -21.63 -31.02
N PHE B 4916 -16.44 -21.37 -31.98
CA PHE B 4916 -17.11 -20.08 -32.09
C PHE B 4916 -17.83 -19.71 -30.80
N ASP B 4917 -18.69 -20.61 -30.31
CA ASP B 4917 -19.49 -20.31 -29.12
C ASP B 4917 -18.62 -20.17 -27.88
N ILE B 4918 -17.65 -21.06 -27.70
CA ILE B 4918 -16.86 -21.03 -26.47
C ILE B 4918 -15.94 -19.82 -26.46
N THR B 4919 -15.38 -19.43 -27.61
CA THR B 4919 -14.60 -18.21 -27.64
C THR B 4919 -15.47 -17.00 -27.36
N PHE B 4920 -16.70 -16.99 -27.90
CA PHE B 4920 -17.62 -15.89 -27.57
C PHE B 4920 -17.88 -15.83 -26.06
N PHE B 4921 -18.15 -16.98 -25.45
CA PHE B 4921 -18.44 -17.04 -24.03
C PHE B 4921 -17.24 -16.58 -23.20
N PHE B 4922 -16.04 -17.01 -23.57
CA PHE B 4922 -14.85 -16.66 -22.80
C PHE B 4922 -14.48 -15.19 -22.99
N PHE B 4923 -14.49 -14.70 -24.23
CA PHE B 4923 -13.96 -13.38 -24.50
C PHE B 4923 -14.97 -12.29 -24.20
N VAL B 4924 -16.22 -12.48 -24.58
CA VAL B 4924 -17.23 -11.45 -24.38
C VAL B 4924 -17.90 -11.60 -23.03
N ILE B 4925 -18.43 -12.78 -22.73
CA ILE B 4925 -19.21 -12.95 -21.52
C ILE B 4925 -18.31 -12.91 -20.29
N VAL B 4926 -17.15 -13.54 -20.35
CA VAL B 4926 -16.28 -13.64 -19.18
C VAL B 4926 -15.28 -12.51 -19.14
N ILE B 4927 -14.43 -12.42 -20.17
CA ILE B 4927 -13.29 -11.49 -20.10
C ILE B 4927 -13.76 -10.04 -20.09
N LEU B 4928 -14.67 -9.66 -20.99
CA LEU B 4928 -14.99 -8.25 -21.12
C LEU B 4928 -15.87 -7.74 -19.97
N LEU B 4929 -16.84 -8.55 -19.55
CA LEU B 4929 -17.62 -8.16 -18.37
C LEU B 4929 -16.75 -8.17 -17.12
N ALA B 4930 -15.76 -9.07 -17.06
CA ALA B 4930 -14.78 -9.02 -15.98
C ALA B 4930 -13.96 -7.74 -16.02
N ILE B 4931 -13.64 -7.27 -17.22
CA ILE B 4931 -12.91 -6.00 -17.36
C ILE B 4931 -13.77 -4.85 -16.82
N ILE B 4932 -15.05 -4.84 -17.15
CA ILE B 4932 -15.93 -3.78 -16.65
C ILE B 4932 -16.03 -3.81 -15.13
N GLN B 4933 -16.26 -5.00 -14.57
CA GLN B 4933 -16.39 -5.10 -13.12
C GLN B 4933 -15.09 -4.81 -12.41
N GLY B 4934 -13.95 -5.22 -13.00
CA GLY B 4934 -12.66 -4.88 -12.44
C GLY B 4934 -12.35 -3.40 -12.51
N LEU B 4935 -12.82 -2.71 -13.55
CA LEU B 4935 -12.70 -1.26 -13.60
C LEU B 4935 -13.45 -0.62 -12.44
N ILE B 4936 -14.66 -1.10 -12.15
CA ILE B 4936 -15.42 -0.53 -11.04
C ILE B 4936 -14.73 -0.81 -9.70
N ILE B 4937 -14.28 -2.06 -9.50
CA ILE B 4937 -13.63 -2.41 -8.23
C ILE B 4937 -12.32 -1.65 -8.05
N ASP B 4938 -11.53 -1.53 -9.11
CA ASP B 4938 -10.32 -0.73 -9.04
C ASP B 4938 -10.63 0.73 -8.76
N ALA B 4939 -11.76 1.24 -9.25
CA ALA B 4939 -12.15 2.60 -8.90
C ALA B 4939 -12.41 2.73 -7.40
N PHE B 4940 -13.14 1.77 -6.82
CA PHE B 4940 -13.34 1.78 -5.37
C PHE B 4940 -12.01 1.84 -4.62
N GLY B 4941 -11.10 0.94 -4.97
CA GLY B 4941 -9.81 0.90 -4.29
C GLY B 4941 -8.99 2.17 -4.48
N GLU B 4942 -9.00 2.71 -5.70
CA GLU B 4942 -8.23 3.91 -5.99
C GLU B 4942 -8.75 5.11 -5.22
N LEU B 4943 -10.08 5.27 -5.16
CA LEU B 4943 -10.63 6.38 -4.39
C LEU B 4943 -10.33 6.24 -2.90
N ARG B 4944 -10.41 5.01 -2.38
CA ARG B 4944 -10.06 4.79 -0.99
C ARG B 4944 -8.62 5.19 -0.71
N ASP B 4945 -7.69 4.77 -1.57
CA ASP B 4945 -6.30 5.07 -1.28
C ASP B 4945 -5.99 6.55 -1.51
N GLN B 4946 -6.72 7.23 -2.39
CA GLN B 4946 -6.57 8.67 -2.51
C GLN B 4946 -6.96 9.36 -1.22
N GLN B 4947 -8.10 8.99 -0.64
CA GLN B 4947 -8.50 9.56 0.64
C GLN B 4947 -7.46 9.26 1.72
N GLU B 4948 -6.96 8.02 1.77
CA GLU B 4948 -5.98 7.65 2.77
C GLU B 4948 -4.69 8.44 2.62
N GLN B 4949 -4.24 8.66 1.37
CA GLN B 4949 -3.01 9.39 1.15
C GLN B 4949 -3.16 10.86 1.53
N VAL B 4950 -4.32 11.46 1.23
CA VAL B 4950 -4.55 12.83 1.66
C VAL B 4950 -4.50 12.94 3.19
N LYS B 4951 -5.18 12.01 3.87
CA LYS B 4951 -5.18 12.03 5.33
C LYS B 4951 -3.77 11.84 5.88
N GLU B 4952 -3.02 10.91 5.29
CA GLU B 4952 -1.65 10.66 5.76
C GLU B 4952 -0.76 11.87 5.59
N ASP B 4953 -0.83 12.53 4.43
CA ASP B 4953 -0.03 13.74 4.23
C ASP B 4953 -0.41 14.82 5.23
N MET B 4954 -1.70 15.04 5.43
CA MET B 4954 -2.12 16.09 6.36
C MET B 4954 -1.71 15.78 7.79
N GLU B 4955 -1.75 14.52 8.20
CA GLU B 4955 -1.43 14.19 9.59
C GLU B 4955 0.05 13.95 9.83
N THR B 4956 0.87 13.83 8.79
CA THR B 4956 2.31 13.66 8.99
C THR B 4956 3.13 14.85 8.53
N LYS B 4957 2.52 15.86 7.92
CA LYS B 4957 3.28 17.01 7.45
C LYS B 4957 2.49 18.27 7.70
N CYS B 4958 3.19 19.40 7.80
CA CYS B 4958 2.55 20.69 7.97
C CYS B 4958 2.16 21.26 6.62
N PHE B 4959 0.97 21.87 6.58
CA PHE B 4959 0.47 22.42 5.32
C PHE B 4959 1.29 23.61 4.86
N ILE B 4960 1.68 24.49 5.79
CA ILE B 4960 2.29 25.75 5.40
C ILE B 4960 3.78 25.59 5.12
N CYS B 4961 4.52 24.95 6.02
CA CYS B 4961 5.97 24.88 5.90
C CYS B 4961 6.49 23.54 5.40
N GLY B 4962 5.70 22.48 5.51
CA GLY B 4962 6.12 21.19 5.00
C GLY B 4962 7.07 20.41 5.88
N ILE B 4963 7.41 20.92 7.06
CA ILE B 4963 8.26 20.18 7.98
C ILE B 4963 7.46 19.05 8.60
N GLY B 4964 8.02 17.84 8.58
CA GLY B 4964 7.27 16.68 9.01
C GLY B 4964 6.96 16.70 10.50
N SER B 4965 5.98 15.90 10.88
CA SER B 4965 5.58 15.82 12.28
C SER B 4965 6.65 15.20 13.16
N ASP B 4966 7.62 14.48 12.57
CA ASP B 4966 8.67 13.88 13.36
C ASP B 4966 9.50 14.95 14.07
N TYR B 4967 9.75 16.07 13.41
CA TYR B 4967 10.51 17.15 14.03
C TYR B 4967 9.75 17.73 15.21
N PHE B 4968 8.46 18.03 15.02
CA PHE B 4968 7.72 18.70 16.08
C PHE B 4968 7.39 17.76 17.23
N ASP B 4969 7.30 16.46 16.97
CA ASP B 4969 6.91 15.50 17.99
C ASP B 4969 7.96 15.30 19.06
N THR B 4970 9.17 15.86 18.90
CA THR B 4970 10.17 15.78 19.94
C THR B 4970 9.65 16.41 21.23
N THR B 4971 9.04 17.57 21.12
CA THR B 4971 8.23 18.11 22.21
C THR B 4971 6.87 17.42 22.20
N PRO B 4972 6.39 16.91 23.34
CA PRO B 4972 5.11 16.21 23.35
C PRO B 4972 3.98 17.10 22.84
N HIS B 4973 3.12 16.52 22.01
CA HIS B 4973 2.04 17.24 21.31
C HIS B 4973 2.59 18.40 20.49
N GLY B 4974 3.84 18.26 20.03
CA GLY B 4974 4.47 19.34 19.31
C GLY B 4974 3.82 19.63 17.97
N PHE B 4975 3.48 18.58 17.21
CA PHE B 4975 2.86 18.80 15.91
C PHE B 4975 1.47 19.40 16.05
N GLU B 4976 0.69 18.93 17.02
CA GLU B 4976 -0.63 19.50 17.25
C GLU B 4976 -0.52 20.96 17.66
N THR B 4977 0.44 21.28 18.54
CA THR B 4977 0.64 22.68 18.93
C THR B 4977 1.06 23.53 17.73
N HIS B 4978 1.94 22.99 16.88
CA HIS B 4978 2.38 23.73 15.71
C HIS B 4978 1.24 24.02 14.76
N THR B 4979 0.43 23.01 14.45
CA THR B 4979 -0.64 23.20 13.48
C THR B 4979 -1.83 23.98 14.04
N LEU B 4980 -2.06 23.92 15.35
CA LEU B 4980 -3.19 24.63 15.93
C LEU B 4980 -2.84 26.06 16.35
N GLU B 4981 -1.58 26.34 16.65
CA GLU B 4981 -1.15 27.67 17.09
C GLU B 4981 -0.30 28.39 16.06
N GLU B 4982 0.78 27.76 15.62
CA GLU B 4982 1.82 28.49 14.89
C GLU B 4982 1.50 28.63 13.42
N HIS B 4983 1.21 27.52 12.74
CA HIS B 4983 1.00 27.54 11.30
C HIS B 4983 -0.42 27.11 10.95
N ASN B 4984 -1.41 27.65 11.63
CA ASN B 4984 -2.80 27.31 11.34
C ASN B 4984 -3.24 28.01 10.05
N LEU B 4985 -3.56 27.20 9.04
CA LEU B 4985 -4.02 27.77 7.77
C LEU B 4985 -5.28 28.59 7.96
N ALA B 4986 -6.11 28.23 8.93
CA ALA B 4986 -7.25 29.07 9.29
C ALA B 4986 -6.78 30.43 9.76
N ASN B 4987 -5.69 30.47 10.53
CA ASN B 4987 -5.15 31.75 10.99
C ASN B 4987 -4.63 32.57 9.82
N TYR B 4988 -4.03 31.92 8.82
CA TYR B 4988 -3.62 32.66 7.63
C TYR B 4988 -4.82 33.25 6.88
N MET B 4989 -5.90 32.47 6.78
CA MET B 4989 -7.12 32.99 6.16
C MET B 4989 -7.67 34.18 6.93
N PHE B 4990 -7.68 34.08 8.26
CA PHE B 4990 -8.18 35.17 9.09
C PHE B 4990 -7.28 36.40 8.97
N PHE B 4991 -5.97 36.19 8.80
CA PHE B 4991 -5.08 37.32 8.60
C PHE B 4991 -5.33 38.00 7.27
N LEU B 4992 -5.64 37.22 6.22
CA LEU B 4992 -6.01 37.85 4.96
C LEU B 4992 -7.30 38.65 5.09
N MET B 4993 -8.29 38.12 5.82
CA MET B 4993 -9.48 38.92 6.11
C MET B 4993 -9.11 40.22 6.82
N TYR B 4994 -8.24 40.11 7.82
CA TYR B 4994 -7.80 41.28 8.59
C TYR B 4994 -7.16 42.32 7.70
N LEU B 4995 -6.22 41.89 6.86
CA LEU B 4995 -5.52 42.82 5.99
C LEU B 4995 -6.47 43.49 5.00
N ILE B 4996 -7.37 42.71 4.39
CA ILE B 4996 -8.30 43.28 3.41
C ILE B 4996 -9.22 44.29 4.06
N ASN B 4997 -9.74 43.96 5.25
CA ASN B 4997 -10.68 44.86 5.91
C ASN B 4997 -9.99 46.10 6.44
N LYS B 4998 -8.75 45.97 6.90
CA LYS B 4998 -8.04 47.09 7.50
C LYS B 4998 -7.55 48.05 6.43
N ASP B 4999 -7.92 49.32 6.56
CA ASP B 4999 -7.46 50.33 5.61
C ASP B 4999 -5.96 50.52 5.73
N GLU B 5000 -5.31 50.79 4.59
CA GLU B 5000 -3.86 50.81 4.53
C GLU B 5000 -3.24 51.89 5.42
N THR B 5001 -4.01 52.92 5.78
CA THR B 5001 -3.45 53.98 6.61
C THR B 5001 -3.06 53.45 8.00
N GLU B 5002 -3.83 52.50 8.53
CA GLU B 5002 -3.57 51.95 9.84
C GLU B 5002 -2.68 50.70 9.82
N HIS B 5003 -2.17 50.32 8.65
CA HIS B 5003 -1.30 49.16 8.56
C HIS B 5003 0.00 49.38 9.34
N THR B 5004 0.43 48.35 10.04
CA THR B 5004 1.73 48.38 10.71
C THR B 5004 2.81 47.97 9.72
N GLY B 5005 4.05 47.88 10.18
CA GLY B 5005 5.14 47.61 9.26
C GLY B 5005 5.05 46.24 8.61
N GLN B 5006 4.89 45.20 9.43
CA GLN B 5006 4.78 43.85 8.88
C GLN B 5006 3.49 43.66 8.11
N GLU B 5007 2.42 44.31 8.55
CA GLU B 5007 1.17 44.26 7.82
C GLU B 5007 1.32 44.86 6.43
N SER B 5008 2.01 45.99 6.32
CA SER B 5008 2.22 46.60 5.02
C SER B 5008 3.16 45.77 4.16
N TYR B 5009 4.17 45.14 4.76
CA TYR B 5009 5.04 44.26 4.01
C TYR B 5009 4.24 43.12 3.38
N VAL B 5010 3.42 42.44 4.19
CA VAL B 5010 2.61 41.35 3.68
C VAL B 5010 1.56 41.86 2.70
N TRP B 5011 1.04 43.07 2.93
CA TRP B 5011 0.05 43.63 2.00
C TRP B 5011 0.66 43.86 0.63
N LYS B 5012 1.86 44.42 0.57
CA LYS B 5012 2.52 44.62 -0.71
C LYS B 5012 2.85 43.29 -1.37
N MET B 5013 3.31 42.31 -0.59
CA MET B 5013 3.61 41.01 -1.18
C MET B 5013 2.34 40.32 -1.69
N TYR B 5014 1.19 40.60 -1.07
CA TYR B 5014 -0.07 40.05 -1.54
C TYR B 5014 -0.59 40.77 -2.77
N GLN B 5015 -0.40 42.09 -2.83
CA GLN B 5015 -0.78 42.85 -4.02
C GLN B 5015 0.07 42.47 -5.22
N GLU B 5016 1.34 42.13 -5.00
CA GLU B 5016 2.20 41.68 -6.09
C GLU B 5016 2.06 40.19 -6.38
N ARG B 5017 1.21 39.48 -5.64
CA ARG B 5017 1.00 38.04 -5.82
C ARG B 5017 2.31 37.27 -5.64
N CYS B 5018 3.13 37.70 -4.70
CA CYS B 5018 4.35 37.00 -4.34
C CYS B 5018 4.16 36.37 -2.96
N TRP B 5019 4.32 35.05 -2.89
CA TRP B 5019 4.01 34.28 -1.68
C TRP B 5019 5.28 33.80 -0.99
N ASP B 5020 6.30 34.64 -0.96
CA ASP B 5020 7.53 34.33 -0.25
C ASP B 5020 7.44 34.66 1.24
N PHE B 5021 6.39 35.35 1.67
CA PHE B 5021 6.21 35.59 3.09
C PHE B 5021 5.67 34.38 3.84
N PHE B 5022 5.16 33.39 3.13
CA PHE B 5022 4.79 32.14 3.78
C PHE B 5022 6.05 31.39 4.19
N PRO B 5023 6.14 30.91 5.43
CA PRO B 5023 7.35 30.18 5.84
C PRO B 5023 7.48 28.86 5.13
N ALA B 5024 8.48 28.74 4.26
CA ALA B 5024 8.68 27.53 3.46
C ALA B 5024 9.85 26.75 4.04
N GLY B 5025 9.54 25.64 4.71
CA GLY B 5025 10.59 24.80 5.26
C GLY B 5025 11.26 25.34 6.50
N ASP B 5026 10.75 26.42 7.08
CA ASP B 5026 11.32 27.00 8.28
C ASP B 5026 10.18 27.41 9.21
N CYS B 5027 10.43 27.35 10.50
CA CYS B 5027 9.44 27.71 11.50
C CYS B 5027 10.13 28.44 12.64
N PHE B 5028 9.31 28.96 13.55
CA PHE B 5028 9.85 29.71 14.69
C PHE B 5028 10.67 28.82 15.61
N ARG B 5029 10.20 27.61 15.88
CA ARG B 5029 10.97 26.69 16.69
C ARG B 5029 12.29 26.34 16.01
N LYS B 5030 12.25 26.06 14.71
CA LYS B 5030 13.47 25.69 14.01
C LYS B 5030 14.46 26.84 14.00
N GLN B 5031 13.97 28.08 13.91
CA GLN B 5031 14.86 29.22 13.87
C GLN B 5031 15.47 29.52 15.23
N TYR B 5032 14.67 29.48 16.29
CA TYR B 5032 15.14 29.90 17.61
C TYR B 5032 15.28 28.75 18.59
N GLU B 5033 15.53 27.53 18.09
CA GLU B 5033 15.76 26.40 18.99
C GLU B 5033 16.97 26.64 19.89
N ASP B 5034 17.96 27.38 19.41
CA ASP B 5034 19.14 27.68 20.24
C ASP B 5034 18.75 28.45 21.49
N GLN B 5035 17.91 29.48 21.35
CA GLN B 5035 17.47 30.24 22.51
C GLN B 5035 16.39 29.52 23.30
N LEU B 5036 15.57 28.70 22.64
CA LEU B 5036 14.53 27.97 23.35
C LEU B 5036 15.08 26.79 24.13
N SER B 5037 16.31 26.38 23.86
CA SER B 5037 16.95 25.29 24.59
C SER B 5037 17.14 25.66 26.05
N ASN C 3950 15.98 -9.79 76.02
CA ASN C 3950 15.78 -8.34 76.12
C ASN C 3950 15.88 -7.69 74.75
N PHE C 3951 16.08 -8.52 73.72
CA PHE C 3951 16.18 -8.01 72.36
C PHE C 3951 14.87 -7.43 71.85
N SER C 3952 13.74 -7.81 72.45
CA SER C 3952 12.45 -7.30 72.01
C SER C 3952 12.36 -5.79 72.20
N LYS C 3953 12.88 -5.28 73.32
CA LYS C 3953 12.82 -3.86 73.59
C LYS C 3953 13.65 -3.07 72.58
N ALA C 3954 14.86 -3.55 72.26
CA ALA C 3954 15.72 -2.84 71.31
C ALA C 3954 15.12 -2.85 69.91
N MET C 3955 14.60 -3.99 69.49
CA MET C 3955 14.04 -4.10 68.13
C MET C 3955 12.79 -3.23 67.98
N SER C 3956 11.97 -3.15 69.01
CA SER C 3956 10.77 -2.31 68.93
C SER C 3956 11.14 -0.84 68.73
N VAL C 3957 12.14 -0.37 69.46
CA VAL C 3957 12.61 1.00 69.27
C VAL C 3957 13.31 1.14 67.93
N ALA C 3958 14.06 0.10 67.52
CA ALA C 3958 14.78 0.15 66.25
C ALA C 3958 13.84 0.27 65.06
N LYS C 3959 12.67 -0.36 65.14
CA LYS C 3959 11.68 -0.19 64.08
C LYS C 3959 11.21 1.25 63.99
N GLN C 3960 10.95 1.89 65.13
CA GLN C 3960 10.47 3.26 65.12
C GLN C 3960 11.51 4.21 64.55
N VAL C 3961 12.79 3.97 64.85
CA VAL C 3961 13.85 4.82 64.31
C VAL C 3961 13.89 4.70 62.79
N PHE C 3962 13.84 3.48 62.28
CA PHE C 3962 13.87 3.28 60.82
C PHE C 3962 12.60 3.80 60.18
N ASN C 3963 11.44 3.55 60.79
CA ASN C 3963 10.19 4.06 60.22
C ASN C 3963 10.16 5.57 60.22
N SER C 3964 10.65 6.20 61.29
CA SER C 3964 10.76 7.65 61.30
C SER C 3964 11.75 8.14 60.25
N LEU C 3965 12.87 7.41 60.08
CA LEU C 3965 13.82 7.78 59.05
C LEU C 3965 13.20 7.67 57.66
N THR C 3966 12.36 6.66 57.45
CA THR C 3966 11.70 6.50 56.15
C THR C 3966 10.84 7.72 55.83
N GLU C 3967 10.09 8.21 56.82
CA GLU C 3967 9.22 9.36 56.57
C GLU C 3967 10.01 10.61 56.25
N TYR C 3968 11.26 10.69 56.71
CA TYR C 3968 12.08 11.85 56.41
C TYR C 3968 12.42 11.90 54.92
N ILE C 3969 12.65 10.74 54.30
CA ILE C 3969 13.11 10.69 52.92
C ILE C 3969 12.03 10.20 51.95
N GLN C 3970 10.84 9.90 52.45
CA GLN C 3970 9.74 9.46 51.58
C GLN C 3970 9.00 10.70 51.09
N GLY C 3971 8.89 10.84 49.78
CA GLY C 3971 8.33 12.03 49.19
C GLY C 3971 9.35 12.79 48.36
N PRO C 3972 10.23 12.04 47.67
CA PRO C 3972 11.47 12.61 47.13
C PRO C 3972 11.97 13.87 47.82
N CYS C 3973 12.22 13.80 49.13
CA CYS C 3973 12.84 14.90 49.85
C CYS C 3973 14.34 14.84 49.57
N THR C 3974 14.75 15.65 48.59
CA THR C 3974 16.13 15.58 48.09
C THR C 3974 17.13 15.94 49.20
N GLY C 3975 16.83 16.96 49.99
CA GLY C 3975 17.75 17.39 51.03
C GLY C 3975 18.01 16.31 52.06
N ASN C 3976 16.95 15.67 52.54
CA ASN C 3976 17.12 14.62 53.54
C ASN C 3976 17.79 13.38 52.93
N GLN C 3977 17.50 13.08 51.67
CA GLN C 3977 18.16 11.96 51.01
C GLN C 3977 19.66 12.20 50.89
N GLN C 3978 20.06 13.43 50.53
CA GLN C 3978 21.48 13.73 50.37
C GLN C 3978 22.18 13.84 51.71
N SER C 3979 21.53 14.48 52.69
CA SER C 3979 22.16 14.66 54.00
C SER C 3979 22.42 13.32 54.68
N LEU C 3980 21.44 12.42 54.62
CA LEU C 3980 21.63 11.09 55.22
C LEU C 3980 22.71 10.31 54.48
N ALA C 3981 22.83 10.53 53.17
CA ALA C 3981 23.88 9.87 52.40
C ALA C 3981 25.26 10.31 52.87
N HIS C 3982 25.42 11.62 53.13
CA HIS C 3982 26.68 12.16 53.61
C HIS C 3982 26.96 11.83 55.07
N SER C 3983 25.98 11.34 55.82
CA SER C 3983 26.17 11.02 57.22
C SER C 3983 26.77 9.62 57.34
N ARG C 3984 26.86 9.12 58.57
CA ARG C 3984 27.43 7.80 58.85
C ARG C 3984 26.35 6.73 58.98
N LEU C 3985 25.24 6.87 58.26
CA LEU C 3985 24.18 5.88 58.32
C LEU C 3985 24.65 4.54 57.77
N TRP C 3986 25.55 4.56 56.79
CA TRP C 3986 26.01 3.31 56.17
C TRP C 3986 26.69 2.41 57.19
N ASP C 3987 27.51 2.99 58.08
CA ASP C 3987 28.18 2.19 59.10
C ASP C 3987 27.18 1.54 60.05
N ALA C 3988 26.09 2.25 60.35
CA ALA C 3988 25.05 1.69 61.22
C ALA C 3988 24.40 0.47 60.56
N VAL C 3989 24.14 0.55 59.25
CA VAL C 3989 23.51 -0.56 58.56
C VAL C 3989 24.45 -1.76 58.50
N VAL C 3990 25.75 -1.51 58.37
CA VAL C 3990 26.72 -2.60 58.31
C VAL C 3990 26.67 -3.44 59.58
N GLY C 3991 26.62 -2.78 60.73
CA GLY C 3991 26.49 -3.50 61.98
C GLY C 3991 25.17 -4.24 62.09
N PHE C 3992 24.08 -3.59 61.67
CA PHE C 3992 22.77 -4.21 61.74
C PHE C 3992 22.68 -5.43 60.82
N LEU C 3993 23.25 -5.32 59.61
CA LEU C 3993 23.26 -6.47 58.70
C LEU C 3993 24.05 -7.62 59.29
N HIS C 3994 25.17 -7.31 59.95
CA HIS C 3994 25.94 -8.36 60.62
C HIS C 3994 25.14 -8.98 61.75
N VAL C 3995 24.41 -8.17 62.52
CA VAL C 3995 23.54 -8.69 63.56
C VAL C 3995 22.40 -9.48 62.94
N PHE C 3996 21.80 -8.97 61.87
CA PHE C 3996 20.72 -9.68 61.20
C PHE C 3996 21.18 -11.04 60.68
N ALA C 3997 22.38 -11.08 60.07
CA ALA C 3997 22.84 -12.30 59.42
C ALA C 3997 23.05 -13.42 60.44
N HIS C 3998 23.74 -13.13 61.53
CA HIS C 3998 24.08 -14.17 62.49
C HIS C 3998 22.87 -14.59 63.32
N MET C 3999 22.07 -13.62 63.78
CA MET C 3999 20.89 -13.96 64.56
C MET C 3999 19.84 -14.67 63.72
N MET C 4000 19.85 -14.49 62.39
CA MET C 4000 18.91 -15.20 61.53
C MET C 4000 19.14 -16.70 61.61
N MET C 4001 20.40 -17.13 61.52
CA MET C 4001 20.71 -18.55 61.60
C MET C 4001 20.60 -19.08 63.02
N LYS C 4002 21.07 -18.30 64.01
CA LYS C 4002 21.09 -18.77 65.38
C LYS C 4002 19.68 -18.99 65.91
N LEU C 4003 18.79 -18.01 65.73
CA LEU C 4003 17.43 -18.14 66.25
C LEU C 4003 16.62 -19.15 65.45
N ALA C 4004 16.96 -19.37 64.18
CA ALA C 4004 16.27 -20.37 63.39
C ALA C 4004 16.52 -21.78 63.93
N GLN C 4005 17.74 -22.06 64.39
CA GLN C 4005 18.07 -23.39 64.88
C GLN C 4005 17.29 -23.74 66.14
N ASP C 4006 17.10 -22.76 67.02
CA ASP C 4006 16.38 -23.00 68.27
C ASP C 4006 14.88 -22.93 68.03
N SER C 4007 14.16 -23.95 68.50
CA SER C 4007 12.72 -24.02 68.31
C SER C 4007 11.95 -23.09 69.23
N SER C 4008 12.57 -22.64 70.32
CA SER C 4008 11.91 -21.75 71.27
C SER C 4008 12.06 -20.28 70.91
N GLN C 4009 12.75 -19.97 69.81
CA GLN C 4009 12.99 -18.60 69.41
C GLN C 4009 12.10 -18.16 68.24
N ILE C 4010 10.97 -18.83 68.05
CA ILE C 4010 10.07 -18.46 66.95
C ILE C 4010 9.51 -17.07 67.16
N GLU C 4011 9.10 -16.75 68.40
CA GLU C 4011 8.55 -15.42 68.67
C GLU C 4011 9.59 -14.33 68.45
N LEU C 4012 10.83 -14.57 68.89
CA LEU C 4012 11.88 -13.58 68.68
C LEU C 4012 12.29 -13.51 67.21
N LEU C 4013 12.24 -14.64 66.50
CA LEU C 4013 12.62 -14.63 65.08
C LEU C 4013 11.66 -13.77 64.27
N LYS C 4014 10.37 -13.81 64.59
CA LYS C 4014 9.42 -12.92 63.92
C LYS C 4014 9.73 -11.46 64.22
N GLU C 4015 10.09 -11.16 65.47
CA GLU C 4015 10.47 -9.79 65.83
C GLU C 4015 11.73 -9.36 65.12
N LEU C 4016 12.58 -10.30 64.72
CA LEU C 4016 13.79 -9.95 63.98
C LEU C 4016 13.47 -9.62 62.52
N LEU C 4017 12.52 -10.35 61.93
CA LEU C 4017 12.23 -10.17 60.51
C LEU C 4017 11.60 -8.81 60.23
N ASP C 4018 10.61 -8.42 61.04
CA ASP C 4018 9.90 -7.17 60.78
C ASP C 4018 10.83 -5.96 60.87
N LEU C 4019 11.78 -6.00 61.81
CA LEU C 4019 12.80 -4.96 61.86
C LEU C 4019 13.65 -4.95 60.59
N GLN C 4020 14.01 -6.14 60.11
CA GLN C 4020 14.85 -6.23 58.91
C GLN C 4020 14.12 -5.69 57.68
N LYS C 4021 12.81 -5.97 57.57
CA LYS C 4021 12.05 -5.46 56.44
C LYS C 4021 11.97 -3.94 56.47
N ASP C 4022 11.78 -3.37 57.66
CA ASP C 4022 11.73 -1.91 57.77
C ASP C 4022 13.04 -1.25 57.38
N MET C 4023 14.16 -1.97 57.45
CA MET C 4023 15.42 -1.40 57.01
C MET C 4023 15.45 -1.22 55.49
N VAL C 4024 15.08 -2.27 54.75
CA VAL C 4024 15.19 -2.21 53.29
C VAL C 4024 14.21 -1.19 52.72
N VAL C 4025 13.07 -0.97 53.40
CA VAL C 4025 12.17 0.10 53.00
C VAL C 4025 12.88 1.46 53.13
N MET C 4026 13.64 1.63 54.21
CA MET C 4026 14.44 2.84 54.34
C MET C 4026 15.49 2.92 53.24
N LEU C 4027 16.11 1.78 52.90
CA LEU C 4027 17.05 1.75 51.78
C LEU C 4027 16.33 2.05 50.46
N LEU C 4028 15.16 1.46 50.24
CA LEU C 4028 14.39 1.75 49.05
C LEU C 4028 13.90 3.20 49.01
N SER C 4029 13.72 3.82 50.18
CA SER C 4029 13.32 5.21 50.23
C SER C 4029 14.45 6.15 49.83
N LEU C 4030 15.70 5.73 49.99
CA LEU C 4030 16.84 6.50 49.55
C LEU C 4030 17.05 6.45 48.04
N LEU C 4031 16.45 5.48 47.36
CA LEU C 4031 16.58 5.31 45.92
C LEU C 4031 15.40 5.89 45.16
N GLU C 4032 14.53 6.64 45.83
CA GLU C 4032 13.46 7.32 45.13
C GLU C 4032 14.01 8.52 44.38
N GLY C 4033 13.71 8.61 43.10
CA GLY C 4033 14.25 9.67 42.28
C GLY C 4033 15.75 9.59 42.05
N ASN C 4034 16.34 8.42 42.27
CA ASN C 4034 17.78 8.27 42.10
C ASN C 4034 18.14 8.29 40.63
N VAL C 4035 19.38 8.66 40.35
CA VAL C 4035 19.90 8.71 38.99
C VAL C 4035 20.98 7.66 38.84
N VAL C 4036 21.33 7.36 37.59
CA VAL C 4036 22.44 6.46 37.33
C VAL C 4036 23.74 7.11 37.75
N ASN C 4037 24.63 6.32 38.35
CA ASN C 4037 25.89 6.80 38.89
C ASN C 4037 25.67 7.92 39.91
N GLY C 4038 24.55 7.87 40.62
CA GLY C 4038 24.26 8.89 41.61
C GLY C 4038 25.11 8.74 42.85
N MET C 4039 25.28 9.87 43.55
CA MET C 4039 26.09 9.86 44.77
C MET C 4039 25.48 8.95 45.82
N ILE C 4040 24.17 9.06 46.02
CA ILE C 4040 23.50 8.21 47.00
C ILE C 4040 23.53 6.74 46.56
N ALA C 4041 23.38 6.49 45.26
CA ALA C 4041 23.39 5.12 44.76
C ALA C 4041 24.77 4.49 44.90
N ARG C 4042 25.82 5.22 44.54
CA ARG C 4042 27.17 4.67 44.62
C ARG C 4042 27.55 4.34 46.06
N GLN C 4043 27.21 5.23 47.00
CA GLN C 4043 27.51 4.97 48.40
C GLN C 4043 26.77 3.74 48.90
N MET C 4044 25.54 3.55 48.45
CA MET C 4044 24.79 2.36 48.82
C MET C 4044 25.43 1.11 48.25
N VAL C 4045 25.93 1.17 47.02
CA VAL C 4045 26.62 0.02 46.42
C VAL C 4045 27.90 -0.28 47.19
N ASP C 4046 28.66 0.76 47.54
CA ASP C 4046 29.91 0.57 48.27
C ASP C 4046 29.65 -0.07 49.63
N MET C 4047 28.57 0.33 50.29
CA MET C 4047 28.19 -0.32 51.55
C MET C 4047 27.82 -1.78 51.32
N LEU C 4048 27.21 -2.08 50.18
CA LEU C 4048 26.85 -3.47 49.87
C LEU C 4048 28.09 -4.34 49.69
N VAL C 4049 29.14 -3.80 49.05
CA VAL C 4049 30.35 -4.57 48.81
C VAL C 4049 31.02 -4.94 50.13
N GLU C 4050 31.09 -3.99 51.06
CA GLU C 4050 31.81 -4.22 52.31
C GLU C 4050 31.14 -5.32 53.14
N SER C 4051 29.82 -5.33 53.19
CA SER C 4051 29.07 -6.33 53.95
C SER C 4051 28.63 -7.51 53.08
N SER C 4052 29.38 -7.80 52.00
CA SER C 4052 28.97 -8.83 51.07
C SER C 4052 28.89 -10.20 51.75
N SER C 4053 29.79 -10.46 52.70
CA SER C 4053 29.73 -11.72 53.44
C SER C 4053 28.45 -11.83 54.24
N ASN C 4054 28.05 -10.74 54.91
CA ASN C 4054 26.81 -10.77 55.69
C ASN C 4054 25.58 -10.67 54.80
N VAL C 4055 25.69 -9.92 53.70
CA VAL C 4055 24.56 -9.80 52.77
C VAL C 4055 24.22 -11.16 52.17
N GLU C 4056 25.24 -11.91 51.73
CA GLU C 4056 25.00 -13.22 51.14
C GLU C 4056 24.83 -14.31 52.18
N MET C 4057 23.98 -14.07 53.18
CA MET C 4057 23.50 -15.10 54.08
C MET C 4057 22.02 -14.99 54.37
N ILE C 4058 21.44 -13.79 54.28
CA ILE C 4058 19.99 -13.65 54.41
C ILE C 4058 19.29 -14.28 53.22
N LEU C 4059 19.88 -14.16 52.04
CA LEU C 4059 19.29 -14.73 50.84
C LEU C 4059 19.17 -16.24 50.96
N LYS C 4060 20.19 -16.88 51.51
CA LYS C 4060 20.14 -18.32 51.78
C LYS C 4060 19.39 -18.60 53.08
N PRO C 4176 10.19 -12.13 37.54
CA PRO C 4176 8.85 -12.71 37.43
C PRO C 4176 7.79 -11.88 38.13
N TYR C 4177 8.14 -11.33 39.30
CA TYR C 4177 7.24 -10.45 40.04
C TYR C 4177 7.72 -9.01 40.08
N LEU C 4178 8.99 -8.76 39.81
CA LEU C 4178 9.52 -7.40 39.80
C LEU C 4178 8.95 -6.67 38.59
N GLY C 4179 7.89 -5.90 38.83
CA GLY C 4179 7.29 -5.09 37.80
C GLY C 4179 7.83 -3.67 37.86
N ARG C 4180 8.37 -3.21 36.74
CA ARG C 4180 8.98 -1.90 36.67
C ARG C 4180 8.30 -1.07 35.59
N ILE C 4181 8.12 0.21 35.88
CA ILE C 4181 7.60 1.17 34.93
C ILE C 4181 8.51 2.38 34.94
N GLU C 4182 8.29 3.28 33.99
CA GLU C 4182 8.95 4.57 33.96
C GLU C 4182 7.89 5.65 33.89
N ILE C 4183 7.94 6.60 34.82
CA ILE C 4183 6.99 7.71 34.85
C ILE C 4183 7.77 9.01 34.88
N MET C 4184 7.28 10.00 34.15
CA MET C 4184 7.82 11.35 34.27
C MET C 4184 7.51 11.88 35.66
N GLY C 4185 8.54 11.96 36.52
CA GLY C 4185 8.37 12.25 37.92
C GLY C 4185 8.23 13.73 38.22
N ALA C 4186 8.13 14.02 39.52
CA ALA C 4186 8.00 15.40 39.97
C ALA C 4186 9.25 16.21 39.67
N SER C 4187 10.41 15.57 39.63
CA SER C 4187 11.68 16.23 39.39
C SER C 4187 11.91 16.56 37.93
N ARG C 4188 10.87 16.51 37.10
CA ARG C 4188 10.94 16.81 35.68
C ARG C 4188 11.84 15.84 34.91
N ARG C 4189 12.07 14.65 35.47
CA ARG C 4189 12.92 13.64 34.85
C ARG C 4189 12.24 12.29 34.86
N ILE C 4190 12.50 11.49 33.83
CA ILE C 4190 11.98 10.13 33.79
C ILE C 4190 12.66 9.31 34.87
N GLU C 4191 11.85 8.61 35.67
CA GLU C 4191 12.38 7.78 36.74
C GLU C 4191 11.66 6.44 36.74
N ARG C 4192 12.31 5.44 37.33
CA ARG C 4192 11.85 4.07 37.28
C ARG C 4192 11.29 3.66 38.63
N ILE C 4193 10.08 3.09 38.62
CA ILE C 4193 9.38 2.65 39.82
C ILE C 4193 9.31 1.13 39.82
N TYR C 4194 9.54 0.51 40.97
CA TYR C 4194 9.49 -0.93 41.12
C TYR C 4194 8.37 -1.32 42.07
N PHE C 4195 7.61 -2.36 41.72
CA PHE C 4195 6.52 -2.84 42.53
C PHE C 4195 6.37 -4.34 42.29
N GLU C 4196 5.68 -5.01 43.20
CA GLU C 4196 5.48 -6.45 43.10
C GLU C 4196 4.16 -6.74 42.42
N ILE C 4197 4.19 -7.66 41.46
CA ILE C 4197 3.00 -8.10 40.74
C ILE C 4197 2.53 -9.43 41.34
N SER C 4198 1.26 -9.51 41.70
CA SER C 4198 0.73 -10.72 42.30
C SER C 4198 0.59 -11.82 41.25
N GLU C 4199 0.79 -13.06 41.69
CA GLU C 4199 0.74 -14.19 40.76
C GLU C 4199 -0.66 -14.38 40.19
N THR C 4200 -1.70 -14.18 41.01
CA THR C 4200 -3.06 -14.28 40.51
C THR C 4200 -3.34 -13.21 39.45
N ASN C 4201 -2.86 -11.99 39.68
CA ASN C 4201 -3.01 -10.94 38.68
C ASN C 4201 -2.28 -11.31 37.40
N ARG C 4202 -1.07 -11.86 37.52
CA ARG C 4202 -0.31 -12.25 36.33
C ARG C 4202 -1.03 -13.34 35.54
N ALA C 4203 -1.55 -14.35 36.23
CA ALA C 4203 -2.28 -15.41 35.54
C ALA C 4203 -3.56 -14.88 34.90
N GLN C 4204 -4.29 -14.02 35.62
CA GLN C 4204 -5.52 -13.47 35.07
C GLN C 4204 -5.26 -12.55 33.89
N TRP C 4205 -4.08 -11.93 33.85
CA TRP C 4205 -3.69 -11.18 32.65
C TRP C 4205 -3.36 -12.12 31.51
N GLU C 4206 -2.67 -13.22 31.80
CA GLU C 4206 -2.34 -14.19 30.75
C GLU C 4206 -3.55 -14.96 30.25
N MET C 4207 -4.68 -14.86 30.94
CA MET C 4207 -5.89 -15.55 30.49
C MET C 4207 -6.25 -15.15 29.07
N PRO C 4208 -6.71 -16.10 28.24
CA PRO C 4208 -6.95 -15.78 26.82
C PRO C 4208 -8.08 -14.80 26.58
N GLN C 4209 -9.13 -14.79 27.40
CA GLN C 4209 -10.19 -13.80 27.24
C GLN C 4209 -9.65 -12.40 27.49
N VAL C 4210 -8.80 -12.24 28.51
CA VAL C 4210 -8.19 -10.95 28.77
C VAL C 4210 -7.22 -10.57 27.66
N LYS C 4211 -6.52 -11.56 27.12
CA LYS C 4211 -5.64 -11.28 25.98
C LYS C 4211 -6.45 -10.76 24.78
N GLU C 4212 -7.60 -11.37 24.51
CA GLU C 4212 -8.44 -10.89 23.42
C GLU C 4212 -9.00 -9.50 23.71
N SER C 4213 -9.36 -9.23 24.96
CA SER C 4213 -9.81 -7.88 25.31
C SER C 4213 -8.71 -6.86 25.04
N LYS C 4214 -7.47 -7.18 25.42
CA LYS C 4214 -6.35 -6.30 25.14
C LYS C 4214 -6.15 -6.11 23.64
N ARG C 4215 -6.26 -7.19 22.87
CA ARG C 4215 -6.07 -7.09 21.42
C ARG C 4215 -7.13 -6.20 20.79
N GLN C 4216 -8.38 -6.36 21.21
CA GLN C 4216 -9.45 -5.51 20.69
C GLN C 4216 -9.24 -4.06 21.08
N PHE C 4217 -8.80 -3.81 22.31
CA PHE C 4217 -8.50 -2.44 22.72
C PHE C 4217 -7.40 -1.83 21.86
N ILE C 4218 -6.33 -2.59 21.60
CA ILE C 4218 -5.22 -2.08 20.81
C ILE C 4218 -5.68 -1.75 19.40
N PHE C 4219 -6.46 -2.66 18.79
CA PHE C 4219 -6.99 -2.38 17.46
C PHE C 4219 -7.86 -1.14 17.45
N ASP C 4220 -8.76 -1.02 18.43
CA ASP C 4220 -9.65 0.13 18.48
C ASP C 4220 -8.85 1.43 18.56
N VAL C 4221 -7.88 1.49 19.47
CA VAL C 4221 -7.11 2.73 19.65
C VAL C 4221 -6.32 3.05 18.39
N VAL C 4222 -5.59 2.07 17.86
CA VAL C 4222 -4.72 2.36 16.72
C VAL C 4222 -5.54 2.73 15.49
N ASN C 4223 -6.71 2.11 15.31
CA ASN C 4223 -7.52 2.40 14.14
C ASN C 4223 -8.22 3.74 14.28
N GLU C 4224 -9.05 3.91 15.32
CA GLU C 4224 -9.75 5.17 15.55
C GLU C 4224 -9.36 5.67 16.94
N GLY C 4225 -8.21 6.33 17.04
CA GLY C 4225 -7.80 6.97 18.27
C GLY C 4225 -7.01 8.22 17.99
N GLY C 4226 -6.75 8.98 19.05
CA GLY C 4226 -5.98 10.20 18.95
C GLY C 4226 -4.77 10.21 19.86
N GLU C 4227 -3.80 11.09 19.59
CA GLU C 4227 -2.61 11.16 20.41
C GLU C 4227 -2.92 11.67 21.81
N ALA C 4228 -3.81 12.67 21.93
CA ALA C 4228 -4.15 13.22 23.24
C ALA C 4228 -5.10 12.30 23.99
N GLU C 4229 -5.99 11.62 23.27
CA GLU C 4229 -6.97 10.75 23.89
C GLU C 4229 -6.41 9.38 24.24
N LYS C 4230 -5.24 9.02 23.71
CA LYS C 4230 -4.75 7.65 23.82
C LYS C 4230 -4.54 7.25 25.26
N MET C 4231 -3.91 8.11 26.07
CA MET C 4231 -3.64 7.75 27.46
C MET C 4231 -4.91 7.66 28.29
N GLU C 4232 -5.88 8.54 28.04
CA GLU C 4232 -7.16 8.44 28.74
C GLU C 4232 -7.83 7.12 28.41
N LEU C 4233 -7.84 6.74 27.13
CA LEU C 4233 -8.43 5.48 26.72
C LEU C 4233 -7.68 4.30 27.31
N PHE C 4234 -6.36 4.39 27.38
CA PHE C 4234 -5.56 3.31 27.94
C PHE C 4234 -5.83 3.13 29.42
N VAL C 4235 -5.95 4.23 30.16
CA VAL C 4235 -6.24 4.12 31.58
C VAL C 4235 -7.65 3.57 31.80
N SER C 4236 -8.61 3.98 30.96
CA SER C 4236 -9.95 3.40 31.06
C SER C 4236 -9.93 1.91 30.81
N PHE C 4237 -9.17 1.48 29.80
CA PHE C 4237 -9.03 0.05 29.52
C PHE C 4237 -8.38 -0.68 30.69
N CYS C 4238 -7.36 -0.08 31.30
CA CYS C 4238 -6.74 -0.70 32.46
C CYS C 4238 -7.73 -0.85 33.60
N GLU C 4239 -8.56 0.17 33.84
CA GLU C 4239 -9.54 0.08 34.91
C GLU C 4239 -10.58 -0.99 34.64
N ASP C 4240 -11.07 -1.07 33.40
CA ASP C 4240 -12.01 -2.12 33.04
C ASP C 4240 -11.38 -3.50 33.25
N THR C 4241 -10.13 -3.66 32.85
CA THR C 4241 -9.44 -4.94 33.03
C THR C 4241 -9.29 -5.27 34.50
N ILE C 4242 -8.97 -4.28 35.33
CA ILE C 4242 -8.82 -4.53 36.77
C ILE C 4242 -10.14 -4.99 37.37
N PHE C 4243 -11.24 -4.35 36.99
CA PHE C 4243 -12.53 -4.78 37.52
C PHE C 4243 -12.87 -6.19 37.05
N GLU C 4244 -12.59 -6.50 35.78
CA GLU C 4244 -12.85 -7.86 35.27
C GLU C 4244 -12.02 -8.88 36.03
N MET C 4245 -10.76 -8.54 36.34
CA MET C 4245 -9.92 -9.45 37.12
C MET C 4245 -10.49 -9.67 38.51
N GLN C 4246 -11.01 -8.62 39.14
CA GLN C 4246 -11.63 -8.78 40.45
C GLN C 4246 -12.86 -9.66 40.38
N ILE C 4247 -13.68 -9.49 39.34
CA ILE C 4247 -14.86 -10.34 39.17
C ILE C 4247 -14.44 -11.80 38.96
N ALA C 4248 -13.40 -12.02 38.15
CA ALA C 4248 -12.92 -13.38 37.91
C ALA C 4248 -12.39 -14.00 39.20
N ALA C 4249 -11.70 -13.22 40.02
CA ALA C 4249 -11.23 -13.73 41.31
C ALA C 4249 -12.40 -14.06 42.23
N GLN C 4250 -13.44 -13.23 42.20
CA GLN C 4250 -14.62 -13.52 43.01
C GLN C 4250 -15.28 -14.83 42.59
N ILE C 4251 -15.41 -15.05 41.28
CA ILE C 4251 -16.09 -16.25 40.78
C ILE C 4251 -15.19 -17.46 40.70
N SER C 4252 -13.90 -17.31 40.98
CA SER C 4252 -12.99 -18.45 40.90
C SER C 4252 -13.37 -19.52 41.91
N GLU C 4253 -12.84 -20.73 41.70
CA GLU C 4253 -13.20 -21.86 42.55
C GLU C 4253 -12.76 -21.61 43.99
N PRO C 4254 -13.61 -21.92 44.98
CA PRO C 4254 -13.24 -21.77 46.39
C PRO C 4254 -12.19 -22.78 46.84
N GLY C 4542 -29.08 -19.85 55.48
CA GLY C 4542 -27.88 -20.61 55.81
C GLY C 4542 -27.36 -21.43 54.64
N GLU C 4543 -27.86 -22.67 54.53
CA GLU C 4543 -27.50 -23.49 53.39
C GLU C 4543 -28.06 -22.93 52.09
N LEU C 4544 -29.18 -22.20 52.17
CA LEU C 4544 -29.76 -21.58 50.98
C LEU C 4544 -28.83 -20.56 50.38
N GLU C 4545 -28.19 -19.74 51.21
CA GLU C 4545 -27.32 -18.69 50.69
C GLU C 4545 -25.98 -19.25 50.21
N VAL C 4546 -25.43 -20.22 50.93
CA VAL C 4546 -24.15 -20.81 50.53
C VAL C 4546 -24.31 -21.55 49.19
N GLN C 4547 -25.39 -22.29 49.04
CA GLN C 4547 -25.64 -22.99 47.77
C GLN C 4547 -25.90 -22.02 46.63
N ARG C 4548 -26.61 -20.91 46.92
CA ARG C 4548 -26.90 -19.93 45.88
C ARG C 4548 -25.62 -19.29 45.35
N VAL C 4549 -24.69 -18.96 46.24
CA VAL C 4549 -23.45 -18.32 45.79
C VAL C 4549 -22.65 -19.27 44.93
N LYS C 4550 -22.55 -20.53 45.33
CA LYS C 4550 -21.79 -21.50 44.54
C LYS C 4550 -22.41 -21.71 43.17
N PHE C 4551 -23.75 -21.83 43.11
CA PHE C 4551 -24.41 -22.04 41.84
C PHE C 4551 -24.26 -20.83 40.91
N LEU C 4552 -24.42 -19.63 41.46
CA LEU C 4552 -24.29 -18.41 40.65
C LEU C 4552 -22.86 -18.23 40.15
N ASN C 4553 -21.87 -18.56 40.98
CA ASN C 4553 -20.48 -18.48 40.53
C ASN C 4553 -20.17 -19.56 39.50
N TYR C 4554 -20.79 -20.74 39.64
CA TYR C 4554 -20.57 -21.81 38.66
C TYR C 4554 -21.04 -21.39 37.28
N LEU C 4555 -22.20 -20.72 37.21
CA LEU C 4555 -22.71 -20.26 35.93
C LEU C 4555 -21.79 -19.22 35.30
N SER C 4556 -21.22 -18.33 36.11
CA SER C 4556 -20.35 -17.30 35.58
C SER C 4556 -19.06 -17.88 35.02
N ARG C 4557 -18.45 -18.85 35.73
CA ARG C 4557 -17.27 -19.50 35.21
C ARG C 4557 -17.56 -20.29 33.95
N ASN C 4558 -18.80 -20.75 33.79
CA ASN C 4558 -19.20 -21.58 32.67
C ASN C 4558 -20.16 -20.86 31.73
N PHE C 4559 -20.08 -19.54 31.66
CA PHE C 4559 -21.00 -18.80 30.79
C PHE C 4559 -20.77 -19.16 29.32
N TYR C 4560 -19.52 -19.21 28.88
CA TYR C 4560 -19.24 -19.47 27.48
C TYR C 4560 -19.42 -20.92 27.10
N THR C 4561 -19.26 -21.84 28.06
CA THR C 4561 -19.59 -23.23 27.80
C THR C 4561 -21.09 -23.39 27.56
N LEU C 4562 -21.92 -22.72 28.37
CA LEU C 4562 -23.35 -22.75 28.14
C LEU C 4562 -23.72 -22.09 26.82
N ARG C 4563 -23.04 -21.00 26.48
CA ARG C 4563 -23.29 -20.35 25.20
C ARG C 4563 -22.94 -21.27 24.03
N PHE C 4564 -21.87 -22.04 24.15
CA PHE C 4564 -21.56 -23.06 23.16
C PHE C 4564 -22.49 -24.27 23.28
N LEU C 4565 -22.94 -24.58 24.49
CA LEU C 4565 -23.89 -25.68 24.66
C LEU C 4565 -25.21 -25.37 24.00
N ALA C 4566 -25.65 -24.11 24.07
CA ALA C 4566 -26.89 -23.73 23.40
C ALA C 4566 -26.75 -23.74 21.89
N LEU C 4567 -25.54 -23.49 21.38
CA LEU C 4567 -25.33 -23.56 19.94
C LEU C 4567 -25.36 -25.01 19.45
N PHE C 4568 -24.85 -25.94 20.25
CA PHE C 4568 -24.98 -27.35 19.92
C PHE C 4568 -26.43 -27.81 20.02
N LEU C 4569 -27.20 -27.25 20.94
CA LEU C 4569 -28.60 -27.63 21.06
C LEU C 4569 -29.44 -27.04 19.94
N ALA C 4570 -29.03 -25.91 19.38
CA ALA C 4570 -29.72 -25.35 18.23
C ALA C 4570 -29.50 -26.23 16.99
N PHE C 4571 -28.27 -26.70 16.78
CA PHE C 4571 -28.01 -27.56 15.64
C PHE C 4571 -28.61 -28.95 15.83
N ALA C 4572 -28.61 -29.45 17.07
CA ALA C 4572 -29.23 -30.75 17.32
C ALA C 4572 -30.73 -30.69 17.08
N ILE C 4573 -31.38 -29.62 17.53
CA ILE C 4573 -32.83 -29.51 17.36
C ILE C 4573 -33.19 -29.33 15.90
N ASN C 4574 -32.43 -28.50 15.18
CA ASN C 4574 -32.75 -28.24 13.78
C ASN C 4574 -32.39 -29.43 12.91
N PHE C 4575 -31.54 -30.33 13.40
CA PHE C 4575 -31.33 -31.58 12.68
C PHE C 4575 -32.54 -32.48 12.80
N ILE C 4576 -33.24 -32.44 13.94
CA ILE C 4576 -34.46 -33.21 14.07
C ILE C 4576 -35.54 -32.63 13.16
N LEU C 4577 -35.58 -31.30 13.04
CA LEU C 4577 -36.64 -30.65 12.29
C LEU C 4577 -36.59 -30.96 10.80
N LEU C 4578 -35.44 -31.40 10.29
CA LEU C 4578 -35.34 -31.84 8.90
C LEU C 4578 -36.10 -33.13 8.64
N PHE C 4579 -36.54 -33.82 9.69
CA PHE C 4579 -37.34 -35.03 9.55
C PHE C 4579 -38.83 -34.74 9.69
N TYR C 4580 -39.22 -33.47 9.61
CA TYR C 4580 -40.62 -33.11 9.70
C TYR C 4580 -41.35 -33.45 8.41
N LYS C 4581 -42.67 -33.57 8.52
CA LYS C 4581 -43.53 -33.83 7.40
C LYS C 4581 -44.83 -33.07 7.63
N VAL C 4582 -45.58 -32.86 6.54
CA VAL C 4582 -46.91 -32.28 6.61
C VAL C 4582 -47.85 -33.23 5.90
N SER C 4583 -48.99 -33.52 6.53
CA SER C 4583 -50.02 -34.36 5.95
C SER C 4583 -51.38 -33.79 6.27
N ASP C 4584 -52.28 -33.79 5.29
CA ASP C 4584 -53.67 -33.44 5.56
C ASP C 4584 -54.31 -34.45 6.50
N SER C 4585 -54.05 -35.74 6.29
CA SER C 4585 -54.55 -36.77 7.17
C SER C 4585 -53.71 -36.83 8.45
N PRO C 4586 -54.33 -37.12 9.58
CA PRO C 4586 -53.58 -37.22 10.84
C PRO C 4586 -52.59 -38.37 10.79
N PRO C 4587 -51.46 -38.26 11.50
CA PRO C 4587 -50.46 -39.33 11.54
C PRO C 4587 -50.92 -40.54 12.34
N ASN C 4626 -59.37 -27.39 5.58
CA ASN C 4626 -58.82 -28.59 6.19
C ASN C 4626 -57.50 -28.29 6.90
N MET C 4627 -57.41 -28.65 8.17
CA MET C 4627 -56.18 -28.44 8.92
C MET C 4627 -55.14 -29.48 8.54
N VAL C 4628 -53.92 -29.02 8.31
CA VAL C 4628 -52.80 -29.90 7.97
C VAL C 4628 -52.11 -30.31 9.25
N TYR C 4629 -51.53 -31.51 9.23
CA TYR C 4629 -50.84 -32.06 10.39
C TYR C 4629 -49.34 -32.09 10.14
N TYR C 4630 -48.58 -31.75 11.17
CA TYR C 4630 -47.12 -31.79 11.14
C TYR C 4630 -46.63 -32.87 12.09
N PHE C 4631 -45.69 -33.68 11.62
CA PHE C 4631 -45.14 -34.75 12.45
C PHE C 4631 -43.72 -35.07 12.00
N LEU C 4632 -42.98 -35.67 12.91
CA LEU C 4632 -41.68 -36.25 12.56
C LEU C 4632 -41.88 -37.64 11.98
N GLU C 4633 -41.18 -37.92 10.88
CA GLU C 4633 -41.22 -39.24 10.26
C GLU C 4633 -39.84 -39.87 10.37
N GLU C 4634 -39.68 -40.78 11.32
CA GLU C 4634 -38.44 -41.53 11.46
C GLU C 4634 -38.75 -42.92 11.98
N SER C 4635 -38.08 -43.91 11.39
CA SER C 4635 -38.27 -45.30 11.79
C SER C 4635 -37.58 -45.62 13.12
N THR C 4636 -36.55 -44.85 13.48
CA THR C 4636 -35.85 -45.10 14.74
C THR C 4636 -36.77 -44.91 15.93
N GLY C 4637 -37.59 -43.86 15.91
CA GLY C 4637 -38.50 -43.58 16.99
C GLY C 4637 -37.92 -42.77 18.13
N TYR C 4638 -36.59 -42.63 18.18
CA TYR C 4638 -35.94 -41.85 19.23
C TYR C 4638 -35.90 -40.36 18.92
N MET C 4639 -36.19 -39.97 17.68
CA MET C 4639 -36.06 -38.56 17.30
C MET C 4639 -37.06 -37.69 18.04
N GLU C 4640 -38.31 -38.14 18.19
CA GLU C 4640 -39.30 -37.32 18.88
C GLU C 4640 -38.99 -37.16 20.37
N PRO C 4641 -38.71 -38.21 21.14
CA PRO C 4641 -38.30 -37.98 22.53
C PRO C 4641 -37.03 -37.16 22.66
N ALA C 4642 -36.07 -37.38 21.74
CA ALA C 4642 -34.87 -36.55 21.74
C ALA C 4642 -35.23 -35.09 21.53
N LEU C 4643 -36.15 -34.81 20.60
CA LEU C 4643 -36.56 -33.44 20.33
C LEU C 4643 -37.21 -32.81 21.55
N TRP C 4644 -38.09 -33.55 22.22
CA TRP C 4644 -38.74 -33.01 23.41
C TRP C 4644 -37.73 -32.68 24.50
N CYS C 4645 -36.88 -33.65 24.85
CA CYS C 4645 -35.92 -33.43 25.91
C CYS C 4645 -34.91 -32.34 25.53
N LEU C 4646 -34.56 -32.27 24.25
CA LEU C 4646 -33.60 -31.27 23.79
C LEU C 4646 -34.20 -29.87 23.81
N SER C 4647 -35.48 -29.73 23.51
CA SER C 4647 -36.10 -28.41 23.60
C SER C 4647 -36.21 -27.96 25.05
N LEU C 4648 -36.60 -28.85 25.95
CA LEU C 4648 -36.61 -28.48 27.37
C LEU C 4648 -35.21 -28.12 27.84
N LEU C 4649 -34.22 -28.93 27.48
CA LEU C 4649 -32.84 -28.66 27.87
C LEU C 4649 -32.37 -27.33 27.28
N HIS C 4650 -32.77 -27.02 26.06
CA HIS C 4650 -32.33 -25.78 25.44
C HIS C 4650 -32.92 -24.56 26.12
N THR C 4651 -34.20 -24.62 26.48
CA THR C 4651 -34.77 -23.48 27.21
C THR C 4651 -34.10 -23.31 28.56
N LEU C 4652 -33.83 -24.44 29.24
CA LEU C 4652 -33.10 -24.38 30.50
C LEU C 4652 -31.72 -23.74 30.31
N VAL C 4653 -31.01 -24.12 29.27
CA VAL C 4653 -29.66 -23.59 29.05
C VAL C 4653 -29.70 -22.11 28.68
N ALA C 4654 -30.71 -21.69 27.92
CA ALA C 4654 -30.84 -20.27 27.61
C ALA C 4654 -31.08 -19.45 28.88
N PHE C 4655 -31.93 -19.95 29.78
CA PHE C 4655 -32.13 -19.28 31.06
C PHE C 4655 -30.84 -19.22 31.86
N LEU C 4656 -30.10 -20.33 31.91
CA LEU C 4656 -28.84 -20.34 32.63
C LEU C 4656 -27.84 -19.38 32.00
N CYS C 4657 -27.87 -19.24 30.68
CA CYS C 4657 -27.02 -18.27 30.01
C CYS C 4657 -27.36 -16.85 30.45
N ILE C 4658 -28.65 -16.54 30.55
CA ILE C 4658 -29.06 -15.21 31.01
C ILE C 4658 -28.54 -14.95 32.42
N ILE C 4659 -28.71 -15.92 33.32
CA ILE C 4659 -28.27 -15.73 34.70
C ILE C 4659 -26.75 -15.58 34.77
N GLY C 4660 -26.02 -16.44 34.05
CA GLY C 4660 -24.57 -16.33 34.05
C GLY C 4660 -24.08 -15.00 33.49
N TYR C 4661 -24.74 -14.50 32.44
CA TYR C 4661 -24.40 -13.18 31.94
C TYR C 4661 -24.65 -12.11 33.00
N ASN C 4662 -25.80 -12.17 33.68
CA ASN C 4662 -26.10 -11.17 34.69
C ASN C 4662 -25.10 -11.21 35.83
N CYS C 4663 -24.55 -12.38 36.12
CA CYS C 4663 -23.56 -12.50 37.19
C CYS C 4663 -22.13 -12.22 36.73
N LEU C 4664 -21.86 -12.27 35.42
CA LEU C 4664 -20.50 -12.13 34.91
C LEU C 4664 -20.27 -10.79 34.22
N LYS C 4665 -21.08 -10.44 33.24
CA LYS C 4665 -20.82 -9.31 32.36
C LYS C 4665 -21.57 -8.05 32.76
N VAL C 4666 -22.68 -8.16 33.46
CA VAL C 4666 -23.45 -7.00 33.92
C VAL C 4666 -22.63 -6.16 34.90
N PRO C 4667 -21.87 -6.75 35.83
CA PRO C 4667 -21.03 -5.91 36.70
C PRO C 4667 -20.12 -4.95 35.94
N LEU C 4668 -19.53 -5.38 34.82
CA LEU C 4668 -18.68 -4.46 34.07
C LEU C 4668 -19.50 -3.33 33.45
N VAL C 4669 -20.71 -3.63 32.97
CA VAL C 4669 -21.57 -2.58 32.42
C VAL C 4669 -21.90 -1.56 33.49
N ILE C 4670 -22.25 -2.01 34.69
CA ILE C 4670 -22.58 -1.09 35.77
C ILE C 4670 -21.36 -0.32 36.23
N PHE C 4671 -20.20 -0.97 36.27
CA PHE C 4671 -18.97 -0.28 36.65
C PHE C 4671 -18.63 0.82 35.66
N LYS C 4672 -18.73 0.53 34.37
CA LYS C 4672 -18.47 1.54 33.35
C LYS C 4672 -19.44 2.70 33.49
N ARG C 4673 -20.73 2.39 33.67
CA ARG C 4673 -21.74 3.44 33.78
C ARG C 4673 -21.49 4.32 34.99
N GLU C 4674 -21.22 3.71 36.15
CA GLU C 4674 -20.98 4.48 37.35
C GLU C 4674 -19.73 5.34 37.25
N LYS C 4675 -18.65 4.80 36.68
CA LYS C 4675 -17.42 5.58 36.60
C LYS C 4675 -17.56 6.72 35.59
N GLU C 4676 -18.26 6.49 34.49
CA GLU C 4676 -18.49 7.59 33.56
C GLU C 4676 -19.36 8.67 34.18
N LEU C 4677 -20.40 8.27 34.93
CA LEU C 4677 -21.25 9.27 35.57
C LEU C 4677 -20.46 10.05 36.63
N ALA C 4678 -19.61 9.37 37.39
CA ALA C 4678 -18.81 10.06 38.40
C ALA C 4678 -17.85 11.05 37.76
N ARG C 4679 -17.21 10.66 36.66
CA ARG C 4679 -16.31 11.57 35.98
C ARG C 4679 -17.05 12.77 35.41
N LYS C 4680 -18.24 12.54 34.83
CA LYS C 4680 -19.02 13.66 34.32
C LYS C 4680 -19.49 14.58 35.44
N LEU C 4681 -19.83 14.01 36.59
CA LEU C 4681 -20.21 14.83 37.75
C LEU C 4681 -19.05 15.69 38.22
N GLU C 4682 -17.86 15.10 38.32
CA GLU C 4682 -16.76 15.81 38.97
C GLU C 4682 -16.02 16.73 38.00
N PHE C 4683 -15.50 16.19 36.91
CA PHE C 4683 -14.64 16.94 36.02
C PHE C 4683 -15.38 17.67 34.92
N ASP C 4684 -16.71 17.59 34.89
CA ASP C 4684 -17.50 18.29 33.90
C ASP C 4684 -18.69 19.05 34.48
N GLY C 4685 -19.16 18.70 35.67
CA GLY C 4685 -20.32 19.36 36.23
C GLY C 4685 -21.56 19.19 35.39
N LEU C 4686 -21.84 17.95 34.99
CA LEU C 4686 -22.90 17.70 34.02
C LEU C 4686 -24.28 18.05 34.58
N TYR C 4687 -24.61 17.54 35.76
CA TYR C 4687 -25.92 17.79 36.35
C TYR C 4687 -25.92 19.01 37.26
N ILE C 4688 -24.80 19.70 37.38
CA ILE C 4688 -24.69 20.90 38.18
C ILE C 4688 -24.63 22.15 37.32
N THR C 4689 -23.81 22.14 36.27
CA THR C 4689 -23.65 23.29 35.40
C THR C 4689 -24.19 23.05 34.00
N GLU C 4690 -24.23 21.81 33.53
CA GLU C 4690 -24.54 21.56 32.13
C GLU C 4690 -25.97 21.12 31.89
N GLN C 4691 -26.54 20.25 32.74
CA GLN C 4691 -27.94 19.85 32.64
C GLN C 4691 -28.29 19.31 31.25
N PRO C 4692 -27.96 18.05 30.95
CA PRO C 4692 -28.12 17.55 29.58
C PRO C 4692 -29.56 17.62 29.11
N GLY C 4693 -29.71 17.78 27.79
CA GLY C 4693 -31.02 17.90 27.19
C GLY C 4693 -31.76 16.58 27.14
N ASP C 4694 -32.99 16.64 26.62
CA ASP C 4694 -33.83 15.46 26.55
C ASP C 4694 -33.35 14.47 25.50
N ASP C 4695 -32.51 14.92 24.55
CA ASP C 4695 -31.99 14.02 23.53
C ASP C 4695 -31.05 12.98 24.12
N ASP C 4696 -30.44 13.25 25.26
CA ASP C 4696 -29.54 12.30 25.92
C ASP C 4696 -30.38 11.44 26.86
N VAL C 4697 -30.85 10.32 26.34
CA VAL C 4697 -31.66 9.40 27.15
C VAL C 4697 -30.83 8.82 28.28
N LYS C 4698 -29.57 8.51 28.01
CA LYS C 4698 -28.67 8.00 29.05
C LYS C 4698 -28.47 9.03 30.15
N GLY C 4699 -28.20 10.29 29.76
CA GLY C 4699 -27.99 11.33 30.75
C GLY C 4699 -29.24 11.61 31.56
N GLN C 4700 -30.41 11.58 30.92
CA GLN C 4700 -31.66 11.77 31.64
C GLN C 4700 -31.94 10.62 32.60
N TRP C 4701 -31.65 9.39 32.18
CA TRP C 4701 -31.90 8.26 33.04
C TRP C 4701 -30.95 8.24 34.23
N ASP C 4702 -29.71 8.68 34.05
CA ASP C 4702 -28.74 8.65 35.13
C ASP C 4702 -29.08 9.60 36.27
N ARG C 4703 -30.05 10.49 36.09
CA ARG C 4703 -30.49 11.37 37.15
C ARG C 4703 -31.11 10.61 38.33
N LEU C 4704 -31.60 9.40 38.09
CA LEU C 4704 -32.24 8.63 39.17
C LEU C 4704 -31.23 8.25 40.24
N VAL C 4705 -30.00 7.95 39.84
CA VAL C 4705 -29.05 7.35 40.77
C VAL C 4705 -28.28 8.37 41.59
N LEU C 4706 -28.35 9.66 41.23
CA LEU C 4706 -27.55 10.66 41.93
C LEU C 4706 -27.92 10.75 43.40
N ASN C 4707 -29.22 10.71 43.70
CA ASN C 4707 -29.70 10.88 45.07
C ASN C 4707 -29.59 9.62 45.90
N THR C 4708 -29.25 8.48 45.30
CA THR C 4708 -29.32 7.22 46.01
C THR C 4708 -28.13 7.06 46.96
N PRO C 4709 -28.35 6.41 48.10
CA PRO C 4709 -27.24 6.19 49.04
C PRO C 4709 -26.08 5.41 48.43
N SER C 4710 -26.37 4.31 47.76
CA SER C 4710 -25.33 3.49 47.14
C SER C 4710 -25.20 3.79 45.64
N PHE C 4711 -24.96 5.07 45.33
CA PHE C 4711 -24.73 5.43 43.93
C PHE C 4711 -23.47 4.77 43.38
N PRO C 4712 -22.30 4.85 44.01
CA PRO C 4712 -21.21 3.96 43.60
C PRO C 4712 -21.29 2.63 44.34
N SER C 4713 -21.48 1.54 43.61
CA SER C 4713 -21.56 0.24 44.24
C SER C 4713 -20.60 -0.74 43.59
N ASN C 4714 -20.29 -0.51 42.31
CA ASN C 4714 -19.28 -1.29 41.61
C ASN C 4714 -17.99 -0.52 41.40
N TYR C 4715 -18.07 0.75 41.05
CA TYR C 4715 -16.88 1.59 40.91
C TYR C 4715 -16.22 1.77 42.26
N TRP C 4716 -14.88 1.68 42.29
CA TRP C 4716 -14.17 1.62 43.56
C TRP C 4716 -14.17 2.93 44.30
N ASP C 4717 -14.40 4.05 43.62
CA ASP C 4717 -14.29 5.37 44.24
C ASP C 4717 -15.49 5.61 45.12
N LYS C 4718 -15.30 5.49 46.44
CA LYS C 4718 -16.36 5.74 47.41
C LYS C 4718 -16.41 7.18 47.87
N PHE C 4719 -15.51 8.04 47.37
CA PHE C 4719 -15.48 9.44 47.75
C PHE C 4719 -15.90 10.36 46.61
N VAL C 4720 -16.65 9.82 45.64
CA VAL C 4720 -17.07 10.62 44.49
C VAL C 4720 -17.98 11.75 44.93
N LYS C 4721 -18.95 11.45 45.80
CA LYS C 4721 -19.87 12.49 46.26
C LYS C 4721 -19.14 13.56 47.04
N ARG C 4722 -18.20 13.15 47.90
CA ARG C 4722 -17.39 14.13 48.62
C ARG C 4722 -16.60 15.01 47.67
N LYS C 4723 -16.00 14.41 46.64
CA LYS C 4723 -15.19 15.19 45.70
C LYS C 4723 -16.04 16.15 44.89
N VAL C 4724 -17.21 15.71 44.44
CA VAL C 4724 -18.11 16.60 43.70
C VAL C 4724 -18.57 17.74 44.58
N LEU C 4725 -18.92 17.44 45.83
CA LEU C 4725 -19.28 18.49 46.77
C LEU C 4725 -18.13 19.48 46.97
N ASP C 4726 -16.93 18.98 47.21
CA ASP C 4726 -15.80 19.86 47.47
C ASP C 4726 -15.48 20.73 46.26
N LYS C 4727 -15.62 20.20 45.06
CA LYS C 4727 -15.31 21.00 43.89
C LYS C 4727 -16.40 22.04 43.59
N HIS C 4728 -17.67 21.68 43.72
CA HIS C 4728 -18.74 22.53 43.21
C HIS C 4728 -19.57 23.23 44.28
N GLY C 4729 -19.28 23.02 45.57
CA GLY C 4729 -20.09 23.64 46.60
C GLY C 4729 -19.97 25.15 46.61
N ASP C 4730 -18.74 25.66 46.64
CA ASP C 4730 -18.55 27.10 46.75
C ASP C 4730 -19.06 27.86 45.54
N ILE C 4731 -19.37 27.17 44.45
CA ILE C 4731 -19.78 27.84 43.22
C ILE C 4731 -21.26 27.62 42.94
N PHE C 4732 -21.84 26.53 43.45
CA PHE C 4732 -23.24 26.23 43.15
C PHE C 4732 -24.07 25.89 44.38
N GLY C 4733 -23.62 26.26 45.58
CA GLY C 4733 -24.45 26.01 46.74
C GLY C 4733 -24.18 24.66 47.35
N ARG C 4734 -23.60 24.63 48.55
CA ARG C 4734 -23.35 23.35 49.22
C ARG C 4734 -24.65 22.63 49.53
N GLU C 4735 -25.66 23.35 50.01
CA GLU C 4735 -26.94 22.71 50.29
C GLU C 4735 -27.60 22.19 49.01
N ARG C 4736 -27.51 22.96 47.92
CA ARG C 4736 -28.08 22.50 46.66
C ARG C 4736 -27.39 21.24 46.15
N ILE C 4737 -26.05 21.20 46.22
CA ILE C 4737 -25.33 20.03 45.76
C ILE C 4737 -25.62 18.83 46.66
N ALA C 4738 -25.72 19.05 47.96
CA ALA C 4738 -26.05 17.95 48.88
C ALA C 4738 -27.44 17.41 48.60
N GLU C 4739 -28.41 18.29 48.33
CA GLU C 4739 -29.75 17.82 47.98
C GLU C 4739 -29.74 17.05 46.67
N LEU C 4740 -28.95 17.52 45.70
CA LEU C 4740 -28.88 16.83 44.42
C LEU C 4740 -28.28 15.44 44.58
N LEU C 4741 -27.22 15.32 45.36
CA LEU C 4741 -26.51 14.05 45.50
C LEU C 4741 -27.01 13.19 46.64
N GLY C 4742 -28.04 13.63 47.36
CA GLY C 4742 -28.58 12.83 48.44
C GLY C 4742 -27.60 12.58 49.56
N MET C 4743 -26.84 13.61 49.94
CA MET C 4743 -25.80 13.51 50.95
C MET C 4743 -26.08 14.50 52.07
N ASP C 4744 -25.98 14.02 53.31
CA ASP C 4744 -26.31 14.83 54.48
C ASP C 4744 -25.07 15.60 54.93
N LEU C 4745 -25.04 16.90 54.62
CA LEU C 4745 -23.89 17.72 55.00
C LEU C 4745 -23.82 17.92 56.51
N ALA C 4746 -24.96 17.85 57.20
CA ALA C 4746 -24.95 17.97 58.66
C ALA C 4746 -24.27 16.76 59.30
N SER C 4747 -24.49 15.56 58.75
CA SER C 4747 -23.85 14.37 59.28
C SER C 4747 -22.35 14.36 59.02
N LEU C 4748 -21.86 15.19 58.11
CA LEU C 4748 -20.43 15.25 57.84
C LEU C 4748 -19.66 15.79 59.05
N GLU C 4749 -20.24 16.75 59.77
CA GLU C 4749 -19.65 17.27 60.99
C GLU C 4749 -19.55 16.19 62.06
N ASP C 4772 -32.58 0.24 48.46
CA ASP C 4772 -32.36 1.21 47.41
C ASP C 4772 -33.21 0.89 46.18
N VAL C 4773 -34.51 1.13 46.29
CA VAL C 4773 -35.41 0.83 45.17
C VAL C 4773 -35.10 1.71 43.98
N LYS C 4774 -34.77 2.99 44.22
CA LYS C 4774 -34.44 3.87 43.11
C LYS C 4774 -33.16 3.41 42.40
N TYR C 4775 -32.15 3.01 43.18
CA TYR C 4775 -30.92 2.49 42.58
C TYR C 4775 -31.19 1.21 41.81
N GLN C 4776 -32.03 0.33 42.36
CA GLN C 4776 -32.31 -0.93 41.67
C GLN C 4776 -33.08 -0.70 40.38
N ILE C 4777 -34.03 0.24 40.37
CA ILE C 4777 -34.73 0.56 39.14
C ILE C 4777 -33.78 1.16 38.13
N TRP C 4778 -32.85 2.00 38.58
CA TRP C 4778 -31.85 2.54 37.67
C TRP C 4778 -31.00 1.43 37.06
N LYS C 4779 -30.56 0.49 37.89
CA LYS C 4779 -29.72 -0.60 37.41
C LYS C 4779 -30.50 -1.47 36.42
N PHE C 4780 -31.78 -1.69 36.70
CA PHE C 4780 -32.60 -2.47 35.77
C PHE C 4780 -32.75 -1.76 34.43
N GLY C 4781 -32.94 -0.45 34.44
CA GLY C 4781 -32.98 0.28 33.18
C GLY C 4781 -31.67 0.18 32.42
N VAL C 4782 -30.55 0.30 33.13
CA VAL C 4782 -29.24 0.21 32.49
C VAL C 4782 -29.04 -1.17 31.88
N ILE C 4783 -29.42 -2.22 32.61
CA ILE C 4783 -29.28 -3.58 32.10
C ILE C 4783 -30.18 -3.81 30.89
N PHE C 4784 -31.44 -3.38 30.99
CA PHE C 4784 -32.41 -3.61 29.92
C PHE C 4784 -32.14 -2.76 28.69
N THR C 4785 -31.28 -1.75 28.78
CA THR C 4785 -30.83 -1.05 27.59
C THR C 4785 -29.51 -1.61 27.04
N ASP C 4786 -29.05 -2.75 27.55
CA ASP C 4786 -27.79 -3.34 27.11
C ASP C 4786 -28.04 -4.29 25.94
N ASN C 4787 -27.23 -4.16 24.89
CA ASN C 4787 -27.44 -4.93 23.68
C ASN C 4787 -27.24 -6.43 23.90
N SER C 4788 -26.19 -6.82 24.62
CA SER C 4788 -25.94 -8.24 24.83
C SER C 4788 -27.03 -8.88 25.68
N PHE C 4789 -27.47 -8.18 26.73
CA PHE C 4789 -28.56 -8.70 27.54
C PHE C 4789 -29.84 -8.79 26.73
N LEU C 4790 -30.09 -7.81 25.85
CA LEU C 4790 -31.28 -7.88 25.01
C LEU C 4790 -31.21 -9.05 24.05
N TYR C 4791 -30.02 -9.32 23.50
CA TYR C 4791 -29.87 -10.47 22.62
C TYR C 4791 -30.11 -11.77 23.38
N LEU C 4792 -29.62 -11.87 24.61
CA LEU C 4792 -29.84 -13.10 25.37
C LEU C 4792 -31.31 -13.25 25.78
N GLY C 4793 -31.97 -12.13 26.06
CA GLY C 4793 -33.40 -12.19 26.32
C GLY C 4793 -34.19 -12.60 25.09
N TRP C 4794 -33.79 -12.11 23.92
CA TRP C 4794 -34.42 -12.56 22.67
C TRP C 4794 -34.19 -14.05 22.44
N TYR C 4795 -32.98 -14.53 22.74
CA TYR C 4795 -32.70 -15.95 22.64
C TYR C 4795 -33.63 -16.75 23.54
N MET C 4796 -33.80 -16.30 24.79
CA MET C 4796 -34.68 -16.98 25.73
C MET C 4796 -36.14 -16.93 25.27
N VAL C 4797 -36.58 -15.80 24.71
CA VAL C 4797 -37.94 -15.69 24.25
C VAL C 4797 -38.21 -16.63 23.09
N MET C 4798 -37.31 -16.68 22.11
CA MET C 4798 -37.50 -17.60 21.00
C MET C 4798 -37.40 -19.05 21.44
N SER C 4799 -36.57 -19.33 22.44
CA SER C 4799 -36.53 -20.67 22.99
C SER C 4799 -37.84 -21.02 23.69
N LEU C 4800 -38.48 -20.05 24.32
CA LEU C 4800 -39.80 -20.28 24.92
C LEU C 4800 -40.85 -20.51 23.86
N LEU C 4801 -40.78 -19.78 22.75
CA LEU C 4801 -41.72 -19.98 21.65
C LEU C 4801 -41.45 -21.27 20.89
N GLY C 4802 -40.25 -21.84 21.00
CA GLY C 4802 -39.99 -23.12 20.39
C GLY C 4802 -40.81 -24.25 20.96
N HIS C 4803 -41.43 -24.03 22.12
CA HIS C 4803 -42.37 -24.99 22.67
C HIS C 4803 -43.79 -24.79 22.17
N TYR C 4804 -44.13 -23.57 21.74
CA TYR C 4804 -45.39 -23.36 21.05
C TYR C 4804 -45.31 -23.88 19.62
N ASN C 4805 -44.20 -23.63 18.94
CA ASN C 4805 -43.95 -24.13 17.60
C ASN C 4805 -42.49 -24.53 17.50
N ASN C 4806 -42.24 -25.78 17.11
CA ASN C 4806 -40.86 -26.28 17.11
C ASN C 4806 -39.96 -25.52 16.15
N PHE C 4807 -40.51 -24.93 15.10
CA PHE C 4807 -39.66 -24.30 14.09
C PHE C 4807 -39.16 -22.93 14.49
N PHE C 4808 -39.64 -22.38 15.61
CA PHE C 4808 -39.04 -21.18 16.15
C PHE C 4808 -37.62 -21.40 16.62
N PHE C 4809 -37.20 -22.65 16.79
CA PHE C 4809 -35.83 -22.98 17.13
C PHE C 4809 -34.88 -22.75 15.97
N ALA C 4810 -35.39 -22.46 14.78
CA ALA C 4810 -34.52 -22.15 13.65
C ALA C 4810 -33.92 -20.77 13.75
N ALA C 4811 -34.50 -19.88 14.56
CA ALA C 4811 -33.93 -18.56 14.74
C ALA C 4811 -32.66 -18.60 15.58
N HIS C 4812 -32.40 -19.71 16.25
CA HIS C 4812 -31.18 -19.84 17.03
C HIS C 4812 -29.99 -20.23 16.17
N LEU C 4813 -30.23 -20.68 14.93
CA LEU C 4813 -29.13 -20.89 14.00
C LEU C 4813 -28.44 -19.58 13.66
N LEU C 4814 -29.16 -18.46 13.75
CA LEU C 4814 -28.57 -17.15 13.51
C LEU C 4814 -27.50 -16.82 14.53
N ASP C 4815 -27.45 -17.54 15.65
CA ASP C 4815 -26.44 -17.31 16.67
C ASP C 4815 -25.04 -17.68 16.21
N ILE C 4816 -24.90 -18.38 15.07
CA ILE C 4816 -23.57 -18.71 14.59
C ILE C 4816 -22.78 -17.45 14.27
N ALA C 4817 -23.46 -16.40 13.80
CA ALA C 4817 -22.79 -15.13 13.53
C ALA C 4817 -22.28 -14.48 14.80
N MET C 4818 -23.12 -14.40 15.84
CA MET C 4818 -22.70 -13.85 17.11
C MET C 4818 -21.76 -14.76 17.87
N GLY C 4819 -21.56 -15.98 17.39
CA GLY C 4819 -20.67 -16.97 17.96
C GLY C 4819 -19.37 -16.99 17.19
N VAL C 4820 -19.27 -17.87 16.19
CA VAL C 4820 -18.01 -18.14 15.50
C VAL C 4820 -17.35 -16.84 15.07
N LYS C 4821 -16.11 -16.65 15.49
CA LYS C 4821 -15.36 -15.45 15.14
C LYS C 4821 -15.03 -15.42 13.65
N THR C 4822 -14.81 -16.59 13.03
CA THR C 4822 -14.59 -16.62 11.59
C THR C 4822 -15.81 -16.12 10.84
N LEU C 4823 -17.00 -16.57 11.24
CA LEU C 4823 -18.22 -16.10 10.59
C LEU C 4823 -18.44 -14.61 10.84
N ARG C 4824 -18.15 -14.15 12.05
CA ARG C 4824 -18.31 -12.73 12.34
C ARG C 4824 -17.35 -11.89 11.49
N THR C 4825 -16.13 -12.36 11.29
CA THR C 4825 -15.17 -11.66 10.43
C THR C 4825 -15.63 -11.67 8.97
N ILE C 4826 -16.18 -12.79 8.50
CA ILE C 4826 -16.67 -12.86 7.13
C ILE C 4826 -17.84 -11.89 6.94
N LEU C 4827 -18.74 -11.82 7.92
CA LEU C 4827 -19.89 -10.93 7.82
C LEU C 4827 -19.53 -9.47 8.04
N SER C 4828 -18.38 -9.20 8.66
CA SER C 4828 -17.92 -7.82 8.74
C SER C 4828 -17.65 -7.24 7.36
N SER C 4829 -17.30 -8.08 6.39
CA SER C 4829 -17.14 -7.57 5.03
C SER C 4829 -18.47 -7.08 4.46
N VAL C 4830 -19.56 -7.77 4.78
CA VAL C 4830 -20.87 -7.31 4.34
C VAL C 4830 -21.30 -6.06 5.10
N THR C 4831 -21.07 -6.02 6.41
CA THR C 4831 -21.56 -4.92 7.22
C THR C 4831 -20.66 -3.69 7.19
N HIS C 4832 -19.43 -3.80 6.71
CA HIS C 4832 -18.52 -2.66 6.72
C HIS C 4832 -19.00 -1.54 5.81
N ASN C 4833 -19.46 -1.89 4.62
CA ASN C 4833 -20.06 -0.94 3.68
C ASN C 4833 -21.57 -1.11 3.62
N GLY C 4834 -22.21 -1.38 4.76
CA GLY C 4834 -23.63 -1.62 4.76
C GLY C 4834 -24.45 -0.41 4.35
N LYS C 4835 -24.02 0.77 4.78
CA LYS C 4835 -24.70 1.99 4.37
C LYS C 4835 -24.62 2.17 2.86
N GLN C 4836 -23.45 1.93 2.28
CA GLN C 4836 -23.30 2.02 0.83
C GLN C 4836 -24.10 0.94 0.12
N LEU C 4837 -24.20 -0.24 0.72
CA LEU C 4837 -24.99 -1.31 0.10
C LEU C 4837 -26.47 -0.96 0.07
N VAL C 4838 -27.01 -0.45 1.17
CA VAL C 4838 -28.43 -0.10 1.16
C VAL C 4838 -28.67 1.11 0.27
N MET C 4839 -27.71 2.04 0.20
CA MET C 4839 -27.85 3.16 -0.72
C MET C 4839 -27.84 2.70 -2.17
N THR C 4840 -27.00 1.71 -2.49
CA THR C 4840 -26.96 1.16 -3.84
C THR C 4840 -28.24 0.41 -4.17
N VAL C 4841 -28.83 -0.27 -3.19
CA VAL C 4841 -30.13 -0.91 -3.41
C VAL C 4841 -31.21 0.14 -3.69
N GLY C 4842 -31.19 1.24 -2.94
CA GLY C 4842 -32.13 2.32 -3.21
C GLY C 4842 -31.92 2.95 -4.58
N LEU C 4843 -30.66 3.07 -4.98
CA LEU C 4843 -30.36 3.56 -6.33
C LEU C 4843 -30.89 2.61 -7.40
N LEU C 4844 -30.73 1.30 -7.17
CA LEU C 4844 -31.30 0.33 -8.10
C LEU C 4844 -32.81 0.47 -8.18
N ALA C 4845 -33.46 0.65 -7.02
CA ALA C 4845 -34.90 0.86 -6.99
C ALA C 4845 -35.32 2.10 -7.77
N VAL C 4846 -34.58 3.20 -7.63
CA VAL C 4846 -34.89 4.42 -8.37
C VAL C 4846 -34.73 4.22 -9.87
N VAL C 4847 -33.61 3.62 -10.30
CA VAL C 4847 -33.37 3.50 -11.73
C VAL C 4847 -34.35 2.52 -12.36
N VAL C 4848 -34.72 1.47 -11.64
CA VAL C 4848 -35.76 0.58 -12.14
C VAL C 4848 -37.11 1.28 -12.17
N TYR C 4849 -37.36 2.23 -11.27
CA TYR C 4849 -38.55 3.04 -11.39
C TYR C 4849 -38.54 3.87 -12.66
N LEU C 4850 -37.38 4.41 -13.02
CA LEU C 4850 -37.28 5.21 -14.25
C LEU C 4850 -37.54 4.34 -15.48
N TYR C 4851 -36.94 3.16 -15.53
CA TYR C 4851 -37.24 2.23 -16.63
C TYR C 4851 -38.72 1.87 -16.64
N THR C 4852 -39.33 1.74 -15.45
CA THR C 4852 -40.75 1.44 -15.38
C THR C 4852 -41.59 2.57 -15.97
N VAL C 4853 -41.20 3.82 -15.69
CA VAL C 4853 -41.90 4.96 -16.28
C VAL C 4853 -41.84 4.89 -17.80
N VAL C 4854 -40.64 4.65 -18.33
CA VAL C 4854 -40.47 4.61 -19.78
C VAL C 4854 -41.28 3.46 -20.38
N ALA C 4855 -41.26 2.29 -19.74
CA ALA C 4855 -42.05 1.17 -20.22
C ALA C 4855 -43.53 1.45 -20.16
N PHE C 4856 -44.03 1.89 -19.01
CA PHE C 4856 -45.46 2.15 -18.87
C PHE C 4856 -45.95 3.20 -19.86
N ASN C 4857 -45.08 4.10 -20.32
CA ASN C 4857 -45.54 5.10 -21.27
C ASN C 4857 -45.33 4.71 -22.73
N PHE C 4858 -44.39 3.83 -23.05
CA PHE C 4858 -44.11 3.56 -24.47
C PHE C 4858 -44.11 2.09 -24.87
N PHE C 4859 -44.03 1.13 -23.95
CA PHE C 4859 -43.80 -0.27 -24.27
C PHE C 4859 -44.83 -1.16 -23.60
N ARG C 4860 -46.05 -0.67 -23.42
CA ARG C 4860 -47.05 -1.42 -22.67
C ARG C 4860 -47.46 -2.71 -23.34
N LYS C 4861 -47.35 -2.79 -24.67
CA LYS C 4861 -47.85 -3.93 -25.42
C LYS C 4861 -46.97 -5.16 -25.34
N PHE C 4862 -45.74 -5.01 -24.88
CA PHE C 4862 -44.79 -6.11 -24.84
C PHE C 4862 -44.82 -6.86 -23.51
N TYR C 4863 -45.72 -6.50 -22.62
CA TYR C 4863 -45.72 -7.01 -21.25
C TYR C 4863 -46.90 -7.95 -21.02
N ASN C 4864 -47.29 -8.70 -22.04
CA ASN C 4864 -48.34 -9.70 -21.90
C ASN C 4864 -47.69 -11.02 -21.52
N LYS C 4865 -47.95 -11.48 -20.30
CA LYS C 4865 -47.33 -12.70 -19.79
C LYS C 4865 -48.26 -13.90 -19.86
N SER C 4866 -49.36 -13.81 -20.58
CA SER C 4866 -50.28 -14.92 -20.77
C SER C 4866 -50.12 -15.49 -22.17
N GLU C 4867 -49.85 -16.79 -22.25
CA GLU C 4867 -49.76 -17.45 -23.55
C GLU C 4867 -51.13 -17.59 -24.20
N ASP C 4868 -52.20 -17.63 -23.41
CA ASP C 4868 -53.54 -17.74 -23.95
C ASP C 4868 -53.89 -16.49 -24.76
N GLU C 4869 -54.67 -16.70 -25.82
CA GLU C 4869 -55.06 -15.60 -26.71
C GLU C 4869 -56.38 -14.95 -26.29
N ASP C 4870 -57.01 -15.42 -25.22
CA ASP C 4870 -58.29 -14.88 -24.79
C ASP C 4870 -58.23 -14.04 -23.52
N GLU C 4871 -57.26 -14.30 -22.64
CA GLU C 4871 -57.13 -13.55 -21.39
C GLU C 4871 -55.72 -12.97 -21.27
N PRO C 4872 -55.50 -11.74 -21.76
CA PRO C 4872 -54.17 -11.13 -21.70
C PRO C 4872 -53.82 -10.74 -20.27
N ASP C 4873 -52.68 -11.23 -19.79
CA ASP C 4873 -52.21 -10.91 -18.44
C ASP C 4873 -51.14 -9.83 -18.51
N MET C 4874 -51.59 -8.63 -18.88
CA MET C 4874 -50.68 -7.51 -19.03
C MET C 4874 -50.02 -7.17 -17.70
N LYS C 4875 -48.70 -6.97 -17.74
CA LYS C 4875 -47.94 -6.64 -16.55
C LYS C 4875 -47.48 -5.18 -16.52
N CYS C 4876 -47.96 -4.35 -17.44
CA CYS C 4876 -47.52 -2.96 -17.45
C CYS C 4876 -48.66 -2.00 -17.80
N ASP C 4877 -49.91 -2.43 -17.71
CA ASP C 4877 -51.03 -1.52 -17.86
C ASP C 4877 -51.29 -0.74 -16.58
N ASP C 4878 -50.54 -1.03 -15.52
CA ASP C 4878 -50.64 -0.34 -14.25
C ASP C 4878 -49.23 0.02 -13.81
N MET C 4879 -49.08 1.19 -13.19
CA MET C 4879 -47.76 1.65 -12.80
C MET C 4879 -47.21 0.82 -11.65
N MET C 4880 -48.04 0.51 -10.67
CA MET C 4880 -47.61 -0.32 -9.55
C MET C 4880 -47.27 -1.73 -10.01
N THR C 4881 -48.10 -2.31 -10.88
CA THR C 4881 -47.84 -3.65 -11.38
C THR C 4881 -46.59 -3.69 -12.23
N CYS C 4882 -46.36 -2.66 -13.05
CA CYS C 4882 -45.16 -2.64 -13.89
C CYS C 4882 -43.90 -2.42 -13.06
N TYR C 4883 -43.98 -1.62 -11.99
CA TYR C 4883 -42.84 -1.49 -11.10
C TYR C 4883 -42.54 -2.79 -10.38
N LEU C 4884 -43.57 -3.48 -9.90
CA LEU C 4884 -43.36 -4.77 -9.28
C LEU C 4884 -42.75 -5.76 -10.25
N PHE C 4885 -43.27 -5.80 -11.48
CA PHE C 4885 -42.76 -6.71 -12.49
C PHE C 4885 -41.30 -6.42 -12.80
N HIS C 4886 -40.95 -5.15 -12.99
CA HIS C 4886 -39.57 -4.79 -13.26
C HIS C 4886 -38.67 -5.19 -12.09
N MET C 4887 -38.96 -4.67 -10.90
CA MET C 4887 -38.11 -4.93 -9.73
C MET C 4887 -37.96 -6.41 -9.46
N TYR C 4888 -38.97 -7.21 -9.75
CA TYR C 4888 -38.89 -8.64 -9.49
C TYR C 4888 -38.13 -9.35 -10.62
N VAL C 4889 -38.73 -9.41 -11.80
CA VAL C 4889 -38.22 -10.30 -12.83
C VAL C 4889 -37.07 -9.68 -13.62
N GLY C 4890 -37.08 -8.37 -13.87
CA GLY C 4890 -35.99 -7.81 -14.65
C GLY C 4890 -34.70 -7.71 -13.87
N VAL C 4891 -34.79 -7.67 -12.55
CA VAL C 4891 -33.59 -7.65 -11.73
C VAL C 4891 -33.14 -9.06 -11.35
N ARG C 4892 -34.06 -10.02 -11.26
CA ARG C 4892 -33.62 -11.39 -11.04
C ARG C 4892 -33.30 -12.12 -12.33
N ALA C 4893 -33.50 -11.49 -13.49
CA ALA C 4893 -33.18 -12.11 -14.77
C ALA C 4893 -31.75 -11.80 -15.18
N GLY C 4894 -31.12 -12.76 -15.85
CA GLY C 4894 -29.74 -12.59 -16.26
C GLY C 4894 -29.53 -11.58 -17.36
N GLY C 4895 -30.44 -11.53 -18.33
CA GLY C 4895 -30.39 -10.58 -19.41
C GLY C 4895 -31.20 -9.32 -19.22
N GLY C 4896 -31.84 -9.16 -18.06
CA GLY C 4896 -32.64 -7.99 -17.82
C GLY C 4896 -34.11 -8.22 -18.08
N ILE C 4897 -34.85 -7.16 -18.41
CA ILE C 4897 -36.27 -7.28 -18.65
C ILE C 4897 -36.57 -7.77 -20.07
N GLY C 4898 -35.61 -7.62 -20.99
CA GLY C 4898 -35.79 -8.13 -22.34
C GLY C 4898 -35.76 -9.64 -22.43
N ASP C 4899 -35.20 -10.31 -21.42
CA ASP C 4899 -35.29 -11.75 -21.31
C ASP C 4899 -36.58 -12.20 -20.67
N GLU C 4900 -37.49 -11.28 -20.35
CA GLU C 4900 -38.75 -11.59 -19.71
C GLU C 4900 -39.95 -11.00 -20.40
N ILE C 4901 -39.77 -10.10 -21.38
CA ILE C 4901 -40.92 -9.51 -22.07
C ILE C 4901 -40.93 -9.94 -23.54
N GLU C 4902 -41.91 -9.45 -24.28
CA GLU C 4902 -42.13 -9.87 -25.66
C GLU C 4902 -40.98 -9.45 -26.56
N ASP C 4903 -40.71 -10.26 -27.57
CA ASP C 4903 -39.65 -9.98 -28.51
C ASP C 4903 -39.96 -8.71 -29.30
N PRO C 4904 -39.01 -7.79 -29.44
CA PRO C 4904 -39.31 -6.50 -30.09
C PRO C 4904 -39.16 -6.51 -31.61
N ALA C 4905 -38.64 -7.58 -32.19
CA ALA C 4905 -38.34 -7.58 -33.62
C ALA C 4905 -39.60 -7.45 -34.45
N GLY C 4906 -39.55 -6.57 -35.45
CA GLY C 4906 -40.63 -6.37 -36.38
C GLY C 4906 -41.52 -5.18 -36.09
N ASP C 4907 -41.49 -4.67 -34.86
CA ASP C 4907 -42.31 -3.53 -34.49
C ASP C 4907 -41.59 -2.23 -34.86
N GLU C 4908 -42.37 -1.15 -34.89
CA GLU C 4908 -41.78 0.16 -35.16
C GLU C 4908 -40.85 0.59 -34.06
N TYR C 4909 -41.11 0.17 -32.82
CA TYR C 4909 -40.27 0.48 -31.67
C TYR C 4909 -39.18 -0.54 -31.43
N GLU C 4910 -38.72 -1.23 -32.46
CA GLU C 4910 -37.73 -2.29 -32.25
C GLU C 4910 -36.41 -1.73 -31.74
N LEU C 4911 -35.90 -0.68 -32.38
CA LEU C 4911 -34.63 -0.11 -31.95
C LEU C 4911 -34.76 0.54 -30.58
N TYR C 4912 -35.89 1.18 -30.30
CA TYR C 4912 -36.11 1.75 -28.97
C TYR C 4912 -36.13 0.67 -27.91
N ARG C 4913 -36.80 -0.45 -28.20
CA ARG C 4913 -36.84 -1.56 -27.26
C ARG C 4913 -35.47 -2.19 -27.07
N VAL C 4914 -34.67 -2.26 -28.14
CA VAL C 4914 -33.32 -2.79 -28.00
C VAL C 4914 -32.49 -1.89 -27.10
N VAL C 4915 -32.56 -0.57 -27.31
CA VAL C 4915 -31.85 0.36 -26.45
C VAL C 4915 -32.34 0.24 -25.01
N PHE C 4916 -33.66 0.11 -24.83
CA PHE C 4916 -34.25 -0.08 -23.51
C PHE C 4916 -33.66 -1.30 -22.80
N ASP C 4917 -33.70 -2.45 -23.47
CA ASP C 4917 -33.24 -3.69 -22.84
C ASP C 4917 -31.74 -3.67 -22.59
N ILE C 4918 -30.95 -3.19 -23.54
CA ILE C 4918 -29.50 -3.24 -23.38
C ILE C 4918 -29.05 -2.24 -22.32
N THR C 4919 -29.68 -1.07 -22.23
CA THR C 4919 -29.34 -0.16 -21.16
C THR C 4919 -29.73 -0.75 -19.81
N PHE C 4920 -30.88 -1.43 -19.74
CA PHE C 4920 -31.25 -2.11 -18.49
C PHE C 4920 -30.20 -3.15 -18.11
N PHE C 4921 -29.77 -3.96 -19.08
CA PHE C 4921 -28.79 -5.00 -18.81
C PHE C 4921 -27.45 -4.41 -18.37
N PHE C 4922 -27.01 -3.32 -19.01
CA PHE C 4922 -25.72 -2.74 -18.67
C PHE C 4922 -25.78 -2.01 -17.33
N PHE C 4923 -26.83 -1.22 -17.10
CA PHE C 4923 -26.83 -0.35 -15.94
C PHE C 4923 -27.28 -1.09 -14.68
N VAL C 4924 -28.31 -1.92 -14.78
CA VAL C 4924 -28.82 -2.61 -13.61
C VAL C 4924 -28.11 -3.94 -13.40
N ILE C 4925 -28.09 -4.78 -14.43
CA ILE C 4925 -27.55 -6.13 -14.25
C ILE C 4925 -26.04 -6.09 -14.09
N VAL C 4926 -25.35 -5.26 -14.86
CA VAL C 4926 -23.89 -5.25 -14.85
C VAL C 4926 -23.37 -4.21 -13.87
N ILE C 4927 -23.70 -2.94 -14.10
CA ILE C 4927 -23.06 -1.87 -13.34
C ILE C 4927 -23.44 -1.93 -11.86
N LEU C 4928 -24.73 -2.07 -11.55
CA LEU C 4928 -25.14 -1.95 -10.15
C LEU C 4928 -24.77 -3.18 -9.33
N LEU C 4929 -24.94 -4.37 -9.90
CA LEU C 4929 -24.47 -5.56 -9.19
C LEU C 4929 -22.96 -5.57 -9.08
N ALA C 4930 -22.26 -5.02 -10.07
CA ALA C 4930 -20.81 -4.83 -9.94
C ALA C 4930 -20.47 -3.87 -8.81
N ILE C 4931 -21.29 -2.83 -8.62
CA ILE C 4931 -21.07 -1.90 -7.51
C ILE C 4931 -21.23 -2.63 -6.18
N ILE C 4932 -22.25 -3.47 -6.06
CA ILE C 4932 -22.45 -4.22 -4.82
C ILE C 4932 -21.28 -5.16 -4.55
N GLN C 4933 -20.87 -5.92 -5.56
CA GLN C 4933 -19.77 -6.86 -5.36
C GLN C 4933 -18.46 -6.14 -5.12
N GLY C 4934 -18.23 -5.01 -5.77
CA GLY C 4934 -17.06 -4.21 -5.50
C GLY C 4934 -17.05 -3.60 -4.12
N LEU C 4935 -18.23 -3.24 -3.59
CA LEU C 4935 -18.31 -2.80 -2.21
C LEU C 4935 -17.87 -3.91 -1.26
N ILE C 4936 -18.30 -5.14 -1.51
CA ILE C 4936 -17.90 -6.25 -0.64
C ILE C 4936 -16.39 -6.51 -0.75
N ILE C 4937 -15.86 -6.54 -1.97
CA ILE C 4937 -14.43 -6.80 -2.16
C ILE C 4937 -13.58 -5.69 -1.55
N ASP C 4938 -13.99 -4.44 -1.75
CA ASP C 4938 -13.28 -3.33 -1.11
C ASP C 4938 -13.36 -3.43 0.40
N ALA C 4939 -14.46 -3.94 0.95
CA ALA C 4939 -14.52 -4.15 2.39
C ALA C 4939 -13.47 -5.17 2.84
N PHE C 4940 -13.35 -6.28 2.11
CA PHE C 4940 -12.31 -7.25 2.43
C PHE C 4940 -10.92 -6.60 2.47
N GLY C 4941 -10.60 -5.87 1.40
CA GLY C 4941 -9.29 -5.24 1.32
C GLY C 4941 -9.06 -4.20 2.41
N GLU C 4942 -10.09 -3.40 2.71
CA GLU C 4942 -9.98 -2.36 3.72
C GLU C 4942 -9.76 -2.96 5.10
N LEU C 4943 -10.50 -4.00 5.44
CA LEU C 4943 -10.30 -4.64 6.74
C LEU C 4943 -8.91 -5.26 6.85
N ARG C 4944 -8.44 -5.88 5.77
CA ARG C 4944 -7.09 -6.43 5.78
C ARG C 4944 -6.06 -5.35 6.03
N ASP C 4945 -6.17 -4.22 5.33
CA ASP C 4945 -5.14 -3.20 5.51
C ASP C 4945 -5.27 -2.50 6.86
N GLN C 4946 -6.47 -2.45 7.44
CA GLN C 4946 -6.59 -1.94 8.80
C GLN C 4946 -5.83 -2.83 9.78
N GLN C 4947 -6.01 -4.14 9.67
CA GLN C 4947 -5.25 -5.05 10.53
C GLN C 4947 -3.75 -4.89 10.31
N GLU C 4948 -3.32 -4.79 9.05
CA GLU C 4948 -1.90 -4.66 8.75
C GLU C 4948 -1.34 -3.36 9.32
N GLN C 4949 -2.09 -2.26 9.24
CA GLN C 4949 -1.60 -0.99 9.74
C GLN C 4949 -1.51 -1.01 11.27
N VAL C 4950 -2.48 -1.63 11.95
CA VAL C 4950 -2.38 -1.75 13.40
C VAL C 4950 -1.13 -2.55 13.79
N LYS C 4951 -0.91 -3.67 13.11
CA LYS C 4951 0.27 -4.49 13.41
C LYS C 4951 1.55 -3.72 13.14
N GLU C 4952 1.60 -2.98 12.03
CA GLU C 4952 2.80 -2.22 11.69
C GLU C 4952 3.09 -1.14 12.73
N ASP C 4953 2.06 -0.41 13.16
CA ASP C 4953 2.27 0.61 14.18
C ASP C 4953 2.76 -0.01 15.48
N MET C 4954 2.15 -1.11 15.90
CA MET C 4954 2.56 -1.73 17.15
C MET C 4954 3.98 -2.27 17.08
N GLU C 4955 4.39 -2.81 15.93
CA GLU C 4955 5.72 -3.40 15.84
C GLU C 4955 6.81 -2.42 15.46
N THR C 4956 6.46 -1.20 15.03
CA THR C 4956 7.48 -0.19 14.71
C THR C 4956 7.50 0.97 15.68
N LYS C 4957 6.57 1.04 16.64
CA LYS C 4957 6.54 2.17 17.55
C LYS C 4957 6.17 1.67 18.93
N CYS C 4958 6.57 2.42 19.96
CA CYS C 4958 6.23 2.10 21.33
C CYS C 4958 4.86 2.67 21.67
N PHE C 4959 4.08 1.88 22.42
CA PHE C 4959 2.73 2.30 22.77
C PHE C 4959 2.75 3.47 23.73
N ILE C 4960 3.65 3.46 24.71
CA ILE C 4960 3.60 4.44 25.79
C ILE C 4960 4.26 5.75 25.38
N CYS C 4961 5.47 5.69 24.83
CA CYS C 4961 6.23 6.91 24.56
C CYS C 4961 6.24 7.31 23.09
N GLY C 4962 5.96 6.39 22.18
CA GLY C 4962 5.89 6.73 20.77
C GLY C 4962 7.22 6.82 20.06
N ILE C 4963 8.33 6.54 20.74
CA ILE C 4963 9.63 6.55 20.08
C ILE C 4963 9.75 5.31 19.21
N GLY C 4964 10.16 5.50 17.96
CA GLY C 4964 10.17 4.41 17.01
C GLY C 4964 11.18 3.33 17.37
N SER C 4965 10.98 2.16 16.79
CA SER C 4965 11.88 1.04 17.03
C SER C 4965 13.26 1.27 16.46
N ASP C 4966 13.41 2.22 15.52
CA ASP C 4966 14.72 2.48 14.95
C ASP C 4966 15.69 2.97 16.02
N TYR C 4967 15.21 3.79 16.95
CA TYR C 4967 16.07 4.28 18.02
C TYR C 4967 16.53 3.15 18.91
N PHE C 4968 15.60 2.29 19.34
CA PHE C 4968 15.96 1.25 20.30
C PHE C 4968 16.76 0.13 19.64
N ASP C 4969 16.61 -0.07 18.33
CA ASP C 4969 17.28 -1.17 17.66
C ASP C 4969 18.78 -0.97 17.53
N THR C 4970 19.31 0.20 17.89
CA THR C 4970 20.75 0.40 17.88
C THR C 4970 21.43 -0.59 18.81
N THR C 4971 20.88 -0.77 20.00
CA THR C 4971 21.24 -1.91 20.83
C THR C 4971 20.49 -3.14 20.34
N PRO C 4972 21.17 -4.27 20.13
CA PRO C 4972 20.47 -5.45 19.62
C PRO C 4972 19.33 -5.87 20.54
N HIS C 4973 18.20 -6.23 19.92
CA HIS C 4973 16.95 -6.53 20.63
C HIS C 4973 16.52 -5.38 21.52
N GLY C 4974 16.89 -4.16 21.14
CA GLY C 4974 16.59 -3.01 21.96
C GLY C 4974 15.11 -2.72 22.07
N PHE C 4975 14.38 -2.80 20.95
CA PHE C 4975 12.96 -2.51 20.99
C PHE C 4975 12.20 -3.57 21.78
N GLU C 4976 12.57 -4.85 21.61
CA GLU C 4976 11.93 -5.90 22.39
C GLU C 4976 12.21 -5.72 23.87
N THR C 4977 13.45 -5.38 24.23
CA THR C 4977 13.77 -5.13 25.63
C THR C 4977 12.98 -3.94 26.17
N HIS C 4978 12.86 -2.88 25.37
CA HIS C 4978 12.11 -1.70 25.80
C HIS C 4978 10.65 -2.01 26.04
N THR C 4979 10.01 -2.72 25.11
CA THR C 4979 8.58 -2.99 25.25
C THR C 4979 8.28 -4.08 26.28
N LEU C 4980 9.20 -5.01 26.51
CA LEU C 4980 8.95 -6.08 27.45
C LEU C 4980 9.37 -5.72 28.88
N GLU C 4981 10.33 -4.82 29.04
CA GLU C 4981 10.83 -4.44 30.36
C GLU C 4981 10.44 -3.02 30.75
N GLU C 4982 10.77 -2.05 29.91
CA GLU C 4982 10.74 -0.65 30.35
C GLU C 4982 9.35 -0.05 30.25
N HIS C 4983 8.72 -0.14 29.07
CA HIS C 4983 7.44 0.50 28.84
C HIS C 4983 6.36 -0.53 28.53
N ASN C 4984 6.28 -1.59 29.32
CA ASN C 4984 5.26 -2.61 29.12
C ASN C 4984 3.90 -2.08 29.60
N LEU C 4985 2.97 -1.95 28.66
CA LEU C 4985 1.63 -1.48 29.03
C LEU C 4985 0.97 -2.42 30.04
N ALA C 4986 1.30 -3.71 29.98
CA ALA C 4986 0.85 -4.63 31.01
C ALA C 4986 1.40 -4.22 32.37
N ASN C 4987 2.65 -3.78 32.41
CA ASN C 4987 3.23 -3.32 33.67
C ASN C 4987 2.53 -2.07 34.18
N TYR C 4988 2.13 -1.17 33.27
CA TYR C 4988 1.35 -0.01 33.70
C TYR C 4988 0.00 -0.42 34.29
N MET C 4989 -0.66 -1.40 33.66
CA MET C 4989 -1.91 -1.91 34.20
C MET C 4989 -1.71 -2.53 35.58
N PHE C 4990 -0.64 -3.30 35.74
CA PHE C 4990 -0.35 -3.92 37.03
C PHE C 4990 -0.02 -2.87 38.08
N PHE C 4991 0.63 -1.78 37.67
CA PHE C 4991 0.90 -0.70 38.61
C PHE C 4991 -0.38 -0.01 39.05
N LEU C 4992 -1.34 0.16 38.13
CA LEU C 4992 -2.62 0.70 38.55
C LEU C 4992 -3.34 -0.22 39.52
N MET C 4993 -3.30 -1.53 39.28
CA MET C 4993 -3.82 -2.48 40.27
C MET C 4993 -3.14 -2.29 41.62
N TYR C 4994 -1.82 -2.18 41.59
CA TYR C 4994 -1.03 -2.01 42.82
C TYR C 4994 -1.46 -0.77 43.57
N LEU C 4995 -1.55 0.36 42.88
CA LEU C 4995 -1.91 1.62 43.52
C LEU C 4995 -3.32 1.56 44.10
N ILE C 4996 -4.27 1.01 43.34
CA ILE C 4996 -5.66 0.94 43.82
C ILE C 4996 -5.76 0.05 45.05
N ASN C 4997 -5.08 -1.10 45.03
CA ASN C 4997 -5.17 -2.02 46.16
C ASN C 4997 -4.44 -1.49 47.38
N LYS C 4998 -3.33 -0.79 47.18
CA LYS C 4998 -2.52 -0.32 48.30
C LYS C 4998 -3.18 0.88 48.95
N ASP C 4999 -3.40 0.80 50.26
CA ASP C 4999 -3.97 1.92 51.00
C ASP C 4999 -3.01 3.09 51.01
N GLU C 5000 -3.57 4.31 50.96
CA GLU C 5000 -2.76 5.50 50.78
C GLU C 5000 -1.77 5.74 51.93
N THR C 5001 -2.02 5.14 53.10
CA THR C 5001 -1.10 5.36 54.21
C THR C 5001 0.28 4.78 53.92
N GLU C 5002 0.33 3.66 53.20
CA GLU C 5002 1.59 3.01 52.88
C GLU C 5002 2.20 3.46 51.55
N HIS C 5003 1.59 4.44 50.89
CA HIS C 5003 2.12 4.93 49.62
C HIS C 5003 3.49 5.58 49.83
N THR C 5004 4.40 5.31 48.90
CA THR C 5004 5.69 5.97 48.89
C THR C 5004 5.56 7.31 48.15
N GLY C 5005 6.67 8.01 47.99
CA GLY C 5005 6.59 9.34 47.42
C GLY C 5005 6.12 9.33 45.97
N GLN C 5006 6.78 8.52 45.13
CA GLN C 5006 6.39 8.45 43.73
C GLN C 5006 5.02 7.81 43.56
N GLU C 5007 4.69 6.84 44.42
CA GLU C 5007 3.37 6.25 44.39
C GLU C 5007 2.29 7.27 44.69
N SER C 5008 2.52 8.14 45.68
CA SER C 5008 1.54 9.16 46.00
C SER C 5008 1.47 10.22 44.90
N TYR C 5009 2.60 10.54 44.28
CA TYR C 5009 2.58 11.47 43.15
C TYR C 5009 1.69 10.94 42.03
N VAL C 5010 1.92 9.68 41.63
CA VAL C 5010 1.12 9.07 40.58
C VAL C 5010 -0.32 8.90 41.02
N TRP C 5011 -0.55 8.62 42.31
CA TRP C 5011 -1.92 8.47 42.80
C TRP C 5011 -2.69 9.78 42.69
N LYS C 5012 -2.07 10.89 43.05
CA LYS C 5012 -2.74 12.18 42.91
C LYS C 5012 -2.97 12.52 41.45
N MET C 5013 -1.98 12.24 40.60
CA MET C 5013 -2.18 12.52 39.17
C MET C 5013 -3.28 11.64 38.57
N TYR C 5014 -3.48 10.44 39.11
CA TYR C 5014 -4.55 9.57 38.65
C TYR C 5014 -5.90 10.00 39.18
N GLN C 5015 -5.95 10.48 40.43
CA GLN C 5015 -7.19 11.01 40.99
C GLN C 5015 -7.63 12.28 40.27
N GLU C 5016 -6.68 13.10 39.82
CA GLU C 5016 -7.02 14.29 39.06
C GLU C 5016 -7.21 14.02 37.57
N ARG C 5017 -7.06 12.77 37.14
CA ARG C 5017 -7.20 12.39 35.73
C ARG C 5017 -6.23 13.17 34.85
N CYS C 5018 -5.02 13.40 35.33
CA CYS C 5018 -3.96 14.01 34.56
C CYS C 5018 -2.91 12.95 34.24
N TRP C 5019 -2.64 12.75 32.96
CA TRP C 5019 -1.80 11.65 32.48
C TRP C 5019 -0.45 12.17 31.98
N ASP C 5020 0.10 13.16 32.67
CA ASP C 5020 1.42 13.67 32.35
C ASP C 5020 2.54 12.84 32.97
N PHE C 5021 2.22 11.91 33.86
CA PHE C 5021 3.23 11.02 34.40
C PHE C 5021 3.62 9.91 33.43
N PHE C 5022 2.83 9.67 32.40
CA PHE C 5022 3.23 8.74 31.36
C PHE C 5022 4.37 9.36 30.55
N PRO C 5023 5.45 8.63 30.30
CA PRO C 5023 6.56 9.20 29.52
C PRO C 5023 6.17 9.42 28.08
N ALA C 5024 6.06 10.68 27.66
CA ALA C 5024 5.64 11.02 26.30
C ALA C 5024 6.86 11.46 25.50
N GLY C 5025 7.31 10.60 24.60
CA GLY C 5025 8.43 10.94 23.75
C GLY C 5025 9.78 10.90 24.42
N ASP C 5026 9.86 10.41 25.66
CA ASP C 5026 11.11 10.31 26.38
C ASP C 5026 11.16 8.98 27.11
N CYS C 5027 12.35 8.44 27.26
CA CYS C 5027 12.54 7.17 27.94
C CYS C 5027 13.81 7.23 28.78
N PHE C 5028 14.02 6.18 29.57
CA PHE C 5028 15.19 6.14 30.45
C PHE C 5028 16.48 6.09 29.65
N ARG C 5029 16.53 5.29 28.59
CA ARG C 5029 17.71 5.25 27.75
C ARG C 5029 17.97 6.61 27.11
N LYS C 5030 16.91 7.24 26.59
CA LYS C 5030 17.10 8.54 25.94
C LYS C 5030 17.58 9.58 26.93
N GLN C 5031 17.12 9.51 28.17
CA GLN C 5031 17.51 10.50 29.16
C GLN C 5031 18.94 10.29 29.63
N TYR C 5032 19.33 9.05 29.90
CA TYR C 5032 20.63 8.77 30.51
C TYR C 5032 21.60 8.08 29.56
N GLU C 5033 21.44 8.29 28.25
CA GLU C 5033 22.40 7.73 27.29
C GLU C 5033 23.81 8.24 27.54
N ASP C 5034 23.95 9.47 28.04
CA ASP C 5034 25.27 10.01 28.34
C ASP C 5034 26.00 9.16 29.38
N GLN C 5035 25.30 8.80 30.46
CA GLN C 5035 25.92 7.96 31.49
C GLN C 5035 25.98 6.50 31.08
N LEU C 5036 25.03 6.03 30.26
CA LEU C 5036 25.06 4.64 29.83
C LEU C 5036 26.11 4.39 28.75
N SER C 5037 26.64 5.44 28.14
CA SER C 5037 27.69 5.30 27.14
C SER C 5037 28.95 4.71 27.76
N ASN D 3950 71.40 -31.98 3.12
CA ASN D 3950 71.24 -31.87 4.58
C ASN D 3950 70.15 -30.87 4.92
N PHE D 3951 69.50 -30.33 3.90
CA PHE D 3951 68.43 -29.38 4.12
C PHE D 3951 67.20 -30.02 4.75
N SER D 3952 67.05 -31.34 4.65
CA SER D 3952 65.89 -32.00 5.23
C SER D 3952 65.87 -31.85 6.75
N LYS D 3953 67.04 -31.95 7.39
CA LYS D 3953 67.10 -31.83 8.83
C LYS D 3953 66.71 -30.43 9.30
N ALA D 3954 67.21 -29.40 8.61
CA ALA D 3954 66.89 -28.03 9.00
C ALA D 3954 65.41 -27.72 8.80
N MET D 3955 64.85 -28.15 7.67
CA MET D 3955 63.45 -27.87 7.39
C MET D 3955 62.52 -28.58 8.36
N SER D 3956 62.86 -29.81 8.75
CA SER D 3956 62.02 -30.53 9.70
C SER D 3956 61.96 -29.80 11.04
N VAL D 3957 63.10 -29.31 11.51
CA VAL D 3957 63.11 -28.52 12.74
C VAL D 3957 62.43 -27.18 12.53
N ALA D 3958 62.62 -26.58 11.35
CA ALA D 3958 62.02 -25.28 11.06
C ALA D 3958 60.50 -25.34 11.07
N LYS D 3959 59.93 -26.46 10.62
CA LYS D 3959 58.48 -26.62 10.71
C LYS D 3959 58.01 -26.62 12.15
N GLN D 3960 58.72 -27.33 13.03
CA GLN D 3960 58.32 -27.41 14.42
C GLN D 3960 58.40 -26.06 15.10
N VAL D 3961 59.41 -25.26 14.76
CA VAL D 3961 59.52 -23.92 15.34
C VAL D 3961 58.34 -23.06 14.93
N PHE D 3962 57.99 -23.08 13.64
CA PHE D 3962 56.86 -22.29 13.16
C PHE D 3962 55.55 -22.82 13.71
N ASN D 3963 55.38 -24.14 13.73
CA ASN D 3963 54.15 -24.72 14.28
C ASN D 3963 54.00 -24.41 15.76
N SER D 3964 55.10 -24.48 16.51
CA SER D 3964 55.06 -24.08 17.91
C SER D 3964 54.76 -22.59 18.05
N LEU D 3965 55.33 -21.76 17.17
CA LEU D 3965 55.03 -20.34 17.20
C LEU D 3965 53.55 -20.08 16.91
N THR D 3966 52.97 -20.86 16.00
CA THR D 3966 51.56 -20.69 15.67
C THR D 3966 50.69 -20.94 16.91
N GLU D 3967 51.01 -21.98 17.68
CA GLU D 3967 50.21 -22.30 18.87
C GLU D 3967 50.31 -21.20 19.91
N TYR D 3968 51.41 -20.45 19.92
CA TYR D 3968 51.56 -19.36 20.87
C TYR D 3968 50.55 -18.24 20.59
N ILE D 3969 50.28 -17.97 19.31
CA ILE D 3969 49.44 -16.84 18.94
C ILE D 3969 48.07 -17.27 18.42
N GLN D 3970 47.79 -18.57 18.38
CA GLN D 3970 46.48 -19.06 17.93
C GLN D 3970 45.56 -19.10 19.13
N GLY D 3971 44.42 -18.42 19.02
CA GLY D 3971 43.52 -18.27 20.14
C GLY D 3971 43.39 -16.84 20.58
N PRO D 3972 43.41 -15.91 19.60
CA PRO D 3972 43.66 -14.49 19.90
C PRO D 3972 44.41 -14.19 21.18
N CYS D 3973 45.61 -14.75 21.34
CA CYS D 3973 46.47 -14.41 22.47
C CYS D 3973 47.13 -13.07 22.16
N THR D 3974 46.51 -12.01 22.69
CA THR D 3974 46.93 -10.65 22.36
C THR D 3974 48.38 -10.39 22.79
N GLY D 3975 48.75 -10.85 23.98
CA GLY D 3975 50.10 -10.60 24.48
C GLY D 3975 51.16 -11.22 23.59
N ASN D 3976 50.98 -12.47 23.20
CA ASN D 3976 51.97 -13.13 22.35
C ASN D 3976 51.98 -12.53 20.95
N GLN D 3977 50.82 -12.11 20.45
CA GLN D 3977 50.76 -11.46 19.14
C GLN D 3977 51.53 -10.14 19.16
N GLN D 3978 51.37 -9.36 20.23
CA GLN D 3978 52.05 -8.06 20.30
C GLN D 3978 53.54 -8.23 20.58
N SER D 3979 53.90 -9.15 21.48
CA SER D 3979 55.30 -9.34 21.83
C SER D 3979 56.11 -9.82 20.62
N LEU D 3980 55.56 -10.76 19.86
CA LEU D 3980 56.27 -11.24 18.66
C LEU D 3980 56.37 -10.14 17.61
N ALA D 3981 55.37 -9.26 17.56
CA ALA D 3981 55.42 -8.13 16.63
C ALA D 3981 56.57 -7.19 16.97
N HIS D 3982 56.77 -6.92 18.27
CA HIS D 3982 57.85 -6.06 18.73
C HIS D 3982 59.21 -6.73 18.65
N SER D 3983 59.28 -8.04 18.45
CA SER D 3983 60.55 -8.75 18.38
C SER D 3983 61.11 -8.64 16.97
N ARG D 3984 62.20 -9.37 16.71
CA ARG D 3984 62.86 -9.37 15.42
C ARG D 3984 62.42 -10.53 14.53
N LEU D 3985 61.18 -10.97 14.68
CA LEU D 3985 60.69 -12.08 13.86
C LEU D 3985 60.63 -11.69 12.39
N TRP D 3986 60.37 -10.41 12.10
CA TRP D 3986 60.23 -9.98 10.71
C TRP D 3986 61.53 -10.19 9.93
N ASP D 3987 62.68 -9.91 10.56
CA ASP D 3987 63.96 -10.13 9.90
C ASP D 3987 64.19 -11.60 9.59
N ALA D 3988 63.74 -12.49 10.48
CA ALA D 3988 63.87 -13.92 10.23
C ALA D 3988 63.06 -14.34 9.00
N VAL D 3989 61.84 -13.80 8.86
CA VAL D 3989 61.00 -14.16 7.73
C VAL D 3989 61.61 -13.64 6.43
N VAL D 3990 62.25 -12.47 6.48
CA VAL D 3990 62.86 -11.90 5.28
C VAL D 3990 63.92 -12.83 4.72
N GLY D 3991 64.77 -13.38 5.59
CA GLY D 3991 65.76 -14.34 5.14
C GLY D 3991 65.12 -15.62 4.63
N PHE D 3992 64.10 -16.10 5.32
CA PHE D 3992 63.43 -17.33 4.89
C PHE D 3992 62.74 -17.15 3.55
N LEU D 3993 62.09 -16.00 3.34
CA LEU D 3993 61.46 -15.74 2.05
C LEU D 3993 62.49 -15.68 0.94
N HIS D 3994 63.65 -15.08 1.22
CA HIS D 3994 64.73 -15.08 0.23
C HIS D 3994 65.22 -16.49 -0.05
N VAL D 3995 65.35 -17.32 0.99
CA VAL D 3995 65.71 -18.72 0.79
C VAL D 3995 64.62 -19.46 0.05
N PHE D 3996 63.36 -19.22 0.42
CA PHE D 3996 62.24 -19.87 -0.26
C PHE D 3996 62.20 -19.50 -1.74
N ALA D 3997 62.42 -18.21 -2.05
CA ALA D 3997 62.27 -17.75 -3.43
C ALA D 3997 63.30 -18.39 -4.35
N HIS D 3998 64.56 -18.39 -3.94
CA HIS D 3998 65.62 -18.89 -4.82
C HIS D 3998 65.62 -20.41 -4.90
N MET D 3999 65.44 -21.09 -3.77
CA MET D 3999 65.39 -22.54 -3.79
C MET D 3999 64.15 -23.07 -4.50
N MET D 4000 63.08 -22.28 -4.59
CA MET D 4000 61.90 -22.70 -5.33
C MET D 4000 62.21 -22.89 -6.80
N MET D 4001 62.92 -21.93 -7.40
CA MET D 4001 63.28 -22.03 -8.81
C MET D 4001 64.41 -23.03 -9.03
N LYS D 4002 65.41 -23.05 -8.14
CA LYS D 4002 66.56 -23.90 -8.33
C LYS D 4002 66.18 -25.37 -8.26
N LEU D 4003 65.43 -25.77 -7.23
CA LEU D 4003 65.07 -27.17 -7.08
C LEU D 4003 64.03 -27.59 -8.11
N ALA D 4004 63.22 -26.65 -8.62
CA ALA D 4004 62.26 -26.99 -9.65
C ALA D 4004 62.96 -27.40 -10.95
N GLN D 4005 64.07 -26.74 -11.29
CA GLN D 4005 64.77 -27.04 -12.53
C GLN D 4005 65.35 -28.45 -12.52
N ASP D 4006 65.87 -28.89 -11.37
CA ASP D 4006 66.48 -30.21 -11.28
C ASP D 4006 65.39 -31.26 -11.06
N SER D 4007 65.43 -32.32 -11.87
CA SER D 4007 64.44 -33.37 -11.78
C SER D 4007 64.65 -34.31 -10.60
N SER D 4008 65.86 -34.32 -10.02
CA SER D 4008 66.17 -35.18 -8.90
C SER D 4008 65.84 -34.54 -7.56
N GLN D 4009 65.33 -33.31 -7.55
CA GLN D 4009 65.04 -32.59 -6.33
C GLN D 4009 63.54 -32.56 -6.01
N ILE D 4010 62.78 -33.50 -6.56
CA ILE D 4010 61.33 -33.52 -6.29
C ILE D 4010 61.06 -33.77 -4.82
N GLU D 4011 61.79 -34.73 -4.22
CA GLU D 4011 61.58 -35.03 -2.81
C GLU D 4011 61.92 -33.83 -1.92
N LEU D 4012 63.02 -33.15 -2.23
CA LEU D 4012 63.39 -31.97 -1.45
C LEU D 4012 62.45 -30.80 -1.71
N LEU D 4013 61.93 -30.69 -2.94
CA LEU D 4013 61.02 -29.59 -3.26
C LEU D 4013 59.73 -29.71 -2.46
N LYS D 4014 59.23 -30.93 -2.27
CA LYS D 4014 58.07 -31.12 -1.41
C LYS D 4014 58.37 -30.72 0.03
N GLU D 4015 59.56 -31.07 0.52
CA GLU D 4015 59.96 -30.67 1.87
C GLU D 4015 60.09 -29.17 1.99
N LEU D 4016 60.34 -28.47 0.87
CA LEU D 4016 60.43 -27.02 0.92
C LEU D 4016 59.04 -26.38 1.00
N LEU D 4017 58.07 -26.96 0.30
CA LEU D 4017 56.73 -26.37 0.24
C LEU D 4017 56.03 -26.41 1.59
N ASP D 4018 56.07 -27.57 2.26
CA ASP D 4018 55.34 -27.73 3.52
C ASP D 4018 55.86 -26.75 4.57
N LEU D 4019 57.18 -26.54 4.60
CA LEU D 4019 57.73 -25.52 5.49
C LEU D 4019 57.21 -24.13 5.15
N GLN D 4020 57.13 -23.84 3.85
CA GLN D 4020 56.67 -22.52 3.42
C GLN D 4020 55.20 -22.29 3.80
N LYS D 4021 54.37 -23.33 3.67
CA LYS D 4021 52.97 -23.19 4.05
C LYS D 4021 52.82 -22.94 5.55
N ASP D 4022 53.62 -23.63 6.36
CA ASP D 4022 53.57 -23.42 7.80
C ASP D 4022 53.96 -22.01 8.20
N MET D 4023 54.73 -21.32 7.37
CA MET D 4023 55.08 -19.94 7.67
C MET D 4023 53.86 -19.02 7.54
N VAL D 4024 53.13 -19.13 6.43
CA VAL D 4024 52.02 -18.22 6.19
C VAL D 4024 50.89 -18.46 7.20
N VAL D 4025 50.76 -19.70 7.69
CA VAL D 4025 49.82 -19.95 8.78
C VAL D 4025 50.23 -19.16 10.03
N MET D 4026 51.53 -19.12 10.31
CA MET D 4026 52.01 -18.29 11.40
C MET D 4026 51.74 -16.82 11.13
N LEU D 4027 51.92 -16.39 9.88
CA LEU D 4027 51.56 -15.02 9.51
C LEU D 4027 50.06 -14.78 9.64
N LEU D 4028 49.24 -15.73 9.18
CA LEU D 4028 47.80 -15.61 9.33
C LEU D 4028 47.37 -15.66 10.79
N SER D 4029 48.15 -16.33 11.65
CA SER D 4029 47.84 -16.36 13.06
C SER D 4029 48.11 -15.04 13.75
N LEU D 4030 49.01 -14.22 13.20
CA LEU D 4030 49.26 -12.89 13.72
C LEU D 4030 48.17 -11.89 13.35
N LEU D 4031 47.35 -12.20 12.35
CA LEU D 4031 46.28 -11.32 11.90
C LEU D 4031 44.93 -11.71 12.47
N GLU D 4032 44.90 -12.62 13.44
CA GLU D 4032 43.65 -12.94 14.11
C GLU D 4032 43.28 -11.81 15.06
N GLY D 4033 42.05 -11.31 14.93
CA GLY D 4033 41.62 -10.19 15.74
C GLY D 4033 42.33 -8.89 15.42
N ASN D 4034 42.95 -8.79 14.24
CA ASN D 4034 43.67 -7.58 13.88
C ASN D 4034 42.70 -6.46 13.56
N VAL D 4035 43.17 -5.24 13.71
CA VAL D 4035 42.37 -4.05 13.42
C VAL D 4035 42.97 -3.33 12.23
N VAL D 4036 42.19 -2.41 11.66
CA VAL D 4036 42.71 -1.58 10.58
C VAL D 4036 43.76 -0.64 11.13
N ASN D 4037 44.83 -0.43 10.36
CA ASN D 4037 45.97 0.38 10.77
C ASN D 4037 46.57 -0.12 12.08
N GLY D 4038 46.48 -1.43 12.32
CA GLY D 4038 47.03 -1.99 13.54
C GLY D 4038 48.54 -2.04 13.53
N MET D 4039 49.11 -2.05 14.73
CA MET D 4039 50.57 -2.08 14.86
C MET D 4039 51.13 -3.36 14.25
N ILE D 4040 50.51 -4.50 14.57
CA ILE D 4040 50.97 -5.77 14.02
C ILE D 4040 50.76 -5.81 12.50
N ALA D 4041 49.65 -5.27 12.03
CA ALA D 4041 49.37 -5.28 10.60
C ALA D 4041 50.34 -4.39 9.83
N ARG D 4042 50.60 -3.19 10.33
CA ARG D 4042 51.51 -2.28 9.64
C ARG D 4042 52.91 -2.85 9.54
N GLN D 4043 53.40 -3.46 10.63
CA GLN D 4043 54.73 -4.05 10.61
C GLN D 4043 54.80 -5.20 9.62
N MET D 4044 53.72 -5.97 9.50
CA MET D 4044 53.67 -7.04 8.51
C MET D 4044 53.70 -6.48 7.10
N VAL D 4045 53.00 -5.38 6.86
CA VAL D 4045 53.01 -4.74 5.54
C VAL D 4045 54.41 -4.22 5.23
N ASP D 4046 55.05 -3.58 6.21
CA ASP D 4046 56.39 -3.03 6.00
C ASP D 4046 57.38 -4.14 5.67
N MET D 4047 57.25 -5.29 6.33
CA MET D 4047 58.09 -6.44 5.99
C MET D 4047 57.81 -6.93 4.58
N LEU D 4048 56.56 -6.84 4.14
CA LEU D 4048 56.21 -7.26 2.78
C LEU D 4048 56.86 -6.36 1.74
N VAL D 4049 56.92 -5.05 2.01
CA VAL D 4049 57.50 -4.11 1.05
C VAL D 4049 58.99 -4.40 0.86
N GLU D 4050 59.70 -4.65 1.95
CA GLU D 4050 61.15 -4.83 1.88
C GLU D 4050 61.51 -6.06 1.06
N SER D 4051 60.77 -7.15 1.22
CA SER D 4051 61.03 -8.39 0.51
C SER D 4051 60.17 -8.51 -0.76
N SER D 4052 59.76 -7.38 -1.34
CA SER D 4052 58.86 -7.41 -2.48
C SER D 4052 59.47 -8.16 -3.66
N SER D 4053 60.79 -8.02 -3.85
CA SER D 4053 61.45 -8.76 -4.93
C SER D 4053 61.35 -10.26 -4.71
N ASN D 4054 61.56 -10.72 -3.47
CA ASN D 4054 61.47 -12.14 -3.18
C ASN D 4054 60.03 -12.61 -3.10
N VAL D 4055 59.14 -11.74 -2.60
CA VAL D 4055 57.72 -12.10 -2.51
C VAL D 4055 57.15 -12.33 -3.90
N GLU D 4056 57.46 -11.43 -4.85
CA GLU D 4056 56.94 -11.57 -6.21
C GLU D 4056 57.77 -12.54 -7.04
N MET D 4057 58.06 -13.72 -6.51
CA MET D 4057 58.58 -14.84 -7.28
C MET D 4057 57.94 -16.16 -6.92
N ILE D 4058 57.42 -16.31 -5.69
CA ILE D 4058 56.67 -17.51 -5.34
C ILE D 4058 55.35 -17.54 -6.09
N LEU D 4059 54.73 -16.38 -6.28
CA LEU D 4059 53.47 -16.31 -6.99
C LEU D 4059 53.62 -16.79 -8.42
N LYS D 4060 54.71 -16.44 -9.07
CA LYS D 4060 55.02 -16.93 -10.41
C LYS D 4060 55.65 -18.32 -10.33
N PRO D 4176 37.20 -15.55 -5.86
CA PRO D 4176 36.37 -16.69 -6.27
C PRO D 4176 36.25 -17.75 -5.18
N TYR D 4177 37.35 -18.00 -4.47
CA TYR D 4177 37.35 -18.94 -3.35
C TYR D 4177 37.54 -18.26 -2.00
N LEU D 4178 38.05 -17.05 -1.98
CA LEU D 4178 38.25 -16.32 -0.73
C LEU D 4178 36.88 -15.94 -0.17
N GLY D 4179 36.38 -16.75 0.76
CA GLY D 4179 35.14 -16.47 1.43
C GLY D 4179 35.39 -15.76 2.73
N ARG D 4180 34.77 -14.61 2.90
CA ARG D 4180 34.96 -13.79 4.08
C ARG D 4180 33.62 -13.55 4.77
N ILE D 4181 33.65 -13.58 6.10
CA ILE D 4181 32.49 -13.25 6.92
C ILE D 4181 32.94 -12.26 7.98
N GLU D 4182 31.97 -11.71 8.69
CA GLU D 4182 32.23 -10.88 9.85
C GLU D 4182 31.46 -11.45 11.03
N ILE D 4183 32.16 -11.72 12.12
CA ILE D 4183 31.54 -12.26 13.34
C ILE D 4183 31.92 -11.36 14.50
N MET D 4184 30.95 -11.13 15.39
CA MET D 4184 31.26 -10.47 16.65
C MET D 4184 32.16 -11.38 17.48
N GLY D 4185 33.44 -11.02 17.59
CA GLY D 4185 34.45 -11.88 18.16
C GLY D 4185 34.49 -11.84 19.68
N ALA D 4186 35.45 -12.58 20.23
CA ALA D 4186 35.63 -12.63 21.67
C ALA D 4186 36.05 -11.29 22.24
N SER D 4187 36.76 -10.49 21.45
CA SER D 4187 37.26 -9.19 21.89
C SER D 4187 36.19 -8.11 21.90
N ARG D 4188 34.91 -8.49 21.82
CA ARG D 4188 33.78 -7.57 21.83
C ARG D 4188 33.78 -6.64 20.62
N ARG D 4189 34.46 -7.03 19.54
CA ARG D 4189 34.54 -6.22 18.33
C ARG D 4189 34.26 -7.07 17.11
N ILE D 4190 33.64 -6.46 16.10
CA ILE D 4190 33.42 -7.15 14.84
C ILE D 4190 34.76 -7.39 14.15
N GLU D 4191 34.98 -8.63 13.74
CA GLU D 4191 36.23 -8.99 13.07
C GLU D 4191 35.91 -9.86 11.86
N ARG D 4192 36.85 -9.89 10.92
CA ARG D 4192 36.65 -10.54 9.63
C ARG D 4192 37.44 -11.83 9.57
N ILE D 4193 36.77 -12.91 9.18
CA ILE D 4193 37.36 -14.25 9.07
C ILE D 4193 37.44 -14.63 7.59
N TYR D 4194 38.55 -15.22 7.19
CA TYR D 4194 38.76 -15.66 5.82
C TYR D 4194 38.90 -17.18 5.78
N PHE D 4195 38.26 -17.81 4.80
CA PHE D 4195 38.31 -19.25 4.63
C PHE D 4195 38.15 -19.56 3.14
N GLU D 4196 38.53 -20.77 2.77
CA GLU D 4196 38.45 -21.19 1.37
C GLU D 4196 37.15 -21.92 1.12
N ILE D 4197 36.47 -21.56 0.03
CA ILE D 4197 35.23 -22.21 -0.37
C ILE D 4197 35.54 -23.20 -1.49
N SER D 4198 35.10 -24.44 -1.33
CA SER D 4198 35.37 -25.46 -2.32
C SER D 4198 34.53 -25.23 -3.58
N GLU D 4199 35.10 -25.59 -4.73
CA GLU D 4199 34.42 -25.36 -6.00
C GLU D 4199 33.15 -26.20 -6.11
N THR D 4200 33.18 -27.44 -5.62
CA THR D 4200 31.99 -28.27 -5.63
C THR D 4200 30.89 -27.67 -4.77
N ASN D 4201 31.26 -27.15 -3.60
CA ASN D 4201 30.27 -26.47 -2.75
C ASN D 4201 29.70 -25.25 -3.45
N ARG D 4202 30.55 -24.47 -4.13
CA ARG D 4202 30.08 -23.29 -4.83
C ARG D 4202 29.10 -23.66 -5.95
N ALA D 4203 29.44 -24.68 -6.73
CA ALA D 4203 28.54 -25.11 -7.80
C ALA D 4203 27.23 -25.66 -7.24
N GLN D 4204 27.31 -26.45 -6.17
CA GLN D 4204 26.10 -27.01 -5.58
C GLN D 4204 25.23 -25.94 -4.95
N TRP D 4205 25.84 -24.83 -4.51
CA TRP D 4205 25.04 -23.69 -4.06
C TRP D 4205 24.39 -22.99 -5.24
N GLU D 4206 25.12 -22.85 -6.34
CA GLU D 4206 24.55 -22.20 -7.53
C GLU D 4206 23.50 -23.06 -8.23
N MET D 4207 23.38 -24.33 -7.84
CA MET D 4207 22.37 -25.19 -8.44
C MET D 4207 20.97 -24.60 -8.29
N PRO D 4208 20.11 -24.71 -9.30
CA PRO D 4208 18.80 -24.04 -9.24
C PRO D 4208 17.87 -24.59 -8.18
N GLN D 4209 17.91 -25.89 -7.88
CA GLN D 4209 17.08 -26.42 -6.81
C GLN D 4209 17.48 -25.82 -5.47
N VAL D 4210 18.78 -25.69 -5.23
CA VAL D 4210 19.25 -25.06 -4.00
C VAL D 4210 18.90 -23.58 -3.97
N LYS D 4211 18.95 -22.92 -5.14
CA LYS D 4211 18.53 -21.53 -5.20
C LYS D 4211 17.05 -21.39 -4.82
N GLU D 4212 16.20 -22.29 -5.31
CA GLU D 4212 14.79 -22.25 -4.95
C GLU D 4212 14.58 -22.55 -3.47
N SER D 4213 15.35 -23.48 -2.91
CA SER D 4213 15.26 -23.74 -1.48
C SER D 4213 15.61 -22.49 -0.68
N LYS D 4214 16.67 -21.78 -1.08
CA LYS D 4214 17.03 -20.54 -0.42
C LYS D 4214 15.93 -19.50 -0.56
N ARG D 4215 15.33 -19.39 -1.75
CA ARG D 4215 14.27 -18.40 -1.95
C ARG D 4215 13.06 -18.70 -1.07
N GLN D 4216 12.67 -19.97 -0.98
CA GLN D 4216 11.56 -20.35 -0.12
C GLN D 4216 11.88 -20.08 1.34
N PHE D 4217 13.11 -20.36 1.77
CA PHE D 4217 13.50 -20.05 3.14
C PHE D 4217 13.40 -18.56 3.42
N ILE D 4218 13.89 -17.73 2.50
CA ILE D 4218 13.86 -16.29 2.70
C ILE D 4218 12.43 -15.79 2.80
N PHE D 4219 11.55 -16.27 1.90
CA PHE D 4219 10.15 -15.88 1.98
C PHE D 4219 9.53 -16.31 3.30
N ASP D 4220 9.78 -17.55 3.72
CA ASP D 4220 9.21 -18.03 4.97
C ASP D 4220 9.63 -17.16 6.14
N VAL D 4221 10.93 -16.88 6.25
CA VAL D 4221 11.43 -16.10 7.39
C VAL D 4221 10.85 -14.69 7.35
N VAL D 4222 10.93 -14.02 6.20
CA VAL D 4222 10.50 -12.62 6.15
C VAL D 4222 8.99 -12.51 6.38
N ASN D 4223 8.22 -13.48 5.89
CA ASN D 4223 6.77 -13.40 6.06
C ASN D 4223 6.37 -13.75 7.48
N GLU D 4224 6.70 -14.96 7.95
CA GLU D 4224 6.38 -15.37 9.31
C GLU D 4224 7.68 -15.73 10.02
N GLY D 4225 8.39 -14.72 10.53
CA GLY D 4225 9.56 -14.95 11.34
C GLY D 4225 9.70 -13.88 12.39
N GLY D 4226 10.64 -14.10 13.30
CA GLY D 4226 10.92 -13.16 14.37
C GLY D 4226 12.36 -12.70 14.40
N GLU D 4227 12.63 -11.59 15.07
CA GLU D 4227 13.99 -11.08 15.15
C GLU D 4227 14.90 -12.00 15.96
N ALA D 4228 14.39 -12.55 17.07
CA ALA D 4228 15.20 -13.44 17.90
C ALA D 4228 15.32 -14.82 17.27
N GLU D 4229 14.27 -15.28 16.59
CA GLU D 4229 14.27 -16.61 16.00
C GLU D 4229 14.99 -16.65 14.65
N LYS D 4230 15.28 -15.49 14.05
CA LYS D 4230 15.77 -15.46 12.68
C LYS D 4230 17.09 -16.19 12.53
N MET D 4231 18.04 -15.96 13.45
CA MET D 4231 19.34 -16.59 13.33
C MET D 4231 19.27 -18.10 13.57
N GLU D 4232 18.43 -18.54 14.51
CA GLU D 4232 18.25 -19.97 14.71
C GLU D 4232 17.70 -20.62 13.45
N LEU D 4233 16.69 -19.99 12.83
CA LEU D 4233 16.12 -20.51 11.60
C LEU D 4233 17.13 -20.50 10.47
N PHE D 4234 17.96 -19.46 10.40
CA PHE D 4234 18.96 -19.37 9.36
C PHE D 4234 20.01 -20.46 9.51
N VAL D 4235 20.45 -20.73 10.73
CA VAL D 4235 21.43 -21.78 10.94
C VAL D 4235 20.82 -23.15 10.63
N SER D 4236 19.55 -23.35 10.99
CA SER D 4236 18.90 -24.61 10.63
C SER D 4236 18.82 -24.78 9.12
N PHE D 4237 18.50 -23.70 8.41
CA PHE D 4237 18.46 -23.75 6.95
C PHE D 4237 19.85 -24.04 6.38
N CYS D 4238 20.89 -23.44 6.94
CA CYS D 4238 22.24 -23.73 6.49
C CYS D 4238 22.59 -25.19 6.69
N GLU D 4239 22.21 -25.76 7.84
CA GLU D 4239 22.51 -27.17 8.09
C GLU D 4239 21.76 -28.08 7.13
N ASP D 4240 20.48 -27.79 6.87
CA ASP D 4240 19.72 -28.57 5.91
C ASP D 4240 20.37 -28.49 4.53
N THR D 4241 20.80 -27.30 4.13
CA THR D 4241 21.46 -27.13 2.83
C THR D 4241 22.76 -27.91 2.78
N ILE D 4242 23.53 -27.90 3.86
CA ILE D 4242 24.80 -28.64 3.87
C ILE D 4242 24.55 -30.13 3.71
N PHE D 4243 23.54 -30.66 4.41
CA PHE D 4243 23.24 -32.08 4.26
C PHE D 4243 22.78 -32.40 2.84
N GLU D 4244 21.95 -31.53 2.26
CA GLU D 4244 21.50 -31.75 0.88
C GLU D 4244 22.68 -31.73 -0.08
N MET D 4245 23.64 -30.83 0.14
CA MET D 4245 24.84 -30.79 -0.70
C MET D 4245 25.64 -32.08 -0.57
N GLN D 4246 25.75 -32.61 0.64
CA GLN D 4246 26.46 -33.87 0.81
C GLN D 4246 25.75 -35.02 0.11
N ILE D 4247 24.42 -35.05 0.19
CA ILE D 4247 23.66 -36.08 -0.53
C ILE D 4247 23.86 -35.95 -2.04
N ALA D 4248 23.83 -34.72 -2.55
CA ALA D 4248 24.04 -34.50 -3.97
C ALA D 4248 25.43 -34.93 -4.40
N ALA D 4249 26.44 -34.67 -3.57
CA ALA D 4249 27.79 -35.12 -3.88
C ALA D 4249 27.87 -36.64 -3.87
N GLN D 4250 27.17 -37.28 -2.93
CA GLN D 4250 27.15 -38.74 -2.91
C GLN D 4250 26.53 -39.32 -4.18
N ILE D 4251 25.42 -38.74 -4.62
CA ILE D 4251 24.71 -39.26 -5.80
C ILE D 4251 25.28 -38.76 -7.11
N SER D 4252 26.25 -37.86 -7.08
CA SER D 4252 26.82 -37.34 -8.32
C SER D 4252 27.49 -38.44 -9.11
N GLU D 4253 27.73 -38.17 -10.39
CA GLU D 4253 28.29 -39.17 -11.29
C GLU D 4253 29.69 -39.57 -10.82
N PRO D 4254 30.02 -40.87 -10.82
CA PRO D 4254 31.36 -41.34 -10.45
C PRO D 4254 32.42 -40.97 -11.48
N GLY D 4542 29.21 -58.67 -4.75
CA GLY D 4542 30.25 -58.06 -5.58
C GLY D 4542 29.68 -57.17 -6.67
N GLU D 4543 29.40 -57.78 -7.83
CA GLU D 4543 28.76 -57.02 -8.91
C GLU D 4543 27.34 -56.63 -8.54
N LEU D 4544 26.69 -57.40 -7.67
CA LEU D 4544 25.34 -57.07 -7.22
C LEU D 4544 25.32 -55.76 -6.46
N GLU D 4545 26.29 -55.53 -5.58
CA GLU D 4545 26.30 -54.32 -4.78
C GLU D 4545 26.75 -53.10 -5.59
N VAL D 4546 27.73 -53.28 -6.47
CA VAL D 4546 28.20 -52.16 -7.29
C VAL D 4546 27.10 -51.70 -8.24
N GLN D 4547 26.39 -52.64 -8.86
CA GLN D 4547 25.29 -52.28 -9.75
C GLN D 4547 24.14 -51.64 -8.99
N ARG D 4548 23.86 -52.12 -7.77
CA ARG D 4548 22.78 -51.56 -6.98
C ARG D 4548 23.04 -50.10 -6.63
N VAL D 4549 24.28 -49.78 -6.25
CA VAL D 4549 24.60 -48.40 -5.87
C VAL D 4549 24.45 -47.48 -7.08
N LYS D 4550 24.94 -47.91 -8.24
CA LYS D 4550 24.83 -47.07 -9.43
C LYS D 4550 23.37 -46.85 -9.82
N PHE D 4551 22.55 -47.90 -9.77
CA PHE D 4551 21.15 -47.77 -10.13
C PHE D 4551 20.40 -46.86 -9.16
N LEU D 4552 20.65 -47.04 -7.86
CA LEU D 4552 19.98 -46.21 -6.86
C LEU D 4552 20.39 -44.75 -6.96
N ASN D 4553 21.67 -44.50 -7.25
CA ASN D 4553 22.12 -43.12 -7.45
C ASN D 4553 21.55 -42.53 -8.73
N TYR D 4554 21.41 -43.36 -9.77
CA TYR D 4554 20.84 -42.87 -11.03
C TYR D 4554 19.41 -42.38 -10.83
N LEU D 4555 18.62 -43.12 -10.03
CA LEU D 4555 17.25 -42.71 -9.77
C LEU D 4555 17.19 -41.39 -9.00
N SER D 4556 18.11 -41.20 -8.05
CA SER D 4556 18.11 -39.98 -7.27
C SER D 4556 18.47 -38.76 -8.11
N ARG D 4557 19.47 -38.89 -8.99
CA ARG D 4557 19.81 -37.79 -9.88
C ARG D 4557 18.68 -37.49 -10.85
N ASN D 4558 17.86 -38.50 -11.18
CA ASN D 4558 16.79 -38.37 -12.15
C ASN D 4558 15.41 -38.45 -11.50
N PHE D 4559 15.30 -38.06 -10.24
CA PHE D 4559 14.00 -38.14 -9.57
C PHE D 4559 12.98 -37.22 -10.23
N TYR D 4560 13.36 -35.98 -10.53
CA TYR D 4560 12.42 -35.02 -11.09
C TYR D 4560 12.13 -35.28 -12.56
N THR D 4561 13.07 -35.89 -13.28
CA THR D 4561 12.77 -36.31 -14.64
C THR D 4561 11.72 -37.41 -14.65
N LEU D 4562 11.82 -38.38 -13.74
CA LEU D 4562 10.80 -39.41 -13.62
C LEU D 4562 9.47 -38.81 -13.18
N ARG D 4563 9.50 -37.83 -12.28
CA ARG D 4563 8.28 -37.18 -11.86
C ARG D 4563 7.61 -36.45 -13.02
N PHE D 4564 8.40 -35.83 -13.90
CA PHE D 4564 7.86 -35.25 -15.12
C PHE D 4564 7.52 -36.32 -16.15
N LEU D 4565 8.25 -37.43 -16.16
CA LEU D 4565 7.93 -38.52 -17.07
C LEU D 4565 6.59 -39.14 -16.72
N ALA D 4566 6.29 -39.26 -15.43
CA ALA D 4566 4.99 -39.79 -15.03
C ALA D 4566 3.85 -38.84 -15.34
N LEU D 4567 4.13 -37.53 -15.36
CA LEU D 4567 3.11 -36.56 -15.73
C LEU D 4567 2.81 -36.63 -17.24
N PHE D 4568 3.83 -36.88 -18.05
CA PHE D 4568 3.60 -37.11 -19.47
C PHE D 4568 2.87 -38.41 -19.71
N LEU D 4569 3.11 -39.42 -18.88
CA LEU D 4569 2.42 -40.69 -19.05
C LEU D 4569 0.97 -40.61 -18.58
N ALA D 4570 0.68 -39.72 -17.64
CA ALA D 4570 -0.71 -39.50 -17.24
C ALA D 4570 -1.51 -38.83 -18.36
N PHE D 4571 -0.91 -37.83 -19.02
CA PHE D 4571 -1.60 -37.17 -20.11
C PHE D 4571 -1.70 -38.06 -21.34
N ALA D 4572 -0.66 -38.86 -21.59
CA ALA D 4572 -0.71 -39.79 -22.72
C ALA D 4572 -1.79 -40.84 -22.52
N ILE D 4573 -1.90 -41.38 -21.31
CA ILE D 4573 -2.89 -42.42 -21.04
C ILE D 4573 -4.30 -41.85 -21.11
N ASN D 4574 -4.49 -40.65 -20.54
CA ASN D 4574 -5.83 -40.06 -20.51
C ASN D 4574 -6.23 -39.55 -21.89
N PHE D 4575 -5.26 -39.34 -22.77
CA PHE D 4575 -5.61 -39.04 -24.16
C PHE D 4575 -6.16 -40.28 -24.85
N ILE D 4576 -5.65 -41.46 -24.50
CA ILE D 4576 -6.20 -42.68 -25.06
C ILE D 4576 -7.61 -42.91 -24.54
N LEU D 4577 -7.84 -42.58 -23.26
CA LEU D 4577 -9.12 -42.87 -22.63
C LEU D 4577 -10.27 -42.06 -23.23
N LEU D 4578 -9.97 -40.95 -23.91
CA LEU D 4578 -10.99 -40.19 -24.62
C LEU D 4578 -11.54 -40.93 -25.83
N PHE D 4579 -10.90 -42.02 -26.24
CA PHE D 4579 -11.38 -42.85 -27.33
C PHE D 4579 -12.16 -44.05 -26.83
N TYR D 4580 -12.56 -44.04 -25.56
CA TYR D 4580 -13.34 -45.13 -25.01
C TYR D 4580 -14.78 -45.07 -25.49
N LYS D 4581 -15.46 -46.21 -25.41
CA LYS D 4581 -16.85 -46.33 -25.77
C LYS D 4581 -17.49 -47.33 -24.82
N VAL D 4582 -18.82 -47.27 -24.73
CA VAL D 4582 -19.59 -48.24 -23.98
C VAL D 4582 -20.64 -48.81 -24.92
N SER D 4583 -20.78 -50.14 -24.93
CA SER D 4583 -21.78 -50.81 -25.73
C SER D 4583 -22.37 -51.95 -24.92
N ASP D 4584 -23.68 -52.12 -25.00
CA ASP D 4584 -24.31 -53.31 -24.43
C ASP D 4584 -23.85 -54.57 -25.15
N SER D 4585 -23.76 -54.52 -26.47
CA SER D 4585 -23.26 -55.65 -27.24
C SER D 4585 -21.73 -55.70 -27.16
N PRO D 4586 -21.16 -56.89 -27.14
CA PRO D 4586 -19.70 -57.02 -27.09
C PRO D 4586 -19.06 -56.46 -28.35
N PRO D 4587 -17.84 -55.93 -28.25
CA PRO D 4587 -17.13 -55.38 -29.42
C PRO D 4587 -16.66 -56.47 -30.38
N ASN D 4626 -28.14 -56.55 -17.79
CA ASN D 4626 -27.22 -56.71 -18.91
C ASN D 4626 -25.90 -55.99 -18.66
N MET D 4627 -24.80 -56.71 -18.77
CA MET D 4627 -23.49 -56.10 -18.59
C MET D 4627 -23.10 -55.29 -19.81
N VAL D 4628 -22.61 -54.08 -19.57
CA VAL D 4628 -22.15 -53.19 -20.63
C VAL D 4628 -20.68 -53.44 -20.88
N TYR D 4629 -20.25 -53.23 -22.11
CA TYR D 4629 -18.88 -53.45 -22.52
C TYR D 4629 -18.19 -52.12 -22.79
N TYR D 4630 -16.94 -52.02 -22.36
CA TYR D 4630 -16.11 -50.84 -22.60
C TYR D 4630 -14.97 -51.22 -23.53
N PHE D 4631 -14.72 -50.38 -24.53
CA PHE D 4631 -13.65 -50.64 -25.48
C PHE D 4631 -13.15 -49.33 -26.07
N LEU D 4632 -11.93 -49.37 -26.57
CA LEU D 4632 -11.40 -48.27 -27.37
C LEU D 4632 -11.88 -48.41 -28.81
N GLU D 4633 -12.33 -47.30 -29.38
CA GLU D 4633 -12.75 -47.26 -30.78
C GLU D 4633 -11.80 -46.37 -31.55
N GLU D 4634 -10.86 -46.97 -32.27
CA GLU D 4634 -9.96 -46.22 -33.14
C GLU D 4634 -9.60 -47.06 -34.35
N SER D 4635 -9.61 -46.41 -35.52
CA SER D 4635 -9.29 -47.09 -36.76
C SER D 4635 -7.79 -47.36 -36.91
N THR D 4636 -6.96 -46.57 -36.22
CA THR D 4636 -5.51 -46.77 -36.32
C THR D 4636 -5.10 -48.14 -35.78
N GLY D 4637 -5.69 -48.54 -34.65
CA GLY D 4637 -5.37 -49.82 -34.05
C GLY D 4637 -4.18 -49.81 -33.13
N TYR D 4638 -3.37 -48.75 -33.15
CA TYR D 4638 -2.21 -48.65 -32.27
C TYR D 4638 -2.56 -48.12 -30.89
N MET D 4639 -3.76 -47.57 -30.71
CA MET D 4639 -4.10 -46.94 -29.43
C MET D 4639 -4.16 -47.97 -28.31
N GLU D 4640 -4.74 -49.14 -28.56
CA GLU D 4640 -4.84 -50.14 -27.50
C GLU D 4640 -3.47 -50.70 -27.08
N PRO D 4641 -2.60 -51.14 -28.00
CA PRO D 4641 -1.25 -51.53 -27.56
C PRO D 4641 -0.47 -50.42 -26.90
N ALA D 4642 -0.63 -49.18 -27.42
CA ALA D 4642 0.01 -48.04 -26.77
C ALA D 4642 -0.49 -47.89 -25.35
N LEU D 4643 -1.80 -48.04 -25.14
CA LEU D 4643 -2.37 -47.91 -23.80
C LEU D 4643 -1.82 -48.98 -22.87
N TRP D 4644 -1.74 -50.22 -23.34
CA TRP D 4644 -1.21 -51.29 -22.50
C TRP D 4644 0.23 -51.02 -22.10
N CYS D 4645 1.09 -50.75 -23.09
CA CYS D 4645 2.50 -50.54 -22.79
C CYS D 4645 2.69 -49.27 -21.94
N LEU D 4646 1.86 -48.26 -22.17
CA LEU D 4646 1.98 -47.02 -21.40
C LEU D 4646 1.53 -47.20 -19.96
N SER D 4647 0.52 -48.02 -19.71
CA SER D 4647 0.12 -48.28 -18.34
C SER D 4647 1.19 -49.08 -17.60
N LEU D 4648 1.76 -50.09 -18.25
CA LEU D 4648 2.87 -50.82 -17.61
C LEU D 4648 4.04 -49.88 -17.34
N LEU D 4649 4.40 -49.07 -18.34
CA LEU D 4649 5.49 -48.12 -18.18
C LEU D 4649 5.19 -47.13 -17.06
N HIS D 4650 3.94 -46.69 -16.94
CA HIS D 4650 3.60 -45.73 -15.92
C HIS D 4650 3.71 -46.31 -14.52
N THR D 4651 3.25 -47.55 -14.34
CA THR D 4651 3.41 -48.17 -13.02
C THR D 4651 4.88 -48.34 -12.68
N LEU D 4652 5.68 -48.76 -13.68
CA LEU D 4652 7.11 -48.86 -13.47
C LEU D 4652 7.72 -47.53 -13.06
N VAL D 4653 7.33 -46.45 -13.73
CA VAL D 4653 7.90 -45.14 -13.44
C VAL D 4653 7.45 -44.63 -12.07
N ALA D 4654 6.22 -44.93 -11.67
CA ALA D 4654 5.78 -44.55 -10.33
C ALA D 4654 6.59 -45.27 -9.25
N PHE D 4655 6.86 -46.56 -9.46
CA PHE D 4655 7.71 -47.29 -8.53
C PHE D 4655 9.11 -46.70 -8.49
N LEU D 4656 9.68 -46.37 -9.66
CA LEU D 4656 11.00 -45.78 -9.69
C LEU D 4656 11.01 -44.41 -9.01
N CYS D 4657 9.91 -43.67 -9.12
CA CYS D 4657 9.79 -42.40 -8.42
C CYS D 4657 9.83 -42.61 -6.91
N ILE D 4658 9.13 -43.63 -6.41
CA ILE D 4658 9.15 -43.92 -4.98
C ILE D 4658 10.57 -44.23 -4.53
N ILE D 4659 11.27 -45.08 -5.28
CA ILE D 4659 12.62 -45.47 -4.88
C ILE D 4659 13.56 -44.26 -4.92
N GLY D 4660 13.48 -43.47 -5.98
CA GLY D 4660 14.32 -42.28 -6.07
C GLY D 4660 14.05 -41.28 -4.96
N TYR D 4661 12.78 -41.12 -4.58
CA TYR D 4661 12.47 -40.27 -3.43
C TYR D 4661 13.09 -40.84 -2.16
N ASN D 4662 12.96 -42.15 -1.94
CA ASN D 4662 13.51 -42.74 -0.73
C ASN D 4662 15.02 -42.58 -0.68
N CYS D 4663 15.68 -42.56 -1.83
CA CYS D 4663 17.13 -42.40 -1.87
C CYS D 4663 17.57 -40.93 -1.88
N LEU D 4664 16.69 -40.00 -2.21
CA LEU D 4664 17.07 -38.60 -2.34
C LEU D 4664 16.54 -37.73 -1.21
N LYS D 4665 15.23 -37.75 -0.96
CA LYS D 4665 14.59 -36.80 -0.06
C LYS D 4665 14.37 -37.35 1.34
N VAL D 4666 14.29 -38.66 1.51
CA VAL D 4666 14.12 -39.27 2.83
C VAL D 4666 15.31 -38.98 3.73
N PRO D 4667 16.56 -39.02 3.23
CA PRO D 4667 17.69 -38.65 4.11
C PRO D 4667 17.53 -37.29 4.77
N LEU D 4668 17.01 -36.29 4.07
CA LEU D 4668 16.83 -34.99 4.71
C LEU D 4668 15.76 -35.05 5.79
N VAL D 4669 14.69 -35.81 5.56
CA VAL D 4669 13.65 -35.96 6.59
C VAL D 4669 14.24 -36.60 7.84
N ILE D 4670 15.03 -37.65 7.67
CA ILE D 4670 15.63 -38.33 8.82
C ILE D 4670 16.65 -37.44 9.50
N PHE D 4671 17.42 -36.67 8.73
CA PHE D 4671 18.40 -35.75 9.31
C PHE D 4671 17.71 -34.69 10.14
N LYS D 4672 16.64 -34.10 9.62
CA LYS D 4672 15.88 -33.11 10.37
C LYS D 4672 15.33 -33.71 11.66
N ARG D 4673 14.75 -34.90 11.56
CA ARG D 4673 14.15 -35.54 12.73
C ARG D 4673 15.20 -35.83 13.79
N GLU D 4674 16.34 -36.39 13.39
CA GLU D 4674 17.40 -36.71 14.34
C GLU D 4674 17.97 -35.45 14.98
N LYS D 4675 18.19 -34.39 14.20
CA LYS D 4675 18.79 -33.20 14.79
C LYS D 4675 17.80 -32.51 15.73
N GLU D 4676 16.52 -32.49 15.38
CA GLU D 4676 15.55 -31.91 16.30
C GLU D 4676 15.45 -32.72 17.58
N LEU D 4677 15.47 -34.05 17.48
CA LEU D 4677 15.41 -34.88 18.68
C LEU D 4677 16.66 -34.67 19.54
N ALA D 4678 17.83 -34.57 18.92
CA ALA D 4678 19.06 -34.34 19.67
C ALA D 4678 19.03 -33.00 20.39
N ARG D 4679 18.54 -31.95 19.71
CA ARG D 4679 18.45 -30.65 20.35
C ARG D 4679 17.46 -30.67 21.50
N LYS D 4680 16.32 -31.34 21.33
CA LYS D 4680 15.35 -31.43 22.41
C LYS D 4680 15.90 -32.23 23.59
N LEU D 4681 16.68 -33.28 23.30
CA LEU D 4681 17.32 -34.05 24.37
C LEU D 4681 18.31 -33.20 25.15
N GLU D 4682 19.14 -32.44 24.44
CA GLU D 4682 20.25 -31.76 25.11
C GLU D 4682 19.82 -30.43 25.73
N PHE D 4683 19.30 -29.52 24.92
CA PHE D 4683 19.03 -28.16 25.35
C PHE D 4683 17.65 -27.98 25.96
N ASP D 4684 16.85 -29.04 26.04
CA ASP D 4684 15.52 -28.97 26.64
C ASP D 4684 15.23 -30.08 27.64
N GLY D 4685 15.95 -31.20 27.59
CA GLY D 4685 15.66 -32.30 28.50
C GLY D 4685 14.27 -32.85 28.33
N LEU D 4686 13.89 -33.12 27.08
CA LEU D 4686 12.50 -33.48 26.78
C LEU D 4686 12.12 -34.82 27.42
N TYR D 4687 12.92 -35.85 27.20
CA TYR D 4687 12.60 -37.18 27.72
C TYR D 4687 13.23 -37.42 29.09
N ILE D 4688 13.93 -36.44 29.64
CA ILE D 4688 14.54 -36.54 30.95
C ILE D 4688 13.78 -35.74 31.99
N THR D 4689 13.42 -34.49 31.67
CA THR D 4689 12.72 -33.63 32.59
C THR D 4689 11.29 -33.33 32.16
N GLU D 4690 10.99 -33.37 30.87
CA GLU D 4690 9.70 -32.88 30.39
C GLU D 4690 8.70 -33.99 30.10
N GLN D 4691 9.13 -35.11 29.50
CA GLN D 4691 8.26 -36.26 29.27
C GLN D 4691 6.98 -35.89 28.53
N PRO D 4692 7.03 -35.73 27.20
CA PRO D 4692 5.88 -35.19 26.47
C PRO D 4692 4.64 -36.06 26.63
N GLY D 4693 3.48 -35.41 26.56
CA GLY D 4693 2.22 -36.09 26.73
C GLY D 4693 1.85 -36.95 25.52
N ASP D 4694 0.71 -37.62 25.64
CA ASP D 4694 0.25 -38.52 24.59
C ASP D 4694 -0.23 -37.76 23.37
N ASP D 4695 -0.54 -36.47 23.52
CA ASP D 4695 -0.98 -35.67 22.37
C ASP D 4695 0.13 -35.47 21.35
N ASP D 4696 1.38 -35.57 21.76
CA ASP D 4696 2.52 -35.43 20.84
C ASP D 4696 2.86 -36.81 20.29
N VAL D 4697 2.25 -37.15 19.16
CA VAL D 4697 2.50 -38.45 18.54
C VAL D 4697 3.95 -38.55 18.08
N LYS D 4698 4.49 -37.44 17.57
CA LYS D 4698 5.90 -37.44 17.16
C LYS D 4698 6.83 -37.66 18.34
N GLY D 4699 6.57 -36.95 19.45
CA GLY D 4699 7.40 -37.11 20.63
C GLY D 4699 7.29 -38.50 21.22
N GLN D 4700 6.09 -39.08 21.22
CA GLN D 4700 5.93 -40.44 21.71
C GLN D 4700 6.63 -41.45 20.82
N TRP D 4701 6.56 -41.25 19.50
CA TRP D 4701 7.20 -42.19 18.60
C TRP D 4701 8.72 -42.10 18.69
N ASP D 4702 9.27 -40.91 18.92
CA ASP D 4702 10.70 -40.75 18.97
C ASP D 4702 11.35 -41.45 20.16
N ARG D 4703 10.56 -41.93 21.11
CA ARG D 4703 11.09 -42.68 22.24
C ARG D 4703 11.73 -44.00 21.81
N LEU D 4704 11.35 -44.54 20.65
CA LEU D 4704 11.90 -45.81 20.20
C LEU D 4704 13.39 -45.69 19.91
N VAL D 4705 13.82 -44.55 19.37
CA VAL D 4705 15.17 -44.44 18.84
C VAL D 4705 16.20 -44.06 19.90
N LEU D 4706 15.77 -43.63 21.08
CA LEU D 4706 16.72 -43.17 22.09
C LEU D 4706 17.67 -44.27 22.51
N ASN D 4707 17.16 -45.48 22.70
CA ASN D 4707 17.96 -46.60 23.19
C ASN D 4707 18.80 -47.25 22.11
N THR D 4708 18.61 -46.90 20.85
CA THR D 4708 19.25 -47.62 19.76
C THR D 4708 20.72 -47.24 19.64
N PRO D 4709 21.56 -48.20 19.26
CA PRO D 4709 22.99 -47.89 19.08
C PRO D 4709 23.24 -46.79 18.05
N SER D 4710 22.62 -46.88 16.89
CA SER D 4710 22.79 -45.89 15.83
C SER D 4710 21.65 -44.87 15.82
N PHE D 4711 21.43 -44.23 16.97
CA PHE D 4711 20.41 -43.18 17.02
C PHE D 4711 20.76 -42.01 16.11
N PRO D 4712 21.95 -41.41 16.15
CA PRO D 4712 22.33 -40.50 15.07
C PRO D 4712 22.99 -41.27 13.93
N SER D 4713 22.37 -41.25 12.75
CA SER D 4713 22.95 -41.96 11.62
C SER D 4713 23.07 -41.05 10.42
N ASN D 4714 22.20 -40.03 10.35
CA ASN D 4714 22.29 -39.00 9.33
C ASN D 4714 22.81 -37.68 9.86
N TYR D 4715 22.39 -37.28 11.06
CA TYR D 4715 22.90 -36.06 11.67
C TYR D 4715 24.36 -36.25 12.03
N TRP D 4716 25.18 -35.22 11.77
CA TRP D 4716 26.62 -35.37 11.87
C TRP D 4716 27.11 -35.50 13.29
N ASP D 4717 26.33 -35.06 14.27
CA ASP D 4717 26.79 -35.03 15.66
C ASP D 4717 26.78 -36.43 16.22
N LYS D 4718 27.96 -37.04 16.34
CA LYS D 4718 28.10 -38.38 16.90
C LYS D 4718 28.32 -38.36 18.40
N PHE D 4719 28.38 -37.18 19.02
CA PHE D 4719 28.59 -37.06 20.45
C PHE D 4719 27.35 -36.55 21.18
N VAL D 4720 26.17 -36.73 20.57
CA VAL D 4720 24.94 -36.24 21.17
C VAL D 4720 24.66 -36.97 22.48
N LYS D 4721 24.82 -38.29 22.48
CA LYS D 4721 24.56 -39.06 23.70
C LYS D 4721 25.54 -38.68 24.80
N ARG D 4722 26.82 -38.50 24.44
CA ARG D 4722 27.79 -38.05 25.43
C ARG D 4722 27.41 -36.69 26.00
N LYS D 4723 26.98 -35.76 25.14
CA LYS D 4723 26.65 -34.42 25.61
C LYS D 4723 25.41 -34.43 26.49
N VAL D 4724 24.40 -35.21 26.13
CA VAL D 4724 23.20 -35.32 26.97
C VAL D 4724 23.54 -35.92 28.31
N LEU D 4725 24.37 -36.98 28.31
CA LEU D 4725 24.83 -37.56 29.56
C LEU D 4725 25.58 -36.54 30.41
N ASP D 4726 26.52 -35.82 29.81
CA ASP D 4726 27.33 -34.87 30.57
C ASP D 4726 26.47 -33.75 31.15
N LYS D 4727 25.47 -33.31 30.41
CA LYS D 4727 24.64 -32.22 30.93
C LYS D 4727 23.68 -32.70 32.02
N HIS D 4728 23.06 -33.87 31.86
CA HIS D 4728 21.95 -34.25 32.73
C HIS D 4728 22.27 -35.36 33.72
N GLY D 4729 23.50 -35.89 33.73
CA GLY D 4729 23.80 -36.99 34.64
C GLY D 4729 23.76 -36.56 36.10
N ASP D 4730 24.46 -35.49 36.44
CA ASP D 4730 24.54 -35.08 37.83
C ASP D 4730 23.20 -34.64 38.40
N ILE D 4731 22.20 -34.43 37.56
CA ILE D 4731 20.92 -33.92 38.03
C ILE D 4731 19.84 -35.00 37.96
N PHE D 4732 20.00 -35.98 37.07
CA PHE D 4732 18.96 -37.00 36.90
C PHE D 4732 19.49 -38.43 36.92
N GLY D 4733 20.69 -38.66 37.45
CA GLY D 4733 21.16 -40.02 37.54
C GLY D 4733 21.92 -40.45 36.31
N ARG D 4734 23.23 -40.66 36.44
CA ARG D 4734 24.01 -41.12 35.29
C ARG D 4734 23.56 -42.49 34.82
N GLU D 4735 23.29 -43.41 35.75
CA GLU D 4735 22.82 -44.73 35.35
C GLU D 4735 21.44 -44.65 34.68
N ARG D 4736 20.56 -43.80 35.20
CA ARG D 4736 19.24 -43.65 34.59
C ARG D 4736 19.35 -43.09 33.17
N ILE D 4737 20.19 -42.07 32.98
CA ILE D 4737 20.34 -41.49 31.65
C ILE D 4737 20.99 -42.49 30.70
N ALA D 4738 21.96 -43.25 31.18
CA ALA D 4738 22.60 -44.26 30.33
C ALA D 4738 21.60 -45.34 29.93
N GLU D 4739 20.75 -45.77 30.86
CA GLU D 4739 19.72 -46.75 30.51
C GLU D 4739 18.73 -46.18 29.51
N LEU D 4740 18.37 -44.90 29.67
CA LEU D 4740 17.44 -44.27 28.74
C LEU D 4740 18.03 -44.18 27.34
N LEU D 4741 19.30 -43.81 27.24
CA LEU D 4741 19.92 -43.59 25.94
C LEU D 4741 20.62 -44.82 25.39
N GLY D 4742 20.56 -45.95 26.09
CA GLY D 4742 21.18 -47.16 25.59
C GLY D 4742 22.68 -47.06 25.44
N MET D 4743 23.34 -46.44 26.42
CA MET D 4743 24.77 -46.20 26.37
C MET D 4743 25.43 -46.84 27.59
N ASP D 4744 26.53 -47.56 27.36
CA ASP D 4744 27.21 -48.30 28.41
C ASP D 4744 28.24 -47.39 29.08
N LEU D 4745 27.90 -46.90 30.28
CA LEU D 4745 28.82 -46.02 31.00
C LEU D 4745 30.06 -46.77 31.48
N ALA D 4746 29.94 -48.08 31.70
CA ALA D 4746 31.11 -48.87 32.09
C ALA D 4746 32.13 -48.95 30.96
N SER D 4747 31.66 -49.07 29.71
CA SER D 4747 32.56 -49.12 28.57
C SER D 4747 33.23 -47.78 28.32
N LEU D 4748 32.72 -46.70 28.89
CA LEU D 4748 33.34 -45.39 28.70
C LEU D 4748 34.72 -45.34 29.36
N GLU D 4749 34.88 -45.99 30.51
CA GLU D 4749 36.17 -46.09 31.18
C GLU D 4749 37.18 -46.84 30.32
N ASP D 4772 19.87 -53.13 13.88
CA ASP D 4772 19.07 -52.15 14.59
C ASP D 4772 17.61 -52.21 14.15
N VAL D 4773 16.91 -53.26 14.58
CA VAL D 4773 15.51 -53.42 14.19
C VAL D 4773 14.66 -52.30 14.77
N LYS D 4774 14.95 -51.90 16.01
CA LYS D 4774 14.18 -50.82 16.61
C LYS D 4774 14.39 -49.51 15.86
N TYR D 4775 15.64 -49.22 15.50
CA TYR D 4775 15.93 -48.02 14.72
C TYR D 4775 15.25 -48.08 13.35
N GLN D 4776 15.27 -49.25 12.71
CA GLN D 4776 14.66 -49.37 11.39
C GLN D 4776 13.14 -49.20 11.46
N ILE D 4777 12.51 -49.75 12.50
CA ILE D 4777 11.07 -49.55 12.67
C ILE D 4777 10.77 -48.08 12.92
N TRP D 4778 11.61 -47.42 13.71
CA TRP D 4778 11.43 -45.99 13.93
C TRP D 4778 11.52 -45.22 12.62
N LYS D 4779 12.53 -45.53 11.81
CA LYS D 4779 12.72 -44.84 10.54
C LYS D 4779 11.54 -45.09 9.62
N PHE D 4780 11.02 -46.32 9.62
CA PHE D 4780 9.86 -46.63 8.79
C PHE D 4780 8.64 -45.84 9.24
N GLY D 4781 8.42 -45.71 10.54
CA GLY D 4781 7.33 -44.88 11.01
C GLY D 4781 7.49 -43.42 10.59
N VAL D 4782 8.71 -42.90 10.70
CA VAL D 4782 8.98 -41.51 10.31
C VAL D 4782 8.72 -41.31 8.83
N ILE D 4783 9.16 -42.26 8.00
CA ILE D 4783 8.94 -42.16 6.56
C ILE D 4783 7.46 -42.25 6.22
N PHE D 4784 6.77 -43.22 6.82
CA PHE D 4784 5.36 -43.44 6.52
C PHE D 4784 4.45 -42.36 7.07
N THR D 4785 4.95 -41.50 7.96
CA THR D 4785 4.20 -40.31 8.34
C THR D 4785 4.57 -39.08 7.53
N ASP D 4786 5.35 -39.24 6.46
CA ASP D 4786 5.79 -38.12 5.63
C ASP D 4786 4.78 -37.87 4.52
N ASN D 4787 4.39 -36.61 4.33
CA ASN D 4787 3.35 -36.27 3.38
C ASN D 4787 3.77 -36.56 1.94
N SER D 4788 5.00 -36.22 1.56
CA SER D 4788 5.43 -36.44 0.19
C SER D 4788 5.53 -37.93 -0.13
N PHE D 4789 6.06 -38.71 0.81
CA PHE D 4789 6.11 -40.15 0.60
C PHE D 4789 4.72 -40.74 0.53
N LEU D 4790 3.79 -40.23 1.34
CA LEU D 4790 2.41 -40.72 1.27
C LEU D 4790 1.78 -40.39 -0.06
N TYR D 4791 2.05 -39.19 -0.59
CA TYR D 4791 1.53 -38.83 -1.90
C TYR D 4791 2.10 -39.73 -2.98
N LEU D 4792 3.39 -40.05 -2.91
CA LEU D 4792 3.98 -40.92 -3.92
C LEU D 4792 3.45 -42.35 -3.80
N GLY D 4793 3.20 -42.80 -2.57
CA GLY D 4793 2.57 -44.09 -2.39
C GLY D 4793 1.15 -44.13 -2.92
N TRP D 4794 0.40 -43.05 -2.73
CA TRP D 4794 -0.93 -42.95 -3.32
C TRP D 4794 -0.86 -42.96 -4.84
N TYR D 4795 0.13 -42.27 -5.41
CA TYR D 4795 0.33 -42.30 -6.85
C TYR D 4795 0.58 -43.72 -7.33
N MET D 4796 1.44 -44.46 -6.63
CA MET D 4796 1.74 -45.84 -6.99
C MET D 4796 0.50 -46.74 -6.84
N VAL D 4797 -0.29 -46.52 -5.80
CA VAL D 4797 -1.48 -47.33 -5.60
C VAL D 4797 -2.49 -47.10 -6.71
N MET D 4798 -2.75 -45.84 -7.06
CA MET D 4798 -3.68 -45.58 -8.15
C MET D 4798 -3.14 -46.06 -9.48
N SER D 4799 -1.83 -46.02 -9.67
CA SER D 4799 -1.25 -46.59 -10.88
C SER D 4799 -1.43 -48.10 -10.91
N LEU D 4800 -1.38 -48.76 -9.75
CA LEU D 4800 -1.65 -50.20 -9.69
C LEU D 4800 -3.11 -50.49 -9.99
N LEU D 4801 -4.02 -49.66 -9.50
CA LEU D 4801 -5.43 -49.83 -9.78
C LEU D 4801 -5.79 -49.47 -11.22
N GLY D 4802 -4.95 -48.70 -11.91
CA GLY D 4802 -5.17 -48.43 -13.31
C GLY D 4802 -5.11 -49.66 -14.19
N HIS D 4803 -4.56 -50.75 -13.66
CA HIS D 4803 -4.59 -52.02 -14.37
C HIS D 4803 -5.84 -52.83 -14.09
N TYR D 4804 -6.48 -52.59 -12.94
CA TYR D 4804 -7.80 -53.16 -12.71
C TYR D 4804 -8.87 -52.42 -13.50
N ASN D 4805 -8.78 -51.09 -13.53
CA ASN D 4805 -9.67 -50.25 -14.32
C ASN D 4805 -8.86 -49.11 -14.91
N ASN D 4806 -8.92 -48.97 -16.23
CA ASN D 4806 -8.07 -47.98 -16.90
C ASN D 4806 -8.38 -46.56 -16.46
N PHE D 4807 -9.60 -46.28 -16.02
CA PHE D 4807 -9.97 -44.90 -15.72
C PHE D 4807 -9.46 -44.43 -14.37
N PHE D 4808 -8.89 -45.31 -13.56
CA PHE D 4808 -8.19 -44.87 -12.36
C PHE D 4808 -6.96 -44.05 -12.67
N PHE D 4809 -6.48 -44.08 -13.91
CA PHE D 4809 -5.37 -43.25 -14.34
C PHE D 4809 -5.76 -41.79 -14.47
N ALA D 4810 -7.05 -41.47 -14.35
CA ALA D 4810 -7.48 -40.07 -14.39
C ALA D 4810 -7.16 -39.35 -13.10
N ALA D 4811 -6.92 -40.07 -12.01
CA ALA D 4811 -6.54 -39.42 -10.76
C ALA D 4811 -5.12 -38.89 -10.80
N HIS D 4812 -4.34 -39.30 -11.79
CA HIS D 4812 -2.98 -38.79 -11.92
C HIS D 4812 -2.95 -37.45 -12.62
N LEU D 4813 -4.04 -37.05 -13.27
CA LEU D 4813 -4.13 -35.69 -13.79
C LEU D 4813 -4.11 -34.66 -12.67
N LEU D 4814 -4.55 -35.04 -11.48
CA LEU D 4814 -4.50 -34.15 -10.33
C LEU D 4814 -3.07 -33.79 -9.95
N ASP D 4815 -2.09 -34.54 -10.44
CA ASP D 4815 -0.69 -34.25 -10.15
C ASP D 4815 -0.21 -32.95 -10.78
N ILE D 4816 -0.99 -32.36 -11.70
CA ILE D 4816 -0.57 -31.10 -12.29
C ILE D 4816 -0.47 -30.01 -11.24
N ALA D 4817 -1.32 -30.07 -10.20
CA ALA D 4817 -1.26 -29.10 -9.11
C ALA D 4817 0.01 -29.26 -8.30
N MET D 4818 0.35 -30.49 -7.91
CA MET D 4818 1.58 -30.76 -7.18
C MET D 4818 2.82 -30.62 -8.05
N GLY D 4819 2.65 -30.46 -9.35
CA GLY D 4819 3.71 -30.29 -10.32
C GLY D 4819 3.86 -28.83 -10.66
N VAL D 4820 3.18 -28.38 -11.72
CA VAL D 4820 3.39 -27.05 -12.28
C VAL D 4820 3.32 -25.99 -11.18
N LYS D 4821 4.37 -25.19 -11.08
CA LYS D 4821 4.43 -24.12 -10.09
C LYS D 4821 3.42 -23.03 -10.38
N THR D 4822 3.15 -22.77 -11.67
CA THR D 4822 2.12 -21.78 -12.01
C THR D 4822 0.76 -22.23 -11.50
N LEU D 4823 0.42 -23.51 -11.71
CA LEU D 4823 -0.86 -24.01 -11.23
C LEU D 4823 -0.90 -24.00 -9.70
N ARG D 4824 0.20 -24.35 -9.05
CA ARG D 4824 0.22 -24.32 -7.59
C ARG D 4824 0.03 -22.90 -7.07
N THR D 4825 0.63 -21.91 -7.73
CA THR D 4825 0.44 -20.52 -7.33
C THR D 4825 -1.00 -20.07 -7.57
N ILE D 4826 -1.61 -20.49 -8.68
CA ILE D 4826 -3.00 -20.13 -8.94
C ILE D 4826 -3.91 -20.74 -7.88
N LEU D 4827 -3.66 -22.00 -7.51
CA LEU D 4827 -4.49 -22.66 -6.52
C LEU D 4827 -4.22 -22.18 -5.10
N SER D 4828 -3.07 -21.55 -4.87
CA SER D 4828 -2.85 -20.93 -3.57
C SER D 4828 -3.85 -19.81 -3.31
N SER D 4829 -4.36 -19.17 -4.36
CA SER D 4829 -5.40 -18.17 -4.15
C SER D 4829 -6.68 -18.80 -3.61
N VAL D 4830 -7.01 -20.01 -4.07
CA VAL D 4830 -8.17 -20.70 -3.54
C VAL D 4830 -7.91 -21.20 -2.12
N THR D 4831 -6.72 -21.74 -1.86
CA THR D 4831 -6.45 -22.34 -0.57
C THR D 4831 -6.05 -21.34 0.51
N HIS D 4832 -5.70 -20.11 0.15
CA HIS D 4832 -5.24 -19.14 1.14
C HIS D 4832 -6.35 -18.78 2.11
N ASN D 4833 -7.56 -18.54 1.60
CA ASN D 4833 -8.74 -18.29 2.41
C ASN D 4833 -9.66 -19.50 2.44
N GLY D 4834 -9.09 -20.71 2.49
CA GLY D 4834 -9.91 -21.90 2.43
C GLY D 4834 -10.82 -22.05 3.63
N LYS D 4835 -10.32 -21.69 4.81
CA LYS D 4835 -11.15 -21.75 6.01
C LYS D 4835 -12.33 -20.79 5.88
N GLN D 4836 -12.10 -19.59 5.38
CA GLN D 4836 -13.18 -18.64 5.17
C GLN D 4836 -14.13 -19.11 4.09
N LEU D 4837 -13.62 -19.79 3.07
CA LEU D 4837 -14.49 -20.31 2.01
C LEU D 4837 -15.41 -21.39 2.54
N VAL D 4838 -14.88 -22.33 3.32
CA VAL D 4838 -15.76 -23.38 3.84
C VAL D 4838 -16.71 -22.81 4.88
N MET D 4839 -16.28 -21.80 5.64
CA MET D 4839 -17.20 -21.15 6.57
C MET D 4839 -18.31 -20.43 5.84
N THR D 4840 -18.00 -19.79 4.70
CA THR D 4840 -19.02 -19.13 3.91
C THR D 4840 -19.97 -20.13 3.28
N VAL D 4841 -19.48 -21.30 2.89
CA VAL D 4841 -20.36 -22.36 2.39
C VAL D 4841 -21.31 -22.83 3.50
N GLY D 4842 -20.78 -23.00 4.71
CA GLY D 4842 -21.65 -23.36 5.83
C GLY D 4842 -22.67 -22.28 6.15
N LEU D 4843 -22.27 -21.03 6.02
CA LEU D 4843 -23.22 -19.92 6.20
C LEU D 4843 -24.31 -19.96 5.13
N LEU D 4844 -23.93 -20.24 3.89
CA LEU D 4844 -24.93 -20.39 2.84
C LEU D 4844 -25.89 -21.53 3.16
N ALA D 4845 -25.35 -22.65 3.64
CA ALA D 4845 -26.20 -23.77 4.04
C ALA D 4845 -27.17 -23.40 5.15
N VAL D 4846 -26.72 -22.65 6.15
CA VAL D 4846 -27.59 -22.21 7.23
C VAL D 4846 -28.69 -21.28 6.72
N VAL D 4847 -28.33 -20.28 5.91
CA VAL D 4847 -29.33 -19.31 5.49
C VAL D 4847 -30.33 -19.96 4.54
N VAL D 4848 -29.88 -20.89 3.71
CA VAL D 4848 -30.82 -21.63 2.88
C VAL D 4848 -31.70 -22.54 3.73
N TYR D 4849 -31.20 -23.04 4.87
CA TYR D 4849 -32.06 -23.75 5.79
C TYR D 4849 -33.14 -22.84 6.35
N LEU D 4850 -32.80 -21.59 6.65
CA LEU D 4850 -33.79 -20.65 7.17
C LEU D 4850 -34.87 -20.36 6.13
N TYR D 4851 -34.46 -20.11 4.89
CA TYR D 4851 -35.44 -19.94 3.81
C TYR D 4851 -36.29 -21.20 3.65
N THR D 4852 -35.68 -22.37 3.83
CA THR D 4852 -36.43 -23.62 3.74
C THR D 4852 -37.49 -23.71 4.84
N VAL D 4853 -37.15 -23.28 6.06
CA VAL D 4853 -38.12 -23.26 7.15
C VAL D 4853 -39.31 -22.38 6.77
N VAL D 4854 -39.00 -21.17 6.28
CA VAL D 4854 -40.07 -20.24 5.93
C VAL D 4854 -40.94 -20.79 4.81
N ALA D 4855 -40.31 -21.40 3.79
CA ALA D 4855 -41.07 -22.00 2.71
C ALA D 4855 -41.92 -23.16 3.19
N PHE D 4856 -41.32 -24.10 3.91
CA PHE D 4856 -42.07 -25.26 4.37
C PHE D 4856 -43.24 -24.88 5.26
N ASN D 4857 -43.17 -23.73 5.93
CA ASN D 4857 -44.29 -23.34 6.78
C ASN D 4857 -45.31 -22.44 6.10
N PHE D 4858 -44.94 -21.70 5.05
CA PHE D 4858 -45.89 -20.74 4.48
C PHE D 4858 -46.10 -20.84 2.97
N PHE D 4859 -45.24 -21.50 2.21
CA PHE D 4859 -45.25 -21.44 0.76
C PHE D 4859 -45.24 -22.84 0.15
N ARG D 4860 -45.85 -23.80 0.82
CA ARG D 4860 -45.78 -25.20 0.38
C ARG D 4860 -46.45 -25.42 -0.96
N LYS D 4861 -47.45 -24.61 -1.31
CA LYS D 4861 -48.26 -24.84 -2.50
C LYS D 4861 -47.57 -24.45 -3.79
N PHE D 4862 -46.49 -23.69 -3.72
CA PHE D 4862 -45.81 -23.19 -4.90
C PHE D 4862 -44.69 -24.12 -5.37
N TYR D 4863 -44.54 -25.27 -4.73
CA TYR D 4863 -43.40 -26.15 -4.96
C TYR D 4863 -43.82 -27.42 -5.68
N ASN D 4864 -44.81 -27.33 -6.55
CA ASN D 4864 -45.24 -28.46 -7.36
C ASN D 4864 -44.44 -28.44 -8.66
N LYS D 4865 -43.57 -29.44 -8.84
CA LYS D 4865 -42.69 -29.50 -10.00
C LYS D 4865 -43.19 -30.46 -11.06
N SER D 4866 -44.43 -30.92 -10.97
CA SER D 4866 -45.03 -31.79 -11.97
C SER D 4866 -46.02 -31.01 -12.81
N GLU D 4867 -45.82 -31.03 -14.13
CA GLU D 4867 -46.76 -30.38 -15.03
C GLU D 4867 -48.08 -31.13 -15.11
N ASP D 4868 -48.06 -32.44 -14.86
CA ASP D 4868 -49.28 -33.23 -14.90
C ASP D 4868 -50.24 -32.78 -13.80
N GLU D 4869 -51.54 -32.86 -14.10
CA GLU D 4869 -52.57 -32.43 -13.16
C GLU D 4869 -53.06 -33.57 -12.27
N ASP D 4870 -52.53 -34.78 -12.43
CA ASP D 4870 -52.98 -35.93 -11.65
C ASP D 4870 -51.99 -36.40 -10.60
N GLU D 4871 -50.69 -36.18 -10.81
CA GLU D 4871 -49.67 -36.62 -9.86
C GLU D 4871 -48.80 -35.43 -9.45
N PRO D 4872 -49.16 -34.71 -8.38
CA PRO D 4872 -48.38 -33.55 -7.95
C PRO D 4872 -47.06 -33.99 -7.34
N ASP D 4873 -45.96 -33.44 -7.87
CA ASP D 4873 -44.62 -33.76 -7.36
C ASP D 4873 -44.13 -32.63 -6.47
N MET D 4874 -44.80 -32.52 -5.31
CA MET D 4874 -44.47 -31.47 -4.36
C MET D 4874 -43.04 -31.61 -3.86
N LYS D 4875 -42.32 -30.49 -3.85
CA LYS D 4875 -40.93 -30.47 -3.40
C LYS D 4875 -40.77 -29.81 -2.04
N CYS D 4876 -41.85 -29.49 -1.35
CA CYS D 4876 -41.72 -28.83 -0.05
C CYS D 4876 -42.75 -29.33 0.96
N ASP D 4877 -43.38 -30.48 0.72
CA ASP D 4877 -44.22 -31.09 1.72
C ASP D 4877 -43.41 -31.84 2.76
N ASP D 4878 -42.10 -31.90 2.59
CA ASP D 4878 -41.19 -32.54 3.52
C ASP D 4878 -40.04 -31.58 3.78
N MET D 4879 -39.54 -31.56 5.01
CA MET D 4879 -38.49 -30.62 5.36
C MET D 4879 -37.18 -31.00 4.70
N MET D 4880 -36.84 -32.29 4.70
CA MET D 4880 -35.63 -32.75 4.05
C MET D 4880 -35.69 -32.53 2.55
N THR D 4881 -36.82 -32.84 1.93
CA THR D 4881 -36.96 -32.64 0.50
C THR D 4881 -36.91 -31.17 0.13
N CYS D 4882 -37.52 -30.30 0.94
CA CYS D 4882 -37.49 -28.88 0.65
C CYS D 4882 -36.10 -28.28 0.85
N TYR D 4883 -35.35 -28.77 1.84
CA TYR D 4883 -33.98 -28.32 2.00
C TYR D 4883 -33.11 -28.77 0.83
N LEU D 4884 -33.28 -30.02 0.39
CA LEU D 4884 -32.54 -30.48 -0.77
C LEU D 4884 -32.89 -29.67 -2.01
N PHE D 4885 -34.18 -29.40 -2.21
CA PHE D 4885 -34.62 -28.63 -3.36
C PHE D 4885 -34.03 -27.22 -3.33
N HIS D 4886 -34.09 -26.56 -2.18
CA HIS D 4886 -33.53 -25.23 -2.06
C HIS D 4886 -32.02 -25.25 -2.34
N MET D 4887 -31.27 -26.03 -1.56
CA MET D 4887 -29.81 -26.07 -1.70
C MET D 4887 -29.39 -26.42 -3.11
N TYR D 4888 -30.15 -27.24 -3.82
CA TYR D 4888 -29.78 -27.64 -5.16
C TYR D 4888 -30.18 -26.56 -6.17
N VAL D 4889 -31.48 -26.38 -6.37
CA VAL D 4889 -31.93 -25.60 -7.51
C VAL D 4889 -31.95 -24.10 -7.21
N GLY D 4890 -32.26 -23.68 -5.98
CA GLY D 4890 -32.29 -22.25 -5.74
C GLY D 4890 -30.92 -21.64 -5.65
N VAL D 4891 -29.91 -22.44 -5.35
CA VAL D 4891 -28.55 -21.93 -5.33
C VAL D 4891 -27.87 -22.09 -6.68
N ARG D 4892 -28.25 -23.09 -7.47
CA ARG D 4892 -27.71 -23.16 -8.82
C ARG D 4892 -28.50 -22.34 -9.82
N ALA D 4893 -29.60 -21.72 -9.41
CA ALA D 4893 -30.39 -20.88 -10.30
C ALA D 4893 -29.91 -19.44 -10.26
N GLY D 4894 -30.00 -18.77 -11.41
CA GLY D 4894 -29.54 -17.40 -11.51
C GLY D 4894 -30.38 -16.40 -10.77
N GLY D 4895 -31.70 -16.57 -10.78
CA GLY D 4895 -32.62 -15.71 -10.08
C GLY D 4895 -33.04 -16.20 -8.71
N GLY D 4896 -32.50 -17.32 -8.24
CA GLY D 4896 -32.86 -17.84 -6.96
C GLY D 4896 -33.92 -18.92 -7.04
N ILE D 4897 -34.70 -19.09 -5.97
CA ILE D 4897 -35.73 -20.11 -5.96
C ILE D 4897 -37.00 -19.66 -6.67
N GLY D 4898 -37.19 -18.35 -6.82
CA GLY D 4898 -38.34 -17.85 -7.56
C GLY D 4898 -38.28 -18.10 -9.05
N ASP D 4899 -37.09 -18.37 -9.58
CA ASP D 4899 -36.93 -18.82 -10.95
C ASP D 4899 -37.13 -20.31 -11.09
N GLU D 4900 -37.48 -21.01 -10.01
CA GLU D 4900 -37.68 -22.44 -10.04
C GLU D 4900 -39.00 -22.89 -9.43
N ILE D 4901 -39.75 -22.00 -8.77
CA ILE D 4901 -41.03 -22.40 -8.18
C ILE D 4901 -42.18 -21.68 -8.88
N GLU D 4902 -43.39 -21.94 -8.42
CA GLU D 4902 -44.60 -21.43 -9.06
C GLU D 4902 -44.68 -19.92 -8.98
N ASP D 4903 -45.27 -19.32 -10.00
CA ASP D 4903 -45.43 -17.88 -10.05
C ASP D 4903 -46.35 -17.41 -8.92
N PRO D 4904 -45.98 -16.37 -8.18
CA PRO D 4904 -46.79 -15.96 -7.02
C PRO D 4904 -47.92 -15.00 -7.34
N ALA D 4905 -47.99 -14.48 -8.56
CA ALA D 4905 -48.97 -13.44 -8.88
C ALA D 4905 -50.39 -13.96 -8.74
N GLY D 4906 -51.23 -13.16 -8.10
CA GLY D 4906 -52.63 -13.46 -7.93
C GLY D 4906 -53.02 -14.08 -6.61
N ASP D 4907 -52.05 -14.63 -5.88
CA ASP D 4907 -52.33 -15.24 -4.59
C ASP D 4907 -52.32 -14.18 -3.49
N GLU D 4908 -52.88 -14.54 -2.35
CA GLU D 4908 -52.87 -13.64 -1.21
C GLU D 4908 -51.46 -13.41 -0.69
N TYR D 4909 -50.59 -14.41 -0.83
CA TYR D 4909 -49.19 -14.32 -0.41
C TYR D 4909 -48.27 -13.81 -1.50
N GLU D 4910 -48.78 -13.01 -2.43
CA GLU D 4910 -47.95 -12.56 -3.55
C GLU D 4910 -46.80 -11.67 -3.08
N LEU D 4911 -47.11 -10.68 -2.25
CA LEU D 4911 -46.06 -9.78 -1.78
C LEU D 4911 -45.08 -10.51 -0.86
N TYR D 4912 -45.57 -11.43 -0.04
CA TYR D 4912 -44.68 -12.22 0.80
C TYR D 4912 -43.75 -13.08 -0.04
N ARG D 4913 -44.28 -13.69 -1.09
CA ARG D 4913 -43.46 -14.50 -1.99
C ARG D 4913 -42.45 -13.64 -2.75
N VAL D 4914 -42.84 -12.43 -3.12
CA VAL D 4914 -41.89 -11.53 -3.79
C VAL D 4914 -40.74 -11.18 -2.84
N VAL D 4915 -41.07 -10.83 -1.59
CA VAL D 4915 -40.03 -10.54 -0.62
C VAL D 4915 -39.16 -11.77 -0.39
N PHE D 4916 -39.77 -12.95 -0.31
CA PHE D 4916 -39.04 -14.20 -0.16
C PHE D 4916 -38.03 -14.40 -1.29
N ASP D 4917 -38.49 -14.31 -2.53
CA ASP D 4917 -37.61 -14.56 -3.67
C ASP D 4917 -36.53 -13.50 -3.80
N ILE D 4918 -36.88 -12.23 -3.62
CA ILE D 4918 -35.89 -11.18 -3.82
C ILE D 4918 -34.85 -11.19 -2.71
N THR D 4919 -35.25 -11.48 -1.48
CA THR D 4919 -34.26 -11.62 -0.42
C THR D 4919 -33.35 -12.81 -0.68
N PHE D 4920 -33.92 -13.92 -1.18
CA PHE D 4920 -33.07 -15.06 -1.55
C PHE D 4920 -32.06 -14.66 -2.62
N PHE D 4921 -32.52 -13.96 -3.65
CA PHE D 4921 -31.65 -13.55 -4.75
C PHE D 4921 -30.55 -12.60 -4.26
N PHE D 4922 -30.90 -11.65 -3.39
CA PHE D 4922 -29.92 -10.68 -2.92
C PHE D 4922 -28.93 -11.32 -1.95
N PHE D 4923 -29.43 -12.11 -0.99
CA PHE D 4923 -28.56 -12.58 0.07
C PHE D 4923 -27.75 -13.80 -0.34
N VAL D 4924 -28.37 -14.75 -1.03
CA VAL D 4924 -27.67 -15.97 -1.41
C VAL D 4924 -26.98 -15.81 -2.75
N ILE D 4925 -27.72 -15.40 -3.78
CA ILE D 4925 -27.16 -15.36 -5.12
C ILE D 4925 -26.14 -14.23 -5.26
N VAL D 4926 -26.43 -13.08 -4.69
CA VAL D 4926 -25.56 -11.91 -4.86
C VAL D 4926 -24.55 -11.81 -3.73
N ILE D 4927 -25.03 -11.68 -2.49
CA ILE D 4927 -24.13 -11.35 -1.39
C ILE D 4927 -23.16 -12.50 -1.12
N LEU D 4928 -23.65 -13.74 -1.02
CA LEU D 4928 -22.78 -14.82 -0.58
C LEU D 4928 -21.80 -15.25 -1.67
N LEU D 4929 -22.26 -15.33 -2.91
CA LEU D 4929 -21.32 -15.61 -4.00
C LEU D 4929 -20.34 -14.47 -4.18
N ALA D 4930 -20.77 -13.23 -3.92
CA ALA D 4930 -19.83 -12.12 -3.90
C ALA D 4930 -18.80 -12.26 -2.79
N ILE D 4931 -19.21 -12.79 -1.65
CA ILE D 4931 -18.27 -13.04 -0.55
C ILE D 4931 -17.23 -14.07 -0.99
N ILE D 4932 -17.66 -15.14 -1.65
CA ILE D 4932 -16.72 -16.16 -2.11
C ILE D 4932 -15.74 -15.58 -3.12
N GLN D 4933 -16.25 -14.85 -4.11
CA GLN D 4933 -15.37 -14.29 -5.13
C GLN D 4933 -14.46 -13.22 -4.55
N GLY D 4934 -14.94 -12.43 -3.60
CA GLY D 4934 -14.10 -11.46 -2.93
C GLY D 4934 -13.04 -12.10 -2.07
N LEU D 4935 -13.33 -13.26 -1.47
CA LEU D 4935 -12.30 -14.00 -0.76
C LEU D 4935 -11.19 -14.42 -1.71
N ILE D 4936 -11.54 -14.90 -2.90
CA ILE D 4936 -10.52 -15.31 -3.86
C ILE D 4936 -9.70 -14.10 -4.33
N ILE D 4937 -10.37 -13.00 -4.67
CA ILE D 4937 -9.66 -11.81 -5.15
C ILE D 4937 -8.76 -11.23 -4.06
N ASP D 4938 -9.26 -11.16 -2.83
CA ASP D 4938 -8.42 -10.71 -1.72
C ASP D 4938 -7.24 -11.65 -1.51
N ALA D 4939 -7.40 -12.95 -1.76
CA ALA D 4939 -6.26 -13.84 -1.68
C ALA D 4939 -5.20 -13.49 -2.72
N PHE D 4940 -5.63 -13.23 -3.96
CA PHE D 4940 -4.68 -12.78 -4.97
C PHE D 4940 -3.89 -11.55 -4.52
N GLY D 4941 -4.62 -10.54 -4.05
CA GLY D 4941 -3.96 -9.31 -3.62
C GLY D 4941 -3.03 -9.51 -2.43
N GLU D 4942 -3.47 -10.33 -1.46
CA GLU D 4942 -2.67 -10.57 -0.27
C GLU D 4942 -1.38 -11.30 -0.61
N LEU D 4943 -1.46 -12.32 -1.47
CA LEU D 4943 -0.24 -13.02 -1.86
C LEU D 4943 0.71 -12.11 -2.62
N ARG D 4944 0.17 -11.27 -3.50
CA ARG D 4944 1.01 -10.31 -4.21
C ARG D 4944 1.73 -9.39 -3.25
N ASP D 4945 1.02 -8.84 -2.27
CA ASP D 4945 1.68 -7.90 -1.38
C ASP D 4945 2.64 -8.60 -0.41
N GLN D 4946 2.39 -9.87 -0.09
CA GLN D 4946 3.37 -10.62 0.68
C GLN D 4946 4.69 -10.76 -0.10
N GLN D 4947 4.60 -11.13 -1.37
CA GLN D 4947 5.81 -11.20 -2.19
C GLN D 4947 6.50 -9.85 -2.27
N GLU D 4948 5.73 -8.78 -2.47
CA GLU D 4948 6.31 -7.44 -2.58
C GLU D 4948 7.00 -7.03 -1.29
N GLN D 4949 6.40 -7.34 -0.14
CA GLN D 4949 6.99 -6.96 1.13
C GLN D 4949 8.27 -7.74 1.40
N VAL D 4950 8.30 -9.03 1.05
CA VAL D 4950 9.53 -9.79 1.20
C VAL D 4950 10.64 -9.19 0.34
N LYS D 4951 10.32 -8.87 -0.91
CA LYS D 4951 11.32 -8.28 -1.80
C LYS D 4951 11.80 -6.94 -1.27
N GLU D 4952 10.87 -6.12 -0.78
CA GLU D 4952 11.24 -4.80 -0.25
C GLU D 4952 12.16 -4.91 0.95
N ASP D 4953 11.84 -5.82 1.88
CA ASP D 4953 12.70 -6.00 3.04
C ASP D 4953 14.09 -6.47 2.63
N MET D 4954 14.15 -7.44 1.72
CA MET D 4954 15.46 -7.94 1.30
C MET D 4954 16.28 -6.89 0.58
N GLU D 4955 15.64 -6.04 -0.22
CA GLU D 4955 16.39 -5.05 -0.99
C GLU D 4955 16.65 -3.75 -0.24
N THR D 4956 16.00 -3.53 0.90
CA THR D 4956 16.25 -2.31 1.69
C THR D 4956 16.95 -2.59 3.01
N LYS D 4957 17.17 -3.85 3.38
CA LYS D 4957 17.80 -4.14 4.66
C LYS D 4957 18.73 -5.31 4.49
N CYS D 4958 19.73 -5.40 5.37
CA CYS D 4958 20.66 -6.51 5.36
C CYS D 4958 20.09 -7.67 6.16
N PHE D 4959 20.30 -8.89 5.63
CA PHE D 4959 19.75 -10.07 6.30
C PHE D 4959 20.44 -10.34 7.62
N ILE D 4960 21.76 -10.18 7.68
CA ILE D 4960 22.51 -10.60 8.85
C ILE D 4960 22.47 -9.56 9.96
N CYS D 4961 22.74 -8.30 9.63
CA CYS D 4961 22.87 -7.27 10.66
C CYS D 4961 21.66 -6.35 10.77
N GLY D 4962 20.83 -6.27 9.73
CA GLY D 4962 19.64 -5.46 9.80
C GLY D 4962 19.84 -3.98 9.57
N ILE D 4963 21.06 -3.53 9.29
CA ILE D 4963 21.29 -2.13 9.00
C ILE D 4963 20.77 -1.81 7.61
N GLY D 4964 19.98 -0.74 7.50
CA GLY D 4964 19.31 -0.44 6.26
C GLY D 4964 20.28 -0.07 5.15
N SER D 4965 19.79 -0.16 3.92
CA SER D 4965 20.60 0.17 2.76
C SER D 4965 20.94 1.65 2.69
N ASP D 4966 20.19 2.50 3.41
CA ASP D 4966 20.49 3.92 3.39
C ASP D 4966 21.87 4.21 3.95
N TYR D 4967 22.28 3.47 4.99
CA TYR D 4967 23.60 3.68 5.56
C TYR D 4967 24.68 3.29 4.57
N PHE D 4968 24.54 2.13 3.94
CA PHE D 4968 25.61 1.65 3.06
C PHE D 4968 25.65 2.41 1.75
N ASP D 4969 24.52 2.98 1.31
CA ASP D 4969 24.46 3.65 0.03
C ASP D 4969 25.23 4.96 0.00
N THR D 4970 25.73 5.44 1.14
CA THR D 4970 26.55 6.65 1.14
C THR D 4970 27.78 6.45 0.27
N THR D 4971 28.43 5.31 0.40
CA THR D 4971 29.41 4.87 -0.59
C THR D 4971 28.67 4.28 -1.79
N PRO D 4972 28.99 4.69 -3.02
CA PRO D 4972 28.27 4.17 -4.17
C PRO D 4972 28.37 2.65 -4.26
N HIS D 4973 27.24 2.02 -4.57
CA HIS D 4973 27.10 0.56 -4.57
C HIS D 4973 27.47 -0.05 -3.22
N GLY D 4974 27.28 0.74 -2.15
CA GLY D 4974 27.68 0.29 -0.84
C GLY D 4974 26.87 -0.89 -0.34
N PHE D 4975 25.55 -0.85 -0.55
CA PHE D 4975 24.72 -1.96 -0.07
C PHE D 4975 24.99 -3.24 -0.85
N GLU D 4976 25.18 -3.13 -2.17
CA GLU D 4976 25.52 -4.31 -2.96
C GLU D 4976 26.86 -4.88 -2.53
N THR D 4977 27.85 -4.01 -2.29
CA THR D 4977 29.14 -4.49 -1.82
C THR D 4977 29.02 -5.15 -0.46
N HIS D 4978 28.22 -4.57 0.44
CA HIS D 4978 28.03 -5.15 1.76
C HIS D 4978 27.39 -6.53 1.70
N THR D 4979 26.33 -6.67 0.92
CA THR D 4979 25.62 -7.95 0.87
C THR D 4979 26.36 -9.00 0.04
N LEU D 4980 27.16 -8.60 -0.94
CA LEU D 4980 27.86 -9.57 -1.76
C LEU D 4980 29.22 -9.95 -1.19
N GLU D 4981 29.85 -9.08 -0.41
CA GLU D 4981 31.17 -9.34 0.15
C GLU D 4981 31.14 -9.55 1.66
N GLU D 4982 30.58 -8.61 2.40
CA GLU D 4982 30.80 -8.57 3.85
C GLU D 4982 29.85 -9.49 4.59
N HIS D 4983 28.55 -9.35 4.35
CA HIS D 4983 27.55 -10.11 5.10
C HIS D 4983 26.75 -11.02 4.18
N ASN D 4984 27.43 -11.76 3.31
CA ASN D 4984 26.75 -12.69 2.41
C ASN D 4984 26.30 -13.92 3.19
N LEU D 4985 24.98 -14.12 3.27
CA LEU D 4985 24.46 -15.29 3.97
C LEU D 4985 24.96 -16.58 3.34
N ALA D 4986 25.20 -16.57 2.03
CA ALA D 4986 25.85 -17.71 1.40
C ALA D 4986 27.23 -17.94 1.98
N ASN D 4987 27.97 -16.87 2.26
CA ASN D 4987 29.28 -17.01 2.88
C ASN D 4987 29.18 -17.58 4.28
N TYR D 4988 28.14 -17.20 5.03
CA TYR D 4988 27.93 -17.81 6.34
C TYR D 4988 27.65 -19.31 6.23
N MET D 4989 26.83 -19.69 5.24
CA MET D 4989 26.57 -21.11 5.02
C MET D 4989 27.85 -21.86 4.66
N PHE D 4990 28.67 -21.27 3.80
CA PHE D 4990 29.93 -21.89 3.40
C PHE D 4990 30.89 -21.99 4.59
N PHE D 4991 30.85 -21.00 5.49
CA PHE D 4991 31.68 -21.08 6.68
C PHE D 4991 31.23 -22.19 7.60
N LEU D 4992 29.91 -22.40 7.72
CA LEU D 4992 29.44 -23.54 8.49
C LEU D 4992 29.88 -24.86 7.88
N MET D 4993 29.82 -24.98 6.55
CA MET D 4993 30.38 -26.16 5.89
C MET D 4993 31.86 -26.33 6.25
N TYR D 4994 32.61 -25.24 6.17
CA TYR D 4994 34.04 -25.26 6.48
C TYR D 4994 34.30 -25.75 7.89
N LEU D 4995 33.59 -25.18 8.86
CA LEU D 4995 33.79 -25.56 10.25
C LEU D 4995 33.43 -27.02 10.49
N ILE D 4996 32.31 -27.48 9.93
CA ILE D 4996 31.89 -28.87 10.14
C ILE D 4996 32.90 -29.83 9.53
N ASN D 4997 33.37 -29.53 8.32
CA ASN D 4997 34.30 -30.44 7.65
C ASN D 4997 35.67 -30.42 8.31
N LYS D 4998 36.10 -29.27 8.81
CA LYS D 4998 37.44 -29.15 9.37
C LYS D 4998 37.48 -29.77 10.76
N ASP D 4999 38.41 -30.70 10.96
CA ASP D 4999 38.58 -31.32 12.26
C ASP D 4999 39.06 -30.31 13.28
N GLU D 5000 38.59 -30.46 14.53
CA GLU D 5000 38.83 -29.46 15.55
C GLU D 5000 40.31 -29.26 15.87
N THR D 5001 41.16 -30.24 15.55
CA THR D 5001 42.57 -30.09 15.86
C THR D 5001 43.19 -28.94 15.06
N GLU D 5002 42.74 -28.75 13.82
CA GLU D 5002 43.27 -27.70 12.96
C GLU D 5002 42.52 -26.37 13.07
N HIS D 5003 41.55 -26.28 13.97
CA HIS D 5003 40.80 -25.03 14.13
C HIS D 5003 41.72 -23.91 14.62
N THR D 5004 41.52 -22.73 14.06
CA THR D 5004 42.22 -21.54 14.54
C THR D 5004 41.44 -20.94 15.71
N GLY D 5005 41.91 -19.81 16.22
CA GLY D 5005 41.29 -19.26 17.41
C GLY D 5005 39.85 -18.82 17.18
N GLN D 5006 39.63 -18.01 16.14
CA GLN D 5006 38.28 -17.56 15.85
C GLN D 5006 37.39 -18.69 15.38
N GLU D 5007 37.97 -19.64 14.65
CA GLU D 5007 37.22 -20.82 14.23
C GLU D 5007 36.74 -21.62 15.43
N SER D 5008 37.60 -21.80 16.43
CA SER D 5008 37.20 -22.54 17.62
C SER D 5008 36.19 -21.75 18.45
N TYR D 5009 36.32 -20.43 18.49
CA TYR D 5009 35.33 -19.61 19.17
C TYR D 5009 33.94 -19.80 18.56
N VAL D 5010 33.86 -19.68 17.23
CA VAL D 5010 32.59 -19.86 16.54
C VAL D 5010 32.12 -21.30 16.65
N TRP D 5011 33.04 -22.26 16.65
CA TRP D 5011 32.65 -23.66 16.78
C TRP D 5011 32.00 -23.93 18.13
N LYS D 5012 32.57 -23.39 19.20
CA LYS D 5012 31.96 -23.56 20.52
C LYS D 5012 30.62 -22.86 20.60
N MET D 5013 30.53 -21.65 20.02
CA MET D 5013 29.25 -20.95 20.05
C MET D 5013 28.18 -21.68 19.22
N TYR D 5014 28.60 -22.41 18.19
CA TYR D 5014 27.67 -23.20 17.39
C TYR D 5014 27.27 -24.48 18.09
N GLN D 5015 28.21 -25.11 18.80
CA GLN D 5015 27.88 -26.30 19.59
C GLN D 5015 26.95 -25.97 20.74
N GLU D 5016 27.07 -24.78 21.32
CA GLU D 5016 26.17 -24.36 22.38
C GLU D 5016 24.88 -23.74 21.86
N ARG D 5017 24.72 -23.65 20.54
CA ARG D 5017 23.53 -23.06 19.90
C ARG D 5017 23.33 -21.62 20.37
N CYS D 5018 24.41 -20.87 20.53
CA CYS D 5018 24.36 -19.45 20.83
C CYS D 5018 24.81 -18.68 19.60
N TRP D 5019 23.95 -17.79 19.12
CA TRP D 5019 24.15 -17.09 17.86
C TRP D 5019 24.49 -15.62 18.09
N ASP D 5020 25.29 -15.34 19.11
CA ASP D 5020 25.77 -14.00 19.37
C ASP D 5020 26.99 -13.63 18.54
N PHE D 5021 27.60 -14.60 17.85
CA PHE D 5021 28.70 -14.28 16.96
C PHE D 5021 28.24 -13.67 15.64
N PHE D 5022 26.96 -13.78 15.32
CA PHE D 5022 26.44 -13.07 14.16
C PHE D 5022 26.40 -11.58 14.45
N PRO D 5023 26.90 -10.74 13.55
CA PRO D 5023 26.87 -9.29 13.81
C PRO D 5023 25.46 -8.74 13.79
N ALA D 5024 24.96 -8.32 14.95
CA ALA D 5024 23.59 -7.82 15.08
C ALA D 5024 23.63 -6.30 15.19
N GLY D 5025 23.23 -5.63 14.12
CA GLY D 5025 23.18 -4.18 14.14
C GLY D 5025 24.52 -3.49 14.05
N ASP D 5026 25.60 -4.23 13.80
CA ASP D 5026 26.93 -3.65 13.69
C ASP D 5026 27.65 -4.31 12.53
N CYS D 5027 28.52 -3.56 11.87
CA CYS D 5027 29.28 -4.07 10.74
C CYS D 5027 30.70 -3.51 10.80
N PHE D 5028 31.54 -4.02 9.91
CA PHE D 5028 32.94 -3.59 9.88
C PHE D 5028 33.06 -2.12 9.52
N ARG D 5029 32.30 -1.66 8.52
CA ARG D 5029 32.32 -0.25 8.17
C ARG D 5029 31.84 0.61 9.34
N LYS D 5030 30.75 0.20 9.99
CA LYS D 5030 30.23 0.99 11.09
C LYS D 5030 31.22 1.05 12.24
N GLN D 5031 31.96 -0.03 12.47
CA GLN D 5031 32.91 -0.06 13.57
C GLN D 5031 34.15 0.78 13.27
N TYR D 5032 34.69 0.66 12.07
CA TYR D 5032 35.97 1.30 11.74
C TYR D 5032 35.83 2.46 10.76
N GLU D 5033 34.66 3.12 10.73
CA GLU D 5033 34.50 4.29 9.88
C GLU D 5033 35.49 5.39 10.24
N ASP D 5034 35.87 5.49 11.51
CA ASP D 5034 36.85 6.50 11.92
C ASP D 5034 38.18 6.31 11.21
N GLN D 5035 38.67 5.07 11.15
CA GLN D 5035 39.92 4.80 10.46
C GLN D 5035 39.76 4.76 8.95
N LEU D 5036 38.58 4.36 8.46
CA LEU D 5036 38.36 4.32 7.02
C LEU D 5036 38.13 5.70 6.43
N SER D 5037 37.86 6.70 7.26
CA SER D 5037 37.68 8.07 6.79
C SER D 5037 38.97 8.60 6.18
P AMP E . 8.57 15.00 -16.38
O1P AMP E . 7.16 15.48 -16.67
O2P AMP E . 8.69 13.49 -16.36
O3P AMP E . 9.63 15.67 -17.23
O5' AMP E . 8.88 15.47 -14.86
C5' AMP E . 10.19 15.20 -14.31
C4' AMP E . 10.04 14.56 -12.96
O4' AMP E . 11.21 13.75 -12.69
C3' AMP E . 9.94 15.53 -11.76
O3' AMP E . 9.08 15.02 -10.76
C2' AMP E . 11.39 15.58 -11.27
O2' AMP E . 11.47 15.99 -9.91
C1' AMP E . 11.77 14.12 -11.45
N9 AMP E . 13.20 13.84 -11.46
C8 AMP E . 13.87 13.05 -10.56
N7 AMP E . 15.14 12.96 -10.80
C5 AMP E . 15.35 13.75 -11.92
C6 AMP E . 16.49 14.06 -12.66
N6 AMP E . 17.71 13.61 -12.36
N1 AMP E . 16.35 14.88 -13.73
C2 AMP E . 15.12 15.34 -14.02
N3 AMP E . 13.97 15.11 -13.41
C4 AMP E . 14.15 14.29 -12.35
ZN ZN F . 21.00 14.42 -8.28
P AMP G . -9.38 19.30 10.29
O1P AMP G . -10.48 18.46 10.89
O2P AMP G . -9.17 19.06 8.81
O3P AMP G . -9.50 20.78 10.64
O5' AMP G . -8.02 18.80 11.00
C5' AMP G . -6.78 19.49 10.68
C4' AMP G . -5.73 18.47 10.34
O4' AMP G . -4.76 19.07 9.44
C3' AMP G . -4.90 17.93 11.52
O3' AMP G . -4.56 16.57 11.32
C2' AMP G . -3.66 18.82 11.48
O2' AMP G . -2.55 18.22 12.13
C1' AMP G . -3.46 18.91 9.97
N9 AMP G . -2.61 20.00 9.51
C8 AMP G . -1.43 19.85 8.83
N7 AMP G . -0.86 20.99 8.53
C5 AMP G . -1.71 21.95 9.06
C6 AMP G . -1.66 23.35 9.06
N6 AMP G . -0.67 24.05 8.53
N1 AMP G . -2.67 24.01 9.67
C2 AMP G . -3.66 23.29 10.22
N3 AMP G . -3.82 21.98 10.26
C4 AMP G . -2.80 21.35 9.66
ZN ZN H . 4.49 24.57 9.68
P AMP I . 1.20 -9.03 21.99
O1P AMP I . 1.11 -10.43 21.42
O2P AMP I . 0.15 -8.09 21.44
O3P AMP I . 1.29 -9.00 23.50
O5' AMP I . 2.61 -8.45 21.46
C5' AMP I . 3.03 -7.13 21.90
C4' AMP I . 3.45 -6.32 20.71
O4' AMP I . 3.25 -4.92 21.00
C3' AMP I . 4.94 -6.45 20.31
O3' AMP I . 5.09 -6.36 18.91
C2' AMP I . 5.56 -5.23 21.00
O2' AMP I . 6.78 -4.85 20.39
C1' AMP I . 4.45 -4.21 20.77
N9 AMP I . 4.50 -3.03 21.63
C8 AMP I . 4.66 -1.74 21.20
N7 AMP I . 4.65 -0.88 22.17
C5 AMP I . 4.50 -1.64 23.32
C6 AMP I . 4.42 -1.29 24.68
N6 AMP I . 4.51 -0.05 25.13
N1 AMP I . 4.26 -2.30 25.57
C2 AMP I . 4.18 -3.55 25.11
N3 AMP I . 4.23 -3.99 23.86
C4 AMP I . 4.39 -2.98 23.00
ZN ZN J . 8.42 3.54 25.18
P AMP K . 19.15 -13.34 -4.68
O1P AMP K . 18.75 -13.41 -6.14
O2P AMP K . 18.01 -13.66 -3.73
O3P AMP K . 20.42 -14.11 -4.36
O5' AMP K . 19.51 -11.79 -4.40
C5' AMP K . 20.00 -11.41 -3.08
C4' AMP K . 19.22 -10.23 -2.59
O4' AMP K . 19.22 -10.24 -1.14
C3' AMP K . 19.78 -8.85 -2.98
O3' AMP K . 18.73 -7.91 -3.19
C2' AMP K . 20.60 -8.47 -1.74
O2' AMP K . 20.80 -7.07 -1.65
C1' AMP K . 19.68 -9.00 -0.65
N9 AMP K . 20.30 -9.19 0.65
C8 AMP K . 19.95 -8.54 1.81
N7 AMP K . 20.66 -8.90 2.84
C5 AMP K . 21.55 -9.84 2.34
C6 AMP K . 22.57 -10.58 2.95
N6 AMP K . 22.89 -10.49 4.24
N1 AMP K . 23.28 -11.43 2.17
C2 AMP K . 22.97 -11.51 0.87
N3 AMP K . 22.02 -10.87 0.19
C4 AMP K . 21.34 -10.03 0.99
ZN ZN L . 24.93 -6.61 7.22
#